data_7T9T
#
_entry.id   7T9T
#
_cell.length_a   1.00
_cell.length_b   1.00
_cell.length_c   1.00
_cell.angle_alpha   90.00
_cell.angle_beta   90.00
_cell.angle_gamma   90.00
#
_symmetry.space_group_name_H-M   'P 1'
#
loop_
_entity.id
_entity.type
_entity.pdbx_description
1 polymer 'Envelope glycoprotein gp160'
2 polymer 'Envelope glycoprotein gp41'
3 polymer 'CH235.12 Fab Heavy Chain'
4 polymer 'CH235.12 Fab Light Chain'
5 branched 2-acetamido-2-deoxy-beta-D-glucopyranose-(1-4)-beta-D-mannopyranose-(1-4)-2-acetamido-2-deoxy-beta-D-glucopyranose-(1-4)-2-acetamido-2-deoxy-beta-D-glucopyranose
6 branched 2-acetamido-2-deoxy-beta-D-glucopyranose-(1-4)-2-acetamido-2-deoxy-beta-D-glucopyranose
7 branched beta-D-mannopyranose-(1-4)-2-acetamido-2-deoxy-beta-D-glucopyranose-(1-4)-2-acetamido-2-deoxy-beta-D-glucopyranose
8 branched alpha-D-mannopyranose-(1-6)-alpha-D-mannopyranose-(1-6)-[alpha-D-mannopyranose-(1-3)]beta-D-mannopyranose-(1-4)-2-acetamido-2-deoxy-beta-D-glucopyranose-(1-4)-2-acetamido-2-deoxy-beta-D-glucopyranose
9 non-polymer 2-acetamido-2-deoxy-beta-D-glucopyranose
#
loop_
_entity_poly.entity_id
_entity_poly.type
_entity_poly.pdbx_seq_one_letter_code
_entity_poly.pdbx_strand_id
1 'polypeptide(L)'
;ENLWVTVYYGVPVWKEAKTTLFCASDAKAYEKKVHNVWATHACVPTDPNPQEMVLKNVTENFNMWKNDMVDQMHEDVISL
WDQSLKPCVKLTPLCVTLNCTNATASNSSIIEGMKNCSFNITTELRDKREKKNALFYKLDIVQLDGNSSQYRLINCNTSV
ITQACPKVSFDPIPIHYCAPAGYAILKCNNKTFTGTGPCNNVSTVQCTHGIKPVVSTQLLLNGSLAEGEIIIRSENITKN
VKTIIVHLNESVKIECTRPNNKTRTSIRIGPGQWFYATGQVIGDIREAYCNINESKWNETLQRVSKKLKEYFPHKNITFQ
PSSGGDLEITTHSFNCGGEFFYCNTSSLFNRTYMANSTDMANSTETNSTRTITIHCRIKQIINMWQEVGRAMYAPPIAGN
ITCISNITGLLLTRDGGKNNTETFRPGGGNMKDNWRSELYKYKVVKIEPLGVAPTRCKRRV
;
A,E,I
2 'polypeptide(L)'
;GRRRRRRAVGIGAVFLGFLGAAGSTMGAASMTLTVQARNLLSGIVQQQSNLLRAPEAQQHLLKLTVWGIKQLQARVLAVE
RYLRDQQLLGIWGCSGKLICCTNVPWNSSWSNRNLSEIWDNMTWLQWDKEISNYTQIIYGLLEESQNQQEKNEQDLLALD
;
B,F,J
3 'polypeptide(L)'
;QVRLAQYGGGVKRLGATMTLSCVASGYTFNDYYIHWVRQAPGQGFELLGYIDPANGRPDYAGALRERLSFYRDKSMETLY
MDLRSLRYDDTAMYYCVRNVGTAGSLLHYDHWGSGSPVIVSSASTKGPSVFPLAPSSKSTSGGTAALGCLVKDYFPEPVT
VSWNSGALTSGVHTFPAVLQSSGLYSLSSVVTVPSSSLGTQTYICNVNHKPSNTKVDKRVEPKSC
;
C,G,K
4 'polypeptide(L)'
;EIVLTQSPATLSASPGERVTLTCRASRSVRNNVAWYQHKGGQSPRLLIYDASTRAAGVPARFSGSASGTEFTLAISNLES
EDFTVYFCLQYNNWWTFGQGTRVDIKRTVAAPSVFIFPPSDEQLKSGTASVVCLLNNFYPREAKVQWKVDNALQSGNSQE
SVTEQDSKDSTYSLSSTLTLSKADYEKHKVYACEVTHQGLSSPVTKSFNRGEC
;
D,H,L
#
loop_
_chem_comp.id
_chem_comp.type
_chem_comp.name
_chem_comp.formula
BMA D-saccharide, beta linking beta-D-mannopyranose 'C6 H12 O6'
MAN D-saccharide, alpha linking alpha-D-mannopyranose 'C6 H12 O6'
NAG D-saccharide, beta linking 2-acetamido-2-deoxy-beta-D-glucopyranose 'C8 H15 N O6'
#
# COMPACT_ATOMS: atom_id res chain seq x y z
N GLU A 1 49.90 26.03 31.96
CA GLU A 1 50.86 26.27 30.85
C GLU A 1 51.00 25.04 29.96
N ASN A 2 51.17 25.28 28.66
CA ASN A 2 51.35 24.20 27.69
C ASN A 2 50.19 23.23 27.70
N LEU A 3 48.99 23.77 27.92
CA LEU A 3 47.75 23.02 27.81
C LEU A 3 47.10 23.35 26.47
N TRP A 4 46.80 22.31 25.69
CA TRP A 4 46.36 22.47 24.32
C TRP A 4 45.06 21.70 24.13
N VAL A 5 44.32 22.09 23.09
CA VAL A 5 43.09 21.40 22.76
C VAL A 5 43.40 19.96 22.38
N THR A 6 42.63 19.03 22.94
CA THR A 6 42.64 17.64 22.52
C THR A 6 41.21 17.15 22.37
N VAL A 7 41.04 16.06 21.63
CA VAL A 7 39.73 15.51 21.34
C VAL A 7 39.77 14.01 21.61
N TYR A 8 38.66 13.50 22.14
CA TYR A 8 38.52 12.10 22.50
C TYR A 8 37.31 11.54 21.77
N TYR A 9 37.43 10.30 21.29
CA TYR A 9 36.36 9.61 20.60
C TYR A 9 36.00 8.35 21.39
N GLY A 10 34.72 7.99 21.36
CA GLY A 10 34.24 6.89 22.17
C GLY A 10 34.05 7.25 23.63
N VAL A 11 33.86 8.53 23.94
CA VAL A 11 33.67 8.95 25.33
C VAL A 11 32.37 8.35 25.86
N PRO A 12 32.30 7.86 27.12
CA PRO A 12 31.00 7.44 27.66
C PRO A 12 30.18 8.61 28.18
N VAL A 13 29.47 9.30 27.28
CA VAL A 13 28.58 10.39 27.65
C VAL A 13 27.39 10.37 26.69
N TRP A 14 26.25 10.84 27.16
CA TRP A 14 25.00 10.70 26.42
C TRP A 14 24.13 11.94 26.65
N LYS A 15 23.02 11.99 25.91
CA LYS A 15 22.00 13.00 26.08
C LYS A 15 20.64 12.41 25.78
N GLU A 16 19.60 13.02 26.34
CA GLU A 16 18.24 12.53 26.14
C GLU A 16 17.82 12.72 24.70
N ALA A 17 16.98 11.81 24.20
CA ALA A 17 16.47 11.88 22.84
C ALA A 17 15.35 10.87 22.69
N LYS A 18 14.76 10.84 21.50
CA LYS A 18 13.72 9.88 21.14
C LYS A 18 13.99 9.37 19.73
N THR A 19 13.72 8.08 19.51
CA THR A 19 14.03 7.46 18.23
C THR A 19 13.19 6.21 18.06
N THR A 20 13.33 5.60 16.88
CA THR A 20 12.63 4.37 16.58
C THR A 20 13.24 3.19 17.33
N LEU A 21 12.43 2.18 17.63
CA LEU A 21 12.85 0.99 18.34
C LEU A 21 12.41 -0.25 17.58
N PHE A 22 13.13 -1.35 17.80
CA PHE A 22 12.93 -2.58 17.04
C PHE A 22 12.04 -3.56 17.80
N CYS A 23 11.24 -4.31 17.04
CA CYS A 23 10.52 -5.44 17.60
C CYS A 23 11.45 -6.65 17.68
N ALA A 24 11.44 -7.31 18.84
CA ALA A 24 12.22 -8.51 19.06
C ALA A 24 11.42 -9.51 19.88
N SER A 25 11.70 -10.79 19.66
CA SER A 25 10.91 -11.85 20.28
C SER A 25 11.64 -13.18 20.11
N ASP A 26 11.09 -14.21 20.73
CA ASP A 26 11.59 -15.56 20.61
C ASP A 26 11.11 -16.17 19.30
N ALA A 27 11.24 -17.49 19.18
CA ALA A 27 10.76 -18.20 17.99
C ALA A 27 9.28 -17.92 17.76
N LYS A 28 8.92 -17.71 16.49
CA LYS A 28 7.62 -17.15 16.17
C LYS A 28 6.50 -18.16 16.45
N ALA A 29 5.27 -17.63 16.47
CA ALA A 29 4.07 -18.43 16.67
C ALA A 29 3.02 -17.98 15.66
N TYR A 30 1.95 -18.78 15.55
CA TYR A 30 0.84 -18.59 14.62
C TYR A 30 1.31 -18.27 13.19
N GLU A 31 2.47 -18.78 12.80
CA GLU A 31 3.03 -18.55 11.46
C GLU A 31 3.16 -17.07 11.14
N THR A 40 0.71 -10.12 20.27
CA THR A 40 0.55 -9.26 19.09
C THR A 40 1.91 -8.81 18.59
N HIS A 41 2.41 -9.45 17.53
CA HIS A 41 3.70 -9.09 16.98
C HIS A 41 3.79 -9.52 15.53
N ALA A 42 4.58 -8.78 14.76
CA ALA A 42 4.94 -9.18 13.40
C ALA A 42 6.32 -8.62 13.10
N CYS A 43 7.35 -9.42 13.37
CA CYS A 43 8.72 -9.03 13.10
C CYS A 43 9.58 -10.28 13.05
N VAL A 44 10.37 -10.38 11.98
CA VAL A 44 11.10 -11.61 11.66
C VAL A 44 12.32 -11.26 10.81
N PRO A 45 13.51 -11.85 11.04
CA PRO A 45 13.99 -12.73 12.11
C PRO A 45 14.76 -11.99 13.19
N THR A 46 14.89 -12.60 14.37
CA THR A 46 15.58 -11.96 15.49
C THR A 46 15.95 -13.02 16.52
N ASP A 47 16.88 -12.66 17.40
CA ASP A 47 17.35 -13.56 18.45
C ASP A 47 17.87 -12.72 19.61
N PRO A 48 17.01 -12.29 20.54
CA PRO A 48 17.50 -11.46 21.66
C PRO A 48 17.99 -12.28 22.84
N ASN A 49 19.07 -11.82 23.46
CA ASN A 49 19.64 -12.44 24.66
C ASN A 49 20.37 -11.32 25.40
N PRO A 50 19.72 -10.62 26.34
CA PRO A 50 20.34 -9.40 26.88
C PRO A 50 21.29 -9.65 28.04
N GLN A 51 22.24 -8.72 28.21
CA GLN A 51 23.15 -8.70 29.35
C GLN A 51 23.12 -7.30 29.94
N GLU A 52 22.94 -7.22 31.26
CA GLU A 52 22.77 -5.95 31.97
C GLU A 52 24.03 -5.66 32.77
N MET A 53 24.49 -4.41 32.70
CA MET A 53 25.65 -3.93 33.44
C MET A 53 25.24 -2.80 34.36
N VAL A 54 25.56 -2.92 35.64
CA VAL A 54 25.30 -1.83 36.57
C VAL A 54 26.32 -0.74 36.35
N LEU A 55 25.87 0.42 35.89
CA LEU A 55 26.77 1.57 35.70
C LEU A 55 27.12 2.10 37.08
N LYS A 56 28.31 1.78 37.55
CA LYS A 56 28.73 2.11 38.90
C LYS A 56 28.75 3.61 39.12
N ASN A 57 28.14 4.06 40.22
CA ASN A 57 28.17 5.45 40.66
C ASN A 57 27.54 6.39 39.64
N VAL A 58 26.55 5.94 38.89
CA VAL A 58 25.88 6.76 37.89
C VAL A 58 24.53 7.21 38.44
N THR A 59 24.33 8.53 38.49
CA THR A 59 23.07 9.13 38.90
C THR A 59 22.37 9.69 37.67
N GLU A 60 21.12 9.25 37.46
CA GLU A 60 20.37 9.62 36.26
C GLU A 60 18.94 9.96 36.64
N ASN A 61 18.34 10.87 35.88
CA ASN A 61 16.95 11.28 36.08
C ASN A 61 16.03 10.41 35.24
N PHE A 62 14.79 10.26 35.71
CA PHE A 62 13.79 9.41 35.05
C PHE A 62 12.44 10.08 35.10
N ASN A 63 11.53 9.60 34.26
CA ASN A 63 10.14 10.06 34.25
C ASN A 63 9.34 9.08 33.42
N MET A 64 8.23 8.58 33.98
CA MET A 64 7.36 7.67 33.25
C MET A 64 6.31 8.41 32.43
N TRP A 65 5.84 9.57 32.91
CA TRP A 65 4.74 10.26 32.26
C TRP A 65 5.18 10.98 31.00
N LYS A 66 6.49 11.11 30.77
CA LYS A 66 7.03 11.88 29.64
C LYS A 66 7.72 11.02 28.60
N ASN A 67 8.08 9.78 28.91
CA ASN A 67 8.86 8.96 28.00
C ASN A 67 8.09 8.68 26.71
N ASP A 68 8.84 8.57 25.61
CA ASP A 68 8.23 8.46 24.29
C ASP A 68 7.89 7.04 23.91
N MET A 69 8.59 6.05 24.47
CA MET A 69 8.39 4.67 24.03
C MET A 69 7.00 4.14 24.33
N VAL A 70 6.27 4.75 25.27
CA VAL A 70 4.88 4.36 25.50
C VAL A 70 4.04 4.65 24.25
N ASP A 71 4.23 5.83 23.66
CA ASP A 71 3.51 6.17 22.45
C ASP A 71 3.88 5.23 21.30
N GLN A 72 5.17 4.88 21.21
CA GLN A 72 5.60 3.95 20.17
C GLN A 72 4.93 2.59 20.36
N MET A 73 4.85 2.12 21.61
CA MET A 73 4.15 0.86 21.88
C MET A 73 2.69 0.95 21.44
N HIS A 74 2.04 2.07 21.77
CA HIS A 74 0.63 2.24 21.41
C HIS A 74 0.44 2.19 19.90
N GLU A 75 1.26 2.95 19.17
CA GLU A 75 1.14 2.98 17.71
C GLU A 75 1.45 1.63 17.10
N ASP A 76 2.47 0.94 17.61
CA ASP A 76 2.83 -0.38 17.08
C ASP A 76 1.70 -1.37 17.30
N VAL A 77 1.09 -1.36 18.48
CA VAL A 77 0.00 -2.30 18.75
C VAL A 77 -1.18 -2.02 17.82
N ILE A 78 -1.53 -0.74 17.66
CA ILE A 78 -2.67 -0.39 16.80
C ILE A 78 -2.38 -0.79 15.35
N SER A 79 -1.17 -0.51 14.88
CA SER A 79 -0.83 -0.83 13.49
C SER A 79 -0.82 -2.33 13.27
N LEU A 80 -0.31 -3.10 14.23
CA LEU A 80 -0.31 -4.55 14.10
C LEU A 80 -1.73 -5.09 14.04
N TRP A 81 -2.61 -4.59 14.91
CA TRP A 81 -4.00 -5.03 14.87
C TRP A 81 -4.65 -4.69 13.54
N ASP A 82 -4.37 -3.49 13.01
CA ASP A 82 -4.93 -3.09 11.72
C ASP A 82 -4.45 -4.01 10.61
N GLN A 83 -3.15 -4.29 10.56
CA GLN A 83 -2.62 -5.18 9.54
C GLN A 83 -3.17 -6.58 9.67
N SER A 84 -3.44 -7.02 10.90
CA SER A 84 -3.98 -8.37 11.09
C SER A 84 -5.43 -8.45 10.65
N LEU A 85 -6.22 -7.40 10.89
CA LEU A 85 -7.60 -7.39 10.45
C LEU A 85 -7.74 -7.04 8.97
N LYS A 86 -6.66 -6.57 8.33
CA LYS A 86 -6.73 -6.15 6.92
C LYS A 86 -7.22 -7.22 5.96
N PRO A 87 -6.71 -8.46 5.97
CA PRO A 87 -7.19 -9.45 4.98
C PRO A 87 -8.52 -10.10 5.34
N CYS A 88 -8.98 -10.00 6.58
CA CYS A 88 -10.14 -10.77 7.02
C CYS A 88 -11.42 -10.26 6.37
N VAL A 89 -12.46 -11.11 6.42
CA VAL A 89 -13.74 -10.79 5.78
C VAL A 89 -14.39 -9.61 6.48
N LYS A 90 -15.18 -8.86 5.72
CA LYS A 90 -15.99 -7.76 6.24
C LYS A 90 -17.46 -8.17 6.22
N LEU A 91 -18.18 -7.83 7.29
CA LEU A 91 -19.55 -8.28 7.50
C LEU A 91 -20.59 -7.26 7.04
N THR A 92 -20.31 -6.51 5.98
CA THR A 92 -21.26 -5.53 5.48
C THR A 92 -22.61 -6.12 5.07
N PRO A 93 -22.70 -7.24 4.34
CA PRO A 93 -24.03 -7.72 3.91
C PRO A 93 -24.96 -8.11 5.06
N LEU A 94 -24.43 -8.34 6.26
CA LEU A 94 -25.24 -8.73 7.41
C LEU A 94 -26.10 -7.60 7.95
N CYS A 95 -25.96 -6.38 7.44
CA CYS A 95 -26.58 -5.21 8.05
C CYS A 95 -28.10 -5.17 7.86
N VAL A 96 -28.68 -6.08 7.08
CA VAL A 96 -30.10 -6.00 6.76
C VAL A 96 -30.94 -6.13 8.03
N THR A 97 -32.21 -5.72 7.92
CA THR A 97 -33.13 -5.73 9.05
C THR A 97 -33.35 -7.15 9.55
N LEU A 98 -33.17 -7.33 10.86
CA LEU A 98 -33.40 -8.62 11.50
C LEU A 98 -34.81 -8.69 12.06
N ASN A 99 -35.43 -9.86 11.95
CA ASN A 99 -36.74 -10.14 12.53
C ASN A 99 -36.54 -11.13 13.68
N CYS A 100 -37.02 -10.76 14.87
CA CYS A 100 -36.58 -11.40 16.10
C CYS A 100 -37.75 -11.56 17.06
N THR A 101 -38.00 -12.81 17.47
CA THR A 101 -38.88 -13.09 18.61
C THR A 101 -38.12 -13.89 19.67
N ASN A 102 -37.38 -14.92 19.23
CA ASN A 102 -36.31 -15.52 20.02
C ASN A 102 -36.72 -16.08 21.38
N ALA A 103 -37.50 -17.16 21.38
CA ALA A 103 -37.82 -17.87 22.62
C ALA A 103 -37.60 -19.38 22.53
N THR A 104 -36.60 -19.85 21.77
CA THR A 104 -36.35 -21.28 21.59
C THR A 104 -35.29 -21.80 22.55
N ALA A 105 -35.46 -21.56 23.85
CA ALA A 105 -34.52 -22.04 24.85
C ALA A 105 -35.11 -21.81 26.23
N SER A 106 -34.43 -22.34 27.25
CA SER A 106 -34.84 -22.13 28.63
C SER A 106 -34.75 -20.67 29.04
N ASN A 107 -33.69 -19.97 28.61
CA ASN A 107 -33.50 -18.56 28.96
C ASN A 107 -33.18 -17.81 27.68
N SER A 108 -34.17 -17.05 27.18
CA SER A 108 -33.96 -16.20 26.02
C SER A 108 -33.47 -14.82 26.43
N SER A 109 -33.80 -14.37 27.65
CA SER A 109 -33.45 -13.02 28.08
C SER A 109 -31.93 -12.83 28.18
N ILE A 110 -31.18 -13.91 28.39
CA ILE A 110 -29.74 -13.77 28.54
C ILE A 110 -29.09 -13.35 27.22
N ILE A 111 -29.57 -13.89 26.09
CA ILE A 111 -28.91 -13.71 24.80
C ILE A 111 -29.88 -13.03 23.84
N GLU A 112 -31.06 -13.60 23.64
CA GLU A 112 -32.21 -12.95 22.99
C GLU A 112 -32.03 -12.79 21.47
N GLY A 113 -30.84 -13.05 20.93
CA GLY A 113 -30.68 -13.32 19.52
C GLY A 113 -30.67 -14.82 19.37
N MET A 114 -31.63 -15.38 18.63
CA MET A 114 -31.87 -16.83 18.65
C MET A 114 -32.45 -17.25 17.30
N CYS A 117 -32.87 -14.46 15.70
CA CYS A 117 -33.01 -13.45 14.67
C CYS A 117 -32.73 -14.04 13.29
N SER A 118 -33.57 -13.69 12.32
CA SER A 118 -33.47 -14.17 10.94
C SER A 118 -33.26 -13.00 10.00
N PHE A 119 -32.54 -13.26 8.91
CA PHE A 119 -32.21 -12.22 7.95
C PHE A 119 -32.03 -12.84 6.57
N ASN A 120 -32.17 -12.01 5.54
CA ASN A 120 -32.10 -12.44 4.14
C ASN A 120 -30.71 -12.09 3.60
N ILE A 121 -29.86 -13.11 3.50
CA ILE A 121 -28.51 -12.94 2.97
C ILE A 121 -28.48 -13.38 1.52
N THR A 122 -27.80 -12.60 0.67
CA THR A 122 -27.55 -12.99 -0.71
C THR A 122 -26.23 -13.76 -0.78
N THR A 123 -26.29 -14.98 -1.29
CA THR A 123 -25.16 -15.91 -1.17
C THR A 123 -24.93 -16.65 -2.49
N GLU A 124 -23.66 -16.68 -2.89
CA GLU A 124 -23.07 -17.57 -3.89
C GLU A 124 -23.64 -17.47 -5.30
N LEU A 125 -24.57 -16.54 -5.55
CA LEU A 125 -25.03 -16.27 -6.90
C LEU A 125 -25.26 -14.79 -7.21
N ARG A 126 -25.37 -13.94 -6.20
CA ARG A 126 -25.73 -12.53 -6.36
C ARG A 126 -27.09 -12.34 -7.01
N ASP A 127 -27.94 -13.38 -7.02
CA ASP A 127 -29.28 -13.30 -7.59
C ASP A 127 -30.31 -14.07 -6.77
N LYS A 128 -29.92 -14.65 -5.63
CA LYS A 128 -30.81 -15.45 -4.80
C LYS A 128 -30.55 -15.08 -3.35
N ARG A 129 -31.57 -15.28 -2.50
CA ARG A 129 -31.51 -14.92 -1.10
C ARG A 129 -32.04 -16.07 -0.25
N GLU A 130 -31.48 -16.20 0.95
CA GLU A 130 -31.79 -17.28 1.87
C GLU A 130 -32.04 -16.71 3.27
N LYS A 131 -32.98 -17.31 3.99
CA LYS A 131 -33.38 -16.82 5.31
C LYS A 131 -32.58 -17.56 6.37
N LYS A 132 -31.34 -17.13 6.56
CA LYS A 132 -30.50 -17.66 7.62
C LYS A 132 -30.99 -17.14 8.97
N ASN A 133 -30.44 -17.72 10.04
CA ASN A 133 -30.69 -17.23 11.39
C ASN A 133 -29.65 -17.82 12.33
N ALA A 134 -29.31 -17.06 13.36
CA ALA A 134 -28.25 -17.46 14.29
C ALA A 134 -28.45 -16.74 15.61
N LEU A 135 -27.55 -17.03 16.55
CA LEU A 135 -27.64 -16.47 17.90
C LEU A 135 -26.89 -15.15 18.00
N PHE A 136 -27.38 -14.26 18.87
CA PHE A 136 -26.72 -13.00 19.15
C PHE A 136 -27.06 -12.54 20.56
N TYR A 137 -26.04 -12.02 21.25
CA TYR A 137 -26.29 -11.32 22.51
C TYR A 137 -26.89 -9.96 22.21
N LYS A 138 -27.88 -9.55 23.02
CA LYS A 138 -28.56 -8.30 22.73
C LYS A 138 -27.79 -7.09 23.27
N LEU A 139 -26.55 -7.30 23.71
CA LEU A 139 -25.57 -6.22 23.78
C LEU A 139 -25.04 -5.87 22.40
N ASP A 140 -24.99 -6.84 21.48
CA ASP A 140 -24.58 -6.61 20.12
C ASP A 140 -25.70 -6.11 19.22
N ILE A 141 -26.93 -6.01 19.73
CA ILE A 141 -28.12 -5.76 18.94
C ILE A 141 -28.86 -4.57 19.53
N VAL A 142 -29.41 -3.72 18.66
CA VAL A 142 -30.15 -2.53 19.05
C VAL A 142 -31.51 -2.55 18.35
N GLN A 143 -32.54 -2.20 19.10
CA GLN A 143 -33.90 -2.21 18.55
C GLN A 143 -34.08 -1.06 17.57
N LEU A 144 -34.82 -1.35 16.49
CA LEU A 144 -35.23 -0.33 15.54
C LEU A 144 -36.54 0.31 15.99
N ASP A 145 -36.78 1.52 15.54
CA ASP A 145 -37.98 2.24 15.93
C ASP A 145 -39.22 1.58 15.33
N GLY A 146 -40.37 1.86 15.95
CA GLY A 146 -41.63 1.30 15.49
C GLY A 146 -41.92 -0.02 16.18
N ASN A 147 -42.22 -1.04 15.40
CA ASN A 147 -42.47 -2.37 15.94
C ASN A 147 -41.20 -2.88 16.61
N SER A 148 -41.30 -3.25 17.88
CA SER A 148 -40.12 -3.63 18.66
C SER A 148 -39.51 -4.95 18.22
N SER A 149 -40.18 -5.74 17.38
CA SER A 149 -39.61 -7.00 16.91
C SER A 149 -38.47 -6.80 15.92
N GLN A 150 -38.37 -5.64 15.28
CA GLN A 150 -37.32 -5.34 14.33
C GLN A 150 -36.06 -4.95 15.09
N TYR A 151 -34.89 -5.34 14.55
CA TYR A 151 -33.62 -5.13 15.23
C TYR A 151 -32.53 -4.89 14.18
N ARG A 152 -31.33 -4.58 14.65
CA ARG A 152 -30.23 -4.20 13.78
C ARG A 152 -28.92 -4.40 14.55
N LEU A 153 -27.84 -4.62 13.81
CA LEU A 153 -26.52 -4.66 14.44
C LEU A 153 -26.18 -3.31 15.03
N ILE A 154 -25.42 -3.33 16.13
CA ILE A 154 -25.23 -2.12 16.93
C ILE A 154 -24.41 -1.08 16.16
N ASN A 155 -23.34 -1.51 15.50
CA ASN A 155 -22.36 -0.59 14.95
C ASN A 155 -22.50 -0.37 13.45
N CYS A 156 -23.53 -0.92 12.80
CA CYS A 156 -23.63 -0.77 11.36
C CYS A 156 -23.85 0.67 10.91
N ASN A 157 -24.68 1.43 11.61
CA ASN A 157 -24.96 2.80 11.19
C ASN A 157 -23.81 3.75 11.49
N THR A 158 -22.78 3.30 12.22
CA THR A 158 -21.62 4.13 12.55
C THR A 158 -20.31 3.63 11.93
N SER A 159 -20.18 2.37 11.54
CA SER A 159 -18.91 1.87 11.03
C SER A 159 -19.13 0.57 10.29
N VAL A 160 -18.03 0.00 9.79
CA VAL A 160 -18.02 -1.28 9.09
C VAL A 160 -17.36 -2.30 10.01
N ILE A 161 -17.93 -3.51 10.05
CA ILE A 161 -17.54 -4.53 11.01
C ILE A 161 -16.65 -5.54 10.29
N THR A 162 -15.47 -5.79 10.85
CA THR A 162 -14.55 -6.81 10.33
C THR A 162 -14.54 -8.00 11.28
N GLN A 163 -14.78 -9.19 10.74
CA GLN A 163 -14.64 -10.41 11.52
C GLN A 163 -13.18 -10.74 11.71
N ALA A 164 -12.81 -11.10 12.93
CA ALA A 164 -11.44 -11.52 13.20
C ALA A 164 -11.17 -12.85 12.52
N CYS A 165 -9.99 -13.00 11.93
CA CYS A 165 -9.64 -14.24 11.27
C CYS A 165 -9.49 -15.35 12.31
N PRO A 166 -10.25 -16.45 12.23
CA PRO A 166 -10.20 -17.44 13.31
C PRO A 166 -8.84 -18.09 13.49
N LYS A 167 -8.10 -18.34 12.41
CA LYS A 167 -6.80 -18.99 12.54
C LYS A 167 -5.77 -18.05 13.15
N VAL A 168 -5.83 -16.76 12.85
CA VAL A 168 -4.89 -15.78 13.38
C VAL A 168 -5.38 -15.34 14.75
N SER A 169 -5.02 -16.10 15.79
CA SER A 169 -5.45 -15.83 17.16
C SER A 169 -4.30 -15.17 17.92
N PHE A 170 -4.27 -13.84 17.89
CA PHE A 170 -3.27 -13.12 18.67
C PHE A 170 -3.52 -13.32 20.16
N ASP A 171 -2.46 -13.13 20.94
CA ASP A 171 -2.46 -13.33 22.37
C ASP A 171 -1.33 -12.52 22.96
N PRO A 172 -1.34 -12.29 24.28
CA PRO A 172 -0.27 -11.46 24.86
C PRO A 172 1.09 -12.14 24.83
N ILE A 173 1.71 -12.16 23.66
CA ILE A 173 3.06 -12.71 23.51
C ILE A 173 4.07 -11.70 24.08
N PRO A 174 5.07 -12.12 24.86
CA PRO A 174 6.08 -11.15 25.32
C PRO A 174 6.84 -10.54 24.15
N ILE A 175 7.13 -9.24 24.26
CA ILE A 175 7.82 -8.48 23.23
C ILE A 175 9.03 -7.81 23.86
N HIS A 176 10.17 -7.88 23.16
CA HIS A 176 11.40 -7.20 23.55
C HIS A 176 11.63 -6.03 22.62
N TYR A 177 11.89 -4.86 23.21
CA TYR A 177 12.15 -3.64 22.45
C TYR A 177 13.64 -3.32 22.50
N CYS A 178 14.28 -3.29 21.32
CA CYS A 178 15.71 -3.08 21.19
C CYS A 178 15.98 -1.75 20.50
N ALA A 179 16.84 -0.95 21.13
CA ALA A 179 17.22 0.32 20.54
C ALA A 179 18.20 0.11 19.39
N PRO A 180 18.33 1.08 18.49
CA PRO A 180 19.30 0.94 17.40
C PRO A 180 20.68 1.38 17.84
N ALA A 181 21.64 1.18 16.93
CA ALA A 181 23.01 1.59 17.19
C ALA A 181 23.07 3.09 17.40
N GLY A 182 23.90 3.51 18.36
CA GLY A 182 24.00 4.90 18.75
C GLY A 182 23.07 5.32 19.87
N TYR A 183 22.14 4.46 20.28
CA TYR A 183 21.24 4.71 21.39
C TYR A 183 21.30 3.54 22.36
N ALA A 184 21.15 3.84 23.65
CA ALA A 184 21.20 2.84 24.71
C ALA A 184 19.98 2.98 25.60
N ILE A 185 19.29 1.86 25.81
CA ILE A 185 18.12 1.84 26.69
C ILE A 185 18.61 1.78 28.13
N LEU A 186 18.45 2.88 28.85
CA LEU A 186 18.80 2.89 30.26
C LEU A 186 17.71 2.19 31.07
N LYS A 187 18.02 1.91 32.33
CA LYS A 187 17.12 1.17 33.20
C LYS A 187 17.47 1.48 34.65
N CYS A 188 16.44 1.49 35.50
CA CYS A 188 16.58 1.77 36.92
C CYS A 188 15.89 0.66 37.71
N ASN A 189 16.55 0.19 38.77
CA ASN A 189 16.00 -0.82 39.67
C ASN A 189 16.12 -0.38 41.12
N ASN A 190 16.01 0.93 41.36
CA ASN A 190 15.84 1.42 42.72
C ASN A 190 14.56 0.83 43.31
N LYS A 191 14.68 0.32 44.54
CA LYS A 191 13.62 -0.50 45.11
C LYS A 191 12.36 0.27 45.43
N THR A 192 12.42 1.60 45.53
CA THR A 192 11.26 2.43 45.84
C THR A 192 11.12 3.56 44.82
N PHE A 193 11.24 3.23 43.54
CA PHE A 193 11.10 4.22 42.46
C PHE A 193 9.64 4.37 42.12
N THR A 194 9.07 5.54 42.44
CA THR A 194 7.67 5.84 42.14
C THR A 194 7.50 6.53 40.79
N GLY A 195 8.08 5.98 39.74
CA GLY A 195 7.83 6.46 38.39
C GLY A 195 8.54 7.73 38.01
N THR A 196 9.25 8.38 38.92
CA THR A 196 9.91 9.64 38.60
C THR A 196 10.95 9.93 39.68
N GLY A 197 11.76 10.96 39.41
CA GLY A 197 12.83 11.35 40.29
C GLY A 197 14.12 10.65 39.95
N PRO A 198 15.23 11.10 40.53
CA PRO A 198 16.53 10.52 40.19
C PRO A 198 16.68 9.09 40.69
N CYS A 199 17.40 8.28 39.92
CA CYS A 199 17.79 6.93 40.32
C CYS A 199 19.30 6.90 40.57
N ASN A 200 19.69 6.46 41.75
CA ASN A 200 21.09 6.26 42.10
C ASN A 200 21.57 4.83 41.79
N ASN A 201 20.70 4.00 41.18
CA ASN A 201 21.00 2.59 40.90
C ASN A 201 20.55 2.32 39.46
N VAL A 202 21.45 2.57 38.51
CA VAL A 202 21.13 2.63 37.09
C VAL A 202 21.85 1.50 36.36
N SER A 203 21.29 1.09 35.23
CA SER A 203 21.90 0.06 34.39
C SER A 203 21.41 0.26 32.96
N THR A 204 21.98 -0.53 32.04
CA THR A 204 21.64 -0.47 30.62
C THR A 204 21.49 -1.88 30.08
N VAL A 205 20.72 -1.99 28.99
CA VAL A 205 20.45 -3.27 28.34
C VAL A 205 20.42 -3.07 26.84
N GLN A 206 20.59 -4.18 26.11
CA GLN A 206 20.46 -4.14 24.66
C GLN A 206 18.99 -4.10 24.27
N CYS A 207 18.14 -4.83 25.00
CA CYS A 207 16.72 -4.94 24.70
C CYS A 207 15.95 -4.97 26.01
N THR A 208 14.70 -4.50 25.95
CA THR A 208 13.83 -4.60 27.10
C THR A 208 13.45 -6.06 27.35
N HIS A 209 12.89 -6.31 28.52
CA HIS A 209 12.39 -7.64 28.83
C HIS A 209 11.18 -7.95 27.96
N GLY A 210 10.63 -9.16 28.14
CA GLY A 210 9.50 -9.57 27.33
C GLY A 210 8.20 -8.99 27.86
N ILE A 211 7.72 -7.95 27.19
CA ILE A 211 6.51 -7.24 27.63
C ILE A 211 5.31 -7.84 26.92
N LYS A 212 4.29 -8.17 27.70
CA LYS A 212 3.07 -8.78 27.18
C LYS A 212 2.04 -7.70 26.86
N PRO A 213 1.57 -7.55 25.61
CA PRO A 213 0.55 -6.51 25.35
C PRO A 213 -0.84 -6.95 25.79
N VAL A 214 -1.09 -6.86 27.10
CA VAL A 214 -2.37 -7.28 27.66
C VAL A 214 -3.35 -6.12 27.58
N VAL A 215 -4.61 -6.43 27.31
CA VAL A 215 -5.68 -5.43 27.22
C VAL A 215 -6.71 -5.74 28.30
N SER A 216 -6.89 -4.80 29.23
CA SER A 216 -7.90 -4.96 30.28
C SER A 216 -8.17 -3.61 30.90
N THR A 217 -9.28 -3.53 31.64
CA THR A 217 -9.74 -2.29 32.25
C THR A 217 -10.15 -2.54 33.70
N GLN A 218 -9.95 -1.50 34.52
CA GLN A 218 -10.15 -1.49 35.97
C GLN A 218 -9.03 -2.20 36.74
N LEU A 219 -8.15 -2.91 36.02
CA LEU A 219 -7.04 -3.64 36.61
C LEU A 219 -6.26 -4.26 35.46
N LEU A 220 -4.95 -4.39 35.64
CA LEU A 220 -4.07 -4.99 34.64
C LEU A 220 -3.52 -6.29 35.17
N LEU A 221 -3.56 -7.32 34.33
CA LEU A 221 -3.32 -8.70 34.74
C LEU A 221 -2.18 -9.29 33.91
N ASN A 222 -1.64 -10.41 34.41
CA ASN A 222 -0.44 -11.06 33.85
C ASN A 222 0.75 -10.09 33.82
N GLY A 223 0.80 -9.15 34.76
CA GLY A 223 1.87 -8.17 34.81
C GLY A 223 3.00 -8.60 35.71
N SER A 224 3.96 -7.70 35.87
CA SER A 224 5.08 -7.89 36.78
C SER A 224 4.66 -7.50 38.20
N LEU A 225 5.56 -7.76 39.15
CA LEU A 225 5.34 -7.45 40.56
C LEU A 225 6.53 -6.68 41.11
N ALA A 226 6.26 -5.70 41.96
CA ALA A 226 7.30 -4.85 42.50
C ALA A 226 8.20 -5.63 43.46
N GLU A 227 9.29 -4.97 43.88
CA GLU A 227 10.25 -5.62 44.77
C GLU A 227 9.83 -5.49 46.23
N GLY A 228 9.61 -4.25 46.69
CA GLY A 228 9.17 -4.02 48.05
C GLY A 228 7.69 -4.27 48.21
N GLU A 229 7.00 -3.42 48.96
CA GLU A 229 5.56 -3.53 49.12
C GLU A 229 4.87 -2.87 47.92
N ILE A 230 3.54 -2.74 48.00
CA ILE A 230 2.76 -2.22 46.88
C ILE A 230 3.16 -0.78 46.60
N ILE A 231 3.37 -0.46 45.32
CA ILE A 231 3.83 0.85 44.88
C ILE A 231 2.66 1.59 44.24
N ILE A 232 2.55 2.88 44.55
CA ILE A 232 1.48 3.75 44.05
C ILE A 232 2.14 4.86 43.26
N ARG A 233 2.01 4.81 41.93
CA ARG A 233 2.61 5.78 41.03
C ARG A 233 1.51 6.69 40.48
N SER A 234 1.75 7.99 40.53
CA SER A 234 0.79 8.97 40.06
C SER A 234 1.53 10.23 39.60
N GLU A 235 0.87 10.98 38.72
CA GLU A 235 1.38 12.28 38.33
C GLU A 235 1.28 13.24 39.51
N ASN A 236 2.27 14.12 39.62
CA ASN A 236 2.41 15.01 40.78
C ASN A 236 2.52 16.46 40.34
N ILE A 237 1.98 16.78 39.16
CA ILE A 237 1.89 18.19 38.75
C ILE A 237 0.85 18.90 39.61
N THR A 238 -0.32 18.29 39.79
CA THR A 238 -1.39 18.83 40.61
C THR A 238 -2.05 17.68 41.36
N LYS A 239 -2.72 18.01 42.47
CA LYS A 239 -3.52 17.01 43.14
C LYS A 239 -4.65 16.50 42.25
N ASN A 240 -5.14 17.33 41.34
CA ASN A 240 -6.03 16.87 40.29
C ASN A 240 -5.26 15.94 39.35
N VAL A 241 -5.73 14.70 39.23
CA VAL A 241 -5.04 13.67 38.46
C VAL A 241 -6.05 12.92 37.60
N LYS A 242 -5.53 12.30 36.54
CA LYS A 242 -6.39 11.51 35.64
C LYS A 242 -6.48 10.07 36.10
N THR A 243 -5.35 9.43 36.38
CA THR A 243 -5.30 8.03 36.76
C THR A 243 -4.15 7.81 37.74
N ILE A 244 -4.43 7.04 38.78
CA ILE A 244 -3.44 6.64 39.77
C ILE A 244 -3.17 5.15 39.58
N ILE A 245 -1.92 4.79 39.31
CA ILE A 245 -1.52 3.41 39.06
C ILE A 245 -1.00 2.83 40.37
N VAL A 246 -1.53 1.66 40.72
CA VAL A 246 -1.10 0.91 41.90
C VAL A 246 -0.53 -0.41 41.41
N HIS A 247 0.69 -0.73 41.84
CA HIS A 247 1.43 -1.90 41.36
C HIS A 247 1.61 -2.87 42.52
N LEU A 248 0.97 -4.04 42.41
CA LEU A 248 1.00 -5.01 43.50
C LEU A 248 2.37 -5.69 43.58
N ASN A 249 2.78 -5.97 44.82
CA ASN A 249 3.95 -6.80 45.09
C ASN A 249 3.59 -8.25 45.38
N GLU A 250 2.32 -8.63 45.29
CA GLU A 250 1.88 -9.97 45.66
C GLU A 250 0.67 -10.29 44.81
N SER A 251 0.85 -11.18 43.84
CA SER A 251 -0.22 -11.48 42.90
C SER A 251 -1.40 -12.15 43.59
N VAL A 252 -2.60 -11.74 43.21
CA VAL A 252 -3.84 -12.40 43.59
C VAL A 252 -4.36 -13.12 42.35
N LYS A 253 -4.77 -14.37 42.52
CA LYS A 253 -5.19 -15.18 41.38
C LYS A 253 -6.68 -14.98 41.11
N ILE A 254 -7.01 -14.80 39.83
CA ILE A 254 -8.38 -14.66 39.37
C ILE A 254 -8.66 -15.78 38.38
N GLU A 255 -9.83 -16.40 38.52
CA GLU A 255 -10.26 -17.50 37.67
C GLU A 255 -11.58 -17.12 37.02
N CYS A 256 -11.76 -17.52 35.76
CA CYS A 256 -12.96 -17.19 35.02
C CYS A 256 -13.31 -18.36 34.12
N THR A 257 -14.59 -18.44 33.72
CA THR A 257 -15.07 -19.57 32.95
C THR A 257 -16.32 -19.19 32.18
N ARG A 258 -16.58 -19.93 31.12
CA ARG A 258 -17.78 -19.80 30.28
C ARG A 258 -18.39 -21.20 30.17
N PRO A 259 -19.22 -21.63 31.13
CA PRO A 259 -19.57 -23.06 31.21
C PRO A 259 -20.31 -23.61 30.01
N ASN A 260 -21.14 -22.81 29.33
CA ASN A 260 -21.99 -23.34 28.28
C ASN A 260 -21.16 -23.84 27.10
N ASN A 261 -21.64 -24.92 26.47
CA ASN A 261 -21.07 -25.39 25.22
C ASN A 261 -21.75 -24.69 24.06
N LYS A 262 -20.96 -24.30 23.07
CA LYS A 262 -21.42 -23.47 21.96
C LYS A 262 -21.13 -24.16 20.63
N THR A 263 -22.05 -23.98 19.68
CA THR A 263 -21.99 -24.64 18.38
C THR A 263 -21.72 -23.60 17.30
N ARG A 264 -20.49 -23.56 16.80
CA ARG A 264 -20.17 -22.68 15.69
C ARG A 264 -20.91 -23.13 14.44
N THR A 265 -21.25 -22.18 13.58
CA THR A 265 -21.87 -22.45 12.30
C THR A 265 -21.33 -21.47 11.28
N SER A 266 -21.32 -21.89 10.01
CA SER A 266 -20.76 -21.12 8.92
C SER A 266 -21.86 -20.62 8.00
N ILE A 267 -21.74 -19.37 7.57
CA ILE A 267 -22.64 -18.76 6.59
C ILE A 267 -21.78 -18.23 5.45
N ARG A 268 -22.13 -18.61 4.22
CA ARG A 268 -21.33 -18.23 3.06
C ARG A 268 -21.55 -16.76 2.74
N ILE A 269 -20.49 -16.10 2.30
CA ILE A 269 -20.56 -14.72 1.82
C ILE A 269 -19.76 -14.62 0.53
N GLY A 272 -15.31 -16.84 -1.38
CA GLY A 272 -14.91 -17.90 -0.46
C GLY A 272 -15.00 -17.55 1.01
N GLN A 273 -15.35 -16.31 1.35
CA GLN A 273 -15.40 -15.95 2.77
C GLN A 273 -16.59 -16.60 3.45
N TRP A 274 -16.39 -16.99 4.70
CA TRP A 274 -17.41 -17.65 5.52
C TRP A 274 -17.58 -16.87 6.81
N PHE A 275 -18.81 -16.47 7.09
CA PHE A 275 -19.13 -15.77 8.33
C PHE A 275 -19.49 -16.79 9.41
N TYR A 276 -18.78 -16.73 10.53
CA TYR A 276 -18.90 -17.73 11.59
C TYR A 276 -19.83 -17.21 12.67
N ALA A 277 -21.12 -17.55 12.55
CA ALA A 277 -22.08 -17.21 13.58
C ALA A 277 -22.06 -18.24 14.70
N THR A 278 -22.93 -18.03 15.68
CA THR A 278 -23.13 -18.97 16.78
C THR A 278 -24.41 -19.76 16.50
N GLY A 279 -24.26 -21.02 16.07
CA GLY A 279 -25.39 -21.82 15.66
C GLY A 279 -26.35 -22.18 16.76
N GLN A 280 -25.84 -22.69 17.87
CA GLN A 280 -26.68 -23.17 18.95
C GLN A 280 -25.88 -23.23 20.24
N VAL A 281 -26.57 -23.09 21.37
CA VAL A 281 -25.98 -23.19 22.69
C VAL A 281 -26.35 -24.56 23.27
N ILE A 282 -25.33 -25.34 23.61
CA ILE A 282 -25.49 -26.68 24.15
C ILE A 282 -25.25 -26.63 25.65
N GLY A 283 -26.08 -27.36 26.40
CA GLY A 283 -26.01 -27.35 27.84
C GLY A 283 -26.95 -26.32 28.44
N ASP A 284 -27.24 -26.51 29.73
CA ASP A 284 -28.16 -25.62 30.41
C ASP A 284 -27.53 -24.23 30.57
N ILE A 285 -28.38 -23.22 30.71
CA ILE A 285 -27.93 -21.84 30.69
C ILE A 285 -27.33 -21.50 32.04
N ARG A 286 -26.05 -21.10 32.04
CA ARG A 286 -25.34 -20.65 33.22
C ARG A 286 -24.52 -19.42 32.84
N GLU A 287 -24.83 -18.28 33.47
CA GLU A 287 -24.11 -17.05 33.17
C GLU A 287 -22.64 -17.18 33.54
N ALA A 288 -21.78 -16.55 32.74
CA ALA A 288 -20.35 -16.58 33.02
C ALA A 288 -20.07 -15.91 34.36
N TYR A 289 -18.95 -16.29 34.98
CA TYR A 289 -18.62 -15.83 36.31
C TYR A 289 -17.12 -15.98 36.54
N CYS A 290 -16.65 -15.40 37.64
CA CYS A 290 -15.24 -15.44 38.01
C CYS A 290 -15.14 -15.59 39.53
N ASN A 291 -13.93 -15.90 39.98
CA ASN A 291 -13.67 -16.18 41.39
C ASN A 291 -12.43 -15.46 41.87
N ILE A 292 -12.45 -15.03 43.14
CA ILE A 292 -11.33 -14.34 43.78
C ILE A 292 -11.21 -14.86 45.20
N ASN A 293 -9.97 -15.05 45.66
CA ASN A 293 -9.72 -15.42 47.05
C ASN A 293 -10.11 -14.26 47.95
N GLU A 294 -11.15 -14.47 48.78
CA GLU A 294 -11.72 -13.37 49.55
C GLU A 294 -10.73 -12.82 50.57
N SER A 295 -10.02 -13.69 51.28
CA SER A 295 -9.06 -13.23 52.28
C SER A 295 -7.93 -12.46 51.63
N LYS A 296 -7.43 -12.97 50.49
CA LYS A 296 -6.38 -12.27 49.77
C LYS A 296 -6.85 -10.89 49.31
N TRP A 297 -8.07 -10.79 48.79
CA TRP A 297 -8.56 -9.50 48.34
C TRP A 297 -8.73 -8.53 49.50
N ASN A 298 -9.24 -9.03 50.63
CA ASN A 298 -9.38 -8.19 51.82
C ASN A 298 -8.02 -7.66 52.26
N GLU A 299 -7.03 -8.54 52.37
CA GLU A 299 -5.71 -8.12 52.83
C GLU A 299 -5.07 -7.15 51.84
N THR A 300 -5.24 -7.41 50.53
CA THR A 300 -4.65 -6.53 49.52
C THR A 300 -5.27 -5.15 49.57
N LEU A 301 -6.60 -5.07 49.70
CA LEU A 301 -7.25 -3.77 49.80
C LEU A 301 -6.83 -3.04 51.08
N GLN A 302 -6.68 -3.78 52.19
CA GLN A 302 -6.22 -3.14 53.41
C GLN A 302 -4.82 -2.58 53.26
N ARG A 303 -3.92 -3.36 52.65
CA ARG A 303 -2.55 -2.89 52.44
C ARG A 303 -2.53 -1.69 51.51
N VAL A 304 -3.34 -1.72 50.45
CA VAL A 304 -3.39 -0.60 49.51
C VAL A 304 -3.91 0.64 50.21
N SER A 305 -4.91 0.49 51.07
CA SER A 305 -5.42 1.63 51.81
C SER A 305 -4.35 2.23 52.73
N LYS A 306 -3.62 1.35 53.43
CA LYS A 306 -2.59 1.84 54.34
C LYS A 306 -1.45 2.51 53.58
N LYS A 307 -1.11 2.02 52.39
CA LYS A 307 -0.11 2.69 51.56
C LYS A 307 -0.64 4.03 51.06
N LEU A 308 -1.88 4.04 50.58
CA LEU A 308 -2.42 5.22 49.90
C LEU A 308 -2.69 6.36 50.86
N LYS A 309 -3.00 6.07 52.12
CA LYS A 309 -3.26 7.14 53.07
C LYS A 309 -2.00 7.84 53.53
N GLU A 310 -0.82 7.49 53.01
CA GLU A 310 0.36 8.32 53.24
C GLU A 310 0.29 9.61 52.45
N TYR A 311 -0.12 9.53 51.18
CA TYR A 311 -0.24 10.73 50.35
C TYR A 311 -1.37 11.64 50.80
N PHE A 312 -2.43 11.07 51.38
CA PHE A 312 -3.61 11.82 51.79
C PHE A 312 -3.81 11.53 53.28
N PRO A 313 -3.10 12.27 54.16
CA PRO A 313 -2.92 11.79 55.54
C PRO A 313 -4.09 12.04 56.47
N HIS A 314 -4.85 13.11 56.24
CA HIS A 314 -5.88 13.57 57.18
C HIS A 314 -7.29 13.39 56.62
N LYS A 315 -7.55 12.29 55.91
CA LYS A 315 -8.86 12.02 55.34
C LYS A 315 -9.13 10.52 55.34
N ASN A 316 -10.41 10.16 55.39
CA ASN A 316 -10.79 8.76 55.23
C ASN A 316 -10.66 8.35 53.77
N ILE A 317 -10.46 7.05 53.54
CA ILE A 317 -10.36 6.47 52.21
C ILE A 317 -11.50 5.48 52.06
N THR A 318 -12.26 5.63 50.97
CA THR A 318 -13.43 4.80 50.69
C THR A 318 -13.37 4.35 49.24
N PHE A 319 -13.44 3.05 49.04
CA PHE A 319 -13.51 2.46 47.69
C PHE A 319 -14.96 2.23 47.34
N GLN A 320 -15.36 2.70 46.16
CA GLN A 320 -16.71 2.56 45.65
C GLN A 320 -16.64 2.30 44.16
N PRO A 321 -17.65 1.65 43.59
CA PRO A 321 -17.54 1.22 42.19
C PRO A 321 -17.64 2.39 41.23
N SER A 322 -17.22 2.12 39.99
CA SER A 322 -17.21 3.13 38.95
C SER A 322 -18.63 3.63 38.66
N SER A 323 -18.71 4.76 37.97
CA SER A 323 -19.97 5.41 37.63
C SER A 323 -19.94 5.82 36.17
N GLY A 324 -21.03 5.56 35.46
CA GLY A 324 -21.19 6.02 34.09
C GLY A 324 -20.15 5.47 33.12
N GLY A 325 -20.28 5.86 31.86
CA GLY A 325 -19.36 5.41 30.83
C GLY A 325 -19.83 4.14 30.16
N ASP A 326 -18.99 3.68 29.22
CA ASP A 326 -19.32 2.48 28.46
C ASP A 326 -19.08 1.24 29.32
N LEU A 327 -19.27 0.07 28.70
CA LEU A 327 -18.99 -1.18 29.40
C LEU A 327 -17.49 -1.35 29.67
N GLU A 328 -16.65 -0.70 28.86
CA GLU A 328 -15.21 -0.84 29.05
C GLU A 328 -14.72 -0.27 30.37
N ILE A 329 -15.49 0.63 31.00
CA ILE A 329 -15.10 1.28 32.24
C ILE A 329 -16.02 0.88 33.39
N THR A 330 -17.33 0.74 33.14
CA THR A 330 -18.24 0.37 34.21
C THR A 330 -17.97 -1.03 34.75
N THR A 331 -17.40 -1.91 33.92
CA THR A 331 -17.11 -3.29 34.30
C THR A 331 -15.69 -3.64 33.89
N HIS A 332 -15.10 -4.54 34.66
CA HIS A 332 -13.75 -5.01 34.36
C HIS A 332 -13.76 -5.83 33.07
N SER A 333 -13.06 -5.33 32.06
CA SER A 333 -13.03 -5.96 30.75
C SER A 333 -11.69 -6.64 30.54
N PHE A 334 -11.71 -7.75 29.81
CA PHE A 334 -10.50 -8.51 29.50
C PHE A 334 -10.88 -9.57 28.48
N ASN A 335 -9.91 -10.39 28.11
CA ASN A 335 -10.11 -11.48 27.16
C ASN A 335 -9.36 -12.73 27.60
N CYS A 336 -10.02 -13.88 27.42
CA CYS A 336 -9.39 -15.19 27.52
C CYS A 336 -9.83 -16.01 26.31
N GLY A 337 -8.88 -16.64 25.63
CA GLY A 337 -9.22 -17.35 24.42
C GLY A 337 -9.71 -16.40 23.35
N GLY A 338 -10.76 -16.80 22.64
CA GLY A 338 -11.33 -15.99 21.58
C GLY A 338 -12.61 -15.28 21.99
N GLU A 339 -12.76 -15.00 23.28
CA GLU A 339 -13.95 -14.35 23.82
C GLU A 339 -13.56 -13.20 24.71
N PHE A 340 -14.49 -12.25 24.87
CA PHE A 340 -14.27 -11.01 25.60
C PHE A 340 -15.27 -10.93 26.75
N PHE A 341 -14.79 -10.51 27.92
CA PHE A 341 -15.58 -10.49 29.14
C PHE A 341 -15.83 -9.06 29.61
N TYR A 342 -16.92 -8.90 30.37
CA TYR A 342 -17.29 -7.63 30.98
C TYR A 342 -17.95 -7.96 32.31
N CYS A 343 -17.16 -7.94 33.38
CA CYS A 343 -17.55 -8.51 34.67
C CYS A 343 -17.85 -7.41 35.67
N ASN A 344 -19.04 -7.46 36.27
CA ASN A 344 -19.48 -6.48 37.26
C ASN A 344 -18.57 -6.61 38.49
N THR A 345 -17.85 -5.53 38.80
CA THR A 345 -16.92 -5.49 39.91
C THR A 345 -17.45 -4.73 41.11
N SER A 346 -18.77 -4.51 41.20
CA SER A 346 -19.31 -3.72 42.29
C SER A 346 -19.07 -4.35 43.65
N SER A 347 -19.12 -5.68 43.74
CA SER A 347 -18.90 -6.35 45.02
C SER A 347 -17.48 -6.25 45.52
N LEU A 348 -16.51 -5.93 44.66
CA LEU A 348 -15.11 -5.87 45.07
C LEU A 348 -14.75 -4.50 45.62
N PHE A 349 -14.89 -3.46 44.81
CA PHE A 349 -14.50 -2.11 45.19
C PHE A 349 -15.61 -1.43 46.00
N ASN A 350 -15.86 -1.98 47.20
CA ASN A 350 -16.86 -1.42 48.11
C ASN A 350 -16.34 -1.59 49.53
N ARG A 351 -15.60 -0.59 50.01
CA ARG A 351 -15.00 -0.63 51.33
C ARG A 351 -14.87 0.80 51.86
N THR A 352 -14.66 0.90 53.17
CA THR A 352 -14.29 2.15 53.81
C THR A 352 -13.33 1.86 54.95
N TYR A 353 -12.33 2.74 55.09
CA TYR A 353 -11.24 2.54 56.05
C TYR A 353 -11.16 3.74 56.98
N MET A 354 -10.98 3.47 58.27
CA MET A 354 -11.01 4.51 59.28
C MET A 354 -9.81 5.44 59.14
N ALA A 355 -10.04 6.71 59.48
CA ALA A 355 -8.98 7.71 59.41
C ALA A 355 -7.98 7.61 60.55
N ASN A 356 -8.41 7.12 61.72
CA ASN A 356 -7.55 7.04 62.90
C ASN A 356 -7.04 8.42 63.29
N ASN A 367 -5.66 -18.61 54.40
CA ASN A 367 -5.05 -17.94 53.26
C ASN A 367 -6.02 -17.88 52.08
N SER A 368 -6.76 -18.97 51.89
CA SER A 368 -7.77 -19.08 50.84
C SER A 368 -9.03 -19.71 51.39
N THR A 369 -9.46 -19.26 52.57
CA THR A 369 -10.57 -19.92 53.26
C THR A 369 -11.89 -19.76 52.51
N ARG A 370 -12.11 -18.61 51.89
CA ARG A 370 -13.40 -18.31 51.26
C ARG A 370 -13.15 -17.56 49.96
N THR A 371 -14.20 -17.54 49.12
CA THR A 371 -14.10 -17.07 47.74
C THR A 371 -15.22 -16.08 47.44
N ILE A 372 -14.89 -15.04 46.68
CA ILE A 372 -15.88 -14.11 46.13
C ILE A 372 -16.26 -14.59 44.75
N THR A 373 -17.50 -14.33 44.34
CA THR A 373 -17.97 -14.62 43.00
C THR A 373 -18.64 -13.39 42.40
N ILE A 374 -18.39 -13.16 41.12
CA ILE A 374 -18.91 -12.01 40.40
C ILE A 374 -19.55 -12.49 39.11
N HIS A 375 -20.77 -12.05 38.84
CA HIS A 375 -21.42 -12.33 37.57
C HIS A 375 -20.73 -11.53 36.46
N CYS A 376 -20.86 -12.02 35.23
CA CYS A 376 -20.11 -11.44 34.14
C CYS A 376 -20.81 -11.73 32.82
N ARG A 377 -20.64 -10.82 31.86
CA ARG A 377 -21.29 -10.88 30.56
C ARG A 377 -20.24 -10.80 29.46
N ILE A 378 -20.56 -11.40 28.31
CA ILE A 378 -19.67 -11.42 27.15
C ILE A 378 -20.45 -10.90 25.94
N LYS A 379 -19.71 -10.34 24.99
CA LYS A 379 -20.30 -9.84 23.75
C LYS A 379 -19.30 -10.01 22.63
N GLN A 380 -19.80 -10.02 21.40
CA GLN A 380 -19.01 -10.34 20.22
C GLN A 380 -18.53 -9.10 19.46
N ILE A 381 -19.41 -8.14 19.21
CA ILE A 381 -19.08 -6.97 18.40
C ILE A 381 -18.31 -6.02 19.31
N ILE A 382 -16.99 -6.03 19.21
CA ILE A 382 -16.11 -5.19 20.01
C ILE A 382 -15.77 -3.94 19.20
N ASN A 383 -16.17 -2.79 19.71
CA ASN A 383 -15.61 -1.53 19.21
C ASN A 383 -14.12 -1.54 19.51
N MET A 384 -13.33 -0.99 18.58
CA MET A 384 -11.90 -0.92 18.77
C MET A 384 -11.61 -0.14 20.05
N TRP A 385 -10.77 -0.73 20.92
CA TRP A 385 -10.73 -0.34 22.33
C TRP A 385 -10.38 1.13 22.51
N GLN A 386 -9.58 1.69 21.61
CA GLN A 386 -9.13 3.06 21.76
C GLN A 386 -10.22 4.05 21.40
N GLU A 387 -10.99 3.76 20.35
CA GLU A 387 -11.96 4.72 19.83
C GLU A 387 -12.93 4.00 18.90
N VAL A 388 -14.04 4.69 18.62
CA VAL A 388 -15.12 4.15 17.79
C VAL A 388 -14.98 4.68 16.37
N GLY A 389 -15.39 3.87 15.41
CA GLY A 389 -15.21 4.17 13.99
C GLY A 389 -14.81 2.92 13.23
N ARG A 390 -14.12 2.01 13.90
CA ARG A 390 -13.75 0.71 13.37
C ARG A 390 -14.12 -0.35 14.39
N ALA A 391 -14.90 -1.34 13.97
CA ALA A 391 -15.48 -2.33 14.87
C ALA A 391 -14.98 -3.73 14.53
N MET A 392 -14.82 -4.54 15.56
CA MET A 392 -14.38 -5.93 15.45
C MET A 392 -15.57 -6.83 15.73
N TYR A 393 -15.58 -8.01 15.12
CA TYR A 393 -16.53 -9.07 15.45
C TYR A 393 -15.75 -10.31 15.86
N ALA A 394 -16.07 -10.85 17.01
CA ALA A 394 -15.39 -12.03 17.52
C ALA A 394 -16.12 -13.28 17.05
N PRO A 395 -15.47 -14.23 16.38
CA PRO A 395 -16.16 -15.49 16.07
C PRO A 395 -16.36 -16.29 17.35
N PRO A 396 -17.46 -17.04 17.46
CA PRO A 396 -17.71 -17.74 18.73
C PRO A 396 -16.72 -18.86 18.97
N ILE A 397 -16.32 -18.99 20.24
CA ILE A 397 -15.46 -20.09 20.66
C ILE A 397 -16.33 -21.27 21.06
N ALA A 398 -16.14 -22.40 20.38
CA ALA A 398 -16.97 -23.57 20.63
C ALA A 398 -16.62 -24.20 21.98
N GLY A 399 -17.55 -25.00 22.48
CA GLY A 399 -17.33 -25.67 23.75
C GLY A 399 -17.39 -24.72 24.91
N ASN A 400 -16.81 -25.14 26.04
CA ASN A 400 -16.78 -24.36 27.26
C ASN A 400 -15.34 -23.89 27.51
N ILE A 401 -15.23 -22.73 28.17
CA ILE A 401 -13.97 -22.02 28.33
C ILE A 401 -13.67 -21.89 29.82
N THR A 402 -12.39 -22.00 30.17
CA THR A 402 -11.90 -21.71 31.51
C THR A 402 -10.65 -20.85 31.39
N CYS A 403 -10.36 -20.07 32.43
CA CYS A 403 -9.25 -19.13 32.38
C CYS A 403 -8.69 -18.95 33.78
N ILE A 404 -7.39 -18.69 33.84
CA ILE A 404 -6.69 -18.35 35.07
C ILE A 404 -5.67 -17.27 34.73
N SER A 405 -5.56 -16.26 35.59
CA SER A 405 -4.61 -15.17 35.36
C SER A 405 -4.24 -14.54 36.68
N ASN A 406 -3.16 -13.76 36.64
CA ASN A 406 -2.58 -13.15 37.83
C ASN A 406 -2.77 -11.64 37.74
N ILE A 407 -3.69 -11.09 38.55
CA ILE A 407 -3.82 -9.65 38.63
C ILE A 407 -2.66 -9.08 39.44
N THR A 408 -2.10 -7.97 38.94
CA THR A 408 -0.87 -7.40 39.49
C THR A 408 -0.94 -5.90 39.75
N GLY A 409 -2.01 -5.22 39.38
CA GLY A 409 -2.09 -3.79 39.62
C GLY A 409 -3.51 -3.29 39.47
N LEU A 410 -3.73 -2.09 39.98
CA LEU A 410 -5.03 -1.42 39.94
C LEU A 410 -4.88 -0.06 39.28
N LEU A 411 -5.82 0.26 38.39
CA LEU A 411 -5.89 1.56 37.73
C LEU A 411 -7.01 2.35 38.39
N LEU A 412 -6.69 3.00 39.50
CA LEU A 412 -7.66 3.79 40.23
C LEU A 412 -7.72 5.21 39.69
N THR A 413 -8.75 5.93 40.11
CA THR A 413 -8.89 7.36 39.82
C THR A 413 -9.84 7.97 40.83
N ARG A 414 -9.45 9.11 41.37
CA ARG A 414 -10.11 9.68 42.54
C ARG A 414 -11.14 10.70 42.11
N ASP A 415 -12.03 11.04 43.05
CA ASP A 415 -13.07 12.04 42.83
C ASP A 415 -12.76 13.30 43.63
N GLY A 416 -12.72 14.43 42.95
CA GLY A 416 -12.44 15.69 43.61
C GLY A 416 -13.68 16.30 44.25
N GLY A 417 -13.44 17.39 44.99
CA GLY A 417 -14.52 18.14 45.59
C GLY A 417 -15.31 17.40 46.65
N LYS A 418 -14.70 16.44 47.33
CA LYS A 418 -15.44 15.65 48.33
C LYS A 418 -15.39 16.30 49.71
N ASN A 419 -14.40 17.17 49.95
CA ASN A 419 -14.35 17.96 51.18
C ASN A 419 -14.26 17.07 52.42
N ASN A 420 -13.09 16.47 52.65
CA ASN A 420 -12.78 15.67 53.84
C ASN A 420 -13.37 14.27 53.77
N THR A 421 -13.45 13.70 52.56
CA THR A 421 -13.63 12.25 52.42
C THR A 421 -13.15 11.80 51.05
N GLU A 422 -11.96 11.20 50.98
CA GLU A 422 -11.47 10.72 49.71
C GLU A 422 -12.33 9.55 49.22
N THR A 423 -12.38 9.39 47.90
CA THR A 423 -13.21 8.38 47.27
C THR A 423 -12.54 7.95 45.99
N PHE A 424 -11.85 6.81 46.02
CA PHE A 424 -11.17 6.26 44.86
C PHE A 424 -12.06 5.19 44.24
N ARG A 425 -12.21 5.24 42.92
CA ARG A 425 -13.11 4.37 42.18
C ARG A 425 -12.42 3.90 40.92
N PRO A 426 -12.65 2.65 40.48
CA PRO A 426 -11.87 2.13 39.37
C PRO A 426 -12.19 2.84 38.05
N GLY A 427 -11.20 2.86 37.16
CA GLY A 427 -11.37 3.43 35.84
C GLY A 427 -10.37 2.87 34.85
N GLY A 428 -9.81 3.75 34.01
CA GLY A 428 -8.74 3.35 33.12
C GLY A 428 -9.20 2.81 31.78
N GLY A 429 -10.15 3.50 31.15
CA GLY A 429 -10.56 3.11 29.82
C GLY A 429 -9.47 3.30 28.78
N ASN A 430 -8.68 4.36 28.94
CA ASN A 430 -7.58 4.64 28.01
C ASN A 430 -6.55 3.53 28.13
N MET A 431 -6.32 2.81 27.02
CA MET A 431 -5.45 1.64 27.07
C MET A 431 -3.98 2.00 27.27
N LYS A 432 -3.61 3.26 27.05
CA LYS A 432 -2.21 3.65 27.17
C LYS A 432 -1.69 3.50 28.59
N ASP A 433 -2.56 3.66 29.59
CA ASP A 433 -2.12 3.55 30.97
C ASP A 433 -1.66 2.14 31.31
N ASN A 434 -2.18 1.13 30.61
CA ASN A 434 -1.74 -0.24 30.87
C ASN A 434 -0.25 -0.41 30.56
N TRP A 435 0.20 0.16 29.44
CA TRP A 435 1.59 -0.02 29.03
C TRP A 435 2.50 1.06 29.61
N ARG A 436 1.94 2.20 30.02
CA ARG A 436 2.75 3.15 30.78
C ARG A 436 3.07 2.64 32.17
N SER A 437 2.28 1.69 32.68
CA SER A 437 2.53 1.10 33.99
C SER A 437 3.67 0.09 33.97
N GLU A 438 4.21 -0.26 32.80
CA GLU A 438 5.24 -1.28 32.67
C GLU A 438 6.55 -0.68 32.18
N LEU A 439 6.47 0.31 31.28
CA LEU A 439 7.65 0.94 30.72
C LEU A 439 8.13 2.13 31.56
N TYR A 440 7.73 2.18 32.82
CA TYR A 440 8.30 3.14 33.76
C TYR A 440 9.76 2.87 34.06
N LYS A 441 10.19 1.61 33.91
CA LYS A 441 11.59 1.26 34.16
C LYS A 441 12.53 1.98 33.21
N TYR A 442 12.19 2.02 31.94
CA TYR A 442 13.15 2.25 30.86
C TYR A 442 13.27 3.72 30.50
N LYS A 443 14.32 4.02 29.72
CA LYS A 443 14.54 5.32 29.13
C LYS A 443 15.59 5.16 28.04
N VAL A 444 15.51 6.01 27.02
CA VAL A 444 16.38 5.94 25.85
C VAL A 444 17.19 7.23 25.77
N VAL A 445 18.50 7.08 25.56
CA VAL A 445 19.42 8.21 25.48
C VAL A 445 20.26 8.04 24.21
N LYS A 446 20.80 9.16 23.75
CA LYS A 446 21.65 9.20 22.56
C LYS A 446 23.09 9.41 22.99
N ILE A 447 23.99 8.53 22.54
CA ILE A 447 25.39 8.62 22.94
C ILE A 447 26.06 9.76 22.17
N GLU A 448 26.83 10.57 22.89
CA GLU A 448 27.61 11.67 22.33
C GLU A 448 29.08 11.32 22.45
N PRO A 449 29.58 10.39 21.62
CA PRO A 449 30.91 9.80 21.90
C PRO A 449 32.07 10.78 21.84
N LEU A 450 31.92 11.92 21.18
CA LEU A 450 33.02 12.84 20.92
C LEU A 450 33.03 13.94 21.96
N GLY A 451 34.21 14.20 22.55
CA GLY A 451 34.36 15.27 23.50
C GLY A 451 35.79 15.78 23.51
N VAL A 452 35.96 17.00 24.00
CA VAL A 452 37.24 17.69 24.02
C VAL A 452 37.74 17.80 25.45
N ALA A 453 38.97 18.26 25.59
CA ALA A 453 39.61 18.42 26.90
C ALA A 453 40.93 19.15 26.71
N PRO A 454 41.54 19.64 27.79
CA PRO A 454 42.89 20.21 27.71
C PRO A 454 43.94 19.16 28.06
N THR A 455 45.10 19.25 27.41
CA THR A 455 46.22 18.37 27.76
C THR A 455 47.50 18.91 27.13
N ARG A 456 48.61 18.28 27.48
CA ARG A 456 49.89 18.57 26.85
C ARG A 456 49.91 17.98 25.45
N CYS A 457 50.49 18.71 24.50
CA CYS A 457 50.40 18.29 23.11
C CYS A 457 51.56 18.81 22.28
N LYS A 458 51.74 18.17 21.14
CA LYS A 458 52.50 18.70 20.02
C LYS A 458 52.10 17.88 18.79
N ARG A 459 51.98 18.57 17.66
CA ARG A 459 51.82 17.94 16.36
C ARG A 459 52.91 18.47 15.45
N ARG A 460 53.78 17.57 14.99
CA ARG A 460 54.95 17.98 14.23
C ARG A 460 54.54 18.60 12.90
N VAL A 461 55.20 19.71 12.56
CA VAL A 461 54.98 20.40 11.30
C VAL A 461 56.33 20.72 10.67
N VAL B 14 30.56 -7.58 19.39
CA VAL B 14 30.34 -8.11 20.77
C VAL B 14 30.00 -6.96 21.71
N PHE B 15 28.97 -7.17 22.51
CA PHE B 15 28.46 -6.16 23.44
C PHE B 15 28.86 -6.56 24.86
N LEU B 16 29.67 -5.72 25.50
CA LEU B 16 30.15 -6.02 26.85
C LEU B 16 30.72 -4.74 27.45
N GLY B 17 30.26 -4.38 28.64
CA GLY B 17 30.79 -3.21 29.31
C GLY B 17 30.51 -1.90 28.62
N PHE B 18 29.51 -1.85 27.75
CA PHE B 18 29.17 -0.61 27.06
C PHE B 18 28.72 0.43 28.07
N LEU B 19 29.44 1.56 28.11
CA LEU B 19 29.24 2.60 29.11
C LEU B 19 29.45 2.06 30.53
N GLY B 20 30.22 0.98 30.66
CA GLY B 20 30.47 0.42 31.99
C GLY B 20 31.28 1.35 32.86
N ALA B 21 32.22 2.08 32.27
CA ALA B 21 33.02 3.05 32.99
C ALA B 21 32.41 4.45 32.99
N ALA B 22 31.17 4.60 32.52
CA ALA B 22 30.54 5.91 32.47
C ALA B 22 30.44 6.51 33.87
N GLY B 23 30.77 7.79 33.96
CA GLY B 23 30.78 8.49 35.23
C GLY B 23 32.12 8.41 35.95
N SER B 24 32.97 7.45 35.57
CA SER B 24 34.26 7.30 36.21
C SER B 24 35.20 8.42 35.77
N THR B 25 36.46 8.31 36.21
CA THR B 25 37.43 9.37 35.96
C THR B 25 37.70 9.51 34.47
N MET B 26 38.06 10.73 34.06
CA MET B 26 38.52 10.96 32.69
C MET B 26 39.89 10.37 32.42
N GLY B 27 40.59 9.90 33.45
CA GLY B 27 41.82 9.16 33.24
C GLY B 27 41.55 7.69 33.00
N ALA B 28 40.64 7.11 33.80
CA ALA B 28 40.39 5.68 33.70
C ALA B 28 39.57 5.33 32.46
N ALA B 29 38.51 6.10 32.18
CA ALA B 29 37.60 5.71 31.11
C ALA B 29 38.22 5.81 29.73
N SER B 30 39.36 6.49 29.59
CA SER B 30 40.04 6.55 28.32
C SER B 30 40.51 5.17 27.83
N MET B 31 40.67 4.20 28.75
CA MET B 31 41.05 2.86 28.35
C MET B 31 39.95 2.17 27.55
N THR B 32 38.71 2.29 27.99
CA THR B 32 37.60 1.53 27.43
C THR B 32 36.88 2.28 26.31
N LEU B 33 37.54 3.20 25.63
CA LEU B 33 36.89 3.94 24.55
C LEU B 33 36.55 3.02 23.38
N THR B 34 37.33 1.96 23.18
CA THR B 34 37.08 1.04 22.08
C THR B 34 35.71 0.37 22.20
N VAL B 35 35.25 0.14 23.43
CA VAL B 35 33.94 -0.47 23.61
C VAL B 35 32.85 0.45 23.07
N GLN B 36 32.93 1.74 23.38
CA GLN B 36 31.98 2.70 22.84
C GLN B 36 32.12 2.81 21.32
N ALA B 37 33.35 2.79 20.82
CA ALA B 37 33.57 2.96 19.38
C ALA B 37 33.04 1.78 18.58
N ARG B 38 32.88 0.62 19.23
CA ARG B 38 32.59 -0.61 18.50
C ARG B 38 31.16 -0.68 17.98
N ASN B 39 30.24 0.09 18.55
CA ASN B 39 28.82 -0.10 18.29
C ASN B 39 28.44 0.47 16.93
N LEU B 40 28.50 -0.40 15.92
CA LEU B 40 27.87 -0.17 14.62
C LEU B 40 27.22 -1.51 14.22
N LEU B 41 26.55 -2.12 15.18
CA LEU B 41 26.14 -3.51 15.10
C LEU B 41 24.98 -3.70 14.14
N SER B 42 24.75 -4.96 13.76
CA SER B 42 23.66 -5.35 12.88
C SER B 42 23.73 -4.63 11.53
N GLY B 68 5.35 -1.54 12.94
CA GLY B 68 5.25 -2.38 11.77
C GLY B 68 6.51 -3.17 11.49
N ILE B 69 6.91 -3.21 10.23
CA ILE B 69 8.10 -3.95 9.79
C ILE B 69 9.17 -3.01 9.20
N LYS B 70 8.87 -1.72 9.04
CA LYS B 70 9.68 -0.84 8.22
C LYS B 70 10.70 -0.06 9.06
N GLN B 71 11.26 -0.71 10.09
CA GLN B 71 12.28 -0.11 10.96
C GLN B 71 13.69 -0.06 10.32
N LEU B 72 13.81 -0.26 9.00
CA LEU B 72 15.11 -0.15 8.33
C LEU B 72 15.74 1.22 8.52
N GLN B 73 14.92 2.26 8.69
CA GLN B 73 15.42 3.63 8.71
C GLN B 73 16.37 3.89 9.86
N ALA B 74 16.25 3.12 10.96
CA ALA B 74 17.16 3.30 12.09
C ALA B 74 18.60 2.94 11.71
N ARG B 75 18.77 1.91 10.86
CA ARG B 75 20.10 1.56 10.39
C ARG B 75 20.74 2.73 9.64
N VAL B 76 19.95 3.38 8.78
CA VAL B 76 20.46 4.52 8.04
C VAL B 76 20.79 5.67 8.98
N LEU B 77 19.97 5.86 10.01
CA LEU B 77 20.27 6.89 11.01
C LEU B 77 21.60 6.62 11.70
N ALA B 78 21.82 5.38 12.13
CA ALA B 78 23.07 5.04 12.80
C ALA B 78 24.26 5.23 11.88
N VAL B 79 24.12 4.82 10.61
CA VAL B 79 25.22 4.98 9.66
C VAL B 79 25.51 6.46 9.45
N GLU B 80 24.46 7.28 9.33
CA GLU B 80 24.65 8.71 9.14
C GLU B 80 25.40 9.33 10.31
N ARG B 81 25.00 9.01 11.54
CA ARG B 81 25.67 9.58 12.69
C ARG B 81 27.12 9.12 12.77
N TYR B 82 27.38 7.83 12.54
CA TYR B 82 28.75 7.33 12.61
C TYR B 82 29.63 7.98 11.56
N LEU B 83 29.10 8.11 10.34
CA LEU B 83 29.89 8.74 9.28
C LEU B 83 30.11 10.21 9.55
N ARG B 84 29.13 10.89 10.14
CA ARG B 84 29.32 12.29 10.53
C ARG B 84 30.47 12.42 11.50
N ASP B 85 30.48 11.59 12.55
CA ASP B 85 31.56 11.66 13.53
C ASP B 85 32.91 11.31 12.89
N GLN B 86 32.93 10.28 12.04
CA GLN B 86 34.19 9.84 11.44
C GLN B 86 34.76 10.92 10.52
N GLN B 87 33.91 11.55 9.72
CA GLN B 87 34.36 12.65 8.87
C GLN B 87 34.86 13.81 9.71
N LEU B 88 34.08 14.19 10.72
CA LEU B 88 34.42 15.37 11.53
C LEU B 88 35.74 15.17 12.25
N LEU B 89 36.06 13.93 12.62
CA LEU B 89 37.39 13.65 13.15
C LEU B 89 38.46 13.80 12.07
N GLY B 90 38.11 13.47 10.82
CA GLY B 90 39.09 13.56 9.75
C GLY B 90 39.39 14.98 9.32
N ILE B 91 38.44 15.90 9.50
CA ILE B 91 38.65 17.27 9.06
C ILE B 91 39.71 17.96 9.91
N TRP B 92 39.83 17.61 11.18
CA TRP B 92 40.76 18.28 12.09
C TRP B 92 42.17 17.71 12.04
N GLY B 93 42.43 16.73 11.19
CA GLY B 93 43.70 16.03 11.22
C GLY B 93 43.79 14.95 12.28
N CYS B 94 42.75 14.76 13.09
CA CYS B 94 42.68 13.68 14.06
C CYS B 94 42.10 12.41 13.46
N SER B 95 42.77 11.84 12.48
CA SER B 95 42.18 10.79 11.66
C SER B 95 42.27 9.44 12.36
N GLY B 96 41.13 8.77 12.49
CA GLY B 96 41.10 7.38 12.89
C GLY B 96 41.36 7.12 14.37
N LYS B 97 42.56 7.45 14.82
CA LYS B 97 42.98 7.10 16.18
C LYS B 97 42.04 7.73 17.21
N LEU B 98 41.63 6.90 18.18
CA LEU B 98 40.54 7.28 19.09
C LEU B 98 40.91 8.44 20.00
N ILE B 99 42.18 8.56 20.39
CA ILE B 99 42.67 9.68 21.18
C ILE B 99 43.70 10.41 20.33
N CYS B 100 43.68 11.74 20.42
CA CYS B 100 44.69 12.55 19.77
C CYS B 100 44.65 13.94 20.37
N CYS B 101 45.72 14.68 20.19
CA CYS B 101 45.77 16.09 20.52
C CYS B 101 46.10 16.90 19.27
N THR B 102 45.64 18.16 19.26
CA THR B 102 45.76 19.02 18.08
C THR B 102 46.57 20.26 18.43
N ASN B 103 46.86 21.04 17.40
CA ASN B 103 47.82 22.13 17.52
C ASN B 103 47.26 23.35 18.24
N VAL B 104 45.96 23.59 18.18
CA VAL B 104 45.37 24.82 18.70
C VAL B 104 45.53 24.84 20.22
N PRO B 105 46.16 25.85 20.83
CA PRO B 105 46.32 25.83 22.29
C PRO B 105 44.98 25.99 23.00
N TRP B 106 45.04 25.84 24.32
CA TRP B 106 43.85 25.94 25.16
C TRP B 106 43.67 27.40 25.60
N ASN B 107 42.65 28.05 25.09
CA ASN B 107 42.25 29.36 25.58
C ASN B 107 41.62 29.20 26.96
N SER B 108 42.17 29.90 27.95
CA SER B 108 41.67 29.76 29.32
C SER B 108 40.23 30.22 29.45
N SER B 109 39.74 31.06 28.53
CA SER B 109 38.35 31.51 28.59
C SER B 109 37.36 30.35 28.53
N TRP B 110 37.76 29.23 27.93
CA TRP B 110 36.89 28.06 27.85
C TRP B 110 36.81 27.40 29.22
N SER B 111 35.88 27.88 30.04
CA SER B 111 35.48 27.28 31.31
C SER B 111 36.45 27.49 32.47
N ASN B 112 37.66 28.01 32.20
CA ASN B 112 38.61 28.45 33.22
C ASN B 112 38.93 27.37 34.27
N ARG B 113 38.61 26.10 34.02
CA ARG B 113 38.70 25.10 35.05
C ARG B 113 40.14 24.63 35.27
N ASN B 114 40.43 24.28 36.51
CA ASN B 114 41.66 23.54 36.84
C ASN B 114 41.36 22.04 36.84
N LEU B 115 40.97 21.57 35.66
CA LEU B 115 40.52 20.20 35.49
C LEU B 115 41.62 19.18 35.72
N SER B 116 42.89 19.61 35.72
CA SER B 116 43.99 18.69 36.02
C SER B 116 43.84 18.05 37.39
N GLU B 117 43.38 18.80 38.40
CA GLU B 117 43.02 18.19 39.67
C GLU B 117 41.84 17.25 39.49
N ILE B 118 40.85 17.67 38.69
CA ILE B 118 39.61 16.90 38.52
C ILE B 118 39.72 15.88 37.39
N TRP B 119 40.87 15.79 36.72
CA TRP B 119 41.03 14.79 35.67
C TRP B 119 40.85 13.36 36.21
N ASP B 120 41.21 13.15 37.48
CA ASP B 120 41.10 11.84 38.12
C ASP B 120 39.88 11.72 39.03
N ASN B 121 38.87 12.59 38.87
CA ASN B 121 37.69 12.62 39.75
C ASN B 121 36.42 12.69 38.91
N MET B 122 35.92 11.54 38.47
CA MET B 122 34.59 11.35 37.88
C MET B 122 34.34 12.40 36.79
N THR B 123 33.23 13.16 36.85
CA THR B 123 33.15 14.46 36.19
C THR B 123 33.08 14.38 34.66
N TRP B 124 32.79 13.21 34.08
CA TRP B 124 32.62 13.17 32.63
C TRP B 124 31.42 14.00 32.18
N LEU B 125 30.21 13.61 32.60
CA LEU B 125 29.02 14.31 32.15
C LEU B 125 29.01 15.73 32.69
N GLN B 126 29.55 15.94 33.88
CA GLN B 126 29.69 17.30 34.41
C GLN B 126 30.64 18.11 33.55
N TRP B 127 31.77 17.53 33.13
CA TRP B 127 32.68 18.24 32.24
C TRP B 127 32.04 18.50 30.88
N ASP B 128 31.27 17.53 30.37
CA ASP B 128 30.59 17.74 29.10
C ASP B 128 29.60 18.91 29.20
N LYS B 129 28.85 18.97 30.29
CA LYS B 129 27.94 20.09 30.49
C LYS B 129 28.70 21.40 30.61
N GLU B 130 29.83 21.38 31.32
CA GLU B 130 30.62 22.58 31.51
C GLU B 130 31.15 23.12 30.19
N ILE B 131 31.66 22.21 29.34
CA ILE B 131 32.30 22.61 28.09
C ILE B 131 31.33 22.71 26.92
N SER B 132 30.06 22.34 27.11
CA SER B 132 29.08 22.47 26.03
C SER B 132 28.90 23.90 25.58
N ASN B 133 29.23 24.87 26.45
CA ASN B 133 29.13 26.27 26.08
C ASN B 133 30.03 26.65 24.90
N TYR B 134 31.11 25.90 24.68
CA TYR B 134 32.16 26.29 23.75
C TYR B 134 32.45 25.27 22.66
N THR B 135 31.73 24.15 22.60
CA THR B 135 32.02 23.12 21.60
C THR B 135 31.82 23.66 20.19
N GLN B 136 30.76 24.43 19.97
CA GLN B 136 30.45 24.97 18.64
C GLN B 136 31.55 25.89 18.13
N ILE B 137 32.39 26.45 19.01
CA ILE B 137 33.37 27.46 18.59
C ILE B 137 34.69 26.80 18.22
N ILE B 138 35.07 25.75 18.93
CA ILE B 138 36.43 25.21 18.83
C ILE B 138 36.66 24.56 17.47
N TYR B 139 35.60 24.02 16.87
CA TYR B 139 35.76 23.21 15.66
C TYR B 139 36.30 24.03 14.50
N GLY B 140 35.87 25.28 14.37
CA GLY B 140 36.42 26.13 13.32
C GLY B 140 37.91 26.37 13.49
N LEU B 141 38.34 26.60 14.73
CA LEU B 141 39.76 26.77 15.01
C LEU B 141 40.55 25.53 14.63
N LEU B 142 40.05 24.36 15.02
CA LEU B 142 40.76 23.12 14.69
C LEU B 142 40.81 22.91 13.18
N GLU B 143 39.70 23.19 12.49
CA GLU B 143 39.65 23.03 11.04
C GLU B 143 40.67 23.93 10.35
N GLU B 144 40.73 25.20 10.77
CA GLU B 144 41.68 26.10 10.15
C GLU B 144 43.11 25.73 10.49
N SER B 145 43.36 25.23 11.70
CA SER B 145 44.70 24.77 12.06
C SER B 145 45.12 23.61 11.17
N GLN B 146 44.21 22.67 10.93
CA GLN B 146 44.55 21.55 10.04
C GLN B 146 44.78 22.03 8.62
N ASN B 147 44.00 23.01 8.16
CA ASN B 147 44.22 23.58 6.84
C ASN B 147 45.63 24.17 6.74
N GLN B 148 46.02 24.94 7.75
CA GLN B 148 47.36 25.54 7.75
C GLN B 148 48.44 24.47 7.76
N GLN B 149 48.26 23.44 8.57
CA GLN B 149 49.24 22.35 8.62
C GLN B 149 49.39 21.68 7.27
N GLU B 150 48.26 21.35 6.62
CA GLU B 150 48.31 20.68 5.34
C GLU B 150 48.97 21.56 4.28
N LYS B 151 48.63 22.85 4.25
CA LYS B 151 49.20 23.70 3.22
C LYS B 151 50.69 23.93 3.47
N ASN B 152 51.09 24.07 4.74
CA ASN B 152 52.52 24.21 5.03
C ASN B 152 53.29 22.96 4.63
N GLU B 153 52.74 21.78 4.90
CA GLU B 153 53.41 20.55 4.50
C GLU B 153 53.49 20.44 2.98
N GLN B 154 52.42 20.82 2.28
CA GLN B 154 52.45 20.79 0.82
C GLN B 154 53.50 21.76 0.28
N ASP B 155 53.61 22.95 0.88
CA ASP B 155 54.63 23.89 0.46
C ASP B 155 56.02 23.34 0.71
N LEU B 156 56.22 22.67 1.85
CA LEU B 156 57.52 22.08 2.16
C LEU B 156 57.88 21.01 1.14
N LEU B 157 56.92 20.15 0.78
CA LEU B 157 57.20 19.13 -0.23
C LEU B 157 57.32 19.73 -1.62
N ALA B 158 56.78 20.93 -1.84
CA ALA B 158 56.87 21.59 -3.13
C ALA B 158 58.28 22.03 -3.49
N LEU B 159 59.22 22.02 -2.54
CA LEU B 159 60.61 22.35 -2.84
C LEU B 159 61.28 21.35 -3.77
N ASP B 160 60.68 20.18 -3.97
CA ASP B 160 61.18 19.19 -4.92
C ASP B 160 61.32 19.77 -6.32
N GLN C 1 -10.46 28.17 15.40
CA GLN C 1 -10.93 26.95 14.67
C GLN C 1 -11.95 26.20 15.50
N VAL C 2 -11.54 25.75 16.69
CA VAL C 2 -12.43 25.02 17.57
C VAL C 2 -13.61 25.91 17.97
N ARG C 3 -14.80 25.30 17.99
CA ARG C 3 -16.02 25.99 18.41
C ARG C 3 -16.89 25.00 19.16
N LEU C 4 -17.44 25.45 20.29
CA LEU C 4 -18.33 24.64 21.12
C LEU C 4 -19.70 25.32 21.11
N ALA C 5 -20.52 24.96 20.12
CA ALA C 5 -21.88 25.46 20.07
C ALA C 5 -22.71 24.85 21.19
N GLN C 6 -23.81 25.50 21.52
CA GLN C 6 -24.73 25.05 22.55
C GLN C 6 -26.16 25.23 22.10
N TYR C 7 -27.05 24.43 22.67
CA TYR C 7 -28.48 24.52 22.40
C TYR C 7 -29.24 24.29 23.70
N GLY C 8 -30.55 24.46 23.64
CA GLY C 8 -31.37 24.36 24.83
C GLY C 8 -31.26 25.60 25.68
N GLY C 9 -32.31 25.93 26.41
CA GLY C 9 -32.30 27.13 27.24
C GLY C 9 -33.71 27.65 27.45
N GLY C 10 -33.84 28.97 27.38
CA GLY C 10 -35.15 29.56 27.59
C GLY C 10 -35.64 29.36 29.01
N VAL C 11 -36.93 29.06 29.14
CA VAL C 11 -37.57 28.88 30.43
C VAL C 11 -37.89 27.41 30.62
N LYS C 12 -37.50 26.86 31.76
CA LYS C 12 -37.87 25.53 32.20
C LYS C 12 -38.73 25.64 33.45
N ARG C 13 -39.88 24.97 33.44
CA ARG C 13 -40.81 25.12 34.54
C ARG C 13 -40.26 24.52 35.82
N LEU C 14 -40.73 25.03 36.95
CA LEU C 14 -40.25 24.58 38.25
C LEU C 14 -40.57 23.10 38.45
N GLY C 15 -39.57 22.36 38.93
CA GLY C 15 -39.72 20.94 39.16
C GLY C 15 -39.56 20.06 37.94
N ALA C 16 -39.44 20.64 36.75
CA ALA C 16 -39.31 19.85 35.54
C ALA C 16 -37.84 19.55 35.24
N THR C 17 -37.62 18.55 34.40
CA THR C 17 -36.29 18.15 33.98
C THR C 17 -35.88 18.93 32.73
N MET C 18 -34.57 19.14 32.59
CA MET C 18 -34.00 19.88 31.48
C MET C 18 -32.87 19.07 30.86
N THR C 19 -32.43 19.50 29.67
CA THR C 19 -31.36 18.83 28.96
C THR C 19 -30.69 19.83 28.01
N LEU C 20 -29.53 20.33 28.41
CA LEU C 20 -28.72 21.14 27.51
C LEU C 20 -27.99 20.24 26.52
N SER C 21 -27.12 20.85 25.72
CA SER C 21 -26.35 20.08 24.75
C SER C 21 -25.14 20.90 24.29
N CYS C 22 -24.23 20.20 23.63
CA CYS C 22 -23.02 20.78 23.05
C CYS C 22 -22.68 20.04 21.77
N VAL C 23 -21.95 20.71 20.88
CA VAL C 23 -21.49 20.13 19.62
C VAL C 23 -20.04 20.53 19.42
N ALA C 24 -19.13 19.62 19.78
CA ALA C 24 -17.71 19.86 19.57
C ALA C 24 -17.39 19.80 18.08
N SER C 25 -16.39 20.58 17.67
CA SER C 25 -16.03 20.64 16.27
C SER C 25 -14.67 21.32 16.13
N GLY C 26 -13.90 20.87 15.14
CA GLY C 26 -12.63 21.48 14.82
C GLY C 26 -11.44 20.95 15.59
N TYR C 27 -11.57 19.84 16.31
CA TYR C 27 -10.46 19.28 17.06
C TYR C 27 -10.74 17.81 17.33
N THR C 28 -9.69 17.09 17.72
CA THR C 28 -9.82 15.67 18.03
C THR C 28 -10.69 15.50 19.26
N PHE C 29 -11.81 14.79 19.10
CA PHE C 29 -12.84 14.74 20.14
C PHE C 29 -12.32 14.06 21.40
N ASN C 30 -11.53 13.00 21.25
CA ASN C 30 -11.17 12.17 22.39
C ASN C 30 -10.13 12.81 23.29
N ASP C 31 -9.40 13.82 22.82
CA ASP C 31 -8.18 14.24 23.51
C ASP C 31 -8.40 15.28 24.61
N TYR C 32 -9.60 15.83 24.76
CA TYR C 32 -9.84 16.94 25.67
C TYR C 32 -11.09 16.67 26.50
N TYR C 33 -10.97 16.88 27.82
CA TYR C 33 -12.12 16.76 28.70
C TYR C 33 -13.07 17.93 28.48
N ILE C 34 -14.32 17.74 28.90
CA ILE C 34 -15.37 18.75 28.81
C ILE C 34 -15.93 18.97 30.21
N HIS C 35 -16.06 20.24 30.59
CA HIS C 35 -16.58 20.64 31.90
C HIS C 35 -17.80 21.51 31.71
N TRP C 36 -18.70 21.48 32.69
CA TRP C 36 -19.94 22.25 32.67
C TRP C 36 -19.98 23.16 33.89
N VAL C 37 -19.77 24.46 33.66
CA VAL C 37 -19.77 25.46 34.72
C VAL C 37 -21.00 26.33 34.57
N ARG C 38 -21.43 26.92 35.68
CA ARG C 38 -22.64 27.75 35.71
C ARG C 38 -22.38 28.98 36.55
N GLN C 39 -23.13 30.04 36.26
CA GLN C 39 -23.07 31.31 36.98
C GLN C 39 -24.49 31.75 37.31
N ALA C 40 -24.88 31.62 38.57
CA ALA C 40 -26.12 32.22 39.01
C ALA C 40 -25.94 33.75 39.06
N PRO C 41 -27.02 34.51 38.90
CA PRO C 41 -26.87 35.97 38.96
C PRO C 41 -26.49 36.43 40.36
N GLY C 42 -25.55 37.36 40.43
CA GLY C 42 -25.04 37.81 41.71
C GLY C 42 -24.13 36.83 42.41
N GLN C 43 -23.49 35.93 41.68
CA GLN C 43 -22.58 34.94 42.25
C GLN C 43 -21.38 34.77 41.33
N GLY C 44 -20.29 34.29 41.90
CA GLY C 44 -19.14 33.90 41.11
C GLY C 44 -19.35 32.55 40.47
N PHE C 45 -18.47 32.22 39.52
CA PHE C 45 -18.59 30.96 38.82
C PHE C 45 -18.36 29.79 39.76
N GLU C 46 -18.97 28.66 39.43
CA GLU C 46 -18.79 27.42 40.17
C GLU C 46 -18.90 26.25 39.21
N LEU C 47 -18.10 25.23 39.46
CA LEU C 47 -18.07 24.05 38.60
C LEU C 47 -19.12 23.05 39.07
N LEU C 48 -19.71 22.33 38.11
CA LEU C 48 -20.64 21.24 38.39
C LEU C 48 -19.95 19.89 38.26
N GLY C 49 -19.32 19.64 37.12
CA GLY C 49 -18.64 18.39 36.89
C GLY C 49 -17.99 18.38 35.53
N TYR C 50 -17.38 17.26 35.21
CA TYR C 50 -16.72 17.08 33.91
C TYR C 50 -16.96 15.67 33.40
N ILE C 51 -16.95 15.55 32.08
CA ILE C 51 -17.21 14.30 31.38
C ILE C 51 -16.06 14.03 30.43
N ASP C 52 -15.42 12.87 30.57
CA ASP C 52 -14.40 12.47 29.62
C ASP C 52 -15.09 12.02 28.33
N PRO C 53 -14.83 12.65 27.17
CA PRO C 53 -15.62 12.28 25.99
C PRO C 53 -15.27 10.92 25.43
N ALA C 54 -14.03 10.46 25.58
CA ALA C 54 -13.62 9.20 24.96
C ALA C 54 -14.37 8.02 25.57
N ASN C 55 -14.19 7.79 26.87
CA ASN C 55 -14.81 6.68 27.55
C ASN C 55 -16.12 7.05 28.26
N GLY C 56 -16.47 8.33 28.30
CA GLY C 56 -17.72 8.76 28.90
C GLY C 56 -17.71 8.86 30.41
N ARG C 57 -16.55 8.77 31.05
CA ARG C 57 -16.47 8.80 32.50
C ARG C 57 -16.90 10.18 33.02
N PRO C 58 -17.95 10.27 33.84
CA PRO C 58 -18.31 11.56 34.44
C PRO C 58 -17.72 11.72 35.84
N ASP C 59 -17.92 12.92 36.37
CA ASP C 59 -17.60 13.21 37.77
C ASP C 59 -18.28 14.52 38.13
N TYR C 60 -18.96 14.52 39.27
CA TYR C 60 -19.87 15.60 39.64
C TYR C 60 -19.37 16.30 40.90
N ALA C 61 -19.87 17.52 41.10
CA ALA C 61 -19.61 18.23 42.34
C ALA C 61 -20.29 17.52 43.50
N GLY C 62 -19.84 17.81 44.72
CA GLY C 62 -20.35 17.11 45.88
C GLY C 62 -21.83 17.35 46.15
N ALA C 63 -22.27 18.61 46.01
CA ALA C 63 -23.63 18.96 46.41
C ALA C 63 -24.68 18.59 45.39
N LEU C 64 -24.28 18.20 44.17
CA LEU C 64 -25.23 17.95 43.08
C LEU C 64 -25.04 16.58 42.45
N ARG C 65 -24.61 15.56 43.21
CA ARG C 65 -24.37 14.26 42.61
C ARG C 65 -25.66 13.55 42.24
N GLU C 66 -26.73 13.75 43.03
CA GLU C 66 -27.97 13.04 42.75
C GLU C 66 -28.68 13.62 41.53
N ARG C 67 -28.68 14.94 41.40
CA ARG C 67 -29.49 15.61 40.39
C ARG C 67 -28.86 15.59 39.00
N LEU C 68 -27.53 15.67 38.90
CA LEU C 68 -26.89 15.78 37.60
C LEU C 68 -26.82 14.43 36.89
N SER C 69 -26.54 14.47 35.59
CA SER C 69 -26.22 13.28 34.82
C SER C 69 -25.62 13.72 33.50
N PHE C 70 -24.42 13.24 33.20
CA PHE C 70 -23.69 13.60 31.97
C PHE C 70 -23.56 12.39 31.07
N TYR C 71 -23.68 12.62 29.77
CA TYR C 71 -23.50 11.57 28.77
C TYR C 71 -23.23 12.23 27.44
N ARG C 72 -22.66 11.46 26.51
CA ARG C 72 -22.22 11.98 25.22
C ARG C 72 -22.67 11.04 24.11
N ASP C 73 -22.21 11.36 22.90
CA ASP C 73 -22.51 10.58 21.70
C ASP C 73 -21.32 10.79 20.76
N LYS C 74 -20.46 9.77 20.67
CA LYS C 74 -19.18 9.94 19.99
C LYS C 74 -19.36 10.23 18.50
N SER C 75 -20.28 9.53 17.84
CA SER C 75 -20.42 9.68 16.40
C SER C 75 -20.83 11.08 15.98
N MET C 76 -21.73 11.71 16.72
CA MET C 76 -22.14 13.08 16.44
C MET C 76 -21.22 14.11 17.08
N GLU C 77 -20.27 13.68 17.92
CA GLU C 77 -19.43 14.60 18.68
C GLU C 77 -20.29 15.54 19.51
N THR C 78 -21.29 14.97 20.18
CA THR C 78 -22.29 15.71 20.93
C THR C 78 -22.18 15.33 22.40
N LEU C 79 -22.48 16.29 23.27
CA LEU C 79 -22.51 16.08 24.71
C LEU C 79 -23.83 16.60 25.26
N TYR C 80 -24.19 16.12 26.45
CA TYR C 80 -25.44 16.48 27.10
C TYR C 80 -25.22 16.60 28.60
N MET C 81 -26.22 17.17 29.27
CA MET C 81 -26.29 17.13 30.73
C MET C 81 -27.73 17.33 31.16
N ASP C 82 -28.18 16.54 32.12
CA ASP C 82 -29.53 16.64 32.66
C ASP C 82 -29.45 17.05 34.12
N LEU C 83 -30.41 17.88 34.54
CA LEU C 83 -30.47 18.38 35.92
C LEU C 83 -31.89 18.22 36.40
N ARG C 84 -32.18 17.07 37.00
CA ARG C 84 -33.52 16.71 37.44
C ARG C 84 -33.97 17.58 38.59
N SER C 85 -35.28 17.83 38.65
CA SER C 85 -35.92 18.52 39.76
C SER C 85 -35.32 19.91 39.97
N LEU C 86 -35.51 20.76 38.96
CA LEU C 86 -34.97 22.11 39.02
C LEU C 86 -35.60 22.88 40.18
N ARG C 87 -34.75 23.51 40.99
CA ARG C 87 -35.17 24.40 42.06
C ARG C 87 -35.05 25.84 41.59
N TYR C 88 -35.57 26.76 42.41
CA TYR C 88 -35.60 28.16 42.01
C TYR C 88 -34.20 28.73 41.83
N ASP C 89 -33.27 28.37 42.71
CA ASP C 89 -31.92 28.91 42.66
C ASP C 89 -31.05 28.25 41.59
N ASP C 90 -31.63 27.46 40.70
CA ASP C 90 -30.90 26.99 39.52
C ASP C 90 -30.87 28.02 38.41
N THR C 91 -31.46 29.21 38.61
CA THR C 91 -31.39 30.26 37.61
C THR C 91 -29.94 30.64 37.38
N ALA C 92 -29.42 30.31 36.21
CA ALA C 92 -28.01 30.51 35.90
C ALA C 92 -27.84 30.21 34.42
N MET C 93 -26.76 30.74 33.85
CA MET C 93 -26.44 30.49 32.45
C MET C 93 -25.22 29.57 32.40
N TYR C 94 -25.37 28.46 31.68
CA TYR C 94 -24.52 27.27 31.80
C TYR C 94 -23.60 27.19 30.59
N TYR C 95 -22.30 27.33 30.82
CA TYR C 95 -21.29 27.13 29.80
C TYR C 95 -20.93 25.66 29.68
N CYS C 96 -20.46 25.28 28.50
CA CYS C 96 -19.58 24.13 28.35
C CYS C 96 -18.19 24.63 27.93
N VAL C 97 -17.16 24.06 28.55
CA VAL C 97 -15.80 24.55 28.39
C VAL C 97 -14.87 23.36 28.19
N ARG C 98 -13.95 23.49 27.25
CA ARG C 98 -12.91 22.51 27.06
C ARG C 98 -11.88 22.62 28.20
N ASN C 99 -11.03 21.62 28.31
CA ASN C 99 -9.93 21.63 29.27
C ASN C 99 -8.69 21.04 28.63
N VAL C 100 -7.55 21.70 28.87
CA VAL C 100 -6.27 21.17 28.40
C VAL C 100 -5.82 20.08 29.37
N GLY C 101 -5.57 18.89 28.83
CA GLY C 101 -5.19 17.73 29.63
C GLY C 101 -3.84 17.19 29.21
N THR C 102 -2.93 17.10 30.17
CA THR C 102 -1.63 16.49 29.95
C THR C 102 -1.77 14.96 29.94
N ALA C 103 -0.63 14.29 29.86
CA ALA C 103 -0.64 12.83 29.83
C ALA C 103 -1.17 12.23 31.13
N GLY C 104 -1.07 12.98 32.24
CA GLY C 104 -1.47 12.47 33.54
C GLY C 104 -2.11 13.49 34.46
N SER C 105 -2.57 14.61 33.93
CA SER C 105 -3.22 15.62 34.77
C SER C 105 -4.03 16.57 33.90
N LEU C 106 -5.05 17.17 34.53
CA LEU C 106 -5.89 18.17 33.89
C LEU C 106 -5.51 19.55 34.39
N LEU C 107 -5.42 20.52 33.47
CA LEU C 107 -4.79 21.79 33.78
C LEU C 107 -5.81 22.92 33.78
N HIS C 108 -6.44 23.25 32.65
CA HIS C 108 -7.15 24.52 32.60
C HIS C 108 -8.02 24.64 31.35
N TYR C 109 -9.01 25.53 31.46
CA TYR C 109 -9.95 25.76 30.37
C TYR C 109 -9.40 26.84 29.43
N ASP C 110 -9.56 26.59 28.12
CA ASP C 110 -9.12 27.55 27.10
C ASP C 110 -10.29 28.10 26.28
N HIS C 111 -11.08 27.21 25.69
CA HIS C 111 -12.10 27.60 24.71
C HIS C 111 -13.48 27.40 25.32
N TRP C 112 -14.05 28.47 25.85
CA TRP C 112 -15.38 28.41 26.43
C TRP C 112 -16.43 28.37 25.33
N GLY C 113 -17.57 27.75 25.63
CA GLY C 113 -18.68 27.70 24.70
C GLY C 113 -19.49 28.98 24.73
N SER C 114 -20.46 29.05 23.82
CA SER C 114 -21.30 30.24 23.69
C SER C 114 -22.24 30.43 24.86
N GLY C 115 -22.53 29.37 25.62
CA GLY C 115 -23.37 29.50 26.80
C GLY C 115 -24.85 29.42 26.49
N SER C 116 -25.63 28.92 27.45
CA SER C 116 -27.07 28.75 27.32
C SER C 116 -27.77 29.33 28.54
N PRO C 117 -28.47 30.46 28.47
CA PRO C 117 -29.19 30.93 29.66
C PRO C 117 -30.36 30.02 30.01
N VAL C 118 -30.60 29.90 31.32
CA VAL C 118 -31.69 29.11 31.86
C VAL C 118 -32.38 29.94 32.93
N ILE C 119 -33.72 29.91 32.93
CA ILE C 119 -34.53 30.59 33.93
C ILE C 119 -35.55 29.60 34.46
N VAL C 120 -35.52 29.35 35.76
CA VAL C 120 -36.47 28.45 36.41
C VAL C 120 -37.61 29.32 36.93
N SER C 121 -38.78 29.18 36.33
CA SER C 121 -39.97 29.93 36.75
C SER C 121 -41.18 29.32 36.08
N SER C 122 -42.27 29.22 36.83
CA SER C 122 -43.52 28.61 36.36
C SER C 122 -44.60 29.68 36.43
N ALA C 123 -44.71 30.45 35.36
CA ALA C 123 -45.77 31.46 35.25
C ALA C 123 -46.01 31.74 33.78
N SER C 124 -47.29 31.93 33.44
CA SER C 124 -47.66 32.23 32.06
C SER C 124 -47.22 33.64 31.71
N THR C 125 -47.32 33.97 30.42
CA THR C 125 -47.04 35.32 29.98
C THR C 125 -48.02 36.28 30.63
N LYS C 126 -47.49 37.41 31.12
CA LYS C 126 -48.28 38.32 31.94
C LYS C 126 -47.75 39.74 31.76
N GLY C 127 -48.66 40.69 31.59
CA GLY C 127 -48.29 42.08 31.48
C GLY C 127 -47.93 42.68 32.82
N PRO C 128 -47.35 43.88 32.83
CA PRO C 128 -46.90 44.46 34.09
C PRO C 128 -47.99 45.26 34.79
N SER C 129 -47.93 45.25 36.11
CA SER C 129 -48.57 46.30 36.89
C SER C 129 -47.65 47.51 36.94
N VAL C 130 -48.22 48.68 37.17
CA VAL C 130 -47.49 49.94 37.08
C VAL C 130 -47.90 50.79 38.28
N PHE C 131 -47.01 50.90 39.26
CA PHE C 131 -47.25 51.66 40.48
C PHE C 131 -46.48 52.98 40.42
N PRO C 132 -47.11 54.15 40.49
CA PRO C 132 -46.31 55.39 40.51
C PRO C 132 -45.75 55.65 41.90
N LEU C 133 -44.45 55.95 41.94
CA LEU C 133 -43.77 56.31 43.18
C LEU C 133 -43.92 57.81 43.39
N ALA C 134 -44.28 58.20 44.60
CA ALA C 134 -44.54 59.61 44.90
C ALA C 134 -43.26 60.43 44.68
N PRO C 135 -43.32 61.57 43.99
CA PRO C 135 -42.14 62.43 43.90
C PRO C 135 -41.66 62.88 45.27
N SER C 136 -40.42 63.35 45.33
CA SER C 136 -39.82 63.79 46.57
C SER C 136 -40.60 64.96 47.17
N SER C 137 -41.28 64.70 48.28
CA SER C 137 -42.13 65.72 48.90
C SER C 137 -42.66 65.21 50.25
N GLY C 143 -32.20 71.29 45.46
CA GLY C 143 -32.89 71.95 44.37
C GLY C 143 -33.49 70.99 43.37
N THR C 144 -32.83 69.84 43.19
CA THR C 144 -33.27 68.82 42.24
C THR C 144 -34.02 67.73 42.99
N ALA C 145 -35.31 67.57 42.68
CA ALA C 145 -36.11 66.49 43.22
C ALA C 145 -36.06 65.28 42.28
N ALA C 146 -36.71 64.21 42.68
CA ALA C 146 -36.75 62.99 41.90
C ALA C 146 -38.08 62.28 42.09
N LEU C 147 -38.43 61.44 41.12
CA LEU C 147 -39.66 60.66 41.16
C LEU C 147 -39.40 59.38 40.36
N GLY C 148 -40.27 58.41 40.54
CA GLY C 148 -40.08 57.13 39.91
C GLY C 148 -41.37 56.37 39.73
N CYS C 149 -41.24 55.18 39.17
CA CYS C 149 -42.37 54.31 38.90
C CYS C 149 -41.89 52.87 38.93
N LEU C 150 -42.70 51.99 39.52
CA LEU C 150 -42.34 50.60 39.76
C LEU C 150 -43.11 49.72 38.79
N VAL C 151 -42.38 48.98 37.96
CA VAL C 151 -42.96 47.96 37.08
C VAL C 151 -42.91 46.65 37.83
N LYS C 152 -44.07 46.04 38.04
CA LYS C 152 -44.24 44.95 39.00
C LYS C 152 -44.88 43.74 38.35
N ASP C 153 -44.28 42.57 38.58
CA ASP C 153 -44.89 41.27 38.31
C ASP C 153 -45.30 41.12 36.85
N TYR C 154 -44.30 41.08 35.97
CA TYR C 154 -44.48 40.73 34.57
C TYR C 154 -43.57 39.56 34.22
N PHE C 155 -44.01 38.79 33.23
CA PHE C 155 -43.20 37.69 32.71
C PHE C 155 -43.62 37.45 31.27
N PRO C 156 -42.68 37.16 30.35
CA PRO C 156 -41.21 37.18 30.41
C PRO C 156 -40.66 38.54 30.00
N GLU C 157 -39.34 38.68 29.97
CA GLU C 157 -38.73 39.82 29.33
C GLU C 157 -38.92 39.70 27.81
N PRO C 158 -38.80 40.82 27.06
CA PRO C 158 -38.46 42.20 27.37
C PRO C 158 -39.60 43.06 27.89
N VAL C 159 -39.24 44.18 28.52
CA VAL C 159 -40.16 45.25 28.85
C VAL C 159 -39.46 46.57 28.51
N THR C 160 -40.25 47.56 28.07
CA THR C 160 -39.75 48.87 27.69
C THR C 160 -40.43 49.94 28.55
N VAL C 161 -39.64 50.90 29.01
CA VAL C 161 -40.12 51.97 29.87
C VAL C 161 -39.58 53.30 29.34
N SER C 162 -40.45 54.31 29.33
CA SER C 162 -40.07 55.65 28.91
C SER C 162 -40.97 56.64 29.64
N TRP C 163 -40.53 57.90 29.68
CA TRP C 163 -41.19 58.94 30.46
C TRP C 163 -41.69 60.05 29.55
N ASN C 164 -42.90 60.53 29.84
CA ASN C 164 -43.54 61.61 29.07
C ASN C 164 -43.60 61.26 27.58
N SER C 165 -43.95 60.01 27.30
CA SER C 165 -43.97 59.49 25.93
C SER C 165 -42.61 59.64 25.26
N GLY C 166 -41.55 59.47 26.04
CA GLY C 166 -40.19 59.63 25.57
C GLY C 166 -39.71 61.07 25.51
N ALA C 167 -40.56 62.04 25.88
CA ALA C 167 -40.18 63.44 25.80
C ALA C 167 -39.24 63.86 26.91
N LEU C 168 -39.35 63.27 28.10
CA LEU C 168 -38.58 63.66 29.27
C LEU C 168 -37.34 62.78 29.35
N THR C 169 -36.18 63.42 29.54
CA THR C 169 -34.90 62.72 29.60
C THR C 169 -33.97 63.24 30.68
N SER C 170 -34.42 64.12 31.57
CA SER C 170 -33.55 64.71 32.58
C SER C 170 -33.19 63.69 33.64
N GLY C 171 -32.03 63.06 33.50
CA GLY C 171 -31.59 62.03 34.44
C GLY C 171 -32.52 60.83 34.47
N VAL C 172 -33.06 60.47 33.31
CA VAL C 172 -33.90 59.27 33.23
C VAL C 172 -33.01 58.04 33.28
N HIS C 173 -33.46 57.03 34.02
CA HIS C 173 -32.74 55.77 34.14
C HIS C 173 -33.74 54.63 34.22
N THR C 174 -33.26 53.44 33.84
CA THR C 174 -34.07 52.22 33.85
C THR C 174 -33.18 51.10 34.34
N PHE C 175 -33.33 50.74 35.61
CA PHE C 175 -32.49 49.70 36.20
C PHE C 175 -32.86 48.34 35.60
N PRO C 176 -31.90 47.40 35.52
CA PRO C 176 -32.24 46.08 34.97
C PRO C 176 -33.18 45.32 35.89
N ALA C 177 -33.96 44.43 35.30
CA ALA C 177 -34.97 43.69 36.05
C ALA C 177 -34.33 42.67 36.97
N VAL C 178 -35.01 42.42 38.10
CA VAL C 178 -34.58 41.45 39.09
C VAL C 178 -35.62 40.35 39.18
N LEU C 179 -35.19 39.10 39.01
CA LEU C 179 -36.10 37.97 39.10
C LEU C 179 -36.50 37.74 40.55
N GLN C 180 -37.73 38.10 40.89
CA GLN C 180 -38.20 37.96 42.25
C GLN C 180 -38.39 36.48 42.60
N SER C 181 -38.70 36.23 43.87
CA SER C 181 -38.85 34.86 44.34
C SER C 181 -40.00 34.14 43.66
N SER C 182 -41.09 34.87 43.37
CA SER C 182 -42.27 34.26 42.75
C SER C 182 -42.04 33.86 41.29
N GLY C 183 -40.92 34.26 40.68
CA GLY C 183 -40.66 33.97 39.28
C GLY C 183 -41.14 35.02 38.31
N LEU C 184 -41.59 36.18 38.81
CA LEU C 184 -42.04 37.28 37.97
C LEU C 184 -41.07 38.45 38.09
N TYR C 185 -40.70 39.00 36.95
CA TYR C 185 -39.73 40.09 36.90
C TYR C 185 -40.33 41.39 37.43
N SER C 186 -39.44 42.31 37.77
CA SER C 186 -39.83 43.65 38.20
C SER C 186 -38.63 44.58 38.06
N LEU C 187 -38.91 45.86 37.83
CA LEU C 187 -37.86 46.87 37.75
C LEU C 187 -38.44 48.22 38.13
N SER C 188 -37.55 49.18 38.31
CA SER C 188 -37.92 50.55 38.64
C SER C 188 -37.19 51.51 37.69
N SER C 189 -37.92 52.54 37.27
CA SER C 189 -37.38 53.62 36.46
C SER C 189 -37.61 54.94 37.18
N VAL C 190 -36.60 55.80 37.13
CA VAL C 190 -36.60 57.05 37.88
C VAL C 190 -36.18 58.19 36.96
N VAL C 191 -36.54 59.40 37.36
CA VAL C 191 -36.21 60.62 36.62
C VAL C 191 -36.06 61.75 37.62
N THR C 192 -35.01 62.55 37.44
CA THR C 192 -34.70 63.67 38.31
C THR C 192 -35.17 64.96 37.66
N VAL C 193 -35.87 65.78 38.42
CA VAL C 193 -36.45 67.03 37.94
C VAL C 193 -36.20 68.12 38.98
N PRO C 194 -36.32 69.41 38.63
CA PRO C 194 -36.18 70.45 39.64
C PRO C 194 -37.25 70.32 40.72
N SER C 195 -36.91 70.79 41.93
CA SER C 195 -37.84 70.68 43.05
C SER C 195 -39.13 71.44 42.78
N SER C 196 -39.03 72.65 42.22
CA SER C 196 -40.22 73.42 41.92
C SER C 196 -41.03 72.78 40.79
N SER C 197 -40.39 72.01 39.91
CA SER C 197 -41.07 71.45 38.76
C SER C 197 -42.13 70.41 39.13
N LEU C 198 -42.10 69.88 40.35
CA LEU C 198 -43.10 68.91 40.76
C LEU C 198 -44.51 69.50 40.73
N GLY C 199 -44.66 70.80 41.01
CA GLY C 199 -45.97 71.41 41.06
C GLY C 199 -46.53 71.87 39.73
N THR C 200 -45.72 71.87 38.67
CA THR C 200 -46.14 72.43 37.39
C THR C 200 -45.97 71.46 36.22
N GLN C 201 -44.90 70.67 36.23
CA GLN C 201 -44.57 69.86 35.07
C GLN C 201 -45.33 68.53 35.08
N THR C 202 -45.83 68.17 33.90
CA THR C 202 -46.51 66.88 33.75
C THR C 202 -45.51 65.74 33.76
N TYR C 203 -45.91 64.60 34.33
CA TYR C 203 -45.07 63.41 34.43
C TYR C 203 -45.92 62.21 34.02
N ILE C 204 -45.53 61.55 32.92
CA ILE C 204 -46.16 60.32 32.46
C ILE C 204 -45.08 59.25 32.45
N CYS C 205 -45.43 58.07 32.98
CA CYS C 205 -44.58 56.89 32.86
C CYS C 205 -45.22 55.94 31.86
N ASN C 206 -44.51 55.67 30.78
CA ASN C 206 -44.98 54.80 29.71
C ASN C 206 -44.36 53.42 29.89
N VAL C 207 -45.18 52.38 29.83
CA VAL C 207 -44.75 51.01 30.02
C VAL C 207 -45.27 50.18 28.85
N ASN C 208 -44.38 49.41 28.24
CA ASN C 208 -44.73 48.54 27.11
C ASN C 208 -44.11 47.17 27.34
N HIS C 209 -44.91 46.13 27.15
CA HIS C 209 -44.51 44.74 27.34
C HIS C 209 -44.87 43.97 26.07
N LYS C 210 -43.87 43.75 25.22
CA LYS C 210 -44.11 43.17 23.91
C LYS C 210 -44.68 41.76 23.94
N PRO C 211 -44.19 40.81 24.76
CA PRO C 211 -44.74 39.44 24.69
C PRO C 211 -46.24 39.36 24.95
N SER C 212 -46.75 40.17 25.88
CA SER C 212 -48.19 40.31 26.08
C SER C 212 -48.77 41.47 25.28
N ASN C 213 -47.94 42.40 24.83
CA ASN C 213 -48.35 43.52 23.98
C ASN C 213 -49.26 44.51 24.72
N THR C 214 -49.36 44.41 26.05
CA THR C 214 -50.11 45.39 26.82
C THR C 214 -49.29 46.66 26.96
N LYS C 215 -49.97 47.75 27.31
CA LYS C 215 -49.33 49.05 27.42
C LYS C 215 -50.06 49.90 28.45
N VAL C 216 -49.29 50.65 29.23
CA VAL C 216 -49.83 51.56 30.25
C VAL C 216 -49.02 52.84 30.23
N ASP C 217 -49.68 53.96 30.51
CA ASP C 217 -49.08 55.30 30.48
C ASP C 217 -49.36 55.98 31.82
N LYS C 218 -49.01 55.27 32.90
CA LYS C 218 -49.34 55.72 34.26
C LYS C 218 -48.77 57.09 34.56
N ARG C 219 -49.54 57.90 35.27
CA ARG C 219 -49.12 59.25 35.66
C ARG C 219 -48.52 59.23 37.04
N VAL C 220 -47.28 59.71 37.17
CA VAL C 220 -46.63 59.85 38.47
C VAL C 220 -46.85 61.23 39.07
N GLU C 221 -47.19 62.23 38.24
CA GLU C 221 -47.43 63.59 38.69
C GLU C 221 -48.52 63.78 39.75
N PRO C 222 -49.69 63.08 39.71
CA PRO C 222 -50.83 63.56 40.50
C PRO C 222 -50.58 63.69 42.00
N LYS C 223 -49.82 62.78 42.61
CA LYS C 223 -49.45 62.89 44.01
C LYS C 223 -48.09 63.56 44.18
N SER C 224 -47.96 64.78 43.67
CA SER C 224 -46.74 65.56 43.84
C SER C 224 -46.75 66.28 45.18
N CYS C 225 -46.87 65.53 46.28
CA CYS C 225 -46.95 66.11 47.61
C CYS C 225 -46.83 65.03 48.67
N GLU D 1 -12.78 24.37 50.21
CA GLU D 1 -11.34 24.18 50.52
C GLU D 1 -10.51 25.40 50.09
N ILE D 2 -10.38 25.59 48.79
CA ILE D 2 -9.56 26.66 48.22
C ILE D 2 -10.49 27.81 47.84
N VAL D 3 -10.49 28.86 48.65
CA VAL D 3 -11.33 30.04 48.42
C VAL D 3 -10.51 31.14 47.79
N LEU D 4 -10.51 31.23 46.46
CA LEU D 4 -9.82 32.32 45.79
C LEU D 4 -10.54 33.63 46.04
N THR D 5 -10.03 34.45 46.94
CA THR D 5 -10.60 35.75 47.25
C THR D 5 -9.94 36.80 46.39
N GLN D 6 -10.71 37.40 45.48
CA GLN D 6 -10.20 38.35 44.51
C GLN D 6 -10.56 39.77 44.93
N SER D 7 -9.54 40.59 45.11
CA SER D 7 -9.68 41.96 45.60
C SER D 7 -8.81 42.87 44.73
N PRO D 8 -9.20 44.14 44.54
CA PRO D 8 -10.40 44.86 44.98
C PRO D 8 -11.62 44.53 44.12
N ALA D 9 -12.81 44.85 44.64
CA ALA D 9 -14.04 44.57 43.89
C ALA D 9 -14.09 45.36 42.59
N THR D 10 -13.70 46.63 42.64
CA THR D 10 -13.79 47.54 41.50
C THR D 10 -12.50 48.32 41.37
N LEU D 11 -11.81 48.15 40.24
CA LEU D 11 -10.63 48.94 39.93
C LEU D 11 -11.01 50.17 39.11
N SER D 12 -10.34 51.29 39.42
CA SER D 12 -10.51 52.54 38.71
C SER D 12 -9.16 52.96 38.14
N ALA D 13 -9.13 53.27 36.84
CA ALA D 13 -7.90 53.70 36.19
C ALA D 13 -8.24 54.44 34.91
N SER D 14 -7.50 55.51 34.64
CA SER D 14 -7.69 56.26 33.41
C SER D 14 -7.15 55.45 32.23
N PRO D 15 -7.66 55.66 31.01
CA PRO D 15 -7.09 54.95 29.86
C PRO D 15 -5.62 55.30 29.67
N GLY D 16 -4.84 54.30 29.25
CA GLY D 16 -3.41 54.44 29.08
C GLY D 16 -2.59 54.16 30.32
N GLU D 17 -3.22 54.08 31.50
CA GLU D 17 -2.48 53.84 32.72
C GLU D 17 -2.06 52.37 32.82
N ARG D 18 -1.19 52.11 33.80
CA ARG D 18 -0.94 50.76 34.27
C ARG D 18 -1.85 50.47 35.46
N VAL D 19 -2.27 49.20 35.57
CA VAL D 19 -3.18 48.79 36.64
C VAL D 19 -2.90 47.32 36.94
N THR D 20 -3.19 46.92 38.18
CA THR D 20 -2.82 45.61 38.70
C THR D 20 -3.98 45.02 39.50
N LEU D 21 -4.15 43.71 39.38
CA LEU D 21 -5.15 42.94 40.11
C LEU D 21 -4.48 41.97 41.07
N THR D 22 -5.25 41.49 42.05
CA THR D 22 -4.79 40.53 43.03
C THR D 22 -5.82 39.42 43.20
N CYS D 23 -5.34 38.23 43.53
CA CYS D 23 -6.19 37.06 43.73
C CYS D 23 -5.59 36.22 44.86
N ARG D 24 -6.09 36.41 46.07
CA ARG D 24 -5.60 35.71 47.25
C ARG D 24 -6.19 34.30 47.30
N ALA D 25 -5.31 33.29 47.32
CA ALA D 25 -5.73 31.93 47.59
C ALA D 25 -5.75 31.67 49.09
N SER D 26 -6.65 30.81 49.54
CA SER D 26 -6.76 30.52 50.96
C SER D 26 -5.58 29.72 51.48
N ARG D 27 -4.95 28.92 50.64
CA ARG D 27 -3.73 28.22 51.01
C ARG D 27 -2.96 27.88 49.74
N SER D 28 -1.97 27.01 49.86
CA SER D 28 -1.04 26.75 48.76
C SER D 28 -1.77 26.16 47.56
N VAL D 29 -1.43 26.67 46.38
CA VAL D 29 -1.94 26.15 45.11
C VAL D 29 -0.78 25.96 44.13
N ARG D 30 0.45 25.94 44.63
CA ARG D 30 1.67 25.88 43.80
C ARG D 30 1.63 27.08 42.86
N ASN D 31 1.91 26.92 41.57
CA ASN D 31 1.67 27.95 40.56
C ASN D 31 0.50 27.56 39.65
N ASN D 32 -0.38 26.70 40.15
CA ASN D 32 -1.57 26.27 39.40
C ASN D 32 -2.66 27.33 39.48
N VAL D 33 -2.51 28.37 38.68
CA VAL D 33 -3.41 29.51 38.65
C VAL D 33 -3.51 30.04 37.24
N ALA D 34 -4.69 30.53 36.88
CA ALA D 34 -4.92 31.15 35.58
C ALA D 34 -5.87 32.33 35.77
N TRP D 35 -5.77 33.28 34.85
CA TRP D 35 -6.61 34.48 34.83
C TRP D 35 -7.37 34.53 33.52
N TYR D 36 -8.58 35.07 33.55
CA TYR D 36 -9.43 35.19 32.39
C TYR D 36 -10.02 36.58 32.29
N GLN D 37 -10.30 37.01 31.06
CA GLN D 37 -11.03 38.23 30.78
C GLN D 37 -12.47 37.87 30.46
N HIS D 38 -13.40 38.35 31.27
CA HIS D 38 -14.82 38.16 31.04
C HIS D 38 -15.35 39.35 30.25
N LYS D 39 -15.83 39.08 29.04
CA LYS D 39 -16.31 40.13 28.16
C LYS D 39 -17.72 40.54 28.63
N GLY D 40 -18.41 41.31 27.79
CA GLY D 40 -19.76 41.73 28.11
C GLY D 40 -20.77 40.61 27.95
N GLY D 41 -20.65 39.56 28.76
CA GLY D 41 -21.53 38.42 28.72
C GLY D 41 -21.12 37.33 27.75
N GLN D 42 -20.12 37.57 26.91
CA GLN D 42 -19.71 36.59 25.90
C GLN D 42 -18.81 35.55 26.56
N SER D 43 -18.21 34.68 25.75
CA SER D 43 -17.33 33.66 26.26
C SER D 43 -16.09 34.31 26.90
N PRO D 44 -15.73 33.96 28.14
CA PRO D 44 -14.44 34.41 28.67
C PRO D 44 -13.27 33.90 27.82
N ARG D 45 -12.12 34.53 28.04
CA ARG D 45 -10.92 34.27 27.25
C ARG D 45 -9.76 34.00 28.20
N LEU D 46 -8.81 33.17 27.76
CA LEU D 46 -7.65 32.84 28.56
C LEU D 46 -6.56 33.88 28.35
N LEU D 47 -6.11 34.52 29.43
CA LEU D 47 -5.00 35.46 29.41
C LEU D 47 -3.70 34.83 29.88
N ILE D 48 -3.67 34.29 31.09
CA ILE D 48 -2.47 33.72 31.69
C ILE D 48 -2.83 32.37 32.29
N TYR D 49 -1.92 31.41 32.15
CA TYR D 49 -2.02 30.13 32.83
C TYR D 49 -0.66 29.79 33.42
N ASP D 50 -0.69 29.00 34.49
CA ASP D 50 0.50 28.71 35.32
C ASP D 50 1.03 29.97 36.01
N ALA D 51 0.18 31.00 36.09
CA ALA D 51 0.40 32.19 36.91
C ALA D 51 1.47 33.15 36.38
N SER D 52 2.21 32.77 35.35
CA SER D 52 3.17 33.69 34.73
C SER D 52 3.23 33.60 33.22
N THR D 53 2.72 32.53 32.64
CA THR D 53 2.86 32.30 31.20
C THR D 53 1.70 32.93 30.45
N ARG D 54 2.00 33.84 29.52
CA ARG D 54 0.98 34.44 28.70
C ARG D 54 0.41 33.41 27.73
N ALA D 55 -0.91 33.44 27.53
CA ALA D 55 -1.56 32.51 26.61
C ALA D 55 -1.41 33.01 25.17
N ALA D 56 -1.64 32.09 24.24
CA ALA D 56 -1.49 32.41 22.82
C ALA D 56 -2.52 33.45 22.39
N GLY D 57 -2.08 34.40 21.56
CA GLY D 57 -2.95 35.43 21.03
C GLY D 57 -3.25 36.58 21.97
N VAL D 58 -2.71 36.57 23.18
CA VAL D 58 -3.00 37.65 24.14
C VAL D 58 -2.12 38.85 23.80
N PRO D 59 -2.61 40.10 23.90
CA PRO D 59 -1.70 41.24 23.72
C PRO D 59 -0.60 41.25 24.78
N ALA D 60 0.58 41.73 24.37
CA ALA D 60 1.75 41.65 25.23
C ALA D 60 1.62 42.48 26.51
N ARG D 61 0.73 43.48 26.53
CA ARG D 61 0.60 44.31 27.72
C ARG D 61 0.11 43.54 28.93
N PHE D 62 -0.59 42.43 28.73
CA PHE D 62 -1.04 41.61 29.85
C PHE D 62 0.12 40.80 30.42
N SER D 63 0.27 40.85 31.74
CA SER D 63 1.36 40.16 32.41
C SER D 63 0.92 39.77 33.81
N GLY D 64 1.62 38.79 34.37
CA GLY D 64 1.31 38.32 35.71
C GLY D 64 2.52 37.72 36.36
N SER D 65 2.45 37.59 37.68
CA SER D 65 3.56 37.08 38.47
C SER D 65 3.02 36.35 39.69
N ALA D 66 3.80 35.40 40.19
CA ALA D 66 3.45 34.64 41.38
C ALA D 66 4.05 35.28 42.62
N SER D 67 3.33 35.16 43.73
CA SER D 67 3.81 35.63 45.03
C SER D 67 3.47 34.60 46.10
N GLY D 68 3.69 33.32 45.80
CA GLY D 68 3.31 32.26 46.71
C GLY D 68 1.81 32.01 46.68
N THR D 69 1.14 32.23 47.80
CA THR D 69 -0.31 32.10 47.85
C THR D 69 -1.02 33.21 47.09
N GLU D 70 -0.46 34.43 47.08
CA GLU D 70 -1.03 35.55 46.35
C GLU D 70 -0.54 35.52 44.91
N PHE D 71 -1.40 35.96 44.00
CA PHE D 71 -1.10 36.01 42.58
C PHE D 71 -1.54 37.36 42.04
N THR D 72 -1.05 37.70 40.84
CA THR D 72 -1.15 39.06 40.34
C THR D 72 -1.24 39.08 38.82
N LEU D 73 -2.13 39.92 38.31
CA LEU D 73 -2.20 40.24 36.89
C LEU D 73 -2.01 41.75 36.76
N ALA D 74 -1.21 42.16 35.78
CA ALA D 74 -0.89 43.56 35.55
C ALA D 74 -1.08 43.91 34.08
N ILE D 75 -1.84 44.97 33.83
CA ILE D 75 -2.02 45.53 32.50
C ILE D 75 -1.20 46.81 32.45
N SER D 76 -0.34 46.92 31.43
CA SER D 76 0.54 48.07 31.31
C SER D 76 -0.12 49.26 30.61
N ASN D 77 -0.73 49.03 29.43
CA ASN D 77 -1.36 50.07 28.64
C ASN D 77 -2.88 49.81 28.62
N LEU D 78 -3.57 50.34 29.62
CA LEU D 78 -5.00 50.06 29.79
C LEU D 78 -5.78 50.81 28.73
N GLU D 79 -6.24 50.08 27.71
CA GLU D 79 -7.05 50.67 26.66
C GLU D 79 -8.51 50.76 27.10
N SER D 80 -9.33 51.34 26.23
CA SER D 80 -10.76 51.46 26.52
C SER D 80 -11.44 50.10 26.55
N GLU D 81 -10.97 49.16 25.73
CA GLU D 81 -11.61 47.85 25.66
C GLU D 81 -11.39 47.04 26.93
N ASP D 82 -10.26 47.24 27.61
CA ASP D 82 -9.90 46.44 28.78
C ASP D 82 -10.78 46.70 29.99
N PHE D 83 -11.61 47.75 29.96
CA PHE D 83 -12.50 48.06 31.08
C PHE D 83 -13.64 47.03 31.09
N THR D 84 -13.34 45.87 31.68
CA THR D 84 -14.27 44.76 31.73
C THR D 84 -14.02 43.98 33.03
N VAL D 85 -14.57 42.77 33.10
CA VAL D 85 -14.50 41.95 34.31
C VAL D 85 -13.49 40.84 34.12
N TYR D 86 -12.60 40.68 35.09
CA TYR D 86 -11.59 39.62 35.12
C TYR D 86 -11.78 38.79 36.37
N PHE D 87 -11.70 37.47 36.23
CA PHE D 87 -11.79 36.55 37.36
C PHE D 87 -10.61 35.59 37.32
N CYS D 88 -10.12 35.21 38.49
CA CYS D 88 -9.00 34.29 38.60
C CYS D 88 -9.50 32.87 38.84
N LEU D 89 -8.59 31.92 38.61
CA LEU D 89 -8.93 30.49 38.63
C LEU D 89 -7.71 29.72 39.12
N GLN D 90 -7.97 28.65 39.88
CA GLN D 90 -6.92 27.75 40.33
C GLN D 90 -7.31 26.32 39.98
N TYR D 91 -6.31 25.47 39.82
CA TYR D 91 -6.50 24.10 39.40
C TYR D 91 -5.56 23.14 40.15
N ASN D 92 -5.10 23.55 41.33
CA ASN D 92 -4.29 22.67 42.16
C ASN D 92 -5.11 21.55 42.76
N ASN D 93 -6.42 21.77 42.91
CA ASN D 93 -7.35 20.84 43.53
C ASN D 93 -8.64 20.89 42.73
N TRP D 94 -9.75 20.43 43.30
CA TRP D 94 -11.05 20.74 42.72
C TRP D 94 -11.16 22.24 42.43
N TRP D 95 -11.87 22.54 41.35
CA TRP D 95 -11.75 23.82 40.66
C TRP D 95 -12.58 24.87 41.37
N THR D 96 -12.10 26.10 41.38
CA THR D 96 -12.80 27.22 41.99
C THR D 96 -12.53 28.47 41.17
N PHE D 97 -13.39 29.47 41.36
CA PHE D 97 -13.34 30.72 40.62
C PHE D 97 -13.40 31.88 41.59
N GLY D 98 -12.88 33.03 41.15
CA GLY D 98 -12.99 34.24 41.94
C GLY D 98 -14.32 34.95 41.71
N GLN D 99 -14.57 35.94 42.57
CA GLN D 99 -15.81 36.72 42.46
C GLN D 99 -15.79 37.67 41.27
N GLY D 100 -14.64 37.88 40.64
CA GLY D 100 -14.56 38.77 39.50
C GLY D 100 -14.36 40.22 39.91
N THR D 101 -13.41 40.90 39.27
CA THR D 101 -13.08 42.30 39.55
C THR D 101 -13.40 43.14 38.32
N ARG D 102 -14.12 44.24 38.54
CA ARG D 102 -14.47 45.16 37.48
C ARG D 102 -13.44 46.28 37.38
N VAL D 103 -13.16 46.70 36.16
CA VAL D 103 -12.24 47.81 35.87
C VAL D 103 -13.05 48.90 35.19
N ASP D 104 -13.36 49.97 35.93
CA ASP D 104 -14.18 51.07 35.44
C ASP D 104 -13.33 52.30 35.17
N ILE D 105 -13.95 53.31 34.58
CA ILE D 105 -13.23 54.50 34.17
C ILE D 105 -12.98 55.40 35.38
N LYS D 106 -11.78 55.97 35.44
CA LYS D 106 -11.44 56.87 36.54
C LYS D 106 -12.19 58.19 36.41
N ARG D 107 -12.51 58.78 37.56
CA ARG D 107 -13.00 60.15 37.62
C ARG D 107 -12.93 60.62 39.07
N THR D 108 -13.27 61.88 39.28
CA THR D 108 -13.27 62.43 40.63
C THR D 108 -14.49 61.95 41.41
N VAL D 109 -14.40 62.04 42.74
CA VAL D 109 -15.46 61.55 43.61
C VAL D 109 -16.71 62.40 43.42
N ALA D 110 -17.86 61.73 43.32
CA ALA D 110 -19.16 62.39 43.22
C ALA D 110 -20.10 61.78 44.25
N ALA D 111 -20.72 62.64 45.05
CA ALA D 111 -21.61 62.16 46.09
C ALA D 111 -22.95 61.74 45.50
N PRO D 112 -23.67 60.80 46.14
CA PRO D 112 -24.98 60.40 45.61
C PRO D 112 -26.07 61.37 46.01
N SER D 113 -26.92 61.72 45.05
CA SER D 113 -28.18 62.38 45.37
C SER D 113 -29.17 61.32 45.84
N VAL D 114 -29.64 61.47 47.08
CA VAL D 114 -30.36 60.42 47.79
C VAL D 114 -31.83 60.79 47.87
N PHE D 115 -32.70 59.83 47.57
CA PHE D 115 -34.13 59.99 47.68
C PHE D 115 -34.75 58.73 48.26
N ILE D 116 -35.91 58.89 48.89
CA ILE D 116 -36.76 57.78 49.32
C ILE D 116 -38.18 58.08 48.86
N PHE D 117 -38.82 57.08 48.26
CA PHE D 117 -40.20 57.17 47.82
C PHE D 117 -41.05 56.30 48.74
N PRO D 118 -42.16 56.80 49.30
CA PRO D 118 -43.06 55.92 50.02
C PRO D 118 -43.68 54.92 49.05
N PRO D 119 -44.15 53.76 49.56
CA PRO D 119 -44.85 52.82 48.67
C PRO D 119 -46.09 53.46 48.06
N SER D 120 -46.38 53.13 46.80
CA SER D 120 -47.51 53.73 46.11
C SER D 120 -48.82 53.30 46.77
N ASP D 121 -49.77 54.25 46.83
CA ASP D 121 -51.07 53.95 47.44
C ASP D 121 -51.78 52.84 46.69
N GLU D 122 -51.64 52.80 45.37
CA GLU D 122 -52.17 51.66 44.62
C GLU D 122 -51.49 50.36 45.04
N GLN D 123 -50.19 50.41 45.31
CA GLN D 123 -49.50 49.23 45.83
C GLN D 123 -49.96 48.90 47.24
N LEU D 124 -50.32 49.90 48.04
CA LEU D 124 -50.93 49.63 49.34
C LEU D 124 -52.24 48.88 49.17
N LYS D 125 -53.07 49.33 48.22
CA LYS D 125 -54.35 48.66 48.00
C LYS D 125 -54.17 47.25 47.49
N SER D 126 -53.07 46.97 46.79
CA SER D 126 -52.74 45.62 46.35
C SER D 126 -52.22 44.74 47.49
N GLY D 127 -51.91 45.32 48.64
CA GLY D 127 -51.46 44.54 49.78
C GLY D 127 -49.98 44.21 49.79
N THR D 128 -49.17 44.88 48.98
CA THR D 128 -47.74 44.60 48.85
C THR D 128 -46.93 45.89 48.86
N ALA D 129 -47.20 46.77 49.83
CA ALA D 129 -46.48 48.03 49.95
C ALA D 129 -44.99 47.81 50.12
N SER D 130 -44.19 48.29 49.16
CA SER D 130 -42.75 48.07 49.13
C SER D 130 -42.05 49.42 48.97
N VAL D 131 -41.09 49.68 49.84
CA VAL D 131 -40.40 50.97 49.86
C VAL D 131 -39.29 50.96 48.81
N VAL D 132 -38.90 52.15 48.35
CA VAL D 132 -37.90 52.31 47.31
C VAL D 132 -36.93 53.42 47.73
N CYS D 133 -35.64 53.21 47.45
CA CYS D 133 -34.59 54.20 47.62
C CYS D 133 -33.88 54.42 46.30
N LEU D 134 -33.27 55.60 46.14
CA LEU D 134 -32.61 55.97 44.90
C LEU D 134 -31.31 56.69 45.19
N LEU D 135 -30.21 56.16 44.66
CA LEU D 135 -28.91 56.83 44.62
C LEU D 135 -28.57 57.10 43.16
N ASN D 136 -28.28 58.35 42.83
CA ASN D 136 -28.12 58.76 41.44
C ASN D 136 -26.84 59.56 41.25
N ASN D 137 -26.09 59.20 40.21
CA ASN D 137 -24.90 59.94 39.78
C ASN D 137 -23.86 60.06 40.89
N PHE D 138 -23.28 58.94 41.31
CA PHE D 138 -22.21 58.92 42.29
C PHE D 138 -21.02 58.14 41.75
N TYR D 139 -19.87 58.41 42.34
CA TYR D 139 -18.65 57.66 42.05
C TYR D 139 -17.76 57.74 43.29
N PRO D 140 -17.07 56.64 43.66
CA PRO D 140 -16.96 55.28 43.12
C PRO D 140 -18.16 54.37 43.44
N ARG D 141 -18.03 53.09 43.07
CA ARG D 141 -19.07 52.09 43.24
C ARG D 141 -19.31 51.72 44.71
N GLU D 142 -18.45 52.17 45.63
CA GLU D 142 -18.44 51.66 47.00
C GLU D 142 -19.70 51.99 47.80
N ALA D 143 -20.60 52.83 47.28
CA ALA D 143 -21.78 53.26 48.03
C ALA D 143 -22.59 52.07 48.55
N LYS D 144 -23.28 52.31 49.67
CA LYS D 144 -23.94 51.26 50.43
C LYS D 144 -25.24 51.79 50.99
N VAL D 145 -26.20 50.88 51.20
CA VAL D 145 -27.52 51.22 51.71
C VAL D 145 -27.92 50.21 52.78
N GLN D 146 -28.59 50.69 53.82
CA GLN D 146 -29.17 49.84 54.86
C GLN D 146 -30.60 50.30 55.11
N TRP D 147 -31.54 49.37 55.07
CA TRP D 147 -32.94 49.68 55.30
C TRP D 147 -33.25 49.67 56.80
N LYS D 148 -34.00 50.66 57.24
CA LYS D 148 -34.36 50.83 58.65
C LYS D 148 -35.82 51.24 58.76
N VAL D 149 -36.53 50.65 59.72
CA VAL D 149 -37.94 50.95 59.96
C VAL D 149 -38.09 51.31 61.43
N ASP D 150 -38.51 52.55 61.70
CA ASP D 150 -38.50 53.10 63.06
C ASP D 150 -37.11 52.95 63.67
N ASN D 151 -36.07 53.16 62.85
CA ASN D 151 -34.69 52.96 63.28
C ASN D 151 -34.43 51.51 63.71
N ALA D 152 -35.22 50.57 63.19
CA ALA D 152 -34.95 49.15 63.39
C ALA D 152 -34.48 48.52 62.08
N LEU D 153 -33.36 47.82 62.15
CA LEU D 153 -32.71 47.31 60.94
C LEU D 153 -33.59 46.28 60.24
N GLN D 154 -33.52 46.28 58.91
CA GLN D 154 -34.16 45.29 58.06
C GLN D 154 -33.11 44.71 57.13
N SER D 155 -33.14 43.38 56.97
CA SER D 155 -32.17 42.69 56.13
C SER D 155 -32.83 41.48 55.49
N GLY D 156 -32.29 41.06 54.36
CA GLY D 156 -32.79 39.89 53.66
C GLY D 156 -33.93 40.17 52.71
N ASN D 157 -34.91 40.96 53.16
CA ASN D 157 -36.11 41.24 52.38
C ASN D 157 -36.00 42.48 51.50
N SER D 158 -34.77 42.83 51.08
CA SER D 158 -34.54 43.99 50.24
C SER D 158 -33.76 43.57 49.01
N GLN D 159 -33.69 44.47 48.03
CA GLN D 159 -33.00 44.24 46.78
C GLN D 159 -32.27 45.50 46.37
N GLU D 160 -31.38 45.37 45.39
CA GLU D 160 -30.61 46.49 44.87
C GLU D 160 -30.34 46.29 43.40
N SER D 161 -30.05 47.40 42.71
CA SER D 161 -29.71 47.39 41.31
C SER D 161 -28.81 48.58 41.03
N VAL D 162 -27.94 48.45 40.03
CA VAL D 162 -26.98 49.48 39.68
C VAL D 162 -26.94 49.62 38.16
N THR D 163 -26.99 50.86 37.69
CA THR D 163 -26.90 51.13 36.27
C THR D 163 -25.48 50.88 35.78
N GLU D 164 -25.32 50.93 34.46
CA GLU D 164 -23.99 50.95 33.87
C GLU D 164 -23.30 52.24 34.29
N GLN D 165 -21.97 52.27 34.27
CA GLN D 165 -21.27 53.52 34.58
C GLN D 165 -21.62 54.53 33.49
N ASP D 166 -22.47 55.49 33.84
CA ASP D 166 -23.04 56.41 32.86
C ASP D 166 -21.92 57.24 32.25
N SER D 167 -21.66 57.02 30.96
CA SER D 167 -20.58 57.72 30.27
C SER D 167 -20.82 59.21 30.15
N LYS D 168 -22.05 59.69 30.41
CA LYS D 168 -22.31 61.12 30.42
C LYS D 168 -21.42 61.84 31.43
N ASP D 169 -21.23 61.25 32.62
CA ASP D 169 -20.23 61.76 33.55
C ASP D 169 -19.47 60.66 34.27
N SER D 170 -19.52 59.41 33.81
CA SER D 170 -18.78 58.30 34.38
C SER D 170 -19.16 58.01 35.83
N THR D 171 -20.42 58.25 36.20
CA THR D 171 -20.91 57.99 37.53
C THR D 171 -21.96 56.89 37.52
N TYR D 172 -22.21 56.33 38.69
CA TYR D 172 -23.17 55.25 38.87
C TYR D 172 -24.51 55.78 39.39
N SER D 173 -25.56 55.03 39.08
CA SER D 173 -26.88 55.24 39.66
C SER D 173 -27.37 53.91 40.24
N LEU D 174 -27.74 53.94 41.52
CA LEU D 174 -28.11 52.75 42.28
C LEU D 174 -29.48 52.97 42.90
N SER D 175 -30.31 51.93 42.88
CA SER D 175 -31.62 51.95 43.53
C SER D 175 -31.76 50.70 44.38
N SER D 176 -32.56 50.84 45.44
CA SER D 176 -32.85 49.74 46.36
C SER D 176 -34.33 49.70 46.64
N THR D 177 -34.84 48.48 46.84
CA THR D 177 -36.25 48.24 47.11
C THR D 177 -36.39 47.35 48.34
N LEU D 178 -37.32 47.71 49.21
CA LEU D 178 -37.68 46.91 50.39
C LEU D 178 -39.08 46.38 50.18
N THR D 179 -39.20 45.05 50.10
CA THR D 179 -40.48 44.39 49.83
C THR D 179 -41.14 44.03 51.15
N LEU D 180 -42.40 44.43 51.30
CA LEU D 180 -43.19 44.14 52.50
C LEU D 180 -44.66 44.06 52.11
N SER D 181 -45.43 43.36 52.95
CA SER D 181 -46.87 43.33 52.80
C SER D 181 -47.48 44.53 53.51
N LYS D 182 -48.77 44.76 53.26
CA LYS D 182 -49.48 45.85 53.92
C LYS D 182 -49.52 45.64 55.43
N ALA D 183 -49.77 44.40 55.86
CA ALA D 183 -49.76 44.11 57.28
C ALA D 183 -48.38 44.37 57.89
N ASP D 184 -47.32 43.92 57.22
CA ASP D 184 -45.97 44.23 57.66
C ASP D 184 -45.68 45.72 57.55
N TYR D 185 -46.16 46.35 56.47
CA TYR D 185 -45.94 47.77 56.29
C TYR D 185 -46.68 48.60 57.35
N GLU D 186 -47.74 48.04 57.94
CA GLU D 186 -48.49 48.74 58.97
C GLU D 186 -47.85 48.63 60.36
N LYS D 187 -46.84 47.77 60.53
CA LYS D 187 -46.24 47.57 61.84
C LYS D 187 -45.43 48.78 62.32
N HIS D 188 -45.09 49.71 61.44
CA HIS D 188 -44.18 50.80 61.75
C HIS D 188 -44.70 52.10 61.15
N LYS D 189 -44.27 53.21 61.72
CA LYS D 189 -44.71 54.55 61.32
C LYS D 189 -43.70 55.29 60.47
N VAL D 190 -42.40 55.07 60.68
CA VAL D 190 -41.34 55.76 59.96
C VAL D 190 -40.43 54.72 59.32
N TYR D 191 -40.12 54.94 58.04
CA TYR D 191 -39.29 54.03 57.25
C TYR D 191 -38.13 54.83 56.69
N ALA D 192 -36.92 54.29 56.83
CA ALA D 192 -35.70 55.02 56.53
C ALA D 192 -34.74 54.13 55.74
N CYS D 193 -33.87 54.78 54.96
CA CYS D 193 -32.82 54.13 54.22
C CYS D 193 -31.50 54.82 54.55
N GLU D 194 -30.62 54.10 55.23
CA GLU D 194 -29.33 54.65 55.64
C GLU D 194 -28.33 54.46 54.52
N VAL D 195 -27.96 55.56 53.85
CA VAL D 195 -27.10 55.54 52.68
C VAL D 195 -25.71 56.00 53.10
N THR D 196 -24.70 55.19 52.78
CA THR D 196 -23.32 55.45 53.16
C THR D 196 -22.44 55.33 51.93
N HIS D 197 -21.48 56.25 51.78
CA HIS D 197 -20.54 56.23 50.68
C HIS D 197 -19.37 57.14 51.05
N GLN D 198 -18.18 56.80 50.54
CA GLN D 198 -17.01 57.62 50.81
C GLN D 198 -17.19 59.04 50.31
N GLY D 199 -17.97 59.23 49.24
CA GLY D 199 -18.34 60.55 48.80
C GLY D 199 -19.27 61.29 49.73
N LEU D 200 -19.91 60.59 50.65
CA LEU D 200 -20.73 61.20 51.71
C LEU D 200 -19.88 61.36 52.96
N SER D 201 -20.08 62.48 53.65
CA SER D 201 -19.40 62.72 54.92
C SER D 201 -20.07 62.01 56.09
N SER D 202 -21.27 61.46 55.91
CA SER D 202 -21.99 60.81 56.99
C SER D 202 -22.98 59.83 56.37
N PRO D 203 -23.50 58.87 57.16
CA PRO D 203 -24.57 58.01 56.63
C PRO D 203 -25.90 58.76 56.48
N VAL D 204 -26.05 59.47 55.36
CA VAL D 204 -27.27 60.20 55.07
C VAL D 204 -28.45 59.24 55.06
N THR D 205 -29.45 59.52 55.89
CA THR D 205 -30.57 58.62 56.15
C THR D 205 -31.87 59.33 55.77
N LYS D 206 -32.26 59.20 54.51
CA LYS D 206 -33.57 59.69 54.09
C LYS D 206 -34.67 58.80 54.66
N SER D 207 -35.77 59.41 55.06
CA SER D 207 -36.87 58.67 55.67
C SER D 207 -38.16 59.45 55.47
N PHE D 208 -39.28 58.76 55.71
CA PHE D 208 -40.60 59.36 55.62
C PHE D 208 -41.49 58.78 56.71
N ASN D 209 -42.49 59.56 57.11
CA ASN D 209 -43.55 59.09 58.00
C ASN D 209 -44.69 58.56 57.16
N ARG D 210 -45.29 57.45 57.59
CA ARG D 210 -46.38 56.85 56.83
C ARG D 210 -47.55 57.81 56.73
N GLY D 211 -48.13 57.92 55.54
CA GLY D 211 -49.25 58.79 55.29
C GLY D 211 -48.83 60.20 54.92
N GLU E 1 60.47 -18.18 14.37
CA GLU E 1 60.92 -17.00 15.16
C GLU E 1 60.58 -15.70 14.45
N ASN E 2 60.22 -14.68 15.23
CA ASN E 2 59.90 -13.36 14.70
C ASN E 2 58.76 -13.43 13.68
N LEU E 3 57.81 -14.32 13.93
CA LEU E 3 56.57 -14.39 13.17
C LEU E 3 55.49 -13.70 13.97
N TRP E 4 54.87 -12.69 13.37
CA TRP E 4 53.94 -11.80 14.06
C TRP E 4 52.61 -11.79 13.33
N VAL E 5 51.56 -11.43 14.07
CA VAL E 5 50.24 -11.33 13.49
C VAL E 5 50.24 -10.23 12.42
N THR E 6 49.68 -10.55 11.26
CA THR E 6 49.39 -9.56 10.23
C THR E 6 48.00 -9.81 9.69
N VAL E 7 47.42 -8.77 9.10
CA VAL E 7 46.06 -8.82 8.59
C VAL E 7 46.06 -8.30 7.16
N TYR E 8 45.19 -8.87 6.34
CA TYR E 8 45.09 -8.56 4.92
C TYR E 8 43.66 -8.18 4.61
N TYR E 9 43.49 -7.26 3.66
CA TYR E 9 42.18 -6.81 3.22
C TYR E 9 42.06 -6.98 1.71
N GLY E 10 40.84 -7.23 1.25
CA GLY E 10 40.63 -7.59 -0.14
C GLY E 10 41.03 -9.00 -0.48
N VAL E 11 41.09 -9.88 0.51
CA VAL E 11 41.55 -11.26 0.29
C VAL E 11 40.53 -11.99 -0.60
N PRO E 12 40.96 -12.85 -1.54
CA PRO E 12 39.97 -13.68 -2.26
C PRO E 12 39.54 -14.91 -1.49
N VAL E 13 38.57 -14.75 -0.58
CA VAL E 13 37.96 -15.87 0.12
C VAL E 13 36.51 -15.51 0.37
N TRP E 14 35.66 -16.54 0.46
CA TRP E 14 34.22 -16.34 0.52
C TRP E 14 33.58 -17.46 1.33
N LYS E 15 32.31 -17.24 1.68
CA LYS E 15 31.47 -18.25 2.32
C LYS E 15 30.07 -18.17 1.74
N GLU E 16 29.41 -19.31 1.63
CA GLU E 16 28.09 -19.36 1.04
C GLU E 16 27.06 -18.69 1.94
N ALA E 17 26.05 -18.10 1.31
CA ALA E 17 24.98 -17.42 2.03
C ALA E 17 23.83 -17.16 1.07
N LYS E 18 22.79 -16.52 1.57
CA LYS E 18 21.61 -16.14 0.79
C LYS E 18 21.35 -14.65 0.98
N THR E 19 20.92 -14.00 -0.09
CA THR E 19 20.73 -12.56 -0.06
C THR E 19 19.77 -12.15 -1.18
N THR E 20 19.36 -10.89 -1.14
CA THR E 20 18.49 -10.34 -2.17
C THR E 20 19.27 -10.20 -3.47
N LEU E 21 18.56 -10.32 -4.60
CA LEU E 21 19.13 -10.18 -5.93
C LEU E 21 18.33 -9.17 -6.73
N PHE E 22 18.97 -8.58 -7.73
CA PHE E 22 18.42 -7.47 -8.49
C PHE E 22 17.86 -7.92 -9.83
N CYS E 23 16.68 -7.39 -10.17
CA CYS E 23 16.15 -7.55 -11.52
C CYS E 23 16.94 -6.69 -12.48
N ALA E 24 17.24 -7.23 -13.66
CA ALA E 24 17.95 -6.49 -14.69
C ALA E 24 17.52 -7.01 -16.06
N SER E 25 17.53 -6.12 -17.04
CA SER E 25 17.09 -6.45 -18.39
C SER E 25 17.48 -5.32 -19.33
N ASP E 26 17.11 -5.50 -20.60
CA ASP E 26 17.32 -4.50 -21.62
C ASP E 26 16.24 -3.42 -21.50
N ALA E 27 16.12 -2.58 -22.52
CA ALA E 27 15.09 -1.56 -22.55
C ALA E 27 13.70 -2.17 -22.36
N LYS E 28 12.92 -1.57 -21.47
CA LYS E 28 11.66 -2.17 -21.05
C LYS E 28 10.63 -2.13 -22.17
N ALA E 29 9.97 -3.26 -22.40
CA ALA E 29 8.89 -3.35 -23.38
C ALA E 29 7.55 -3.11 -22.70
N TYR E 30 6.49 -3.16 -23.51
CA TYR E 30 5.08 -2.93 -23.09
C TYR E 30 4.93 -1.72 -22.18
N GLU E 31 5.73 -0.69 -22.43
CA GLU E 31 5.70 0.57 -21.66
C GLU E 31 5.85 0.31 -20.16
N THR E 40 7.80 -11.50 -18.14
CA THR E 40 7.36 -10.80 -16.94
C THR E 40 8.52 -9.97 -16.39
N HIS E 41 8.34 -8.65 -16.33
CA HIS E 41 9.43 -7.76 -15.98
C HIS E 41 8.89 -6.42 -15.47
N ALA E 42 9.37 -5.99 -14.31
CA ALA E 42 9.13 -4.63 -13.85
C ALA E 42 10.34 -4.20 -13.03
N CYS E 43 11.32 -3.58 -13.69
CA CYS E 43 12.48 -3.02 -13.03
C CYS E 43 13.18 -2.10 -14.02
N VAL E 44 13.41 -0.87 -13.60
CA VAL E 44 13.89 0.18 -14.50
C VAL E 44 14.63 1.23 -13.68
N PRO E 45 15.70 1.87 -14.20
CA PRO E 45 16.47 1.66 -15.44
C PRO E 45 17.78 0.92 -15.19
N THR E 46 18.23 0.12 -16.15
CA THR E 46 19.47 -0.61 -16.01
C THR E 46 19.98 -1.02 -17.39
N ASP E 47 21.28 -1.33 -17.45
CA ASP E 47 21.95 -1.72 -18.68
C ASP E 47 23.08 -2.68 -18.33
N PRO E 48 22.81 -4.00 -18.18
CA PRO E 48 23.86 -4.92 -17.74
C PRO E 48 24.72 -5.43 -18.89
N ASN E 49 26.00 -5.69 -18.59
CA ASN E 49 26.94 -6.29 -19.53
C ASN E 49 27.91 -7.13 -18.71
N PRO E 50 27.62 -8.43 -18.49
CA PRO E 50 28.48 -9.21 -17.60
C PRO E 50 29.72 -9.76 -18.31
N GLN E 51 30.80 -9.94 -17.54
CA GLN E 51 32.05 -10.53 -18.03
C GLN E 51 32.39 -11.71 -17.13
N GLU E 52 32.85 -12.80 -17.75
CA GLU E 52 33.07 -14.07 -17.06
C GLU E 52 34.57 -14.36 -17.07
N MET E 53 35.10 -14.67 -15.87
CA MET E 53 36.49 -15.06 -15.72
C MET E 53 36.57 -16.46 -15.11
N VAL E 54 37.40 -17.31 -15.70
CA VAL E 54 37.57 -18.67 -15.18
C VAL E 54 38.49 -18.62 -13.97
N LEU E 55 37.96 -19.02 -12.82
CA LEU E 55 38.76 -19.09 -11.60
C LEU E 55 39.64 -20.33 -11.68
N LYS E 56 40.86 -20.12 -12.15
CA LYS E 56 41.80 -21.21 -12.38
C LYS E 56 42.11 -21.94 -11.08
N ASN E 57 42.11 -23.27 -11.16
CA ASN E 57 42.52 -24.13 -10.04
C ASN E 57 41.57 -23.99 -8.85
N VAL E 58 40.33 -23.58 -9.10
CA VAL E 58 39.34 -23.42 -8.04
C VAL E 58 38.35 -24.58 -8.11
N THR E 59 38.26 -25.35 -7.03
CA THR E 59 37.30 -26.44 -6.89
C THR E 59 36.22 -25.99 -5.91
N GLU E 60 34.97 -26.01 -6.36
CA GLU E 60 33.85 -25.49 -5.59
C GLU E 60 32.69 -26.47 -5.62
N ASN E 61 31.95 -26.53 -4.52
CA ASN E 61 30.79 -27.39 -4.41
C ASN E 61 29.54 -26.70 -4.95
N PHE E 62 28.59 -27.50 -5.42
CA PHE E 62 27.35 -26.99 -5.98
C PHE E 62 26.18 -27.88 -5.56
N ASN E 63 24.98 -27.33 -5.68
CA ASN E 63 23.75 -28.08 -5.43
C ASN E 63 22.60 -27.30 -6.03
N MET E 64 21.81 -27.96 -6.87
CA MET E 64 20.66 -27.31 -7.51
C MET E 64 19.40 -27.40 -6.68
N TRP E 65 19.25 -28.45 -5.87
CA TRP E 65 18.01 -28.66 -5.12
C TRP E 65 17.93 -27.78 -3.87
N LYS E 66 19.08 -27.29 -3.37
CA LYS E 66 19.12 -26.61 -2.08
C LYS E 66 19.26 -25.09 -2.18
N ASN E 67 19.70 -24.56 -3.31
CA ASN E 67 20.00 -23.14 -3.39
C ASN E 67 18.73 -22.31 -3.27
N ASP E 68 18.89 -21.08 -2.76
CA ASP E 68 17.74 -20.26 -2.41
C ASP E 68 17.23 -19.40 -3.56
N MET E 69 18.06 -19.12 -4.56
CA MET E 69 17.66 -18.15 -5.57
C MET E 69 16.47 -18.62 -6.39
N VAL E 70 16.20 -19.93 -6.44
CA VAL E 70 15.00 -20.43 -7.10
C VAL E 70 13.76 -19.90 -6.38
N ASP E 71 13.77 -19.93 -5.05
CA ASP E 71 12.64 -19.40 -4.29
C ASP E 71 12.47 -17.91 -4.54
N GLN E 72 13.57 -17.18 -4.65
CA GLN E 72 13.49 -15.76 -4.96
C GLN E 72 12.86 -15.53 -6.33
N MET E 73 13.25 -16.34 -7.32
CA MET E 73 12.64 -16.24 -8.64
C MET E 73 11.14 -16.50 -8.55
N HIS E 74 10.75 -17.52 -7.79
CA HIS E 74 9.34 -17.89 -7.65
C HIS E 74 8.55 -16.74 -7.04
N GLU E 75 9.04 -16.19 -5.94
CA GLU E 75 8.35 -15.09 -5.28
C GLU E 75 8.28 -13.87 -6.17
N ASP E 76 9.37 -13.56 -6.89
CA ASP E 76 9.37 -12.39 -7.76
C ASP E 76 8.35 -12.54 -8.88
N VAL E 77 8.27 -13.72 -9.48
CA VAL E 77 7.31 -13.94 -10.55
C VAL E 77 5.88 -13.79 -10.02
N ILE E 78 5.60 -14.38 -8.87
CA ILE E 78 4.24 -14.31 -8.31
C ILE E 78 3.89 -12.86 -7.98
N SER E 79 4.82 -12.13 -7.37
CA SER E 79 4.55 -10.74 -7.02
C SER E 79 4.35 -9.87 -8.26
N LEU E 80 5.14 -10.12 -9.31
CA LEU E 80 4.96 -9.37 -10.55
C LEU E 80 3.59 -9.64 -11.16
N TRP E 81 3.15 -10.89 -11.16
CA TRP E 81 1.82 -11.20 -11.68
C TRP E 81 0.73 -10.52 -10.84
N ASP E 82 0.91 -10.50 -9.51
CA ASP E 82 -0.06 -9.83 -8.65
C ASP E 82 -0.13 -8.34 -8.97
N GLN E 83 1.02 -7.69 -9.12
CA GLN E 83 1.03 -6.27 -9.44
C GLN E 83 0.43 -6.01 -10.81
N SER E 84 0.61 -6.93 -11.76
CA SER E 84 -0.01 -6.77 -13.07
C SER E 84 -1.53 -6.87 -12.97
N LEU E 85 -2.03 -7.80 -12.16
CA LEU E 85 -3.48 -7.98 -12.06
C LEU E 85 -4.12 -6.97 -11.11
N LYS E 86 -3.33 -6.21 -10.37
CA LYS E 86 -3.88 -5.29 -9.36
C LYS E 86 -4.83 -4.24 -9.93
N PRO E 87 -4.49 -3.49 -10.99
CA PRO E 87 -5.42 -2.46 -11.46
C PRO E 87 -6.56 -2.97 -12.33
N CYS E 88 -6.49 -4.19 -12.83
CA CYS E 88 -7.46 -4.65 -13.82
C CYS E 88 -8.83 -4.87 -13.20
N VAL E 89 -9.84 -4.94 -14.07
CA VAL E 89 -11.24 -5.02 -13.62
C VAL E 89 -11.48 -6.36 -12.94
N LYS E 90 -12.37 -6.36 -11.94
CA LYS E 90 -12.89 -7.59 -11.36
C LYS E 90 -14.18 -7.98 -12.04
N LEU E 91 -14.36 -9.28 -12.27
CA LEU E 91 -15.54 -9.80 -12.95
C LEU E 91 -16.61 -10.31 -11.97
N THR E 92 -16.73 -9.68 -10.82
CA THR E 92 -17.72 -10.10 -9.82
C THR E 92 -19.16 -10.05 -10.32
N PRO E 93 -19.64 -9.01 -11.00
CA PRO E 93 -21.08 -8.97 -11.37
C PRO E 93 -21.52 -10.08 -12.30
N LEU E 94 -20.59 -10.76 -12.97
CA LEU E 94 -20.93 -11.83 -13.92
C LEU E 94 -21.41 -13.10 -13.25
N CYS E 95 -21.40 -13.17 -11.91
CA CYS E 95 -21.66 -14.42 -11.21
C CYS E 95 -23.11 -14.88 -11.30
N VAL E 96 -24.02 -14.07 -11.83
CA VAL E 96 -25.44 -14.41 -11.79
C VAL E 96 -25.71 -15.67 -12.59
N THR E 97 -26.88 -16.26 -12.33
CA THR E 97 -27.28 -17.52 -12.96
C THR E 97 -27.37 -17.36 -14.48
N LEU E 98 -26.59 -18.15 -15.20
CA LEU E 98 -26.64 -18.17 -16.65
C LEU E 98 -27.67 -19.18 -17.13
N ASN E 99 -28.46 -18.78 -18.12
CA ASN E 99 -29.40 -19.66 -18.80
C ASN E 99 -28.86 -19.95 -20.19
N CYS E 100 -28.53 -21.22 -20.44
CA CYS E 100 -27.77 -21.58 -21.62
C CYS E 100 -28.39 -22.80 -22.29
N THR E 101 -28.51 -22.76 -23.62
CA THR E 101 -28.85 -23.94 -24.40
C THR E 101 -27.83 -24.13 -25.53
N ASN E 102 -27.41 -23.03 -26.15
CA ASN E 102 -26.29 -23.02 -27.08
C ASN E 102 -26.49 -23.97 -28.26
N ALA E 103 -27.45 -23.66 -29.13
CA ALA E 103 -27.70 -24.45 -30.34
C ALA E 103 -27.46 -23.65 -31.62
N THR E 104 -26.66 -22.60 -31.59
CA THR E 104 -26.51 -21.73 -32.75
C THR E 104 -25.51 -22.27 -33.78
N ALA E 105 -24.25 -22.42 -33.40
CA ALA E 105 -23.21 -22.75 -34.36
C ALA E 105 -23.37 -24.17 -34.87
N SER E 106 -22.51 -24.52 -35.84
CA SER E 106 -22.52 -25.88 -36.37
C SER E 106 -22.17 -26.91 -35.30
N ASN E 107 -21.16 -26.61 -34.47
CA ASN E 107 -20.74 -27.48 -33.38
C ASN E 107 -21.13 -26.82 -32.07
N SER E 108 -22.20 -27.33 -31.44
CA SER E 108 -22.63 -26.82 -30.15
C SER E 108 -21.92 -27.52 -29.01
N SER E 109 -21.54 -28.79 -29.20
CA SER E 109 -20.94 -29.57 -28.13
C SER E 109 -19.54 -29.10 -27.79
N ILE E 110 -18.81 -28.54 -28.77
CA ILE E 110 -17.41 -28.17 -28.54
C ILE E 110 -17.29 -27.06 -27.50
N ILE E 111 -18.15 -26.05 -27.57
CA ILE E 111 -18.00 -24.84 -26.76
C ILE E 111 -19.13 -24.79 -25.74
N GLU E 112 -20.36 -25.11 -26.18
CA GLU E 112 -21.52 -25.22 -25.29
C GLU E 112 -21.83 -23.89 -24.58
N GLY E 113 -21.31 -22.78 -25.10
CA GLY E 113 -21.74 -21.46 -24.67
C GLY E 113 -21.95 -20.57 -25.88
N CYS E 117 -24.14 -18.68 -23.70
CA CYS E 117 -24.95 -18.35 -22.53
C CYS E 117 -25.52 -16.94 -22.60
N SER E 118 -26.63 -16.74 -21.89
CA SER E 118 -27.28 -15.45 -21.76
C SER E 118 -27.51 -15.15 -20.29
N PHE E 119 -27.29 -13.90 -19.90
CA PHE E 119 -27.32 -13.52 -18.49
C PHE E 119 -27.69 -12.05 -18.38
N ASN E 120 -28.04 -11.64 -17.17
CA ASN E 120 -28.39 -10.27 -16.86
C ASN E 120 -27.19 -9.56 -16.24
N ILE E 121 -27.10 -8.26 -16.48
CA ILE E 121 -26.03 -7.43 -15.94
C ILE E 121 -26.58 -6.04 -15.65
N THR E 122 -26.09 -5.42 -14.58
CA THR E 122 -26.46 -4.04 -14.28
C THR E 122 -25.69 -3.11 -15.19
N THR E 123 -26.41 -2.29 -15.95
CA THR E 123 -25.80 -1.43 -16.96
C THR E 123 -25.23 -0.19 -16.27
N GLU E 124 -24.87 0.83 -17.06
CA GLU E 124 -24.26 2.03 -16.51
C GLU E 124 -25.14 2.73 -15.49
N LEU E 125 -26.45 2.69 -15.67
CA LEU E 125 -27.41 3.18 -14.69
C LEU E 125 -27.73 2.04 -13.73
N ARG E 126 -27.49 2.26 -12.44
CA ARG E 126 -27.57 1.17 -11.46
C ARG E 126 -28.99 0.66 -11.25
N ASP E 127 -30.01 1.40 -11.70
CA ASP E 127 -31.39 0.95 -11.58
C ASP E 127 -31.87 0.12 -12.76
N LYS E 128 -31.05 -0.04 -13.80
CA LYS E 128 -31.44 -0.73 -15.02
C LYS E 128 -30.56 -1.95 -15.23
N ARG E 129 -31.19 -3.09 -15.54
CA ARG E 129 -30.50 -4.33 -15.85
C ARG E 129 -30.79 -4.71 -17.30
N GLU E 130 -29.76 -5.18 -17.99
CA GLU E 130 -29.82 -5.48 -19.42
C GLU E 130 -29.41 -6.93 -19.65
N LYS E 131 -30.15 -7.61 -20.53
CA LYS E 131 -29.78 -8.96 -20.93
C LYS E 131 -28.62 -8.91 -21.93
N LYS E 132 -27.70 -9.85 -21.78
CA LYS E 132 -26.57 -10.01 -22.68
C LYS E 132 -26.42 -11.48 -23.03
N ASN E 133 -25.42 -11.77 -23.87
CA ASN E 133 -25.04 -13.15 -24.12
C ASN E 133 -23.66 -13.18 -24.74
N ALA E 134 -22.95 -14.28 -24.49
CA ALA E 134 -21.56 -14.41 -24.89
C ALA E 134 -21.24 -15.90 -25.07
N LEU E 135 -20.03 -16.17 -25.55
CA LEU E 135 -19.56 -17.52 -25.79
C LEU E 135 -18.53 -17.92 -24.74
N PHE E 136 -18.70 -19.11 -24.17
CA PHE E 136 -17.78 -19.67 -23.19
C PHE E 136 -17.53 -21.13 -23.49
N TYR E 137 -16.31 -21.58 -23.27
CA TYR E 137 -16.02 -23.00 -23.27
C TYR E 137 -16.56 -23.63 -21.99
N LYS E 138 -17.15 -24.81 -22.11
CA LYS E 138 -17.75 -25.39 -20.90
C LYS E 138 -16.71 -25.92 -19.92
N LEU E 139 -15.41 -25.85 -20.22
CA LEU E 139 -14.42 -26.01 -19.16
C LEU E 139 -14.47 -24.83 -18.19
N ASP E 140 -14.92 -23.67 -18.64
CA ASP E 140 -15.06 -22.49 -17.80
C ASP E 140 -16.41 -22.43 -17.07
N ILE E 141 -17.31 -23.38 -17.33
CA ILE E 141 -18.67 -23.34 -16.81
C ILE E 141 -19.00 -24.70 -16.20
N VAL E 142 -19.71 -24.66 -15.08
CA VAL E 142 -20.15 -25.85 -14.36
C VAL E 142 -21.66 -25.79 -14.21
N GLN E 143 -22.30 -26.94 -14.44
CA GLN E 143 -23.76 -27.01 -14.37
C GLN E 143 -24.24 -26.80 -12.94
N LEU E 144 -25.31 -26.05 -12.80
CA LEU E 144 -25.99 -25.91 -11.52
C LEU E 144 -26.93 -27.08 -11.28
N ASP E 145 -27.18 -27.37 -10.02
CA ASP E 145 -28.03 -28.50 -9.67
C ASP E 145 -29.46 -28.28 -10.14
N GLY E 146 -30.16 -29.39 -10.40
CA GLY E 146 -31.54 -29.32 -10.85
C GLY E 146 -31.62 -29.37 -12.36
N ASN E 147 -32.37 -28.44 -12.94
CA ASN E 147 -32.48 -28.36 -14.39
C ASN E 147 -31.12 -28.08 -15.00
N SER E 148 -30.73 -28.88 -16.00
CA SER E 148 -29.40 -28.78 -16.58
C SER E 148 -29.20 -27.54 -17.43
N SER E 149 -30.26 -26.80 -17.76
CA SER E 149 -30.11 -25.58 -18.53
C SER E 149 -29.42 -24.47 -17.75
N GLN E 150 -29.51 -24.49 -16.42
CA GLN E 150 -28.85 -23.50 -15.58
C GLN E 150 -27.36 -23.76 -15.57
N TYR E 151 -26.56 -22.70 -15.43
CA TYR E 151 -25.12 -22.80 -15.45
C TYR E 151 -24.52 -21.67 -14.63
N ARG E 152 -23.22 -21.77 -14.36
CA ARG E 152 -22.51 -20.84 -13.50
C ARG E 152 -21.04 -20.86 -13.84
N LEU E 153 -20.36 -19.73 -13.59
CA LEU E 153 -18.91 -19.69 -13.75
C LEU E 153 -18.26 -20.67 -12.77
N ILE E 154 -17.14 -21.25 -13.19
CA ILE E 154 -16.56 -22.37 -12.45
C ILE E 154 -16.02 -21.92 -11.10
N ASN E 155 -15.27 -20.81 -11.07
CA ASN E 155 -14.54 -20.41 -9.88
C ASN E 155 -15.27 -19.37 -9.03
N CYS E 156 -16.48 -18.97 -9.40
CA CYS E 156 -17.12 -17.88 -8.66
C CYS E 156 -17.50 -18.26 -7.25
N ASN E 157 -17.84 -19.52 -6.98
CA ASN E 157 -18.18 -19.94 -5.63
C ASN E 157 -16.95 -20.15 -4.76
N THR E 158 -15.74 -20.14 -5.36
CA THR E 158 -14.50 -20.26 -4.60
C THR E 158 -13.66 -18.99 -4.57
N SER E 159 -13.78 -18.08 -5.53
CA SER E 159 -12.92 -16.90 -5.55
C SER E 159 -13.47 -15.87 -6.51
N VAL E 160 -12.87 -14.68 -6.45
CA VAL E 160 -13.19 -13.60 -7.37
C VAL E 160 -12.27 -13.69 -8.58
N ILE E 161 -12.80 -13.36 -9.75
CA ILE E 161 -12.09 -13.51 -11.02
C ILE E 161 -11.72 -12.12 -11.52
N THR E 162 -10.43 -11.94 -11.85
CA THR E 162 -9.92 -10.70 -12.39
C THR E 162 -9.55 -10.89 -13.85
N GLN E 163 -10.12 -10.06 -14.72
CA GLN E 163 -9.75 -10.08 -16.13
C GLN E 163 -8.34 -9.53 -16.30
N ALA E 164 -7.56 -10.18 -17.17
CA ALA E 164 -6.24 -9.68 -17.48
C ALA E 164 -6.35 -8.43 -18.34
N CYS E 165 -5.55 -7.42 -18.03
CA CYS E 165 -5.57 -6.19 -18.80
C CYS E 165 -5.06 -6.46 -20.22
N PRO E 166 -5.83 -6.15 -21.28
CA PRO E 166 -5.41 -6.58 -22.61
C PRO E 166 -4.14 -5.91 -23.09
N LYS E 167 -3.95 -4.62 -22.79
CA LYS E 167 -2.75 -3.93 -23.24
C LYS E 167 -1.50 -4.46 -22.55
N VAL E 168 -1.62 -4.86 -21.29
CA VAL E 168 -0.49 -5.39 -20.54
C VAL E 168 -0.37 -6.88 -20.86
N SER E 169 0.36 -7.21 -21.93
CA SER E 169 0.53 -8.58 -22.39
C SER E 169 1.93 -9.05 -21.98
N PHE E 170 2.02 -9.55 -20.75
CA PHE E 170 3.28 -10.11 -20.28
C PHE E 170 3.60 -11.39 -21.04
N ASP E 171 4.89 -11.73 -21.06
CA ASP E 171 5.41 -12.76 -21.93
C ASP E 171 6.76 -13.19 -21.39
N PRO E 172 7.38 -14.23 -21.95
CA PRO E 172 8.74 -14.58 -21.51
C PRO E 172 9.79 -13.57 -21.97
N ILE E 173 9.81 -12.40 -21.35
CA ILE E 173 10.93 -11.47 -21.52
C ILE E 173 12.13 -11.99 -20.73
N PRO E 174 13.33 -12.09 -21.30
CA PRO E 174 14.47 -12.60 -20.51
C PRO E 174 14.81 -11.66 -19.36
N ILE E 175 15.27 -12.24 -18.26
CA ILE E 175 15.58 -11.52 -17.03
C ILE E 175 17.00 -11.89 -16.61
N HIS E 176 17.80 -10.88 -16.27
CA HIS E 176 19.13 -11.07 -15.71
C HIS E 176 19.09 -10.78 -14.22
N TYR E 177 19.51 -11.75 -13.41
CA TYR E 177 19.53 -11.61 -11.96
C TYR E 177 20.93 -11.23 -11.51
N CYS E 178 21.07 -10.00 -11.01
CA CYS E 178 22.35 -9.41 -10.67
C CYS E 178 22.55 -9.42 -9.17
N ALA E 179 23.74 -9.86 -8.73
CA ALA E 179 24.04 -9.89 -7.32
C ALA E 179 24.24 -8.47 -6.79
N PRO E 180 24.09 -8.27 -5.47
CA PRO E 180 24.42 -6.96 -4.90
C PRO E 180 25.90 -6.88 -4.57
N ALA E 181 26.32 -5.66 -4.22
CA ALA E 181 27.71 -5.45 -3.82
C ALA E 181 28.04 -6.29 -2.60
N GLY E 182 29.23 -6.89 -2.62
CA GLY E 182 29.65 -7.78 -1.56
C GLY E 182 29.31 -9.24 -1.75
N TYR E 183 28.55 -9.58 -2.78
CA TYR E 183 28.22 -10.96 -3.12
C TYR E 183 28.54 -11.22 -4.58
N ALA E 184 28.96 -12.45 -4.88
CA ALA E 184 29.36 -12.86 -6.21
C ALA E 184 28.57 -14.08 -6.63
N ILE E 185 27.96 -14.02 -7.81
CA ILE E 185 27.23 -15.15 -8.39
C ILE E 185 28.25 -16.07 -9.05
N LEU E 186 28.49 -17.23 -8.46
CA LEU E 186 29.38 -18.21 -9.06
C LEU E 186 28.66 -18.94 -10.19
N LYS E 187 29.43 -19.71 -10.94
CA LYS E 187 28.92 -20.43 -12.10
C LYS E 187 29.81 -21.62 -12.38
N CYS E 188 29.24 -22.63 -13.01
CA CYS E 188 29.95 -23.84 -13.38
C CYS E 188 29.61 -24.19 -14.82
N ASN E 189 30.61 -24.65 -15.58
CA ASN E 189 30.41 -25.09 -16.96
C ASN E 189 31.10 -26.43 -17.21
N ASN E 190 31.21 -27.27 -16.18
CA ASN E 190 31.59 -28.66 -16.40
C ASN E 190 30.57 -29.30 -17.34
N LYS E 191 31.06 -29.96 -18.37
CA LYS E 191 30.19 -30.41 -19.45
C LYS E 191 29.25 -31.53 -19.02
N THR E 192 29.54 -32.23 -17.92
CA THR E 192 28.71 -33.32 -17.44
C THR E 192 28.33 -33.15 -15.97
N PHE E 193 27.99 -31.93 -15.56
CA PHE E 193 27.57 -31.68 -14.18
C PHE E 193 26.10 -32.07 -14.03
N THR E 194 25.79 -32.88 -13.03
CA THR E 194 24.45 -33.44 -12.84
C THR E 194 23.66 -32.74 -11.74
N GLY E 195 24.08 -31.56 -11.29
CA GLY E 195 23.35 -30.82 -10.28
C GLY E 195 23.78 -31.07 -8.86
N THR E 196 24.91 -31.73 -8.65
CA THR E 196 25.45 -31.92 -7.30
C THR E 196 26.90 -32.36 -7.43
N GLY E 197 27.64 -32.20 -6.34
CA GLY E 197 29.04 -32.53 -6.32
C GLY E 197 29.91 -31.40 -6.80
N PRO E 198 31.22 -31.53 -6.65
CA PRO E 198 32.11 -30.42 -6.98
C PRO E 198 32.19 -30.15 -8.48
N CYS E 199 32.41 -28.87 -8.80
CA CYS E 199 32.79 -28.45 -10.15
C CYS E 199 34.26 -28.03 -10.14
N ASN E 200 35.07 -28.70 -10.96
CA ASN E 200 36.46 -28.33 -11.14
C ASN E 200 36.66 -27.27 -12.22
N ASN E 201 35.59 -26.56 -12.61
CA ASN E 201 35.63 -25.59 -13.70
C ASN E 201 34.59 -24.51 -13.36
N VAL E 202 35.07 -23.44 -12.72
CA VAL E 202 34.21 -22.46 -12.05
C VAL E 202 34.46 -21.08 -12.61
N SER E 203 33.46 -20.22 -12.49
CA SER E 203 33.55 -18.84 -12.95
C SER E 203 32.54 -17.98 -12.20
N THR E 204 32.63 -16.66 -12.40
CA THR E 204 31.79 -15.70 -11.71
C THR E 204 31.32 -14.62 -12.68
N VAL E 205 30.19 -13.99 -12.33
CA VAL E 205 29.59 -12.93 -13.14
C VAL E 205 28.76 -12.04 -12.24
N GLN E 206 28.53 -10.79 -12.70
CA GLN E 206 27.55 -9.94 -12.02
C GLN E 206 26.15 -10.49 -12.16
N CYS E 207 25.74 -10.82 -13.38
CA CYS E 207 24.35 -11.08 -13.70
C CYS E 207 24.25 -12.38 -14.46
N THR E 208 23.19 -13.13 -14.17
CA THR E 208 22.90 -14.34 -14.91
C THR E 208 22.59 -14.00 -16.36
N HIS E 209 22.48 -15.05 -17.18
CA HIS E 209 22.03 -14.88 -18.56
C HIS E 209 20.56 -14.49 -18.56
N GLY E 210 19.96 -14.32 -19.73
CA GLY E 210 18.57 -13.92 -19.78
C GLY E 210 17.64 -15.09 -19.57
N ILE E 211 17.13 -15.25 -18.36
CA ILE E 211 16.19 -16.33 -18.06
C ILE E 211 14.80 -15.92 -18.50
N LYS E 212 14.17 -16.74 -19.33
CA LYS E 212 12.81 -16.48 -19.78
C LYS E 212 11.83 -17.12 -18.81
N PRO E 213 10.95 -16.35 -18.14
CA PRO E 213 10.00 -17.00 -17.21
C PRO E 213 8.87 -17.70 -17.96
N VAL E 214 9.17 -18.90 -18.47
CA VAL E 214 8.19 -19.67 -19.21
C VAL E 214 7.34 -20.47 -18.25
N VAL E 215 6.09 -20.70 -18.63
CA VAL E 215 5.13 -21.47 -17.83
C VAL E 215 4.59 -22.59 -18.70
N SER E 216 4.88 -23.83 -18.31
CA SER E 216 4.40 -24.99 -19.05
C SER E 216 4.44 -26.20 -18.13
N THR E 217 3.77 -27.27 -18.55
CA THR E 217 3.70 -28.52 -17.80
C THR E 217 3.93 -29.71 -18.72
N GLN E 218 4.49 -30.76 -18.13
CA GLN E 218 4.89 -32.02 -18.77
C GLN E 218 6.14 -31.89 -19.63
N LEU E 219 6.61 -30.67 -19.87
CA LEU E 219 7.86 -30.40 -20.56
C LEU E 219 8.05 -28.90 -20.61
N LEU E 220 9.30 -28.47 -20.59
CA LEU E 220 9.64 -27.06 -20.59
C LEU E 220 10.28 -26.70 -21.93
N LEU E 221 9.78 -25.60 -22.51
CA LEU E 221 10.07 -25.20 -23.87
C LEU E 221 10.73 -23.82 -23.87
N ASN E 222 11.28 -23.45 -25.02
CA ASN E 222 12.05 -22.20 -25.17
C ASN E 222 13.21 -22.13 -24.16
N GLY E 223 13.75 -23.28 -23.79
CA GLY E 223 14.84 -23.34 -22.83
C GLY E 223 16.20 -23.35 -23.49
N SER E 224 17.22 -23.57 -22.66
CA SER E 224 18.58 -23.76 -23.14
C SER E 224 18.79 -25.24 -23.49
N LEU E 225 19.99 -25.54 -23.99
CA LEU E 225 20.36 -26.89 -24.37
C LEU E 225 21.72 -27.23 -23.79
N ALA E 226 21.87 -28.48 -23.38
CA ALA E 226 23.09 -28.93 -22.71
C ALA E 226 24.27 -28.97 -23.67
N GLU E 227 25.46 -29.19 -23.11
CA GLU E 227 26.67 -29.24 -23.92
C GLU E 227 26.85 -30.58 -24.59
N GLY E 228 26.95 -31.65 -23.80
CA GLY E 228 27.09 -33.00 -24.34
C GLY E 228 25.76 -33.56 -24.78
N GLU E 229 25.52 -34.83 -24.48
CA GLU E 229 24.24 -35.46 -24.81
C GLU E 229 23.20 -35.07 -23.76
N ILE E 230 22.03 -35.71 -23.82
CA ILE E 230 20.92 -35.35 -22.95
C ILE E 230 21.30 -35.64 -21.50
N ILE E 231 21.05 -34.66 -20.62
CA ILE E 231 21.40 -34.74 -19.20
C ILE E 231 20.14 -35.05 -18.40
N ILE E 232 20.26 -35.98 -17.45
CA ILE E 232 19.16 -36.42 -16.60
C ILE E 232 19.51 -35.99 -15.18
N ARG E 233 18.68 -35.12 -14.62
CA ARG E 233 18.90 -34.54 -13.29
C ARG E 233 17.84 -35.05 -12.33
N SER E 234 18.26 -35.44 -11.13
CA SER E 234 17.34 -35.93 -10.12
C SER E 234 17.95 -35.74 -8.74
N GLU E 235 17.07 -35.66 -7.75
CA GLU E 235 17.52 -35.71 -6.36
C GLU E 235 17.98 -37.13 -6.03
N ASN E 236 19.00 -37.21 -5.16
CA ASN E 236 19.67 -38.48 -4.86
C ASN E 236 19.71 -38.71 -3.36
N ILE E 237 18.78 -38.13 -2.62
CA ILE E 237 18.62 -38.49 -1.21
C ILE E 237 18.04 -39.90 -1.11
N THR E 238 17.05 -40.20 -1.95
CA THR E 238 16.43 -41.52 -1.97
C THR E 238 15.86 -41.77 -3.36
N LYS E 239 15.67 -43.05 -3.68
CA LYS E 239 15.08 -43.42 -4.96
C LYS E 239 13.64 -42.92 -5.11
N ASN E 240 12.95 -42.65 -4.00
CA ASN E 240 11.59 -42.13 -4.04
C ASN E 240 11.61 -40.63 -4.34
N VAL E 241 11.89 -40.31 -5.61
CA VAL E 241 12.05 -38.93 -6.05
C VAL E 241 10.69 -38.34 -6.39
N LYS E 242 10.60 -37.02 -6.30
CA LYS E 242 9.38 -36.31 -6.67
C LYS E 242 9.32 -36.06 -8.17
N THR E 243 10.39 -35.50 -8.73
CA THR E 243 10.44 -35.15 -10.15
C THR E 243 11.85 -35.37 -10.68
N ILE E 244 11.93 -35.93 -11.87
CA ILE E 244 13.19 -36.14 -12.58
C ILE E 244 13.20 -35.19 -13.77
N ILE E 245 14.21 -34.32 -13.82
CA ILE E 245 14.35 -33.34 -14.89
C ILE E 245 15.31 -33.90 -15.93
N VAL E 246 14.88 -33.86 -17.19
CA VAL E 246 15.69 -34.29 -18.33
C VAL E 246 15.87 -33.09 -19.25
N HIS E 247 17.13 -32.78 -19.57
CA HIS E 247 17.49 -31.59 -20.33
C HIS E 247 18.01 -32.01 -21.70
N LEU E 248 17.31 -31.61 -22.75
CA LEU E 248 17.70 -32.01 -24.10
C LEU E 248 18.93 -31.26 -24.58
N ASN E 249 19.77 -31.95 -25.35
CA ASN E 249 20.87 -31.34 -26.07
C ASN E 249 20.53 -31.04 -27.53
N GLU E 250 19.29 -31.25 -27.95
CA GLU E 250 18.92 -31.09 -29.35
C GLU E 250 17.43 -30.75 -29.37
N SER E 251 17.11 -29.51 -29.71
CA SER E 251 15.73 -29.04 -29.67
C SER E 251 14.87 -29.79 -30.68
N VAL E 252 13.65 -30.12 -30.26
CA VAL E 252 12.63 -30.72 -31.12
C VAL E 252 11.52 -29.69 -31.26
N LYS E 253 11.33 -29.18 -32.48
CA LYS E 253 10.41 -28.08 -32.69
C LYS E 253 8.97 -28.54 -32.56
N ILE E 254 8.15 -27.69 -31.94
CA ILE E 254 6.72 -27.91 -31.78
C ILE E 254 5.98 -26.72 -32.36
N GLU E 255 4.90 -26.99 -33.09
CA GLU E 255 4.08 -25.98 -33.73
C GLU E 255 2.64 -26.17 -33.29
N CYS E 256 1.93 -25.06 -33.08
CA CYS E 256 0.55 -25.09 -32.60
C CYS E 256 -0.23 -23.98 -33.28
N THR E 257 -1.55 -24.15 -33.36
CA THR E 257 -2.38 -23.19 -34.06
C THR E 257 -3.81 -23.25 -33.53
N ARG E 258 -4.55 -22.15 -33.75
CA ARG E 258 -5.96 -22.02 -33.39
C ARG E 258 -6.68 -21.46 -34.62
N PRO E 259 -7.09 -22.32 -35.56
CA PRO E 259 -7.48 -21.82 -36.90
C PRO E 259 -8.68 -20.87 -36.91
N ASN E 260 -9.63 -20.99 -35.99
CA ASN E 260 -10.85 -20.20 -36.08
C ASN E 260 -10.57 -18.72 -35.88
N ASN E 261 -11.46 -17.90 -36.45
CA ASN E 261 -11.39 -16.44 -36.32
C ASN E 261 -12.38 -16.00 -35.27
N LYS E 262 -11.89 -15.67 -34.08
CA LYS E 262 -12.75 -15.27 -32.97
C LYS E 262 -13.06 -13.79 -33.05
N THR E 263 -14.21 -13.40 -32.51
CA THR E 263 -14.72 -12.04 -32.56
C THR E 263 -14.87 -11.50 -31.14
N ARG E 264 -13.97 -10.62 -30.75
CA ARG E 264 -14.06 -9.98 -29.44
C ARG E 264 -15.27 -9.04 -29.40
N THR E 265 -15.85 -8.92 -28.20
CA THR E 265 -16.93 -7.98 -27.95
C THR E 265 -16.79 -7.43 -26.55
N SER E 266 -17.32 -6.23 -26.34
CA SER E 266 -17.17 -5.49 -25.09
C SER E 266 -18.52 -5.40 -24.38
N ILE E 267 -18.52 -5.64 -23.07
CA ILE E 267 -19.68 -5.47 -22.21
C ILE E 267 -19.32 -4.46 -21.13
N ARG E 268 -20.18 -3.46 -20.95
CA ARG E 268 -19.89 -2.40 -20.00
C ARG E 268 -20.03 -2.90 -18.58
N ILE E 269 -19.17 -2.40 -17.69
CA ILE E 269 -19.25 -2.68 -16.27
C ILE E 269 -19.00 -1.38 -15.52
N PRO E 271 -19.12 2.05 -14.18
CA PRO E 271 -17.99 2.88 -14.61
C PRO E 271 -17.31 2.40 -15.88
N GLY E 272 -16.12 2.92 -16.17
CA GLY E 272 -15.49 2.75 -17.46
C GLY E 272 -14.92 1.38 -17.75
N GLN E 273 -14.98 0.44 -16.82
CA GLN E 273 -14.40 -0.88 -17.07
C GLN E 273 -15.24 -1.64 -18.09
N TRP E 274 -14.56 -2.34 -18.98
CA TRP E 274 -15.20 -3.13 -20.04
C TRP E 274 -14.76 -4.58 -19.93
N PHE E 275 -15.72 -5.49 -20.02
CA PHE E 275 -15.48 -6.92 -19.98
C PHE E 275 -15.47 -7.46 -21.40
N TYR E 276 -14.37 -8.12 -21.78
CA TYR E 276 -14.13 -8.55 -23.15
C TYR E 276 -14.55 -10.01 -23.30
N ALA E 277 -15.74 -10.22 -23.86
CA ALA E 277 -16.25 -11.55 -24.13
C ALA E 277 -15.90 -12.00 -25.53
N THR E 278 -16.18 -13.27 -25.82
CA THR E 278 -16.07 -13.81 -27.17
C THR E 278 -17.42 -13.62 -27.87
N GLY E 279 -17.51 -12.61 -28.71
CA GLY E 279 -18.77 -12.29 -29.36
C GLY E 279 -19.25 -13.34 -30.33
N GLN E 280 -18.36 -13.86 -31.16
CA GLN E 280 -18.73 -14.81 -32.19
C GLN E 280 -17.47 -15.48 -32.73
N VAL E 281 -17.64 -16.70 -33.23
CA VAL E 281 -16.58 -17.47 -33.85
C VAL E 281 -16.83 -17.49 -35.36
N ILE E 282 -15.83 -17.05 -36.13
CA ILE E 282 -15.92 -16.96 -37.58
C ILE E 282 -15.04 -18.04 -38.18
N GLY E 283 -15.55 -18.65 -39.25
CA GLY E 283 -14.89 -19.79 -39.87
C GLY E 283 -15.41 -21.09 -39.34
N ASP E 284 -15.34 -22.16 -40.12
CA ASP E 284 -15.86 -23.44 -39.69
C ASP E 284 -15.04 -23.98 -38.53
N ILE E 285 -15.68 -24.78 -37.69
CA ILE E 285 -15.08 -25.18 -36.42
C ILE E 285 -14.02 -26.25 -36.68
N ARG E 286 -12.81 -25.99 -36.19
CA ARG E 286 -11.71 -26.95 -36.22
C ARG E 286 -11.01 -26.90 -34.87
N GLU E 287 -10.92 -28.04 -34.20
CA GLU E 287 -10.30 -28.09 -32.88
C GLU E 287 -8.81 -27.72 -32.99
N ALA E 288 -8.32 -27.02 -31.97
CA ALA E 288 -6.91 -26.65 -31.95
C ALA E 288 -6.05 -27.90 -31.89
N TYR E 289 -4.84 -27.80 -32.45
CA TYR E 289 -3.96 -28.95 -32.58
C TYR E 289 -2.52 -28.46 -32.65
N CYS E 290 -1.60 -29.42 -32.60
CA CYS E 290 -0.17 -29.13 -32.66
C CYS E 290 0.52 -30.22 -33.46
N ASN E 291 1.77 -29.98 -33.82
CA ASN E 291 2.55 -30.87 -34.67
C ASN E 291 3.93 -31.12 -34.08
N ILE E 292 4.43 -32.34 -34.26
CA ILE E 292 5.76 -32.75 -33.83
C ILE E 292 6.37 -33.61 -34.93
N ASN E 293 7.67 -33.41 -35.18
CA ASN E 293 8.38 -34.26 -36.12
C ASN E 293 8.50 -35.66 -35.55
N GLU E 294 7.90 -36.64 -36.23
CA GLU E 294 7.78 -37.98 -35.66
C GLU E 294 9.14 -38.65 -35.50
N SER E 295 10.00 -38.57 -36.52
CA SER E 295 11.30 -39.23 -36.45
C SER E 295 12.16 -38.61 -35.35
N LYS E 296 12.13 -37.28 -35.23
CA LYS E 296 12.90 -36.62 -34.18
C LYS E 296 12.42 -37.05 -32.80
N TRP E 297 11.11 -37.13 -32.60
CA TRP E 297 10.59 -37.55 -31.30
C TRP E 297 10.96 -38.99 -30.99
N ASN E 298 10.88 -39.86 -32.00
CA ASN E 298 11.29 -41.25 -31.82
C ASN E 298 12.75 -41.32 -31.39
N GLU E 299 13.63 -40.64 -32.11
CA GLU E 299 15.05 -40.71 -31.80
C GLU E 299 15.33 -40.10 -30.42
N THR E 300 14.64 -39.00 -30.09
CA THR E 300 14.87 -38.36 -28.79
C THR E 300 14.44 -39.26 -27.65
N LEU E 301 13.28 -39.92 -27.78
CA LEU E 301 12.86 -40.83 -26.73
C LEU E 301 13.78 -42.03 -26.63
N GLN E 302 14.27 -42.52 -27.77
CA GLN E 302 15.21 -43.64 -27.73
C GLN E 302 16.50 -43.25 -27.01
N ARG E 303 17.03 -42.06 -27.32
CA ARG E 303 18.24 -41.58 -26.65
C ARG E 303 17.99 -41.37 -25.17
N VAL E 304 16.83 -40.84 -24.82
CA VAL E 304 16.49 -40.61 -23.41
C VAL E 304 16.42 -41.93 -22.67
N SER E 305 15.81 -42.94 -23.28
CA SER E 305 15.74 -44.26 -22.65
C SER E 305 17.12 -44.85 -22.46
N LYS E 306 17.97 -44.73 -23.48
CA LYS E 306 19.32 -45.27 -23.38
C LYS E 306 20.12 -44.58 -22.28
N LYS E 307 19.98 -43.27 -22.17
CA LYS E 307 20.63 -42.55 -21.06
C LYS E 307 20.05 -42.96 -19.72
N LEU E 308 18.73 -43.11 -19.66
CA LEU E 308 18.06 -43.27 -18.37
C LEU E 308 18.30 -44.66 -17.79
N LYS E 309 18.39 -45.68 -18.64
CA LYS E 309 18.61 -47.02 -18.08
C LYS E 309 20.05 -47.24 -17.59
N GLU E 310 20.92 -46.21 -17.56
CA GLU E 310 22.16 -46.33 -16.82
C GLU E 310 21.91 -46.28 -15.32
N TYR E 311 21.06 -45.35 -14.87
CA TYR E 311 20.73 -45.25 -13.45
C TYR E 311 19.99 -46.49 -12.96
N PHE E 312 19.08 -47.03 -13.77
CA PHE E 312 18.27 -48.19 -13.44
C PHE E 312 18.70 -49.32 -14.37
N PRO E 313 19.69 -50.14 -13.99
CA PRO E 313 20.41 -50.92 -15.00
C PRO E 313 19.75 -52.24 -15.39
N HIS E 314 18.96 -52.84 -14.48
CA HIS E 314 18.43 -54.18 -14.68
C HIS E 314 16.91 -54.20 -14.73
N LYS E 315 16.30 -53.23 -15.43
CA LYS E 315 14.85 -53.16 -15.55
C LYS E 315 14.48 -52.56 -16.90
N ASN E 316 13.31 -52.95 -17.40
CA ASN E 316 12.74 -52.29 -18.57
C ASN E 316 12.30 -50.89 -18.22
N ILE E 317 12.33 -50.01 -19.22
CA ILE E 317 11.81 -48.64 -19.10
C ILE E 317 10.62 -48.53 -20.05
N THR E 318 9.50 -48.06 -19.51
CA THR E 318 8.28 -47.87 -20.26
C THR E 318 7.73 -46.47 -19.98
N PHE E 319 7.34 -45.79 -21.04
CA PHE E 319 6.72 -44.47 -20.95
C PHE E 319 5.22 -44.60 -21.17
N GLN E 320 4.45 -43.96 -20.30
CA GLN E 320 2.99 -44.02 -20.35
C GLN E 320 2.44 -42.66 -19.93
N PRO E 321 1.23 -42.32 -20.35
CA PRO E 321 0.72 -40.97 -20.07
C PRO E 321 0.39 -40.77 -18.59
N SER E 322 0.27 -39.51 -18.22
CA SER E 322 -0.05 -39.14 -16.84
C SER E 322 -1.41 -39.71 -16.44
N SER E 323 -1.63 -39.77 -15.13
CA SER E 323 -2.86 -40.28 -14.55
C SER E 323 -3.38 -39.28 -13.52
N GLY E 324 -4.68 -39.01 -13.57
CA GLY E 324 -5.32 -38.17 -12.58
C GLY E 324 -4.76 -36.75 -12.54
N GLY E 325 -5.37 -35.96 -11.66
CA GLY E 325 -5.00 -34.57 -11.49
C GLY E 325 -5.82 -33.65 -12.35
N ASP E 326 -5.48 -32.36 -12.27
CA ASP E 326 -6.20 -31.35 -13.02
C ASP E 326 -5.75 -31.36 -14.48
N LEU E 327 -6.34 -30.45 -15.27
CA LEU E 327 -5.92 -30.31 -16.66
C LEU E 327 -4.48 -29.82 -16.76
N GLU E 328 -3.98 -29.14 -15.73
CA GLU E 328 -2.61 -28.63 -15.78
C GLU E 328 -1.56 -29.73 -15.79
N ILE E 329 -1.92 -30.96 -15.42
CA ILE E 329 -0.95 -32.04 -15.28
C ILE E 329 -1.36 -33.25 -16.12
N THR E 330 -2.67 -33.44 -16.34
CA THR E 330 -3.08 -34.54 -17.20
C THR E 330 -2.73 -34.27 -18.66
N THR E 331 -2.58 -33.01 -19.03
CA THR E 331 -2.26 -32.62 -20.40
C THR E 331 -1.19 -31.54 -20.36
N HIS E 332 -0.42 -31.49 -21.42
CA HIS E 332 0.53 -30.41 -21.62
C HIS E 332 -0.17 -29.08 -21.68
N SER E 333 0.14 -28.21 -20.73
CA SER E 333 -0.39 -26.85 -20.67
C SER E 333 0.70 -25.86 -21.04
N PHE E 334 0.31 -24.80 -21.74
CA PHE E 334 1.22 -23.71 -22.07
C PHE E 334 0.36 -22.55 -22.57
N ASN E 335 1.02 -21.49 -23.00
CA ASN E 335 0.34 -20.34 -23.58
C ASN E 335 1.15 -19.80 -24.76
N CYS E 336 0.44 -19.51 -25.85
CA CYS E 336 1.00 -18.81 -27.00
C CYS E 336 0.12 -17.62 -27.30
N GLY E 337 0.72 -16.43 -27.34
CA GLY E 337 -0.10 -15.25 -27.40
C GLY E 337 -0.91 -15.10 -26.14
N GLY E 338 -2.10 -14.52 -26.28
CA GLY E 338 -2.99 -14.30 -25.15
C GLY E 338 -4.01 -15.40 -24.97
N GLU E 339 -3.61 -16.65 -25.22
CA GLU E 339 -4.47 -17.80 -25.03
C GLU E 339 -3.68 -18.94 -24.38
N PHE E 340 -4.41 -19.83 -23.70
CA PHE E 340 -3.84 -20.94 -22.97
C PHE E 340 -4.29 -22.25 -23.62
N PHE E 341 -3.37 -23.22 -23.67
CA PHE E 341 -3.59 -24.49 -24.34
C PHE E 341 -3.51 -25.63 -23.35
N TYR E 342 -4.18 -26.73 -23.69
CA TYR E 342 -4.14 -27.97 -22.90
C TYR E 342 -4.22 -29.14 -23.87
N CYS E 343 -3.07 -29.66 -24.29
CA CYS E 343 -2.97 -30.61 -25.39
C CYS E 343 -2.77 -32.03 -24.86
N ASN E 344 -3.63 -32.94 -25.29
CA ASN E 344 -3.56 -34.36 -24.93
C ASN E 344 -2.26 -34.93 -25.48
N THR E 345 -1.40 -35.41 -24.60
CA THR E 345 -0.10 -35.97 -24.96
C THR E 345 -0.03 -37.49 -24.85
N SER E 346 -1.18 -38.17 -24.89
CA SER E 346 -1.17 -39.63 -24.73
C SER E 346 -0.41 -40.31 -25.86
N SER E 347 -0.59 -39.84 -27.09
CA SER E 347 0.06 -40.48 -28.23
C SER E 347 1.58 -40.35 -28.19
N LEU E 348 2.09 -39.26 -27.61
CA LEU E 348 3.54 -39.03 -27.63
C LEU E 348 4.29 -39.99 -26.73
N PHE E 349 3.81 -40.17 -25.49
CA PHE E 349 4.57 -40.89 -24.48
C PHE E 349 4.30 -42.39 -24.46
N ASN E 350 3.35 -42.89 -25.25
CA ASN E 350 3.03 -44.31 -25.20
C ASN E 350 4.10 -45.15 -25.87
N ARG E 351 5.16 -45.47 -25.13
CA ARG E 351 6.30 -46.21 -25.67
C ARG E 351 6.79 -47.20 -24.64
N THR E 352 7.58 -48.17 -25.12
CA THR E 352 8.29 -49.10 -24.25
C THR E 352 9.60 -49.49 -24.92
N TYR E 353 10.58 -49.87 -24.10
CA TYR E 353 11.93 -50.18 -24.56
C TYR E 353 12.43 -51.44 -23.90
N MET E 354 13.22 -52.21 -24.65
CA MET E 354 13.72 -53.49 -24.15
C MET E 354 14.84 -53.28 -23.15
N ALA E 355 15.01 -54.27 -22.27
CA ALA E 355 16.06 -54.22 -21.25
C ALA E 355 17.38 -54.78 -21.75
N ASN E 356 17.34 -55.73 -22.68
CA ASN E 356 18.55 -56.41 -23.17
C ASN E 356 19.30 -57.09 -22.04
N ASN E 367 15.55 -34.54 -42.06
CA ASN E 367 15.21 -35.80 -41.41
C ASN E 367 13.82 -35.77 -40.76
N SER E 368 12.99 -34.81 -41.17
CA SER E 368 11.60 -34.71 -40.69
C SER E 368 10.66 -35.41 -41.67
N THR E 369 10.75 -36.75 -41.68
CA THR E 369 9.99 -37.54 -42.64
C THR E 369 8.50 -37.47 -42.37
N ARG E 370 8.08 -37.66 -41.12
CA ARG E 370 6.68 -37.78 -40.76
C ARG E 370 6.39 -36.91 -39.54
N THR E 371 5.10 -36.61 -39.36
CA THR E 371 4.64 -35.67 -38.35
C THR E 371 3.56 -36.30 -37.49
N ILE E 372 3.63 -36.08 -36.18
CA ILE E 372 2.58 -36.46 -35.25
C ILE E 372 1.64 -35.28 -35.08
N THR E 373 0.36 -35.57 -34.83
CA THR E 373 -0.64 -34.54 -34.55
C THR E 373 -1.37 -34.89 -33.25
N ILE E 374 -1.60 -33.88 -32.43
CA ILE E 374 -2.25 -34.03 -31.13
C ILE E 374 -3.35 -32.98 -31.03
N HIS E 375 -4.54 -33.41 -30.61
CA HIS E 375 -5.63 -32.48 -30.39
C HIS E 375 -5.38 -31.66 -29.13
N CYS E 376 -6.08 -30.53 -29.02
CA CYS E 376 -5.81 -29.59 -27.95
C CYS E 376 -7.07 -28.79 -27.64
N ARG E 377 -7.20 -28.42 -26.37
CA ARG E 377 -8.33 -27.65 -25.86
C ARG E 377 -7.81 -26.38 -25.18
N ILE E 378 -8.60 -25.30 -25.31
CA ILE E 378 -8.25 -24.00 -24.76
C ILE E 378 -9.38 -23.52 -23.88
N LYS E 379 -9.02 -22.91 -22.75
CA LYS E 379 -9.97 -22.37 -21.80
C LYS E 379 -9.49 -21.00 -21.34
N GLN E 380 -10.43 -20.19 -20.86
CA GLN E 380 -10.17 -18.80 -20.52
C GLN E 380 -9.91 -18.58 -19.04
N ILE E 381 -10.71 -19.17 -18.16
CA ILE E 381 -10.61 -18.93 -16.72
C ILE E 381 -9.48 -19.80 -16.19
N ILE E 382 -8.34 -19.18 -15.91
CA ILE E 382 -7.15 -19.86 -15.44
C ILE E 382 -7.01 -19.63 -13.94
N ASN E 383 -7.02 -20.70 -13.17
CA ASN E 383 -6.58 -20.62 -11.79
C ASN E 383 -5.08 -20.31 -11.79
N MET E 384 -4.67 -19.43 -10.88
CA MET E 384 -3.26 -19.05 -10.80
C MET E 384 -2.45 -20.31 -10.48
N TRP E 385 -1.66 -20.76 -11.46
CA TRP E 385 -1.13 -22.13 -11.55
C TRP E 385 -0.66 -22.72 -10.23
N GLN E 386 -0.08 -21.88 -9.37
CA GLN E 386 0.54 -22.36 -8.14
C GLN E 386 -0.47 -22.55 -7.01
N GLU E 387 -1.69 -22.01 -7.14
CA GLU E 387 -2.52 -21.77 -5.96
C GLU E 387 -3.97 -21.73 -6.44
N VAL E 388 -4.91 -22.00 -5.53
CA VAL E 388 -6.33 -21.92 -5.80
C VAL E 388 -6.99 -21.02 -4.76
N GLY E 389 -8.04 -20.32 -5.20
CA GLY E 389 -8.59 -19.20 -4.48
C GLY E 389 -8.34 -17.85 -5.11
N ARG E 390 -7.70 -17.81 -6.27
CA ARG E 390 -7.49 -16.58 -7.02
C ARG E 390 -7.40 -16.96 -8.50
N ALA E 391 -8.30 -16.37 -9.30
CA ALA E 391 -8.53 -16.82 -10.67
C ALA E 391 -8.20 -15.69 -11.64
N MET E 392 -7.71 -16.09 -12.81
CA MET E 392 -7.45 -15.19 -13.92
C MET E 392 -8.43 -15.49 -15.05
N TYR E 393 -8.90 -14.45 -15.73
CA TYR E 393 -9.73 -14.58 -16.92
C TYR E 393 -8.98 -13.99 -18.10
N ALA E 394 -8.79 -14.80 -19.14
CA ALA E 394 -8.07 -14.37 -20.32
C ALA E 394 -9.04 -13.76 -21.33
N PRO E 395 -8.84 -12.52 -21.78
CA PRO E 395 -9.71 -11.99 -22.84
C PRO E 395 -9.46 -12.73 -24.14
N PRO E 396 -10.48 -12.92 -24.99
CA PRO E 396 -10.26 -13.71 -26.20
C PRO E 396 -9.39 -12.98 -27.20
N ILE E 397 -8.46 -13.72 -27.81
CA ILE E 397 -7.60 -13.20 -28.86
C ILE E 397 -8.35 -13.36 -30.18
N ALA E 398 -8.65 -12.24 -30.83
CA ALA E 398 -9.40 -12.28 -32.07
C ALA E 398 -8.56 -12.87 -33.20
N GLY E 399 -9.25 -13.28 -34.26
CA GLY E 399 -8.56 -13.87 -35.39
C GLY E 399 -8.07 -15.27 -35.09
N ASN E 400 -7.10 -15.72 -35.87
CA ASN E 400 -6.51 -17.04 -35.75
C ASN E 400 -5.06 -16.92 -35.33
N ILE E 401 -4.58 -17.92 -34.61
CA ILE E 401 -3.27 -17.91 -33.97
C ILE E 401 -2.44 -19.06 -34.52
N THR E 402 -1.16 -18.80 -34.74
CA THR E 402 -0.16 -19.82 -35.00
C THR E 402 1.02 -19.56 -34.07
N CYS E 403 1.73 -20.63 -33.70
CA CYS E 403 2.81 -20.51 -32.73
C CYS E 403 3.86 -21.57 -33.00
N ILE E 404 5.11 -21.22 -32.72
CA ILE E 404 6.24 -22.13 -32.86
C ILE E 404 7.14 -21.95 -31.64
N SER E 405 7.68 -23.05 -31.13
CA SER E 405 8.53 -23.00 -29.96
C SER E 405 9.47 -24.20 -29.97
N ASN E 406 10.51 -24.10 -29.14
CA ASN E 406 11.58 -25.11 -29.09
C ASN E 406 11.47 -25.88 -27.78
N ILE E 407 11.09 -27.15 -27.87
CA ILE E 407 11.14 -28.03 -26.71
C ILE E 407 12.60 -28.29 -26.36
N THR E 408 12.91 -28.26 -25.07
CA THR E 408 14.28 -28.40 -24.58
C THR E 408 14.44 -29.33 -23.39
N GLY E 409 13.37 -29.80 -22.77
CA GLY E 409 13.50 -30.67 -21.62
C GLY E 409 12.19 -31.33 -21.28
N LEU E 410 12.30 -32.37 -20.45
CA LEU E 410 11.16 -33.14 -19.98
C LEU E 410 11.13 -33.16 -18.46
N LEU E 411 9.93 -33.05 -17.90
CA LEU E 411 9.70 -33.15 -16.45
C LEU E 411 9.00 -34.48 -16.20
N LEU E 412 9.79 -35.53 -16.01
CA LEU E 412 9.25 -36.85 -15.75
C LEU E 412 9.12 -37.10 -14.26
N THR E 413 8.42 -38.18 -13.93
CA THR E 413 8.29 -38.63 -12.55
C THR E 413 7.86 -40.09 -12.57
N ARG E 414 8.59 -40.91 -11.82
CA ARG E 414 8.50 -42.36 -11.92
C ARG E 414 7.43 -42.89 -10.99
N ASP E 415 7.01 -44.14 -11.25
CA ASP E 415 6.04 -44.82 -10.40
C ASP E 415 6.73 -45.90 -9.59
N GLY E 416 6.60 -45.82 -8.26
CA GLY E 416 7.23 -46.80 -7.40
C GLY E 416 6.42 -48.08 -7.29
N GLY E 417 7.05 -49.09 -6.69
CA GLY E 417 6.37 -50.34 -6.40
C GLY E 417 6.00 -51.17 -7.61
N LYS E 418 6.65 -50.97 -8.75
CA LYS E 418 6.30 -51.72 -9.95
C LYS E 418 6.98 -53.08 -10.00
N ASN E 419 8.02 -53.29 -9.21
CA ASN E 419 8.62 -54.62 -9.07
C ASN E 419 9.15 -55.17 -10.39
N ASN E 420 10.28 -54.62 -10.85
CA ASN E 420 11.00 -55.09 -12.04
C ASN E 420 10.33 -54.63 -13.34
N THR E 421 9.73 -53.44 -13.31
CA THR E 421 9.39 -52.74 -14.54
C THR E 421 9.24 -51.25 -14.27
N GLU E 422 10.22 -50.45 -14.65
CA GLU E 422 10.12 -49.01 -14.43
C GLU E 422 9.03 -48.43 -15.31
N THR E 423 8.46 -47.32 -14.84
CA THR E 423 7.36 -46.67 -15.55
C THR E 423 7.42 -45.18 -15.25
N PHE E 424 7.97 -44.41 -16.19
CA PHE E 424 8.07 -42.97 -16.09
C PHE E 424 6.92 -42.34 -16.86
N ARG E 425 6.24 -41.39 -16.23
CA ARG E 425 5.05 -40.77 -16.78
C ARG E 425 5.13 -39.27 -16.52
N PRO E 426 4.67 -38.43 -17.46
CA PRO E 426 4.91 -36.99 -17.33
C PRO E 426 4.16 -36.39 -16.15
N GLY E 427 4.72 -35.31 -15.61
CA GLY E 427 4.10 -34.58 -14.51
C GLY E 427 4.55 -33.14 -14.46
N GLY E 428 4.85 -32.64 -13.27
CA GLY E 428 5.41 -31.32 -13.13
C GLY E 428 4.40 -30.20 -13.00
N GLY E 429 3.33 -30.41 -12.22
CA GLY E 429 2.39 -29.34 -11.98
C GLY E 429 2.99 -28.18 -11.22
N ASN E 430 3.90 -28.47 -10.29
CA ASN E 430 4.58 -27.43 -9.52
C ASN E 430 5.42 -26.58 -10.46
N MET E 431 5.18 -25.27 -10.44
CA MET E 431 5.86 -24.38 -11.39
C MET E 431 7.34 -24.22 -11.04
N LYS E 432 7.73 -24.50 -9.80
CA LYS E 432 9.09 -24.21 -9.37
C LYS E 432 10.11 -25.07 -10.11
N ASP E 433 9.73 -26.30 -10.49
CA ASP E 433 10.66 -27.19 -11.19
C ASP E 433 11.09 -26.62 -12.54
N ASN E 434 10.24 -25.80 -13.18
CA ASN E 434 10.64 -25.18 -14.43
C ASN E 434 11.84 -24.28 -14.25
N TRP E 435 11.81 -23.44 -13.21
CA TRP E 435 12.88 -22.47 -12.98
C TRP E 435 14.03 -23.05 -12.17
N ARG E 436 13.85 -24.23 -11.58
CA ARG E 436 15.00 -24.92 -10.99
C ARG E 436 15.90 -25.54 -12.06
N SER E 437 15.43 -25.60 -13.31
CA SER E 437 16.25 -26.11 -14.40
C SER E 437 17.06 -25.02 -15.09
N GLU E 438 16.61 -23.76 -15.02
CA GLU E 438 17.26 -22.65 -15.70
C GLU E 438 18.10 -21.78 -14.78
N LEU E 439 17.90 -21.89 -13.46
CA LEU E 439 18.84 -21.36 -12.47
C LEU E 439 19.70 -22.49 -11.96
N TYR E 440 20.03 -23.41 -12.87
CA TYR E 440 20.73 -24.65 -12.56
C TYR E 440 22.22 -24.46 -12.32
N LYS E 441 22.87 -23.57 -13.07
CA LYS E 441 24.31 -23.40 -12.96
C LYS E 441 24.69 -22.63 -11.70
N TYR E 442 23.91 -21.61 -11.36
CA TYR E 442 24.40 -20.50 -10.56
C TYR E 442 24.45 -20.84 -9.07
N LYS E 443 25.09 -19.95 -8.32
CA LYS E 443 25.19 -20.02 -6.88
C LYS E 443 25.76 -18.69 -6.39
N VAL E 444 25.32 -18.28 -5.20
CA VAL E 444 25.68 -16.99 -4.62
C VAL E 444 26.51 -17.23 -3.36
N VAL E 445 27.56 -16.43 -3.20
CA VAL E 445 28.45 -16.52 -2.05
C VAL E 445 28.69 -15.13 -1.49
N LYS E 446 29.15 -15.08 -0.25
CA LYS E 446 29.48 -13.83 0.45
C LYS E 446 30.99 -13.72 0.56
N ILE E 447 31.54 -12.61 0.08
CA ILE E 447 32.98 -12.42 0.14
C ILE E 447 33.40 -12.06 1.57
N GLU E 448 34.47 -12.70 2.03
CA GLU E 448 35.05 -12.46 3.35
C GLU E 448 36.41 -11.81 3.17
N PRO E 449 36.46 -10.53 2.79
CA PRO E 449 37.73 -9.97 2.28
C PRO E 449 38.84 -9.90 3.31
N LEU E 450 38.54 -9.99 4.60
CA LEU E 450 39.52 -9.80 5.67
C LEU E 450 40.04 -11.15 6.14
N GLY E 451 41.36 -11.27 6.23
CA GLY E 451 41.98 -12.49 6.72
C GLY E 451 43.33 -12.18 7.33
N VAL E 452 43.77 -13.05 8.23
CA VAL E 452 45.00 -12.87 9.00
C VAL E 452 46.02 -13.88 8.54
N ALA E 453 47.26 -13.72 9.01
CA ALA E 453 48.36 -14.60 8.64
C ALA E 453 49.57 -14.22 9.48
N PRO E 454 50.61 -15.07 9.50
CA PRO E 454 51.87 -14.70 10.18
C PRO E 454 52.89 -14.12 9.21
N THR E 455 53.72 -13.22 9.72
CA THR E 455 54.81 -12.67 8.93
C THR E 455 55.79 -11.96 9.86
N ARG E 456 56.95 -11.59 9.29
CA ARG E 456 57.90 -10.75 10.00
C ARG E 456 57.35 -9.33 10.08
N CYS E 457 57.58 -8.67 11.22
CA CYS E 457 56.91 -7.39 11.46
C CYS E 457 57.67 -6.54 12.46
N LYS E 458 57.27 -5.27 12.47
CA LYS E 458 57.57 -4.33 13.55
C LYS E 458 56.70 -3.10 13.31
N ARG E 459 56.20 -2.53 14.41
CA ARG E 459 55.54 -1.24 14.39
C ARG E 459 56.24 -0.33 15.40
N ARG E 460 56.65 0.85 14.93
CA ARG E 460 57.47 1.74 15.73
C ARG E 460 56.71 2.20 16.98
N VAL E 461 57.47 2.35 18.07
CA VAL E 461 56.92 2.78 19.35
C VAL E 461 57.73 3.96 19.86
N VAL F 14 35.07 0.06 -12.02
CA VAL F 14 35.13 -0.91 -13.15
C VAL F 14 35.48 -2.29 -12.61
N PHE F 15 34.64 -3.28 -12.92
CA PHE F 15 34.86 -4.65 -12.47
C PHE F 15 35.73 -5.35 -13.51
N LEU F 16 36.78 -6.03 -13.04
CA LEU F 16 37.57 -6.88 -13.92
C LEU F 16 38.47 -7.76 -13.07
N GLY F 17 38.57 -9.03 -13.42
CA GLY F 17 39.44 -9.96 -12.72
C GLY F 17 38.87 -10.37 -11.38
N PHE F 18 38.89 -9.44 -10.41
CA PHE F 18 38.26 -9.63 -9.11
C PHE F 18 38.72 -10.92 -8.43
N LEU F 19 37.86 -11.95 -8.40
CA LEU F 19 38.21 -13.19 -7.71
C LEU F 19 39.06 -14.11 -8.58
N GLY F 20 39.46 -13.67 -9.78
CA GLY F 20 40.33 -14.46 -10.62
C GLY F 20 41.65 -14.83 -9.96
N ALA F 21 42.12 -14.01 -9.01
CA ALA F 21 43.28 -14.38 -8.22
C ALA F 21 42.98 -15.51 -7.24
N ALA F 22 41.71 -15.80 -6.97
CA ALA F 22 41.38 -16.91 -6.08
C ALA F 22 41.89 -18.22 -6.67
N GLY F 23 42.35 -19.10 -5.78
CA GLY F 23 42.96 -20.34 -6.19
C GLY F 23 44.46 -20.23 -6.30
N SER F 24 44.97 -19.02 -6.53
CA SER F 24 46.40 -18.78 -6.49
C SER F 24 46.87 -18.68 -5.04
N THR F 25 48.18 -18.55 -4.86
CA THR F 25 48.76 -18.61 -3.54
C THR F 25 48.50 -17.32 -2.77
N MET F 26 48.72 -17.38 -1.45
CA MET F 26 48.57 -16.20 -0.62
C MET F 26 49.62 -15.14 -0.92
N GLY F 27 50.74 -15.52 -1.52
CA GLY F 27 51.74 -14.56 -1.93
C GLY F 27 51.34 -13.82 -3.19
N ALA F 28 51.01 -14.59 -4.24
CA ALA F 28 50.62 -13.98 -5.51
C ALA F 28 49.32 -13.21 -5.38
N ALA F 29 48.37 -13.74 -4.60
CA ALA F 29 47.06 -13.11 -4.49
C ALA F 29 47.12 -11.75 -3.83
N SER F 30 48.20 -11.46 -3.08
CA SER F 30 48.31 -10.17 -2.42
C SER F 30 48.45 -9.01 -3.40
N MET F 31 48.82 -9.28 -4.66
CA MET F 31 48.95 -8.22 -5.64
C MET F 31 47.62 -7.64 -6.06
N THR F 32 46.61 -8.48 -6.27
CA THR F 32 45.32 -8.05 -6.82
C THR F 32 44.32 -7.67 -5.75
N LEU F 33 44.76 -7.32 -4.54
CA LEU F 33 43.83 -6.98 -3.47
C LEU F 33 43.06 -5.71 -3.79
N THR F 34 43.71 -4.73 -4.42
CA THR F 34 43.04 -3.48 -4.73
C THR F 34 41.87 -3.70 -5.68
N VAL F 35 42.04 -4.62 -6.64
CA VAL F 35 40.97 -4.90 -7.59
C VAL F 35 39.74 -5.46 -6.87
N GLN F 36 39.95 -6.26 -5.84
CA GLN F 36 38.86 -6.81 -5.06
C GLN F 36 38.29 -5.82 -4.05
N ALA F 37 39.08 -4.82 -3.64
CA ALA F 37 38.62 -3.89 -2.62
C ALA F 37 37.62 -2.89 -3.16
N ARG F 38 37.60 -2.66 -4.48
CA ARG F 38 36.81 -1.58 -5.05
C ARG F 38 35.34 -1.92 -5.22
N ASN F 39 34.88 -3.11 -4.80
CA ASN F 39 33.50 -3.52 -5.03
C ASN F 39 32.59 -2.83 -4.01
N LEU F 40 32.23 -1.58 -4.33
CA LEU F 40 31.17 -0.85 -3.65
C LEU F 40 30.35 -0.17 -4.74
N LEU F 41 30.02 -0.95 -5.77
CA LEU F 41 29.49 -0.41 -7.01
C LEU F 41 28.06 0.11 -6.83
N SER F 42 27.67 1.00 -7.73
CA SER F 42 26.32 1.58 -7.75
C SER F 42 26.00 2.28 -6.44
N GLY F 68 9.79 -7.56 -6.68
CA GLY F 68 9.22 -6.23 -6.82
C GLY F 68 10.24 -5.20 -7.25
N ILE F 69 10.13 -4.01 -6.65
CA ILE F 69 11.02 -2.87 -6.95
C ILE F 69 11.81 -2.43 -5.73
N LYS F 70 11.57 -3.04 -4.57
CA LYS F 70 12.05 -2.51 -3.29
C LYS F 70 13.38 -3.13 -2.89
N GLN F 71 14.25 -3.40 -3.86
CA GLN F 71 15.58 -3.96 -3.58
C GLN F 71 16.59 -2.92 -3.09
N LEU F 72 16.15 -1.74 -2.66
CA LEU F 72 17.06 -0.74 -2.12
C LEU F 72 17.82 -1.23 -0.90
N GLN F 73 17.23 -2.18 -0.15
CA GLN F 73 17.83 -2.64 1.10
C GLN F 73 19.20 -3.29 0.88
N ALA F 74 19.43 -3.83 -0.31
CA ALA F 74 20.72 -4.45 -0.59
C ALA F 74 21.86 -3.45 -0.53
N ARG F 75 21.62 -2.23 -1.04
CA ARG F 75 22.65 -1.19 -0.97
C ARG F 75 23.00 -0.86 0.47
N VAL F 76 21.99 -0.73 1.32
CA VAL F 76 22.23 -0.43 2.73
C VAL F 76 23.00 -1.57 3.39
N LEU F 77 22.62 -2.82 3.07
CA LEU F 77 23.32 -3.96 3.65
C LEU F 77 24.80 -3.98 3.24
N ALA F 78 25.06 -3.72 1.96
CA ALA F 78 26.44 -3.70 1.48
C ALA F 78 27.23 -2.58 2.14
N VAL F 79 26.62 -1.40 2.28
CA VAL F 79 27.31 -0.28 2.92
C VAL F 79 27.62 -0.62 4.37
N GLU F 80 26.66 -1.23 5.07
CA GLU F 80 26.89 -1.60 6.47
C GLU F 80 28.02 -2.61 6.60
N ARG F 81 28.06 -3.61 5.71
CA ARG F 81 29.14 -4.59 5.76
C ARG F 81 30.49 -3.93 5.49
N TYR F 82 30.56 -3.06 4.48
CA TYR F 82 31.82 -2.40 4.16
C TYR F 82 32.28 -1.53 5.31
N LEU F 83 31.36 -0.81 5.95
CA LEU F 83 31.73 0.03 7.07
C LEU F 83 32.15 -0.80 8.28
N ARG F 84 31.51 -1.96 8.48
CA ARG F 84 31.96 -2.88 9.51
C ARG F 84 33.42 -3.25 9.31
N ASP F 85 33.77 -3.68 8.09
CA ASP F 85 35.15 -4.06 7.81
C ASP F 85 36.10 -2.89 7.96
N GLN F 86 35.70 -1.71 7.45
CA GLN F 86 36.59 -0.54 7.50
C GLN F 86 36.84 -0.09 8.93
N GLN F 87 35.80 -0.04 9.76
CA GLN F 87 35.98 0.32 11.17
C GLN F 87 36.84 -0.72 11.88
N LEU F 88 36.56 -2.00 11.64
CA LEU F 88 37.29 -3.05 12.34
C LEU F 88 38.77 -3.02 11.99
N LEU F 89 39.10 -2.63 10.75
CA LEU F 89 40.49 -2.39 10.42
C LEU F 89 41.03 -1.17 11.15
N GLY F 90 40.20 -0.15 11.34
CA GLY F 90 40.64 1.05 12.02
C GLY F 90 40.97 0.83 13.48
N ILE F 91 40.24 -0.05 14.16
CA ILE F 91 40.44 -0.23 15.59
C ILE F 91 41.81 -0.83 15.90
N TRP F 92 42.37 -1.63 15.00
CA TRP F 92 43.63 -2.31 15.25
C TRP F 92 44.85 -1.48 14.89
N GLY F 93 44.66 -0.25 14.41
CA GLY F 93 45.78 0.52 13.90
C GLY F 93 46.12 0.25 12.45
N CYS F 94 45.45 -0.72 11.82
CA CYS F 94 45.56 -0.95 10.38
C CYS F 94 44.65 -0.04 9.58
N SER F 95 44.90 1.27 9.62
CA SER F 95 44.00 2.22 8.99
C SER F 95 44.27 2.31 7.50
N GLY F 96 43.24 2.04 6.70
CA GLY F 96 43.31 2.29 5.27
C GLY F 96 44.11 1.29 4.47
N LYS F 97 45.43 1.25 4.71
CA LYS F 97 46.33 0.45 3.89
C LYS F 97 45.93 -1.02 3.90
N LEU F 98 45.87 -1.61 2.71
CA LEU F 98 45.31 -2.95 2.57
C LEU F 98 46.15 -4.02 3.25
N ILE F 99 47.46 -3.85 3.31
CA ILE F 99 48.36 -4.79 3.97
C ILE F 99 49.04 -4.06 5.11
N CYS F 100 49.05 -4.68 6.28
CA CYS F 100 49.81 -4.17 7.41
C CYS F 100 50.19 -5.35 8.29
N CYS F 101 51.14 -5.13 9.16
CA CYS F 101 51.45 -6.06 10.23
C CYS F 101 51.38 -5.33 11.57
N THR F 102 50.89 -6.04 12.59
CA THR F 102 50.62 -5.45 13.89
C THR F 102 51.61 -5.99 14.90
N ASN F 103 51.54 -5.44 16.12
CA ASN F 103 52.56 -5.67 17.13
C ASN F 103 52.43 -7.04 17.79
N VAL F 104 51.22 -7.59 17.87
CA VAL F 104 50.98 -8.83 18.63
C VAL F 104 51.73 -9.98 17.96
N PRO F 105 52.64 -10.69 18.65
CA PRO F 105 53.34 -11.79 17.99
C PRO F 105 52.43 -12.97 17.73
N TRP F 106 52.90 -13.86 16.85
CA TRP F 106 52.22 -15.12 16.64
C TRP F 106 52.38 -16.00 17.88
N ASN F 107 51.37 -16.85 18.12
CA ASN F 107 51.32 -17.68 19.31
C ASN F 107 50.86 -19.07 18.95
N SER F 108 51.41 -20.05 19.67
CA SER F 108 50.90 -21.41 19.60
C SER F 108 49.55 -21.49 20.33
N SER F 109 48.86 -22.61 20.12
CA SER F 109 47.45 -22.86 20.42
C SER F 109 46.55 -22.28 19.32
N TRP F 110 47.11 -21.45 18.45
CA TRP F 110 46.52 -21.15 17.16
C TRP F 110 47.10 -22.11 16.12
N SER F 111 46.82 -21.83 14.84
CA SER F 111 47.36 -22.65 13.76
C SER F 111 48.88 -22.67 13.81
N ASN F 112 49.44 -23.85 14.10
CA ASN F 112 50.87 -24.05 14.22
C ASN F 112 51.46 -24.62 12.94
N ARG F 113 50.92 -24.21 11.80
CA ARG F 113 51.39 -24.72 10.51
C ARG F 113 52.77 -24.18 10.19
N ASN F 114 53.52 -24.94 9.39
CA ASN F 114 54.76 -24.45 8.77
C ASN F 114 54.41 -23.70 7.49
N LEU F 115 53.71 -22.57 7.67
CA LEU F 115 53.12 -21.87 6.55
C LEU F 115 54.16 -21.16 5.68
N SER F 116 55.39 -20.97 6.17
CA SER F 116 56.38 -20.18 5.44
C SER F 116 56.67 -20.74 4.06
N GLU F 117 56.98 -22.04 3.97
CA GLU F 117 57.11 -22.69 2.68
C GLU F 117 55.75 -22.92 2.03
N ILE F 118 54.74 -23.23 2.86
CA ILE F 118 53.39 -23.47 2.36
C ILE F 118 52.65 -22.18 2.06
N TRP F 119 53.25 -21.01 2.34
CA TRP F 119 52.66 -19.74 1.93
C TRP F 119 52.44 -19.69 0.42
N ASP F 120 53.33 -20.32 -0.34
CA ASP F 120 53.30 -20.30 -1.80
C ASP F 120 52.81 -21.62 -2.39
N ASN F 121 52.12 -22.44 -1.60
CA ASN F 121 51.53 -23.68 -2.07
C ASN F 121 50.02 -23.65 -1.96
N MET F 122 49.52 -23.39 -0.75
CA MET F 122 48.08 -23.32 -0.52
C MET F 122 47.50 -22.02 -1.07
N THR F 123 46.26 -22.09 -1.52
CA THR F 123 45.48 -20.89 -1.81
C THR F 123 44.78 -20.43 -0.53
N TRP F 124 44.12 -19.28 -0.63
CA TRP F 124 43.64 -18.59 0.57
C TRP F 124 42.54 -19.38 1.27
N LEU F 125 41.74 -20.13 0.52
CA LEU F 125 40.55 -20.75 1.08
C LEU F 125 40.89 -21.77 2.18
N GLN F 126 41.84 -22.67 1.91
CA GLN F 126 42.15 -23.69 2.89
C GLN F 126 42.82 -23.09 4.13
N TRP F 127 43.71 -22.12 3.94
CA TRP F 127 44.28 -21.43 5.08
C TRP F 127 43.22 -20.70 5.89
N ASP F 128 42.25 -20.08 5.20
CA ASP F 128 41.16 -19.42 5.91
C ASP F 128 40.36 -20.44 6.73
N LYS F 129 40.10 -21.61 6.16
CA LYS F 129 39.39 -22.65 6.89
C LYS F 129 40.19 -23.08 8.13
N GLU F 130 41.51 -23.23 7.97
CA GLU F 130 42.35 -23.63 9.10
C GLU F 130 42.30 -22.58 10.20
N ILE F 131 42.44 -21.30 9.82
CA ILE F 131 42.58 -20.24 10.81
C ILE F 131 41.23 -19.77 11.35
N SER F 132 40.12 -20.23 10.76
CA SER F 132 38.80 -19.81 11.23
C SER F 132 38.53 -20.20 12.67
N ASN F 133 39.25 -21.19 13.21
CA ASN F 133 39.05 -21.60 14.59
C ASN F 133 39.41 -20.51 15.59
N TYR F 134 40.22 -19.51 15.19
CA TYR F 134 40.82 -18.58 16.13
C TYR F 134 40.69 -17.12 15.75
N THR F 135 40.01 -16.77 14.65
CA THR F 135 39.88 -15.37 14.26
C THR F 135 39.12 -14.58 15.32
N GLN F 136 38.08 -15.18 15.90
CA GLN F 136 37.28 -14.51 16.93
C GLN F 136 38.11 -14.12 18.16
N ILE F 137 39.25 -14.77 18.39
CA ILE F 137 40.04 -14.55 19.60
C ILE F 137 41.07 -13.45 19.38
N ILE F 138 41.67 -13.39 18.19
CA ILE F 138 42.84 -12.55 17.96
C ILE F 138 42.46 -11.07 18.04
N TYR F 139 41.21 -10.74 17.71
CA TYR F 139 40.83 -9.34 17.56
C TYR F 139 40.95 -8.58 18.88
N GLY F 140 40.61 -9.21 20.00
CA GLY F 140 40.79 -8.55 21.28
C GLY F 140 42.24 -8.23 21.58
N LEU F 141 43.14 -9.17 21.26
CA LEU F 141 44.56 -8.93 21.45
C LEU F 141 45.03 -7.76 20.59
N LEU F 142 44.61 -7.72 19.33
CA LEU F 142 45.01 -6.61 18.46
C LEU F 142 44.47 -5.29 18.99
N GLU F 143 43.21 -5.29 19.45
CA GLU F 143 42.59 -4.08 19.99
C GLU F 143 43.37 -3.56 21.19
N GLU F 144 43.70 -4.46 22.12
CA GLU F 144 44.43 -4.02 23.31
C GLU F 144 45.84 -3.58 22.96
N SER F 145 46.48 -4.24 21.99
CA SER F 145 47.81 -3.80 21.56
C SER F 145 47.77 -2.40 20.98
N GLN F 146 46.75 -2.10 20.16
CA GLN F 146 46.64 -0.76 19.60
C GLN F 146 46.35 0.26 20.70
N ASN F 147 45.54 -0.12 21.69
CA ASN F 147 45.29 0.77 22.82
C ASN F 147 46.59 1.10 23.54
N GLN F 148 47.42 0.09 23.80
CA GLN F 148 48.69 0.32 24.48
C GLN F 148 49.60 1.20 23.64
N GLN F 149 49.66 0.93 22.33
CA GLN F 149 50.47 1.76 21.43
C GLN F 149 50.06 3.21 21.50
N GLU F 150 48.76 3.48 21.34
CA GLU F 150 48.28 4.85 21.30
C GLU F 150 48.51 5.55 22.64
N LYS F 151 48.27 4.83 23.75
CA LYS F 151 48.42 5.47 25.06
C LYS F 151 49.89 5.75 25.35
N ASN F 152 50.79 4.84 24.96
CA ASN F 152 52.21 5.11 25.14
C ASN F 152 52.65 6.31 24.31
N GLU F 153 52.17 6.42 23.08
CA GLU F 153 52.51 7.58 22.25
C GLU F 153 51.97 8.86 22.86
N GLN F 154 50.74 8.82 23.38
CA GLN F 154 50.17 10.01 24.01
C GLN F 154 50.96 10.39 25.25
N ASP F 155 51.39 9.41 26.03
CA ASP F 155 52.22 9.70 27.20
C ASP F 155 53.55 10.31 26.79
N LEU F 156 54.14 9.81 25.70
CA LEU F 156 55.39 10.39 25.21
C LEU F 156 55.20 11.84 24.78
N LEU F 157 54.10 12.13 24.08
CA LEU F 157 53.84 13.51 23.68
C LEU F 157 53.45 14.38 24.87
N ALA F 158 52.95 13.77 25.95
CA ALA F 158 52.54 14.52 27.13
C ALA F 158 53.70 15.19 27.86
N LEU F 159 54.95 14.83 27.56
CA LEU F 159 56.10 15.47 28.16
C LEU F 159 56.24 16.94 27.75
N ASP F 160 55.52 17.39 26.73
CA ASP F 160 55.51 18.79 26.32
C ASP F 160 55.15 19.72 27.47
N GLN G 1 -1.17 -29.46 16.78
CA GLN G 1 -1.90 -28.49 15.94
C GLN G 1 -2.58 -29.19 14.77
N VAL G 2 -1.77 -29.77 13.88
CA VAL G 2 -2.31 -30.47 12.72
C VAL G 2 -3.15 -31.66 13.17
N ARG G 3 -4.30 -31.83 12.54
CA ARG G 3 -5.19 -32.96 12.78
C ARG G 3 -5.78 -33.43 11.47
N LEU G 4 -5.78 -34.75 11.27
CA LEU G 4 -6.31 -35.38 10.06
C LEU G 4 -7.53 -36.21 10.49
N ALA G 5 -8.69 -35.56 10.54
CA ALA G 5 -9.92 -36.28 10.84
C ALA G 5 -10.29 -37.20 9.68
N GLN G 6 -11.08 -38.22 9.99
CA GLN G 6 -11.55 -39.18 9.01
C GLN G 6 -13.03 -39.45 9.23
N TYR G 7 -13.69 -39.89 8.16
CA TYR G 7 -15.10 -40.25 8.20
C TYR G 7 -15.31 -41.48 7.34
N GLY G 8 -16.54 -42.00 7.34
CA GLY G 8 -16.84 -43.23 6.65
C GLY G 8 -16.29 -44.43 7.39
N GLY G 9 -16.86 -45.59 7.15
CA GLY G 9 -16.43 -46.81 7.81
C GLY G 9 -17.62 -47.72 8.05
N GLY G 10 -17.57 -48.42 9.19
CA GLY G 10 -18.65 -49.33 9.51
C GLY G 10 -18.58 -50.57 8.64
N VAL G 11 -19.74 -51.04 8.21
CA VAL G 11 -19.88 -52.24 7.40
C VAL G 11 -20.21 -51.83 5.97
N LYS G 12 -19.46 -52.38 5.01
CA LYS G 12 -19.74 -52.22 3.59
C LYS G 12 -20.03 -53.60 3.01
N ARG G 13 -21.11 -53.70 2.26
CA ARG G 13 -21.54 -55.01 1.76
C ARG G 13 -20.56 -55.52 0.71
N LEU G 14 -20.49 -56.85 0.61
CA LEU G 14 -19.57 -57.49 -0.31
C LEU G 14 -19.89 -57.09 -1.74
N GLY G 15 -18.85 -56.74 -2.50
CA GLY G 15 -19.01 -56.33 -3.88
C GLY G 15 -19.43 -54.89 -4.08
N ALA G 16 -19.74 -54.16 -3.03
CA ALA G 16 -20.18 -52.78 -3.16
C ALA G 16 -19.00 -51.83 -3.11
N THR G 17 -19.21 -50.63 -3.64
CA THR G 17 -18.20 -49.58 -3.62
C THR G 17 -18.27 -48.82 -2.31
N MET G 18 -17.11 -48.34 -1.86
CA MET G 18 -16.96 -47.63 -0.60
C MET G 18 -16.09 -46.40 -0.81
N THR G 19 -16.26 -45.42 0.07
CA THR G 19 -15.60 -44.12 -0.09
C THR G 19 -15.32 -43.53 1.29
N LEU G 20 -14.05 -43.58 1.71
CA LEU G 20 -13.62 -42.87 2.90
C LEU G 20 -13.40 -41.40 2.60
N SER G 21 -12.89 -40.68 3.60
CA SER G 21 -12.60 -39.26 3.42
C SER G 21 -11.61 -38.81 4.48
N CYS G 22 -11.02 -37.64 4.24
CA CYS G 22 -10.10 -37.00 5.17
C CYS G 22 -10.31 -35.50 5.13
N VAL G 23 -9.95 -34.83 6.22
CA VAL G 23 -10.04 -33.38 6.33
C VAL G 23 -8.74 -32.87 6.93
N ALA G 24 -8.00 -32.07 6.17
CA ALA G 24 -6.83 -31.40 6.70
C ALA G 24 -7.26 -30.30 7.66
N SER G 25 -6.28 -29.63 8.27
CA SER G 25 -6.60 -28.58 9.23
C SER G 25 -5.44 -27.59 9.40
N GLY G 26 -4.62 -27.76 10.43
CA GLY G 26 -3.69 -26.73 10.83
C GLY G 26 -2.34 -26.77 10.14
N TYR G 27 -2.33 -26.75 8.81
CA TYR G 27 -1.09 -26.68 8.06
C TYR G 27 -1.39 -26.28 6.63
N THR G 28 -0.34 -25.86 5.92
CA THR G 28 -0.48 -25.47 4.52
C THR G 28 -0.82 -26.70 3.69
N PHE G 29 -1.98 -26.68 3.04
CA PHE G 29 -2.51 -27.88 2.39
C PHE G 29 -1.61 -28.37 1.26
N ASN G 30 -1.00 -27.45 0.51
CA ASN G 30 -0.30 -27.82 -0.71
C ASN G 30 1.05 -28.49 -0.45
N ASP G 31 1.64 -28.28 0.74
CA ASP G 31 3.06 -28.56 0.91
C ASP G 31 3.37 -29.99 1.34
N TYR G 32 2.37 -30.82 1.65
CA TYR G 32 2.60 -32.14 2.22
C TYR G 32 1.79 -33.18 1.47
N TYR G 33 2.46 -34.22 0.98
CA TYR G 33 1.77 -35.33 0.34
C TYR G 33 0.94 -36.10 1.38
N ILE G 34 -0.08 -36.79 0.89
CA ILE G 34 -0.97 -37.61 1.70
C ILE G 34 -0.90 -39.03 1.19
N HIS G 35 -0.88 -39.99 2.12
CA HIS G 35 -0.85 -41.41 1.81
C HIS G 35 -2.06 -42.08 2.45
N TRP G 36 -2.33 -43.31 2.03
CA TRP G 36 -3.42 -44.11 2.55
C TRP G 36 -2.93 -45.52 2.81
N VAL G 37 -2.65 -45.83 4.08
CA VAL G 37 -2.16 -47.14 4.49
C VAL G 37 -3.29 -47.90 5.17
N ARG G 38 -3.21 -49.22 5.14
CA ARG G 38 -4.22 -50.09 5.72
C ARG G 38 -3.56 -51.25 6.44
N GLN G 39 -4.26 -51.78 7.43
CA GLN G 39 -3.81 -52.92 8.23
C GLN G 39 -4.94 -53.94 8.29
N ALA G 40 -4.79 -55.05 7.58
CA ALA G 40 -5.70 -56.15 7.77
C ALA G 40 -5.41 -56.82 9.11
N PRO G 41 -6.39 -57.47 9.74
CA PRO G 41 -6.12 -58.13 11.01
C PRO G 41 -5.19 -59.32 10.83
N GLY G 42 -4.20 -59.41 11.71
CA GLY G 42 -3.19 -60.45 11.59
C GLY G 42 -2.17 -60.22 10.51
N GLN G 43 -1.95 -58.96 10.11
CA GLN G 43 -0.97 -58.62 9.09
C GLN G 43 -0.24 -57.35 9.49
N GLY G 44 0.94 -57.17 8.93
CA GLY G 44 1.65 -55.91 9.08
C GLY G 44 1.10 -54.85 8.16
N PHE G 45 1.51 -53.62 8.41
CA PHE G 45 1.01 -52.51 7.62
C PHE G 45 1.49 -52.62 6.17
N GLU G 46 0.69 -52.05 5.26
CA GLU G 46 1.06 -51.98 3.87
C GLU G 46 0.49 -50.70 3.28
N LEU G 47 1.15 -50.19 2.25
CA LEU G 47 0.75 -48.94 1.61
C LEU G 47 -0.11 -49.25 0.38
N LEU G 48 -1.11 -48.41 0.18
CA LEU G 48 -1.95 -48.47 -1.02
C LEU G 48 -1.46 -47.49 -2.09
N GLY G 49 -1.35 -46.21 -1.72
CA GLY G 49 -0.91 -45.21 -2.66
C GLY G 49 -0.83 -43.86 -1.98
N TYR G 50 -0.51 -42.84 -2.77
CA TYR G 50 -0.41 -41.49 -2.25
C TYR G 50 -0.94 -40.51 -3.30
N ILE G 51 -1.45 -39.38 -2.81
CA ILE G 51 -2.05 -38.35 -3.63
C ILE G 51 -1.39 -37.02 -3.28
N ASP G 52 -0.87 -36.34 -4.28
CA ASP G 52 -0.35 -35.00 -4.10
C ASP G 52 -1.54 -34.06 -3.96
N PRO G 53 -1.68 -33.31 -2.84
CA PRO G 53 -2.89 -32.50 -2.70
C PRO G 53 -2.94 -31.30 -3.63
N ALA G 54 -1.80 -30.68 -3.94
CA ALA G 54 -1.81 -29.47 -4.74
C ALA G 54 -2.34 -29.74 -6.14
N ASN G 55 -1.64 -30.57 -6.92
CA ASN G 55 -2.03 -30.85 -8.30
C ASN G 55 -2.93 -32.07 -8.43
N GLY G 56 -3.11 -32.85 -7.37
CA GLY G 56 -3.99 -34.00 -7.41
C GLY G 56 -3.40 -35.26 -8.01
N ARG G 57 -2.10 -35.30 -8.26
CA ARG G 57 -1.48 -36.46 -8.89
C ARG G 57 -1.54 -37.65 -7.94
N PRO G 58 -2.18 -38.77 -8.32
CA PRO G 58 -2.13 -39.96 -7.48
C PRO G 58 -1.03 -40.92 -7.92
N ASP G 59 -0.87 -41.98 -7.13
CA ASP G 59 -0.02 -43.10 -7.47
C ASP G 59 -0.36 -44.25 -6.56
N TYR G 60 -0.56 -45.43 -7.14
CA TYR G 60 -1.14 -46.58 -6.45
C TYR G 60 -0.13 -47.71 -6.35
N ALA G 61 -0.39 -48.64 -5.43
CA ALA G 61 0.40 -49.85 -5.36
C ALA G 61 0.14 -50.70 -6.60
N GLY G 62 1.08 -51.60 -6.90
CA GLY G 62 0.99 -52.38 -8.12
C GLY G 62 -0.23 -53.29 -8.18
N ALA G 63 -0.55 -53.95 -7.06
CA ALA G 63 -1.59 -54.97 -7.08
C ALA G 63 -2.99 -54.38 -7.10
N LEU G 64 -3.16 -53.09 -6.76
CA LEU G 64 -4.47 -52.48 -6.59
C LEU G 64 -4.67 -51.27 -7.50
N ARG G 65 -4.03 -51.23 -8.67
CA ARG G 65 -4.16 -50.07 -9.53
C ARG G 65 -5.54 -49.97 -10.15
N GLU G 66 -6.17 -51.10 -10.47
CA GLU G 66 -7.47 -51.05 -11.12
C GLU G 66 -8.56 -50.59 -10.16
N ARG G 67 -8.53 -51.07 -8.92
CA ARG G 67 -9.62 -50.84 -7.99
C ARG G 67 -9.58 -49.46 -7.34
N LEU G 68 -8.40 -48.97 -6.95
CA LEU G 68 -8.31 -47.72 -6.21
C LEU G 68 -8.63 -46.53 -7.10
N SER G 69 -8.89 -45.39 -6.44
CA SER G 69 -9.01 -44.11 -7.12
C SER G 69 -8.97 -43.02 -6.05
N PHE G 70 -8.03 -42.09 -6.18
CA PHE G 70 -7.85 -41.00 -5.23
C PHE G 70 -8.18 -39.67 -5.88
N TYR G 71 -8.75 -38.77 -5.09
CA TYR G 71 -9.06 -37.42 -5.54
C TYR G 71 -9.29 -36.55 -4.32
N ARG G 72 -9.23 -35.23 -4.53
CA ARG G 72 -9.30 -34.27 -3.44
C ARG G 72 -10.25 -33.14 -3.82
N ASP G 73 -10.32 -32.16 -2.93
CA ASP G 73 -11.12 -30.95 -3.11
C ASP G 73 -10.39 -29.84 -2.36
N LYS G 74 -9.68 -29.00 -3.12
CA LYS G 74 -8.75 -28.06 -2.50
C LYS G 74 -9.47 -27.03 -1.63
N SER G 75 -10.62 -26.54 -2.08
CA SER G 75 -11.32 -25.50 -1.35
C SER G 75 -11.76 -25.95 0.04
N MET G 76 -12.27 -27.17 0.16
CA MET G 76 -12.64 -27.74 1.45
C MET G 76 -11.46 -28.36 2.18
N GLU G 77 -10.29 -28.47 1.55
CA GLU G 77 -9.15 -29.17 2.12
C GLU G 77 -9.53 -30.61 2.50
N THR G 78 -10.19 -31.29 1.57
CA THR G 78 -10.74 -32.61 1.77
C THR G 78 -10.08 -33.58 0.78
N LEU G 79 -9.95 -34.84 1.20
CA LEU G 79 -9.41 -35.90 0.36
C LEU G 79 -10.35 -37.10 0.42
N TYR G 80 -10.23 -37.98 -0.57
CA TYR G 80 -11.09 -39.13 -0.68
C TYR G 80 -10.30 -40.31 -1.22
N MET G 81 -10.92 -41.49 -1.19
CA MET G 81 -10.43 -42.65 -1.91
C MET G 81 -11.57 -43.64 -2.08
N ASP G 82 -11.65 -44.25 -3.26
CA ASP G 82 -12.67 -45.24 -3.58
C ASP G 82 -12.01 -46.56 -3.90
N LEU G 83 -12.54 -47.64 -3.33
CA LEU G 83 -12.06 -49.00 -3.54
C LEU G 83 -13.20 -49.82 -4.09
N ARG G 84 -13.28 -49.93 -5.42
CA ARG G 84 -14.37 -50.61 -6.08
C ARG G 84 -14.26 -52.12 -5.92
N SER G 85 -15.42 -52.77 -5.89
CA SER G 85 -15.51 -54.23 -5.86
C SER G 85 -14.77 -54.81 -4.67
N LEU G 86 -15.27 -54.48 -3.47
CA LEU G 86 -14.67 -54.98 -2.24
C LEU G 86 -14.67 -56.49 -2.20
N ARG G 87 -13.53 -57.07 -1.85
CA ARG G 87 -13.40 -58.48 -1.59
C ARG G 87 -13.35 -58.72 -0.08
N TYR G 88 -13.42 -59.99 0.30
CA TYR G 88 -13.50 -60.33 1.72
C TYR G 88 -12.26 -59.88 2.48
N ASP G 89 -11.08 -60.03 1.88
CA ASP G 89 -9.84 -59.71 2.58
C ASP G 89 -9.52 -58.22 2.60
N ASP G 90 -10.47 -57.35 2.29
CA ASP G 90 -10.29 -55.92 2.46
C ASP G 90 -10.59 -55.44 3.88
N THR G 91 -10.99 -56.35 4.78
CA THR G 91 -11.24 -55.99 6.17
C THR G 91 -9.96 -55.42 6.78
N ALA G 92 -9.98 -54.13 7.11
CA ALA G 92 -8.77 -53.46 7.60
C ALA G 92 -9.17 -52.08 8.11
N MET G 93 -8.24 -51.45 8.81
CA MET G 93 -8.39 -50.09 9.27
C MET G 93 -7.50 -49.19 8.43
N TYR G 94 -8.11 -48.21 7.76
CA TYR G 94 -7.46 -47.44 6.71
C TYR G 94 -7.08 -46.08 7.26
N TYR G 95 -5.78 -45.86 7.45
CA TYR G 95 -5.24 -44.62 8.00
C TYR G 95 -4.82 -43.70 6.88
N CYS G 96 -5.19 -42.42 6.98
CA CYS G 96 -4.54 -41.38 6.21
C CYS G 96 -3.39 -40.80 7.01
N VAL G 97 -2.26 -40.60 6.35
CA VAL G 97 -1.03 -40.19 7.02
C VAL G 97 -0.35 -39.12 6.18
N ARG G 98 0.12 -38.08 6.86
CA ARG G 98 0.86 -37.02 6.20
C ARG G 98 2.27 -37.48 5.88
N ASN G 99 2.93 -36.78 4.97
CA ASN G 99 4.30 -37.06 4.57
C ASN G 99 5.08 -35.75 4.63
N VAL G 100 6.32 -35.85 5.11
CA VAL G 100 7.25 -34.72 5.16
C VAL G 100 8.07 -34.72 3.87
N GLY G 101 7.54 -34.08 2.83
CA GLY G 101 8.24 -34.06 1.56
C GLY G 101 9.26 -32.94 1.51
N THR G 102 10.46 -33.26 1.06
CA THR G 102 11.51 -32.26 0.88
C THR G 102 11.35 -31.59 -0.47
N ALA G 103 12.35 -30.79 -0.87
CA ALA G 103 12.26 -30.07 -2.12
C ALA G 103 12.28 -30.99 -3.33
N GLY G 104 12.90 -32.17 -3.21
CA GLY G 104 13.04 -33.08 -4.34
C GLY G 104 12.92 -34.55 -3.98
N SER G 105 12.42 -34.87 -2.80
CA SER G 105 12.28 -36.26 -2.40
C SER G 105 11.25 -36.37 -1.28
N LEU G 106 10.78 -37.59 -1.04
CA LEU G 106 9.79 -37.89 -0.04
C LEU G 106 10.39 -38.73 1.09
N LEU G 107 9.87 -38.52 2.30
CA LEU G 107 10.46 -39.11 3.50
C LEU G 107 9.36 -39.46 4.49
N HIS G 108 9.80 -39.94 5.66
CA HIS G 108 8.97 -40.53 6.71
C HIS G 108 7.66 -39.83 7.02
N TYR G 109 6.61 -40.60 7.27
CA TYR G 109 5.35 -40.06 7.76
C TYR G 109 5.51 -39.57 9.20
N ASP G 110 4.81 -38.49 9.53
CA ASP G 110 4.86 -37.93 10.88
C ASP G 110 3.51 -37.99 11.60
N HIS G 111 2.46 -37.43 10.99
CA HIS G 111 1.18 -37.24 11.68
C HIS G 111 0.13 -38.17 11.10
N TRP G 112 -0.16 -39.25 11.81
CA TRP G 112 -1.16 -40.20 11.37
C TRP G 112 -2.57 -39.69 11.71
N GLY G 113 -3.53 -40.04 10.86
CA GLY G 113 -4.91 -39.70 11.12
C GLY G 113 -5.55 -40.68 12.09
N SER G 114 -6.77 -40.33 12.50
CA SER G 114 -7.49 -41.17 13.46
C SER G 114 -7.88 -42.51 12.89
N GLY G 115 -7.98 -42.64 11.57
CA GLY G 115 -8.25 -43.91 10.95
C GLY G 115 -9.72 -44.32 10.99
N SER G 116 -10.14 -45.11 10.01
CA SER G 116 -11.52 -45.55 9.86
C SER G 116 -11.56 -47.07 9.71
N PRO G 117 -12.18 -47.83 10.60
CA PRO G 117 -12.30 -49.27 10.34
C PRO G 117 -13.27 -49.57 9.22
N VAL G 118 -13.03 -50.68 8.54
CA VAL G 118 -13.91 -51.17 7.48
C VAL G 118 -14.03 -52.68 7.66
N ILE G 119 -15.26 -53.19 7.54
CA ILE G 119 -15.54 -54.62 7.62
C ILE G 119 -16.37 -54.99 6.41
N VAL G 120 -15.81 -55.85 5.56
CA VAL G 120 -16.50 -56.33 4.37
C VAL G 120 -17.25 -57.60 4.76
N SER G 121 -18.58 -57.51 4.82
CA SER G 121 -19.40 -58.66 5.16
C SER G 121 -20.85 -58.32 4.84
N SER G 122 -21.55 -59.25 4.21
CA SER G 122 -22.94 -59.06 3.79
C SER G 122 -23.80 -60.03 4.60
N ALA G 123 -24.33 -59.55 5.71
CA ALA G 123 -25.22 -60.32 6.54
C ALA G 123 -26.02 -59.38 7.42
N SER G 124 -27.29 -59.73 7.63
CA SER G 124 -28.15 -58.93 8.47
C SER G 124 -27.78 -59.11 9.94
N THR G 125 -28.37 -58.28 10.80
CA THR G 125 -28.18 -58.44 12.23
C THR G 125 -28.73 -59.80 12.65
N LYS G 126 -27.97 -60.50 13.49
CA LYS G 126 -28.27 -61.89 13.81
C LYS G 126 -27.72 -62.19 15.20
N GLY G 127 -28.52 -62.83 16.04
CA GLY G 127 -28.09 -63.23 17.35
C GLY G 127 -27.21 -64.46 17.29
N PRO G 128 -26.55 -64.80 18.39
CA PRO G 128 -25.62 -65.93 18.37
C PRO G 128 -26.30 -67.27 18.61
N SER G 129 -25.78 -68.29 17.95
CA SER G 129 -25.95 -69.65 18.42
C SER G 129 -24.96 -69.91 19.55
N VAL G 130 -25.33 -70.82 20.45
CA VAL G 130 -24.57 -71.06 21.68
C VAL G 130 -24.41 -72.57 21.83
N PHE G 131 -23.17 -73.05 21.72
CA PHE G 131 -22.84 -74.47 21.84
C PHE G 131 -22.07 -74.71 23.13
N PRO G 132 -22.53 -75.57 24.05
CA PRO G 132 -21.70 -75.87 25.23
C PRO G 132 -20.60 -76.87 24.90
N LEU G 133 -19.38 -76.54 25.31
CA LEU G 133 -18.24 -77.43 25.15
C LEU G 133 -18.13 -78.32 26.38
N ALA G 134 -17.94 -79.61 26.16
CA ALA G 134 -17.94 -80.57 27.25
C ALA G 134 -16.80 -80.26 28.23
N PRO G 135 -17.05 -80.20 29.55
CA PRO G 135 -15.93 -80.05 30.49
C PRO G 135 -14.95 -81.20 30.38
N SER G 136 -13.69 -80.92 30.73
CA SER G 136 -12.63 -81.91 30.63
C SER G 136 -12.91 -83.08 31.58
N SER G 137 -13.30 -84.22 31.03
CA SER G 137 -13.64 -85.39 31.83
C SER G 137 -13.85 -86.61 30.92
N GLY G 143 -5.59 -81.74 38.78
CA GLY G 143 -6.60 -81.41 39.75
C GLY G 143 -7.60 -80.38 39.24
N THR G 144 -7.13 -79.48 38.39
CA THR G 144 -7.96 -78.41 37.83
C THR G 144 -8.41 -78.81 36.43
N ALA G 145 -9.73 -78.83 36.22
CA ALA G 145 -10.33 -79.06 34.92
C ALA G 145 -10.76 -77.73 34.30
N ALA G 146 -11.28 -77.80 33.08
CA ALA G 146 -11.71 -76.62 32.35
C ALA G 146 -12.93 -76.97 31.50
N LEU G 147 -13.71 -75.95 31.19
CA LEU G 147 -14.89 -76.09 30.35
C LEU G 147 -15.07 -74.79 29.58
N GLY G 148 -15.88 -74.85 28.53
CA GLY G 148 -16.06 -73.68 27.69
C GLY G 148 -17.40 -73.73 26.98
N CYS G 149 -17.67 -72.63 26.27
CA CYS G 149 -18.90 -72.47 25.50
C CYS G 149 -18.60 -71.64 24.26
N LEU G 150 -19.05 -72.13 23.11
CA LEU G 150 -18.71 -71.54 21.83
C LEU G 150 -19.86 -70.66 21.36
N VAL G 151 -19.58 -69.37 21.19
CA VAL G 151 -20.51 -68.41 20.61
C VAL G 151 -20.28 -68.41 19.11
N LYS G 152 -21.34 -68.70 18.34
CA LYS G 152 -21.22 -69.05 16.93
C LYS G 152 -22.14 -68.19 16.08
N ASP G 153 -21.57 -67.62 15.01
CA ASP G 153 -22.31 -67.02 13.90
C ASP G 153 -23.28 -65.95 14.37
N TYR G 154 -22.73 -64.85 14.88
CA TYR G 154 -23.48 -63.65 15.21
C TYR G 154 -22.89 -62.47 14.45
N PHE G 155 -23.76 -61.56 14.04
CA PHE G 155 -23.36 -60.32 13.39
C PHE G 155 -24.37 -59.25 13.76
N PRO G 156 -23.94 -58.00 14.01
CA PRO G 156 -22.58 -57.44 14.13
C PRO G 156 -22.06 -57.55 15.56
N GLU G 157 -20.85 -57.05 15.79
CA GLU G 157 -20.36 -56.91 17.16
C GLU G 157 -21.17 -55.83 17.88
N PRO G 158 -21.18 -55.82 19.22
CA PRO G 158 -20.55 -56.71 20.20
C PRO G 158 -21.47 -57.79 20.76
N VAL G 159 -20.85 -58.79 21.40
CA VAL G 159 -21.56 -59.79 22.19
C VAL G 159 -20.90 -59.83 23.56
N THR G 160 -21.70 -60.18 24.57
CA THR G 160 -21.25 -60.25 25.96
C THR G 160 -21.46 -61.66 26.48
N VAL G 161 -20.45 -62.17 27.19
CA VAL G 161 -20.46 -63.53 27.74
C VAL G 161 -20.06 -63.46 29.20
N SER G 162 -20.79 -64.20 30.05
CA SER G 162 -20.48 -64.27 31.46
C SER G 162 -20.92 -65.65 31.96
N TRP G 163 -20.32 -66.08 33.07
CA TRP G 163 -20.51 -67.42 33.60
C TRP G 163 -21.28 -67.38 34.92
N ASN G 164 -22.25 -68.28 35.05
CA ASN G 164 -23.09 -68.39 36.24
C ASN G 164 -23.75 -67.06 36.58
N SER G 165 -24.26 -66.39 35.54
CA SER G 165 -24.87 -65.07 35.68
C SER G 165 -23.89 -64.08 36.28
N GLY G 166 -22.61 -64.21 35.92
CA GLY G 166 -21.55 -63.39 36.46
C GLY G 166 -21.05 -63.83 37.82
N ALA G 167 -21.61 -64.89 38.41
CA ALA G 167 -21.20 -65.32 39.74
C ALA G 167 -19.86 -66.05 39.71
N LEU G 168 -19.55 -66.76 38.63
CA LEU G 168 -18.35 -67.57 38.54
C LEU G 168 -17.25 -66.77 37.84
N THR G 169 -16.08 -66.71 38.48
CA THR G 169 -14.95 -65.96 37.95
C THR G 169 -13.62 -66.70 38.08
N SER G 170 -13.63 -68.01 38.34
CA SER G 170 -12.40 -68.76 38.53
C SER G 170 -11.70 -68.99 37.19
N GLY G 171 -10.75 -68.12 36.86
CA GLY G 171 -10.04 -68.22 35.60
C GLY G 171 -10.94 -68.05 34.40
N VAL G 172 -11.95 -67.19 34.51
CA VAL G 172 -12.82 -66.92 33.37
C VAL G 172 -12.06 -66.10 32.34
N HIS G 173 -12.23 -66.47 31.07
CA HIS G 173 -11.62 -65.74 29.96
C HIS G 173 -12.56 -65.79 28.77
N THR G 174 -12.63 -64.67 28.05
CA THR G 174 -13.43 -64.54 26.83
C THR G 174 -12.54 -63.98 25.73
N PHE G 175 -12.19 -64.83 24.78
CA PHE G 175 -11.27 -64.42 23.74
C PHE G 175 -11.94 -63.45 22.77
N PRO G 176 -11.16 -62.60 22.09
CA PRO G 176 -11.78 -61.66 21.15
C PRO G 176 -12.36 -62.36 19.94
N ALA G 177 -13.36 -61.73 19.34
CA ALA G 177 -14.08 -62.35 18.23
C ALA G 177 -13.19 -62.47 17.00
N VAL G 178 -13.41 -63.54 16.24
CA VAL G 178 -12.67 -63.81 15.00
C VAL G 178 -13.68 -63.80 13.86
N LEU G 179 -13.40 -63.00 12.83
CA LEU G 179 -14.30 -62.88 11.69
C LEU G 179 -14.12 -64.09 10.78
N GLN G 180 -15.12 -64.96 10.73
CA GLN G 180 -15.04 -66.14 9.90
C GLN G 180 -15.12 -65.76 8.41
N SER G 181 -14.93 -66.76 7.56
CA SER G 181 -14.98 -66.53 6.12
C SER G 181 -16.36 -66.09 5.66
N SER G 182 -17.42 -66.62 6.30
CA SER G 182 -18.78 -66.30 5.90
C SER G 182 -19.19 -64.87 6.25
N GLY G 183 -18.39 -64.15 7.04
CA GLY G 183 -18.74 -62.81 7.44
C GLY G 183 -19.50 -62.72 8.75
N LEU G 184 -19.55 -63.79 9.53
CA LEU G 184 -20.22 -63.82 10.82
C LEU G 184 -19.21 -64.08 11.92
N TYR G 185 -19.28 -63.27 12.98
CA TYR G 185 -18.30 -63.35 14.05
C TYR G 185 -18.56 -64.58 14.93
N SER G 186 -17.54 -64.91 15.72
CA SER G 186 -17.63 -66.01 16.67
C SER G 186 -16.51 -65.87 17.69
N LEU G 187 -16.73 -66.45 18.87
CA LEU G 187 -15.72 -66.46 19.92
C LEU G 187 -15.97 -67.61 20.86
N SER G 188 -14.99 -67.88 21.71
CA SER G 188 -15.08 -68.91 22.74
C SER G 188 -14.80 -68.31 24.10
N SER G 189 -15.60 -68.72 25.09
CA SER G 189 -15.42 -68.33 26.48
C SER G 189 -15.17 -69.58 27.31
N VAL G 190 -14.20 -69.49 28.22
CA VAL G 190 -13.73 -70.63 29.00
C VAL G 190 -13.65 -70.25 30.47
N VAL G 191 -13.66 -71.28 31.32
CA VAL G 191 -13.55 -71.10 32.76
C VAL G 191 -12.95 -72.36 33.34
N THR G 192 -12.02 -72.19 34.27
CA THR G 192 -11.31 -73.30 34.89
C THR G 192 -11.86 -73.55 36.28
N VAL G 193 -12.12 -74.83 36.57
CA VAL G 193 -12.71 -75.24 37.85
C VAL G 193 -12.00 -76.51 38.32
N PRO G 194 -12.12 -76.90 39.59
CA PRO G 194 -11.52 -78.17 40.03
C PRO G 194 -12.12 -79.35 39.28
N SER G 195 -11.32 -80.41 39.13
CA SER G 195 -11.78 -81.58 38.41
C SER G 195 -12.99 -82.23 39.09
N SER G 196 -12.97 -82.31 40.42
CA SER G 196 -14.11 -82.88 41.14
C SER G 196 -15.34 -81.98 41.03
N SER G 197 -15.14 -80.67 40.85
CA SER G 197 -16.27 -79.75 40.81
C SER G 197 -17.17 -79.95 39.60
N LEU G 198 -16.68 -80.65 38.56
CA LEU G 198 -17.51 -80.90 37.39
C LEU G 198 -18.75 -81.71 37.72
N GLY G 199 -18.67 -82.60 38.71
CA GLY G 199 -19.79 -83.44 39.05
C GLY G 199 -20.82 -82.82 39.99
N THR G 200 -20.51 -81.67 40.60
CA THR G 200 -21.37 -81.08 41.62
C THR G 200 -21.75 -79.64 41.31
N GLN G 201 -20.83 -78.86 40.75
CA GLN G 201 -21.05 -77.43 40.62
C GLN G 201 -21.83 -77.10 39.36
N THR G 202 -22.77 -76.16 39.50
CA THR G 202 -23.55 -75.70 38.37
C THR G 202 -22.72 -74.79 37.47
N TYR G 203 -22.97 -74.87 36.16
CA TYR G 203 -22.26 -74.08 35.17
C TYR G 203 -23.28 -73.52 34.18
N ILE G 204 -23.38 -72.19 34.12
CA ILE G 204 -24.24 -71.49 33.17
C ILE G 204 -23.36 -70.54 32.37
N CYS G 205 -23.56 -70.51 31.06
CA CYS G 205 -22.96 -69.50 30.19
C CYS G 205 -24.05 -68.53 29.76
N ASN G 206 -23.90 -67.26 30.13
CA ASN G 206 -24.89 -66.23 29.85
C ASN G 206 -24.39 -65.42 28.65
N VAL G 207 -25.02 -65.63 27.49
CA VAL G 207 -24.64 -64.99 26.24
C VAL G 207 -25.66 -63.91 25.93
N ASN G 208 -25.20 -62.67 25.78
CA ASN G 208 -26.04 -61.53 25.49
C ASN G 208 -25.51 -60.81 24.25
N HIS G 209 -26.41 -60.42 23.36
CA HIS G 209 -26.08 -59.79 22.09
C HIS G 209 -26.89 -58.51 21.96
N LYS G 210 -26.22 -57.38 22.13
CA LYS G 210 -26.93 -56.09 22.19
C LYS G 210 -27.64 -55.73 20.90
N PRO G 211 -27.02 -55.77 19.71
CA PRO G 211 -27.71 -55.31 18.50
C PRO G 211 -29.00 -56.05 18.19
N SER G 212 -29.03 -57.37 18.41
CA SER G 212 -30.27 -58.13 18.29
C SER G 212 -31.04 -58.19 19.60
N ASN G 213 -30.39 -57.92 20.73
CA ASN G 213 -30.99 -57.89 22.06
C ASN G 213 -31.45 -59.27 22.53
N THR G 214 -31.10 -60.34 21.82
CA THR G 214 -31.44 -61.69 22.25
C THR G 214 -30.45 -62.16 23.31
N LYS G 215 -30.85 -63.19 24.04
CA LYS G 215 -30.06 -63.67 25.17
C LYS G 215 -30.36 -65.15 25.41
N VAL G 216 -29.30 -65.93 25.59
CA VAL G 216 -29.41 -67.36 25.90
C VAL G 216 -28.46 -67.68 27.04
N ASP G 217 -29.00 -68.26 28.10
CA ASP G 217 -28.23 -68.71 29.26
C ASP G 217 -28.00 -70.21 29.15
N LYS G 218 -27.04 -70.58 28.30
CA LYS G 218 -26.79 -72.00 28.02
C LYS G 218 -26.13 -72.67 29.23
N ARG G 219 -26.45 -73.95 29.42
CA ARG G 219 -25.86 -74.75 30.49
C ARG G 219 -24.75 -75.63 29.93
N VAL G 220 -23.53 -75.43 30.41
CA VAL G 220 -22.40 -76.28 30.04
C VAL G 220 -22.27 -77.48 30.98
N GLU G 221 -22.83 -77.39 32.18
CA GLU G 221 -22.76 -78.50 33.13
C GLU G 221 -23.34 -79.83 32.64
N PRO G 222 -24.50 -79.90 31.96
CA PRO G 222 -25.21 -81.19 31.88
C PRO G 222 -24.41 -82.32 31.25
N LYS G 223 -23.60 -82.05 30.23
CA LYS G 223 -22.70 -83.05 29.67
C LYS G 223 -21.31 -82.99 30.32
N SER G 224 -21.26 -83.25 31.63
CA SER G 224 -19.98 -83.34 32.32
C SER G 224 -19.33 -84.68 32.00
N CYS G 225 -18.83 -84.81 30.77
CA CYS G 225 -18.30 -86.08 30.27
C CYS G 225 -17.17 -85.84 29.28
N GLU H 1 10.40 -56.36 -2.84
CA GLU H 1 11.81 -55.89 -2.94
C GLU H 1 12.46 -55.78 -1.56
N ILE H 2 12.07 -54.75 -0.81
CA ILE H 2 12.62 -54.47 0.51
C ILE H 2 11.69 -55.07 1.54
N VAL H 3 12.20 -56.02 2.32
CA VAL H 3 11.41 -56.73 3.33
C VAL H 3 12.02 -56.49 4.70
N LEU H 4 11.49 -55.51 5.43
CA LEU H 4 11.96 -55.24 6.78
C LEU H 4 11.48 -56.35 7.71
N THR H 5 12.36 -57.32 7.99
CA THR H 5 12.01 -58.47 8.82
C THR H 5 12.29 -58.15 10.29
N GLN H 6 11.35 -57.44 10.88
CA GLN H 6 11.49 -57.02 12.27
C GLN H 6 11.46 -58.22 13.20
N SER H 7 12.38 -58.26 14.15
CA SER H 7 12.57 -59.38 15.06
C SER H 7 13.17 -58.86 16.35
N PRO H 8 12.89 -59.51 17.49
CA PRO H 8 12.02 -60.66 17.76
C PRO H 8 10.55 -60.28 17.83
N ALA H 9 9.67 -61.28 17.80
CA ALA H 9 8.23 -61.01 17.82
C ALA H 9 7.81 -60.33 19.11
N THR H 10 8.33 -60.79 20.25
CA THR H 10 7.95 -60.29 21.56
C THR H 10 9.19 -60.14 22.43
N LEU H 11 9.38 -58.95 22.98
CA LEU H 11 10.42 -58.67 23.97
C LEU H 11 9.82 -58.60 25.36
N SER H 12 10.58 -59.12 26.33
CA SER H 12 10.18 -59.13 27.73
C SER H 12 11.23 -58.37 28.55
N ALA H 13 10.76 -57.47 29.40
CA ALA H 13 11.65 -56.70 30.26
C ALA H 13 10.85 -56.14 31.42
N SER H 14 11.48 -56.11 32.59
CA SER H 14 10.84 -55.51 33.76
C SER H 14 10.86 -53.99 33.64
N PRO H 15 9.96 -53.29 34.33
CA PRO H 15 9.97 -51.82 34.24
C PRO H 15 11.27 -51.24 34.78
N GLY H 16 11.71 -50.14 34.17
CA GLY H 16 12.95 -49.50 34.51
C GLY H 16 14.17 -50.05 33.78
N GLU H 17 14.05 -51.21 33.13
CA GLU H 17 15.18 -51.82 32.46
C GLU H 17 15.48 -51.09 31.15
N ARG H 18 16.64 -51.42 30.58
CA ARG H 18 16.95 -51.09 29.20
C ARG H 18 16.53 -52.26 28.30
N VAL H 19 16.08 -51.92 27.08
CA VAL H 19 15.62 -52.92 26.13
C VAL H 19 15.94 -52.42 24.73
N THR H 20 16.11 -53.37 23.81
CA THR H 20 16.61 -53.09 22.47
C THR H 20 15.80 -53.87 21.44
N LEU H 21 15.48 -53.22 20.32
CA LEU H 21 14.80 -53.82 19.19
C LEU H 21 15.72 -53.85 17.97
N THR H 22 15.35 -54.69 17.01
CA THR H 22 16.08 -54.84 15.76
C THR H 22 15.11 -54.82 14.59
N CYS H 23 15.60 -54.41 13.42
CA CYS H 23 14.80 -54.37 12.20
C CYS H 23 15.72 -54.68 11.03
N ARG H 24 15.76 -55.95 10.63
CA ARG H 24 16.62 -56.40 9.54
C ARG H 24 16.00 -56.03 8.20
N ALA H 25 16.69 -55.22 7.42
CA ALA H 25 16.31 -55.00 6.03
C ALA H 25 16.81 -56.15 5.17
N SER H 26 16.20 -56.31 3.99
CA SER H 26 16.62 -57.36 3.08
C SER H 26 17.83 -56.95 2.25
N ARG H 27 18.02 -55.67 2.00
CA ARG H 27 19.22 -55.17 1.33
C ARG H 27 19.39 -53.70 1.71
N SER H 28 20.26 -53.02 0.97
CA SER H 28 20.64 -51.65 1.34
C SER H 28 19.44 -50.72 1.30
N VAL H 29 19.30 -49.91 2.35
CA VAL H 29 18.28 -48.87 2.43
C VAL H 29 18.91 -47.55 2.84
N ARG H 30 20.23 -47.43 2.70
CA ARG H 30 21.01 -46.27 3.16
C ARG H 30 20.72 -46.10 4.65
N ASN H 31 20.45 -44.87 5.14
CA ASN H 31 19.93 -44.64 6.48
C ASN H 31 18.48 -44.18 6.44
N ASN H 32 17.77 -44.43 5.33
CA ASN H 32 16.38 -44.02 5.17
C ASN H 32 15.48 -45.02 5.90
N VAL H 33 15.43 -44.87 7.23
CA VAL H 33 14.68 -45.75 8.11
C VAL H 33 14.07 -44.92 9.22
N ALA H 34 12.90 -45.34 9.70
CA ALA H 34 12.22 -44.69 10.79
C ALA H 34 11.53 -45.75 11.64
N TRP H 35 11.28 -45.39 12.90
CA TRP H 35 10.60 -46.24 13.86
C TRP H 35 9.37 -45.51 14.38
N TYR H 36 8.36 -46.27 14.80
CA TYR H 36 7.13 -45.71 15.33
C TYR H 36 6.68 -46.49 16.56
N GLN H 37 5.95 -45.80 17.43
CA GLN H 37 5.27 -46.45 18.55
C GLN H 37 3.80 -46.59 18.22
N HIS H 38 3.32 -47.83 18.22
CA HIS H 38 1.92 -48.13 17.97
C HIS H 38 1.21 -48.26 19.32
N LYS H 39 0.27 -47.35 19.58
CA LYS H 39 -0.42 -47.33 20.85
C LYS H 39 -1.50 -48.41 20.86
N GLY H 40 -2.40 -48.37 21.84
CA GLY H 40 -3.47 -49.35 21.90
C GLY H 40 -4.55 -49.10 20.89
N GLY H 41 -4.21 -49.23 19.60
CA GLY H 41 -5.14 -49.02 18.51
C GLY H 41 -5.21 -47.60 17.99
N GLN H 42 -4.64 -46.64 18.72
CA GLN H 42 -4.72 -45.25 18.31
C GLN H 42 -3.69 -44.96 17.21
N SER H 43 -3.58 -43.70 16.83
CA SER H 43 -2.65 -43.28 15.80
C SER H 43 -1.21 -43.60 16.23
N PRO H 44 -0.42 -44.28 15.40
CA PRO H 44 1.01 -44.40 15.71
C PRO H 44 1.68 -43.04 15.79
N ARG H 45 2.87 -43.04 16.38
CA ARG H 45 3.63 -41.82 16.67
C ARG H 45 5.06 -41.99 16.19
N LEU H 46 5.68 -40.87 15.79
CA LEU H 46 7.04 -40.90 15.28
C LEU H 46 8.03 -40.82 16.43
N LEU H 47 8.99 -41.75 16.46
CA LEU H 47 10.08 -41.75 17.43
C LEU H 47 11.40 -41.34 16.81
N ILE H 48 11.83 -42.02 15.75
CA ILE H 48 13.12 -41.80 15.11
C ILE H 48 12.92 -41.79 13.61
N TYR H 49 13.62 -40.89 12.92
CA TYR H 49 13.72 -40.90 11.47
C TYR H 49 15.18 -40.69 11.09
N ASP H 50 15.52 -41.17 9.89
CA ASP H 50 16.89 -41.24 9.41
C ASP H 50 17.75 -42.15 10.28
N ALA H 51 17.10 -43.04 11.04
CA ALA H 51 17.73 -44.16 11.76
C ALA H 51 18.55 -43.76 12.97
N SER H 52 18.80 -42.46 13.20
CA SER H 52 19.50 -42.02 14.40
C SER H 52 18.94 -40.74 15.02
N THR H 53 18.13 -39.98 14.26
CA THR H 53 17.69 -38.68 14.73
C THR H 53 16.39 -38.82 15.50
N ARG H 54 16.38 -38.38 16.75
CA ARG H 54 15.17 -38.39 17.56
C ARG H 54 14.17 -37.38 17.02
N ALA H 55 12.90 -37.76 16.97
CA ALA H 55 11.86 -36.87 16.50
C ALA H 55 11.45 -35.89 17.59
N ALA H 56 10.78 -34.82 17.18
CA ALA H 56 10.39 -33.77 18.11
C ALA H 56 9.37 -34.30 19.11
N GLY H 57 9.52 -33.87 20.37
CA GLY H 57 8.60 -34.25 21.42
C GLY H 57 8.79 -35.64 21.97
N VAL H 58 9.77 -36.39 21.48
CA VAL H 58 9.99 -37.76 21.97
C VAL H 58 10.74 -37.70 23.29
N PRO H 59 10.44 -38.56 24.28
CA PRO H 59 11.29 -38.60 25.47
C PRO H 59 12.72 -39.01 25.13
N ALA H 60 13.67 -38.43 25.88
CA ALA H 60 15.08 -38.61 25.55
C ALA H 60 15.55 -40.05 25.69
N ARG H 61 14.84 -40.87 26.46
CA ARG H 61 15.27 -42.26 26.66
C ARG H 61 15.23 -43.07 25.38
N PHE H 62 14.43 -42.66 24.39
CA PHE H 62 14.37 -43.37 23.12
C PHE H 62 15.60 -43.02 22.28
N SER H 63 16.25 -44.04 21.74
CA SER H 63 17.46 -43.86 20.96
C SER H 63 17.56 -44.94 19.91
N GLY H 64 18.35 -44.67 18.88
CA GLY H 64 18.54 -45.62 17.79
C GLY H 64 19.90 -45.45 17.17
N SER H 65 20.30 -46.47 16.41
CA SER H 65 21.62 -46.49 15.79
C SER H 65 21.57 -47.34 14.52
N ALA H 66 22.36 -46.93 13.54
CA ALA H 66 22.45 -47.66 12.28
C ALA H 66 23.55 -48.71 12.35
N SER H 67 23.33 -49.81 11.64
CA SER H 67 24.32 -50.87 11.52
C SER H 67 24.36 -51.38 10.08
N GLY H 68 24.32 -50.47 9.12
CA GLY H 68 24.26 -50.84 7.72
C GLY H 68 22.86 -51.26 7.31
N THR H 69 22.68 -52.52 6.94
CA THR H 69 21.36 -53.04 6.62
C THR H 69 20.51 -53.31 7.85
N GLU H 70 21.13 -53.50 9.01
CA GLU H 70 20.41 -53.71 10.27
C GLU H 70 20.29 -52.39 11.00
N PHE H 71 19.16 -52.21 11.69
CA PHE H 71 18.86 -50.99 12.42
C PHE H 71 18.34 -51.36 13.79
N THR H 72 18.41 -50.40 14.72
CA THR H 72 18.21 -50.69 16.14
C THR H 72 17.53 -49.51 16.81
N LEU H 73 16.57 -49.83 17.68
CA LEU H 73 15.97 -48.88 18.60
C LEU H 73 16.21 -49.38 20.02
N ALA H 74 16.58 -48.45 20.91
CA ALA H 74 16.90 -48.78 22.29
C ALA H 74 16.18 -47.83 23.24
N ILE H 75 15.46 -48.41 24.19
CA ILE H 75 14.82 -47.66 25.28
C ILE H 75 15.68 -47.88 26.52
N SER H 76 16.07 -46.79 27.18
CA SER H 76 16.95 -46.89 28.33
C SER H 76 16.18 -47.16 29.62
N ASN H 77 15.11 -46.38 29.88
CA ASN H 77 14.32 -46.48 31.11
C ASN H 77 12.90 -46.90 30.70
N LEU H 78 12.68 -48.21 30.67
CA LEU H 78 11.42 -48.77 30.17
C LEU H 78 10.34 -48.57 31.23
N GLU H 79 9.47 -47.58 31.00
CA GLU H 79 8.37 -47.33 31.92
C GLU H 79 7.22 -48.28 31.64
N SER H 80 6.15 -48.14 32.43
CA SER H 80 4.97 -48.98 32.25
C SER H 80 4.22 -48.65 30.97
N GLU H 81 4.26 -47.40 30.52
CA GLU H 81 3.52 -47.02 29.32
C GLU H 81 4.16 -47.57 28.06
N ASP H 82 5.49 -47.74 28.06
CA ASP H 82 6.20 -48.15 26.86
C ASP H 82 5.95 -49.60 26.47
N PHE H 83 5.27 -50.39 27.30
CA PHE H 83 4.97 -51.77 26.95
C PHE H 83 3.88 -51.81 25.89
N THR H 84 4.26 -51.55 24.64
CA THR H 84 3.33 -51.44 23.53
C THR H 84 4.01 -52.03 22.28
N VAL H 85 3.43 -51.77 21.12
CA VAL H 85 3.89 -52.34 19.85
C VAL H 85 4.63 -51.27 19.06
N TYR H 86 5.81 -51.63 18.56
CA TYR H 86 6.63 -50.77 17.72
C TYR H 86 6.90 -51.47 16.39
N PHE H 87 6.84 -50.71 15.30
CA PHE H 87 7.14 -51.23 13.97
C PHE H 87 8.10 -50.29 13.27
N CYS H 88 8.98 -50.86 12.44
CA CYS H 88 9.96 -50.08 11.70
C CYS H 88 9.47 -49.80 10.29
N LEU H 89 10.13 -48.84 9.63
CA LEU H 89 9.70 -48.32 8.35
C LEU H 89 10.93 -47.86 7.58
N GLN H 90 10.89 -48.06 6.26
CA GLN H 90 11.96 -47.58 5.38
C GLN H 90 11.34 -46.81 4.22
N TYR H 91 12.07 -45.82 3.74
CA TYR H 91 11.62 -44.96 2.64
C TYR H 91 12.72 -44.78 1.60
N ASN H 92 13.60 -45.78 1.47
CA ASN H 92 14.60 -45.78 0.42
C ASN H 92 14.02 -46.10 -0.95
N ASN H 93 12.90 -46.83 -0.98
CA ASN H 93 12.25 -47.28 -2.21
C ASN H 93 10.76 -47.16 -1.97
N TRP H 94 9.93 -47.85 -2.76
CA TRP H 94 8.54 -48.02 -2.37
C TRP H 94 8.46 -48.54 -0.93
N TRP H 95 7.40 -48.12 -0.25
CA TRP H 95 7.35 -48.12 1.20
C TRP H 95 7.02 -49.51 1.71
N THR H 96 7.51 -49.84 2.90
CA THR H 96 7.20 -51.10 3.54
C THR H 96 7.25 -50.91 5.05
N PHE H 97 6.61 -51.84 5.76
CA PHE H 97 6.48 -51.79 7.20
C PHE H 97 6.90 -53.12 7.81
N GLY H 98 7.29 -53.09 9.07
CA GLY H 98 7.61 -54.31 9.77
C GLY H 98 6.38 -54.98 10.34
N GLN H 99 6.55 -56.23 10.76
CA GLN H 99 5.46 -56.97 11.36
C GLN H 99 5.08 -56.46 12.75
N GLY H 100 5.90 -55.61 13.36
CA GLY H 100 5.60 -55.08 14.68
C GLY H 100 6.07 -56.00 15.79
N THR H 101 6.76 -55.43 16.77
CA THR H 101 7.29 -56.17 17.90
C THR H 101 6.60 -55.69 19.17
N ARG H 102 6.16 -56.65 20.00
CA ARG H 102 5.50 -56.34 21.25
C ARG H 102 6.49 -56.35 22.40
N VAL H 103 6.27 -55.45 23.36
CA VAL H 103 7.09 -55.35 24.57
C VAL H 103 6.17 -55.61 25.76
N ASP H 104 6.26 -56.81 26.32
CA ASP H 104 5.40 -57.24 27.41
C ASP H 104 6.16 -57.26 28.73
N ILE H 105 5.43 -57.56 29.81
CA ILE H 105 5.99 -57.52 31.15
C ILE H 105 6.76 -58.82 31.41
N LYS H 106 7.95 -58.69 31.97
CA LYS H 106 8.74 -59.86 32.34
C LYS H 106 8.09 -60.60 33.51
N ARG H 107 8.28 -61.91 33.52
CA ARG H 107 7.89 -62.73 34.66
C ARG H 107 8.57 -64.09 34.54
N THR H 108 8.19 -65.00 35.42
CA THR H 108 8.75 -66.35 35.40
C THR H 108 8.09 -67.19 34.31
N VAL H 109 8.80 -68.23 33.86
CA VAL H 109 8.25 -69.13 32.87
C VAL H 109 7.11 -69.94 33.48
N ALA H 110 5.98 -69.99 32.78
CA ALA H 110 4.80 -70.71 33.21
C ALA H 110 4.31 -71.60 32.08
N ALA H 111 4.07 -72.88 32.38
CA ALA H 111 3.64 -73.81 31.36
C ALA H 111 2.15 -73.62 31.08
N PRO H 112 1.67 -73.95 29.87
CA PRO H 112 0.23 -73.86 29.61
C PRO H 112 -0.51 -75.07 30.16
N SER H 113 -1.63 -74.81 30.84
CA SER H 113 -2.57 -75.86 31.17
C SER H 113 -3.40 -76.18 29.93
N VAL H 114 -3.28 -77.40 29.43
CA VAL H 114 -3.78 -77.78 28.12
C VAL H 114 -5.08 -78.55 28.29
N PHE H 115 -6.10 -78.17 27.51
CA PHE H 115 -7.37 -78.86 27.48
C PHE H 115 -7.84 -78.97 26.04
N ILE H 116 -8.65 -80.00 25.77
CA ILE H 116 -9.34 -80.16 24.50
C ILE H 116 -10.78 -80.53 24.80
N PHE H 117 -11.71 -79.88 24.09
CA PHE H 117 -13.13 -80.15 24.19
C PHE H 117 -13.59 -80.85 22.92
N PRO H 118 -14.33 -81.95 22.97
CA PRO H 118 -14.92 -82.48 21.75
C PRO H 118 -15.95 -81.50 21.21
N PRO H 119 -16.23 -81.53 19.89
CA PRO H 119 -17.28 -80.67 19.34
C PRO H 119 -18.62 -80.94 20.01
N SER H 120 -19.39 -79.89 20.28
CA SER H 120 -20.65 -80.04 20.99
C SER H 120 -21.65 -80.81 20.13
N ASP H 121 -22.47 -81.65 20.79
CA ASP H 121 -23.47 -82.42 20.06
C ASP H 121 -24.46 -81.51 19.35
N GLU H 122 -24.82 -80.39 19.97
CA GLU H 122 -25.65 -79.40 19.30
C GLU H 122 -24.95 -78.85 18.05
N GLN H 123 -23.62 -78.77 18.09
CA GLN H 123 -22.87 -78.38 16.90
C GLN H 123 -22.75 -79.54 15.91
N LEU H 124 -22.77 -80.78 16.39
CA LEU H 124 -22.78 -81.92 15.48
C LEU H 124 -24.07 -81.95 14.66
N LYS H 125 -25.21 -81.85 15.33
CA LYS H 125 -26.48 -81.93 14.62
C LYS H 125 -26.68 -80.76 13.65
N SER H 126 -26.03 -79.63 13.91
CA SER H 126 -26.05 -78.50 12.98
C SER H 126 -25.17 -78.73 11.76
N GLY H 127 -24.35 -79.77 11.75
CA GLY H 127 -23.53 -80.10 10.60
C GLY H 127 -22.20 -79.37 10.53
N THR H 128 -21.72 -78.81 11.64
CA THR H 128 -20.48 -78.03 11.65
C THR H 128 -19.61 -78.36 12.87
N ALA H 129 -19.43 -79.65 13.17
CA ALA H 129 -18.63 -80.07 14.31
C ALA H 129 -17.21 -79.54 14.22
N SER H 130 -16.80 -78.73 15.18
CA SER H 130 -15.51 -78.04 15.18
C SER H 130 -14.86 -78.22 16.55
N VAL H 131 -13.60 -78.67 16.54
CA VAL H 131 -12.89 -78.97 17.78
C VAL H 131 -12.33 -77.68 18.36
N VAL H 132 -12.13 -77.67 19.68
CA VAL H 132 -11.61 -76.52 20.41
C VAL H 132 -10.50 -76.99 21.35
N CYS H 133 -9.46 -76.17 21.47
CA CYS H 133 -8.34 -76.43 22.36
C CYS H 133 -8.02 -75.17 23.15
N LEU H 134 -7.49 -75.34 24.35
CA LEU H 134 -7.26 -74.23 25.28
C LEU H 134 -5.88 -74.35 25.89
N LEU H 135 -5.17 -73.22 25.99
CA LEU H 135 -3.86 -73.09 26.60
C LEU H 135 -3.92 -71.90 27.55
N ASN H 136 -4.16 -72.18 28.84
CA ASN H 136 -4.46 -71.14 29.80
C ASN H 136 -3.28 -70.82 30.70
N ASN H 137 -3.03 -69.53 30.91
CA ASN H 137 -2.06 -69.02 31.88
C ASN H 137 -0.65 -69.56 31.64
N PHE H 138 -0.03 -69.16 30.53
CA PHE H 138 1.36 -69.51 30.23
C PHE H 138 2.16 -68.23 30.00
N TYR H 139 3.48 -68.38 30.05
CA TYR H 139 4.40 -67.31 29.69
C TYR H 139 5.71 -67.97 29.33
N PRO H 140 6.43 -67.52 28.29
CA PRO H 140 6.22 -66.42 27.33
C PRO H 140 5.19 -66.73 26.24
N ARG H 141 5.05 -65.79 25.29
CA ARG H 141 4.09 -65.87 24.20
C ARG H 141 4.41 -66.97 23.19
N GLU H 142 5.60 -67.59 23.27
CA GLU H 142 6.10 -68.46 22.22
C GLU H 142 5.28 -69.73 22.01
N ALA H 143 4.33 -70.04 22.89
CA ALA H 143 3.56 -71.28 22.81
C ALA H 143 2.91 -71.46 21.44
N LYS H 144 2.77 -72.73 21.05
CA LYS H 144 2.36 -73.10 19.70
C LYS H 144 1.37 -74.26 19.78
N VAL H 145 0.52 -74.36 18.77
CA VAL H 145 -0.50 -75.41 18.69
C VAL H 145 -0.49 -76.00 17.29
N GLN H 146 -0.63 -77.32 17.21
CA GLN H 146 -0.82 -78.04 15.96
C GLN H 146 -2.00 -78.99 16.08
N TRP H 147 -2.86 -79.01 15.08
CA TRP H 147 -4.06 -79.83 15.07
C TRP H 147 -3.79 -81.14 14.33
N LYS H 148 -4.20 -82.24 14.94
CA LYS H 148 -3.95 -83.57 14.40
C LYS H 148 -5.20 -84.42 14.55
N VAL H 149 -5.52 -85.17 13.50
CA VAL H 149 -6.70 -86.05 13.47
C VAL H 149 -6.24 -87.44 13.09
N ASP H 150 -6.43 -88.41 13.99
CA ASP H 150 -5.85 -89.74 13.85
C ASP H 150 -4.35 -89.64 13.59
N ASN H 151 -3.70 -88.71 14.28
CA ASN H 151 -2.28 -88.44 14.09
C ASN H 151 -1.97 -87.99 12.67
N ALA H 152 -2.96 -87.43 11.98
CA ALA H 152 -2.74 -86.82 10.67
C ALA H 152 -2.89 -85.31 10.78
N LEU H 153 -1.90 -84.58 10.26
CA LEU H 153 -1.85 -83.15 10.44
C LEU H 153 -3.02 -82.46 9.74
N GLN H 154 -3.52 -81.39 10.37
CA GLN H 154 -4.50 -80.50 9.79
C GLN H 154 -3.96 -79.08 9.84
N SER H 155 -4.14 -78.35 8.73
CA SER H 155 -3.60 -77.00 8.61
C SER H 155 -4.54 -76.17 7.76
N GLY H 156 -4.43 -74.84 7.92
CA GLY H 156 -5.26 -73.92 7.18
C GLY H 156 -6.63 -73.72 7.79
N ASN H 157 -7.39 -74.81 7.94
CA ASN H 157 -8.75 -74.74 8.48
C ASN H 157 -8.78 -74.66 9.99
N SER H 158 -8.08 -73.70 10.59
CA SER H 158 -8.06 -73.55 12.04
C SER H 158 -7.81 -72.08 12.37
N GLN H 159 -8.10 -71.73 13.63
CA GLN H 159 -7.97 -70.37 14.10
C GLN H 159 -7.37 -70.39 15.50
N GLU H 160 -6.89 -69.22 15.94
CA GLU H 160 -6.32 -69.05 17.25
C GLU H 160 -6.67 -67.68 17.80
N SER H 161 -6.64 -67.56 19.12
CA SER H 161 -6.88 -66.29 19.80
C SER H 161 -6.05 -66.28 21.08
N VAL H 162 -5.64 -65.08 21.47
CA VAL H 162 -4.81 -64.88 22.65
C VAL H 162 -5.35 -63.71 23.45
N THR H 163 -5.52 -63.92 24.75
CA THR H 163 -5.97 -62.86 25.63
C THR H 163 -4.88 -61.81 25.80
N GLU H 164 -5.24 -60.70 26.42
CA GLU H 164 -4.24 -59.73 26.86
C GLU H 164 -3.35 -60.40 27.89
N GLN H 165 -2.13 -59.91 28.06
CA GLN H 165 -1.25 -60.46 29.10
C GLN H 165 -1.90 -60.19 30.45
N ASP H 166 -2.45 -61.23 31.07
CA ASP H 166 -3.27 -61.09 32.27
C ASP H 166 -2.49 -60.44 33.40
N SER H 167 -2.88 -59.23 33.79
CA SER H 167 -2.18 -58.51 34.85
C SER H 167 -2.26 -59.22 36.19
N LYS H 168 -3.18 -60.16 36.35
CA LYS H 168 -3.27 -60.91 37.60
C LYS H 168 -1.98 -61.68 37.88
N ASP H 169 -1.41 -62.32 36.85
CA ASP H 169 -0.12 -62.99 37.01
C ASP H 169 0.79 -62.82 35.80
N SER H 170 0.50 -61.90 34.87
CA SER H 170 1.35 -61.61 33.72
C SER H 170 1.53 -62.82 32.81
N THR H 171 0.50 -63.67 32.69
CA THR H 171 0.54 -64.82 31.81
C THR H 171 -0.51 -64.69 30.71
N TYR H 172 -0.24 -65.39 29.60
CA TYR H 172 -1.14 -65.40 28.45
C TYR H 172 -2.10 -66.58 28.54
N SER H 173 -3.29 -66.38 28.00
CA SER H 173 -4.26 -67.44 27.78
C SER H 173 -4.58 -67.51 26.30
N LEU H 174 -4.45 -68.71 25.73
CA LEU H 174 -4.57 -68.95 24.29
C LEU H 174 -5.57 -70.07 24.06
N SER H 175 -6.35 -69.94 23.00
CA SER H 175 -7.26 -70.98 22.56
C SER H 175 -7.17 -71.13 21.05
N SER H 176 -7.53 -72.32 20.57
CA SER H 176 -7.50 -72.64 19.15
C SER H 176 -8.75 -73.43 18.79
N THR H 177 -9.19 -73.28 17.54
CA THR H 177 -10.39 -73.93 17.03
C THR H 177 -10.07 -74.60 15.70
N LEU H 178 -10.58 -75.82 15.52
CA LEU H 178 -10.48 -76.56 14.28
C LEU H 178 -11.86 -76.67 13.67
N THR H 179 -12.07 -76.01 12.54
CA THR H 179 -13.37 -75.96 11.88
C THR H 179 -13.48 -77.10 10.88
N LEU H 180 -14.55 -77.89 11.00
CA LEU H 180 -14.82 -79.00 10.11
C LEU H 180 -16.32 -79.19 10.01
N SER H 181 -16.75 -79.83 8.91
CA SER H 181 -18.14 -80.23 8.77
C SER H 181 -18.35 -81.58 9.44
N LYS H 182 -19.63 -81.94 9.61
CA LYS H 182 -19.95 -83.23 10.19
C LYS H 182 -19.43 -84.37 9.33
N ALA H 183 -19.59 -84.26 8.00
CA ALA H 183 -19.07 -85.28 7.11
C ALA H 183 -17.56 -85.40 7.23
N ASP H 184 -16.86 -84.26 7.27
CA ASP H 184 -15.42 -84.29 7.51
C ASP H 184 -15.12 -84.79 8.92
N TYR H 185 -15.94 -84.39 9.90
CA TYR H 185 -15.72 -84.82 11.27
C TYR H 185 -15.93 -86.33 11.41
N GLU H 186 -16.72 -86.94 10.53
CA GLU H 186 -16.96 -88.37 10.58
C GLU H 186 -15.82 -89.19 9.97
N LYS H 187 -14.90 -88.55 9.25
CA LYS H 187 -13.83 -89.29 8.57
C LYS H 187 -12.82 -89.91 9.53
N HIS H 188 -12.80 -89.49 10.80
CA HIS H 188 -11.76 -89.88 11.73
C HIS H 188 -12.38 -90.22 13.08
N LYS H 189 -11.63 -90.98 13.87
CA LYS H 189 -12.08 -91.47 15.18
C LYS H 189 -11.41 -90.76 16.35
N VAL H 190 -10.16 -90.34 16.21
CA VAL H 190 -9.39 -89.72 17.28
C VAL H 190 -8.91 -88.35 16.78
N TYR H 191 -9.10 -87.34 17.61
CA TYR H 191 -8.74 -85.96 17.29
C TYR H 191 -7.83 -85.44 18.39
N ALA H 192 -6.70 -84.84 18.00
CA ALA H 192 -5.65 -84.46 18.93
C ALA H 192 -5.18 -83.04 18.64
N CYS H 193 -4.78 -82.35 19.70
CA CYS H 193 -4.13 -81.05 19.62
C CYS H 193 -2.75 -81.17 20.26
N GLU H 194 -1.72 -80.73 19.54
CA GLU H 194 -0.34 -80.83 19.98
C GLU H 194 0.13 -79.45 20.42
N VAL H 195 0.48 -79.32 21.69
CA VAL H 195 0.87 -78.05 22.30
C VAL H 195 2.36 -78.10 22.59
N THR H 196 3.09 -77.11 22.06
CA THR H 196 4.52 -76.99 22.25
C THR H 196 4.83 -75.59 22.77
N HIS H 197 5.64 -75.52 23.84
CA HIS H 197 6.05 -74.26 24.43
C HIS H 197 7.32 -74.50 25.23
N GLN H 198 8.20 -73.49 25.25
CA GLN H 198 9.45 -73.61 26.00
C GLN H 198 9.22 -73.88 27.48
N GLY H 199 8.09 -73.42 28.03
CA GLY H 199 7.73 -73.76 29.39
C GLY H 199 7.34 -75.21 29.61
N LEU H 200 7.17 -75.98 28.54
CA LEU H 200 6.93 -77.42 28.61
C LEU H 200 8.08 -78.15 27.96
N SER H 201 8.36 -79.35 28.47
CA SER H 201 9.52 -80.12 28.03
C SER H 201 9.24 -81.01 26.83
N SER H 202 8.01 -81.06 26.34
CA SER H 202 7.66 -81.94 25.23
C SER H 202 6.43 -81.38 24.53
N PRO H 203 6.16 -81.80 23.28
CA PRO H 203 4.88 -81.44 22.66
C PRO H 203 3.71 -82.15 23.33
N VAL H 204 3.29 -81.64 24.48
CA VAL H 204 2.20 -82.23 25.25
C VAL H 204 0.94 -82.23 24.41
N THR H 205 0.39 -83.41 24.16
CA THR H 205 -0.73 -83.61 23.25
C THR H 205 -1.95 -84.08 24.04
N LYS H 206 -3.05 -83.37 23.91
CA LYS H 206 -4.35 -83.78 24.41
C LYS H 206 -5.19 -84.27 23.24
N SER H 207 -6.00 -85.29 23.47
CA SER H 207 -6.80 -85.88 22.40
C SER H 207 -8.02 -86.55 22.99
N PHE H 208 -8.99 -86.84 22.13
CA PHE H 208 -10.20 -87.55 22.51
C PHE H 208 -10.59 -88.49 21.37
N ASN H 209 -11.34 -89.53 21.74
CA ASN H 209 -11.94 -90.44 20.78
C ASN H 209 -13.41 -90.08 20.60
N ARG H 210 -13.89 -90.09 19.37
CA ARG H 210 -15.25 -89.68 19.08
C ARG H 210 -16.26 -90.55 19.83
N GLY H 211 -17.25 -89.90 20.42
CA GLY H 211 -18.27 -90.60 21.18
C GLY H 211 -17.91 -90.77 22.64
N GLU I 1 59.38 20.43 -15.48
CA GLU I 1 60.27 19.44 -14.80
C GLU I 1 59.83 19.22 -13.36
N ASN I 2 59.92 17.97 -12.91
CA ASN I 2 59.57 17.60 -11.54
C ASN I 2 58.13 17.97 -11.21
N LEU I 3 57.25 17.83 -12.20
CA LEU I 3 55.81 17.99 -12.03
C LEU I 3 55.19 16.60 -11.94
N TRP I 4 54.40 16.38 -10.90
CA TRP I 4 53.88 15.06 -10.58
C TRP I 4 52.37 15.16 -10.38
N VAL I 5 51.71 14.01 -10.51
CA VAL I 5 50.28 13.94 -10.30
C VAL I 5 49.97 14.30 -8.86
N THR I 6 48.98 15.17 -8.66
CA THR I 6 48.41 15.42 -7.35
C THR I 6 46.90 15.45 -7.46
N VAL I 7 46.23 15.19 -6.35
CA VAL I 7 44.78 15.07 -6.31
C VAL I 7 44.26 15.98 -5.21
N TYR I 8 43.09 16.58 -5.47
CA TYR I 8 42.46 17.52 -4.57
C TYR I 8 41.05 17.05 -4.28
N TYR I 9 40.59 17.30 -3.06
CA TYR I 9 39.25 16.93 -2.61
C TYR I 9 38.53 18.17 -2.11
N GLY I 10 37.21 18.18 -2.27
CA GLY I 10 36.43 19.37 -2.00
C GLY I 10 36.57 20.46 -3.04
N VAL I 11 36.91 20.10 -4.26
CA VAL I 11 37.14 21.09 -5.31
C VAL I 11 35.82 21.79 -5.66
N PRO I 12 35.81 23.10 -5.98
CA PRO I 12 34.58 23.71 -6.50
C PRO I 12 34.39 23.46 -7.99
N VAL I 13 33.80 22.30 -8.34
CA VAL I 13 33.43 22.00 -9.71
C VAL I 13 32.23 21.06 -9.67
N TRP I 14 31.37 21.17 -10.69
CA TRP I 14 30.09 20.47 -10.70
C TRP I 14 29.77 20.00 -12.11
N LYS I 15 28.75 19.15 -12.20
CA LYS I 15 28.16 18.74 -13.47
C LYS I 15 26.66 18.65 -13.30
N GLU I 16 25.94 18.89 -14.39
CA GLU I 16 24.48 18.90 -14.33
C GLU I 16 23.94 17.48 -14.34
N ALA I 17 22.88 17.26 -13.56
CA ALA I 17 22.23 15.96 -13.50
C ALA I 17 20.91 16.09 -12.76
N LYS I 18 20.03 15.13 -12.98
CA LYS I 18 18.72 15.10 -12.34
C LYS I 18 18.75 14.20 -11.12
N THR I 19 17.97 14.57 -10.11
CA THR I 19 17.94 13.83 -8.85
C THR I 19 16.65 14.14 -8.12
N THR I 20 16.37 13.31 -7.10
CA THR I 20 15.26 13.59 -6.21
C THR I 20 15.54 14.85 -5.40
N LEU I 21 14.48 15.63 -5.15
CA LEU I 21 14.55 16.87 -4.39
C LEU I 21 13.67 16.76 -3.16
N PHE I 22 14.10 17.43 -2.09
CA PHE I 22 13.41 17.32 -0.81
C PHE I 22 12.14 18.16 -0.78
N CYS I 23 11.37 17.95 0.28
CA CYS I 23 9.98 18.40 0.40
C CYS I 23 9.81 19.57 1.37
N ALA I 24 10.91 20.10 1.91
CA ALA I 24 10.87 20.84 3.17
C ALA I 24 9.96 22.07 3.09
N SER I 25 9.30 22.36 4.20
CA SER I 25 8.38 23.48 4.31
C SER I 25 8.31 23.93 5.75
N ASP I 26 7.52 24.98 6.00
CA ASP I 26 7.35 25.51 7.33
C ASP I 26 6.46 24.55 8.15
N ALA I 27 6.13 24.97 9.38
CA ALA I 27 5.29 24.17 10.25
C ALA I 27 3.95 23.87 9.59
N LYS I 28 3.55 22.60 9.66
CA LYS I 28 2.35 22.14 8.95
C LYS I 28 1.09 22.73 9.56
N ALA I 29 0.15 23.10 8.70
CA ALA I 29 -1.17 23.59 9.10
C ALA I 29 -2.24 22.56 8.71
N TYR I 30 -3.49 22.88 9.04
CA TYR I 30 -4.68 22.07 8.70
C TYR I 30 -4.52 20.59 9.05
N GLU I 31 -3.68 20.28 10.03
CA GLU I 31 -3.39 18.91 10.43
C GLU I 31 -2.92 18.07 9.24
N THR I 40 -1.16 22.94 0.25
CA THR I 40 -0.83 21.60 -0.23
C THR I 40 0.44 21.11 0.46
N HIS I 41 0.26 20.20 1.43
CA HIS I 41 1.36 19.81 2.29
C HIS I 41 0.99 18.55 3.04
N ALA I 42 1.82 17.51 2.89
CA ALA I 42 1.78 16.34 3.75
C ALA I 42 3.22 15.84 3.83
N CYS I 43 3.94 16.27 4.87
CA CYS I 43 5.39 16.23 4.83
C CYS I 43 5.91 16.45 6.24
N VAL I 44 6.87 15.64 6.66
CA VAL I 44 7.26 15.61 8.07
C VAL I 44 8.65 14.99 8.24
N PRO I 45 9.50 15.49 9.17
CA PRO I 45 9.57 16.76 9.92
C PRO I 45 10.74 17.62 9.44
N THR I 46 10.57 18.94 9.37
CA THR I 46 11.63 19.81 8.85
C THR I 46 11.30 21.27 9.10
N ASP I 47 12.33 22.11 9.03
CA ASP I 47 12.21 23.55 9.22
C ASP I 47 13.33 24.23 8.45
N PRO I 48 13.11 24.64 7.18
CA PRO I 48 14.22 25.15 6.38
C PRO I 48 14.47 26.65 6.55
N ASN I 49 15.70 27.07 6.27
CA ASN I 49 16.11 28.47 6.27
C ASN I 49 17.19 28.69 5.22
N PRO I 50 16.89 29.33 4.07
CA PRO I 50 17.90 29.41 3.01
C PRO I 50 18.84 30.59 3.15
N GLN I 51 20.05 30.44 2.62
CA GLN I 51 21.03 31.52 2.54
C GLN I 51 21.67 31.47 1.15
N GLU I 52 21.85 32.65 0.55
CA GLU I 52 22.29 32.77 -0.83
C GLU I 52 23.69 33.38 -0.87
N MET I 53 24.54 32.83 -1.73
CA MET I 53 25.91 33.30 -1.92
C MET I 53 26.09 33.71 -3.37
N VAL I 54 26.28 35.01 -3.61
CA VAL I 54 26.60 35.48 -4.95
C VAL I 54 28.01 35.02 -5.31
N LEU I 55 28.14 34.36 -6.46
CA LEU I 55 29.40 33.76 -6.88
C LEU I 55 30.07 34.66 -7.91
N LYS I 56 31.29 35.11 -7.57
CA LYS I 56 32.03 35.98 -8.48
C LYS I 56 32.45 35.21 -9.71
N ASN I 57 32.35 35.86 -10.87
CA ASN I 57 32.91 35.40 -12.14
C ASN I 57 32.30 34.08 -12.61
N VAL I 58 31.16 33.68 -12.07
CA VAL I 58 30.54 32.40 -12.43
C VAL I 58 29.60 32.64 -13.60
N THR I 59 29.96 32.11 -14.78
CA THR I 59 29.11 32.13 -15.96
C THR I 59 28.56 30.72 -16.16
N GLU I 60 27.23 30.60 -16.17
CA GLU I 60 26.58 29.30 -16.19
C GLU I 60 25.40 29.34 -17.17
N ASN I 61 25.11 28.19 -17.77
CA ASN I 61 23.99 28.06 -18.70
C ASN I 61 22.72 27.71 -17.94
N PHE I 62 21.59 28.02 -18.56
CA PHE I 62 20.27 27.74 -17.98
C PHE I 62 19.30 27.37 -19.09
N ASN I 63 18.20 26.73 -18.68
CA ASN I 63 17.12 26.40 -19.61
C ASN I 63 15.88 26.09 -18.79
N MET I 64 14.81 26.85 -19.00
CA MET I 64 13.56 26.61 -18.28
C MET I 64 12.76 25.45 -18.88
N TRP I 65 12.91 25.19 -20.18
CA TRP I 65 12.08 24.21 -20.86
C TRP I 65 12.56 22.77 -20.67
N LYS I 66 13.78 22.57 -20.14
CA LYS I 66 14.39 21.25 -20.04
C LYS I 66 14.57 20.80 -18.61
N ASN I 67 14.48 21.71 -17.64
CA ASN I 67 14.82 21.39 -16.25
C ASN I 67 13.87 20.33 -15.71
N ASP I 68 14.41 19.36 -14.98
CA ASP I 68 13.63 18.20 -14.56
C ASP I 68 12.72 18.53 -13.39
N MET I 69 13.06 19.52 -12.56
CA MET I 69 12.30 19.77 -11.34
C MET I 69 10.85 20.16 -11.62
N VAL I 70 10.54 20.66 -12.82
CA VAL I 70 9.14 20.93 -13.16
C VAL I 70 8.34 19.64 -13.16
N ASP I 71 8.88 18.59 -13.77
CA ASP I 71 8.20 17.30 -13.79
C ASP I 71 8.06 16.74 -12.38
N GLN I 72 9.09 16.91 -11.55
CA GLN I 72 9.00 16.45 -10.17
C GLN I 72 7.90 17.19 -9.41
N MET I 73 7.80 18.51 -9.64
CA MET I 73 6.72 19.27 -9.02
C MET I 73 5.37 18.75 -9.47
N HIS I 74 5.23 18.47 -10.77
CA HIS I 74 3.96 17.99 -11.31
C HIS I 74 3.57 16.66 -10.67
N GLU I 75 4.51 15.71 -10.63
CA GLU I 75 4.23 14.40 -10.04
C GLU I 75 3.93 14.52 -8.55
N ASP I 76 4.67 15.37 -7.83
CA ASP I 76 4.43 15.53 -6.40
C ASP I 76 3.04 16.11 -6.15
N VAL I 77 2.64 17.10 -6.93
CA VAL I 77 1.31 17.69 -6.75
C VAL I 77 0.23 16.65 -7.02
N ILE I 78 0.38 15.88 -8.09
CA ILE I 78 -0.62 14.87 -8.42
C ILE I 78 -0.71 13.83 -7.32
N SER I 79 0.43 13.36 -6.83
CA SER I 79 0.44 12.35 -5.78
C SER I 79 -0.15 12.88 -4.48
N LEU I 80 0.15 14.14 -4.16
CA LEU I 80 -0.41 14.74 -2.94
C LEU I 80 -1.92 14.85 -3.03
N TRP I 81 -2.44 15.25 -4.20
CA TRP I 81 -3.89 15.30 -4.36
C TRP I 81 -4.50 13.91 -4.26
N ASP I 82 -3.84 12.90 -4.85
CA ASP I 82 -4.33 11.53 -4.76
C ASP I 82 -4.40 11.06 -3.32
N GLN I 83 -3.35 11.31 -2.54
CA GLN I 83 -3.35 10.93 -1.14
C GLN I 83 -4.38 11.72 -0.35
N SER I 84 -4.65 12.97 -0.73
CA SER I 84 -5.71 13.74 -0.09
C SER I 84 -7.06 13.07 -0.31
N LEU I 85 -7.34 12.65 -1.55
CA LEU I 85 -8.63 12.05 -1.88
C LEU I 85 -8.72 10.58 -1.50
N LYS I 86 -7.62 9.95 -1.09
CA LYS I 86 -7.60 8.51 -0.81
C LYS I 86 -8.59 8.07 0.28
N PRO I 87 -8.67 8.71 1.45
CA PRO I 87 -9.61 8.23 2.47
C PRO I 87 -11.05 8.71 2.30
N CYS I 88 -11.29 9.70 1.44
CA CYS I 88 -12.60 10.33 1.38
C CYS I 88 -13.64 9.39 0.75
N VAL I 89 -14.91 9.73 0.98
CA VAL I 89 -16.02 8.90 0.53
C VAL I 89 -16.09 8.91 -0.99
N LYS I 90 -16.65 7.85 -1.56
CA LYS I 90 -16.90 7.73 -2.99
C LYS I 90 -18.41 7.81 -3.24
N LEU I 91 -18.78 8.56 -4.28
CA LEU I 91 -20.18 8.86 -4.57
C LEU I 91 -20.80 7.92 -5.60
N THR I 92 -20.37 6.66 -5.63
CA THR I 92 -20.88 5.72 -6.63
C THR I 92 -22.40 5.50 -6.55
N PRO I 93 -23.02 5.31 -5.38
CA PRO I 93 -24.46 5.01 -5.37
C PRO I 93 -25.34 6.13 -5.89
N LEU I 94 -24.82 7.36 -6.03
CA LEU I 94 -25.62 8.47 -6.53
C LEU I 94 -25.88 8.39 -8.04
N CYS I 95 -25.32 7.40 -8.74
CA CYS I 95 -25.42 7.36 -10.19
C CYS I 95 -26.83 7.02 -10.69
N VAL I 96 -27.76 6.67 -9.80
CA VAL I 96 -29.09 6.23 -10.24
C VAL I 96 -29.79 7.34 -11.01
N THR I 97 -30.80 6.93 -11.80
CA THR I 97 -31.50 7.85 -12.69
C THR I 97 -32.21 8.94 -11.90
N LEU I 98 -31.83 10.18 -12.18
CA LEU I 98 -32.46 11.33 -11.55
C LEU I 98 -33.72 11.73 -12.31
N ASN I 99 -34.73 12.18 -11.57
CA ASN I 99 -35.95 12.74 -12.13
C ASN I 99 -35.98 14.23 -11.81
N CYS I 100 -36.08 15.06 -12.84
CA CYS I 100 -35.81 16.47 -12.72
C CYS I 100 -36.79 17.28 -13.55
N THR I 101 -37.50 18.19 -12.88
CA THR I 101 -38.23 19.27 -13.56
C THR I 101 -37.71 20.62 -13.05
N ASN I 102 -37.69 20.79 -11.73
CA ASN I 102 -36.90 21.82 -11.06
C ASN I 102 -37.19 23.24 -11.53
N ALA I 103 -38.39 23.75 -11.24
CA ALA I 103 -38.73 25.14 -11.51
C ALA I 103 -39.25 25.80 -10.23
N THR I 104 -38.53 25.64 -9.12
CA THR I 104 -39.00 26.14 -7.83
C THR I 104 -38.69 27.63 -7.67
N ALA I 105 -37.42 27.99 -7.65
CA ALA I 105 -37.02 29.35 -7.33
C ALA I 105 -37.28 30.27 -8.52
N SER I 106 -36.87 31.53 -8.38
CA SER I 106 -37.04 32.50 -9.45
C SER I 106 -36.26 32.13 -10.70
N ASN I 107 -35.02 31.64 -10.54
CA ASN I 107 -34.17 31.28 -11.67
C ASN I 107 -33.76 29.83 -11.49
N SER I 108 -34.30 28.95 -12.34
CA SER I 108 -33.86 27.56 -12.42
C SER I 108 -32.99 27.30 -13.63
N SER I 109 -33.04 28.17 -14.64
CA SER I 109 -32.17 28.01 -15.80
C SER I 109 -30.69 28.09 -15.41
N ILE I 110 -30.37 28.83 -14.35
CA ILE I 110 -28.99 28.91 -13.91
C ILE I 110 -28.49 27.60 -13.32
N ILE I 111 -29.32 26.87 -12.59
CA ILE I 111 -28.89 25.69 -11.83
C ILE I 111 -29.69 24.46 -12.26
N GLU I 112 -31.03 24.58 -12.28
CA GLU I 112 -31.91 23.53 -12.80
C GLU I 112 -31.96 22.29 -11.91
N GLY I 113 -31.26 22.29 -10.77
CA GLY I 113 -31.39 21.23 -9.79
C GLY I 113 -32.10 21.76 -8.57
N MET I 114 -33.23 21.15 -8.22
CA MET I 114 -34.14 21.65 -7.19
C MET I 114 -34.96 20.45 -6.68
N CYS I 117 -33.80 17.88 -8.48
CA CYS I 117 -33.66 16.49 -8.90
C CYS I 117 -33.87 15.54 -7.72
N SER I 118 -34.59 14.45 -7.97
CA SER I 118 -34.89 13.45 -6.96
C SER I 118 -34.37 12.09 -7.40
N PHE I 119 -33.96 11.28 -6.42
CA PHE I 119 -33.38 9.98 -6.70
C PHE I 119 -33.59 9.07 -5.49
N ASN I 120 -33.55 7.76 -5.75
CA ASN I 120 -33.78 6.74 -4.73
C ASN I 120 -32.43 6.25 -4.22
N ILE I 121 -32.10 6.65 -2.99
CA ILE I 121 -30.84 6.29 -2.36
C ILE I 121 -31.08 5.23 -1.30
N THR I 122 -30.20 4.23 -1.24
CA THR I 122 -30.25 3.22 -0.18
C THR I 122 -29.42 3.68 1.00
N THR I 123 -30.00 3.62 2.20
CA THR I 123 -29.40 4.22 3.38
C THR I 123 -29.53 3.30 4.60
N GLU I 124 -28.38 2.94 5.17
CA GLU I 124 -28.21 2.45 6.54
C GLU I 124 -28.91 1.13 6.85
N LEU I 125 -29.58 0.50 5.89
CA LEU I 125 -30.17 -0.82 6.11
C LEU I 125 -30.03 -1.76 4.93
N ARG I 126 -29.72 -1.28 3.72
CA ARG I 126 -29.54 -2.12 2.54
C ARG I 126 -30.82 -2.80 2.07
N ASP I 127 -31.97 -2.47 2.68
CA ASP I 127 -33.27 -2.95 2.25
C ASP I 127 -34.31 -1.84 2.12
N LYS I 128 -33.96 -0.61 2.48
CA LYS I 128 -34.86 0.53 2.45
C LYS I 128 -34.27 1.63 1.58
N ARG I 129 -35.12 2.25 0.76
CA ARG I 129 -34.71 3.32 -0.14
C ARG I 129 -35.57 4.54 0.13
N GLU I 130 -34.94 5.71 0.01
CA GLU I 130 -35.55 6.99 0.33
C GLU I 130 -35.41 7.93 -0.86
N LYS I 131 -36.46 8.70 -1.13
CA LYS I 131 -36.49 9.63 -2.27
C LYS I 131 -35.93 10.98 -1.81
N LYS I 132 -34.61 11.03 -1.71
CA LYS I 132 -33.95 12.31 -1.44
C LYS I 132 -34.05 13.22 -2.65
N ASN I 133 -33.69 14.48 -2.45
CA ASN I 133 -33.54 15.43 -3.55
C ASN I 133 -32.60 16.53 -3.12
N ALA I 134 -31.91 17.11 -4.10
CA ALA I 134 -30.87 18.09 -3.84
C ALA I 134 -30.72 18.99 -5.06
N LEU I 135 -29.75 19.90 -4.99
CA LEU I 135 -29.51 20.88 -6.03
C LEU I 135 -28.19 20.59 -6.74
N PHE I 136 -28.16 20.87 -8.04
CA PHE I 136 -27.00 20.66 -8.90
C PHE I 136 -27.02 21.66 -10.03
N TYR I 137 -25.83 22.12 -10.43
CA TYR I 137 -25.70 22.91 -11.64
C TYR I 137 -25.72 21.99 -12.85
N LYS I 138 -26.46 22.39 -13.89
CA LYS I 138 -26.63 21.49 -15.03
C LYS I 138 -25.42 21.50 -15.96
N LEU I 139 -24.31 22.12 -15.53
CA LEU I 139 -23.01 21.77 -16.07
C LEU I 139 -22.54 20.42 -15.55
N ASP I 140 -22.97 20.04 -14.34
CA ASP I 140 -22.65 18.73 -13.77
C ASP I 140 -23.62 17.64 -14.20
N ILE I 141 -24.71 17.99 -14.87
CA ILE I 141 -25.81 17.08 -15.16
C ILE I 141 -25.99 17.00 -16.66
N VAL I 142 -26.16 15.78 -17.17
CA VAL I 142 -26.34 15.53 -18.59
C VAL I 142 -27.64 14.79 -18.82
N GLN I 143 -28.40 15.21 -19.83
CA GLN I 143 -29.69 14.61 -20.11
C GLN I 143 -29.52 13.19 -20.63
N LEU I 144 -30.41 12.31 -20.19
CA LEU I 144 -30.50 10.96 -20.73
C LEU I 144 -31.38 10.96 -21.98
N ASP I 145 -31.13 9.98 -22.85
CA ASP I 145 -31.87 9.90 -24.10
C ASP I 145 -33.33 9.60 -23.84
N GLY I 146 -34.18 10.05 -24.75
CA GLY I 146 -35.62 9.81 -24.64
C GLY I 146 -36.32 11.02 -24.05
N ASN I 147 -37.15 10.78 -23.04
CA ASN I 147 -37.83 11.87 -22.35
C ASN I 147 -36.79 12.79 -21.71
N SER I 148 -36.95 14.09 -21.89
CA SER I 148 -35.96 15.04 -21.43
C SER I 148 -36.01 15.30 -19.93
N SER I 149 -36.89 14.66 -19.16
CA SER I 149 -36.90 14.83 -17.71
C SER I 149 -35.92 13.90 -16.99
N GLN I 150 -35.41 12.87 -17.66
CA GLN I 150 -34.47 11.94 -17.08
C GLN I 150 -33.06 12.49 -17.24
N TYR I 151 -32.25 12.36 -16.19
CA TYR I 151 -30.92 12.96 -16.16
C TYR I 151 -29.96 12.02 -15.43
N ARG I 152 -28.68 12.40 -15.42
CA ARG I 152 -27.63 11.57 -14.88
C ARG I 152 -26.42 12.45 -14.57
N LEU I 153 -25.60 12.00 -13.62
CA LEU I 153 -24.34 12.68 -13.36
C LEU I 153 -23.42 12.59 -14.58
N ILE I 154 -22.61 13.62 -14.78
CA ILE I 154 -21.89 13.77 -16.04
C ILE I 154 -20.79 12.72 -16.17
N ASN I 155 -20.01 12.51 -15.11
CA ASN I 155 -18.83 11.66 -15.20
C ASN I 155 -19.07 10.22 -14.74
N CYS I 156 -20.30 9.85 -14.38
CA CYS I 156 -20.52 8.51 -13.87
C CYS I 156 -20.25 7.42 -14.90
N ASN I 157 -20.66 7.60 -16.15
CA ASN I 157 -20.46 6.56 -17.16
C ASN I 157 -19.01 6.45 -17.60
N THR I 158 -18.15 7.41 -17.22
CA THR I 158 -16.72 7.38 -17.59
C THR I 158 -15.79 7.12 -16.41
N SER I 159 -16.15 7.46 -15.18
CA SER I 159 -15.22 7.31 -14.07
C SER I 159 -15.98 7.34 -12.74
N VAL I 160 -15.27 6.99 -11.69
CA VAL I 160 -15.80 7.06 -10.33
C VAL I 160 -15.59 8.47 -9.79
N ILE I 161 -16.40 8.86 -8.81
CA ILE I 161 -16.42 10.22 -8.27
C ILE I 161 -16.13 10.14 -6.79
N THR I 162 -15.16 10.93 -6.33
CA THR I 162 -14.80 11.03 -4.93
C THR I 162 -15.10 12.42 -4.41
N GLN I 163 -15.88 12.50 -3.35
CA GLN I 163 -16.13 13.77 -2.70
C GLN I 163 -14.89 14.21 -1.94
N ALA I 164 -14.52 15.48 -2.09
CA ALA I 164 -13.39 16.02 -1.34
C ALA I 164 -13.75 16.07 0.14
N CYS I 165 -12.81 15.69 0.99
CA CYS I 165 -13.05 15.73 2.42
C CYS I 165 -13.21 17.18 2.87
N PRO I 166 -14.31 17.56 3.53
CA PRO I 166 -14.54 19.00 3.78
C PRO I 166 -13.49 19.63 4.67
N LYS I 167 -12.97 18.91 5.66
CA LYS I 167 -12.00 19.50 6.58
C LYS I 167 -10.62 19.62 5.95
N VAL I 168 -10.24 18.69 5.08
CA VAL I 168 -8.93 18.74 4.43
C VAL I 168 -9.00 19.72 3.27
N SER I 169 -8.68 20.98 3.53
CA SER I 169 -8.74 22.04 2.53
C SER I 169 -7.35 22.29 1.97
N PHE I 170 -6.96 21.43 1.02
CA PHE I 170 -5.70 21.65 0.31
C PHE I 170 -5.79 22.96 -0.47
N ASP I 171 -4.72 23.74 -0.41
CA ASP I 171 -4.74 25.13 -0.82
C ASP I 171 -3.33 25.55 -1.17
N PRO I 172 -3.15 26.68 -1.88
CA PRO I 172 -1.79 27.08 -2.28
C PRO I 172 -0.93 27.51 -1.10
N ILE I 173 -0.46 26.54 -0.35
CA ILE I 173 0.48 26.79 0.76
C ILE I 173 1.89 26.80 0.21
N PRO I 174 2.76 27.76 0.55
CA PRO I 174 4.10 27.79 -0.04
C PRO I 174 4.92 26.55 0.30
N ILE I 175 5.77 26.16 -0.65
CA ILE I 175 6.61 24.97 -0.56
C ILE I 175 8.02 25.33 -1.00
N HIS I 176 9.01 24.80 -0.28
CA HIS I 176 10.42 25.01 -0.58
C HIS I 176 11.00 23.68 -1.04
N TYR I 177 11.60 23.68 -2.23
CA TYR I 177 12.28 22.48 -2.73
C TYR I 177 13.76 22.59 -2.45
N CYS I 178 14.29 21.61 -1.70
CA CYS I 178 15.67 21.59 -1.27
C CYS I 178 16.39 20.42 -1.92
N ALA I 179 17.63 20.65 -2.32
CA ALA I 179 18.41 19.56 -2.89
C ALA I 179 18.95 18.66 -1.79
N PRO I 180 19.27 17.41 -2.10
CA PRO I 180 19.91 16.55 -1.11
C PRO I 180 21.41 16.85 -1.03
N ALA I 181 22.04 16.27 0.00
CA ALA I 181 23.48 16.43 0.15
C ALA I 181 24.20 15.89 -1.07
N GLY I 182 25.19 16.63 -1.54
CA GLY I 182 25.89 16.32 -2.77
C GLY I 182 25.35 17.01 -4.01
N TYR I 183 24.21 17.72 -3.90
CA TYR I 183 23.65 18.49 -4.99
C TYR I 183 23.35 19.90 -4.51
N ALA I 184 23.53 20.87 -5.41
CA ALA I 184 23.32 22.28 -5.11
C ALA I 184 22.34 22.88 -6.11
N ILE I 185 21.35 23.61 -5.59
CA ILE I 185 20.39 24.31 -6.44
C ILE I 185 21.01 25.63 -6.86
N LEU I 186 21.35 25.74 -8.15
CA LEU I 186 21.83 27.00 -8.67
C LEU I 186 20.65 27.94 -8.90
N LYS I 187 20.97 29.21 -9.15
CA LYS I 187 19.95 30.24 -9.28
C LYS I 187 20.52 31.42 -10.06
N CYS I 188 19.64 32.13 -10.75
CA CYS I 188 20.00 33.27 -11.58
C CYS I 188 19.09 34.44 -11.23
N ASN I 189 19.67 35.64 -11.14
CA ASN I 189 18.93 36.86 -10.88
C ASN I 189 19.32 37.97 -11.85
N ASN I 190 19.73 37.61 -13.06
CA ASN I 190 19.80 38.59 -14.13
C ASN I 190 18.42 39.20 -14.33
N LYS I 191 18.35 40.53 -14.34
CA LYS I 191 17.07 41.22 -14.36
C LYS I 191 16.35 41.06 -15.70
N THR I 192 17.06 40.73 -16.77
CA THR I 192 16.47 40.60 -18.11
C THR I 192 16.58 39.19 -18.65
N PHE I 193 16.42 38.17 -17.80
CA PHE I 193 16.55 36.79 -18.22
C PHE I 193 15.20 36.26 -18.70
N THR I 194 15.18 35.71 -19.91
CA THR I 194 13.96 35.17 -20.52
C THR I 194 13.75 33.69 -20.23
N GLY I 195 14.37 33.17 -19.17
CA GLY I 195 14.23 31.76 -18.83
C GLY I 195 15.20 30.83 -19.53
N THR I 196 16.00 31.33 -20.46
CA THR I 196 16.96 30.50 -21.17
C THR I 196 18.15 31.36 -21.57
N GLY I 197 19.28 30.70 -21.79
CA GLY I 197 20.52 31.37 -22.12
C GLY I 197 21.43 31.49 -20.91
N PRO I 198 22.67 31.96 -21.13
CA PRO I 198 23.64 32.00 -20.03
C PRO I 198 23.39 33.17 -19.09
N CYS I 199 23.51 32.91 -17.79
CA CYS I 199 23.51 33.93 -16.76
C CYS I 199 24.93 34.16 -16.27
N ASN I 200 25.40 35.40 -16.37
CA ASN I 200 26.68 35.81 -15.79
C ASN I 200 26.52 36.38 -14.39
N ASN I 201 25.36 36.14 -13.74
CA ASN I 201 25.06 36.63 -12.40
C ASN I 201 24.34 35.48 -11.68
N VAL I 202 25.12 34.62 -11.02
CA VAL I 202 24.68 33.32 -10.55
C VAL I 202 24.83 33.24 -9.04
N SER I 203 24.00 32.40 -8.42
CA SER I 203 24.05 32.16 -6.99
C SER I 203 23.49 30.78 -6.70
N THR I 204 23.64 30.35 -5.45
CA THR I 204 23.20 29.03 -5.00
C THR I 204 22.48 29.16 -3.67
N VAL I 205 21.58 28.21 -3.40
CA VAL I 205 20.79 28.19 -2.17
C VAL I 205 20.49 26.75 -1.80
N GLN I 206 20.30 26.52 -0.51
CA GLN I 206 19.88 25.20 -0.05
C GLN I 206 18.48 24.85 -0.56
N CYS I 207 17.58 25.83 -0.55
CA CYS I 207 16.17 25.59 -0.79
C CYS I 207 15.59 26.70 -1.66
N THR I 208 14.56 26.37 -2.42
CA THR I 208 13.84 27.36 -3.19
C THR I 208 12.92 28.17 -2.28
N HIS I 209 12.37 29.24 -2.85
CA HIS I 209 11.45 30.09 -2.11
C HIS I 209 10.13 29.36 -1.85
N GLY I 210 9.20 30.06 -1.22
CA GLY I 210 7.91 29.48 -0.86
C GLY I 210 6.99 29.34 -2.05
N ILE I 211 7.29 28.38 -2.93
CA ILE I 211 6.52 28.20 -4.15
C ILE I 211 5.11 27.71 -3.80
N LYS I 212 4.10 28.36 -4.39
CA LYS I 212 2.69 28.05 -4.15
C LYS I 212 2.14 27.21 -5.31
N PRO I 213 1.52 26.04 -5.07
CA PRO I 213 0.94 25.31 -6.22
C PRO I 213 -0.45 25.86 -6.60
N VAL I 214 -0.44 26.93 -7.38
CA VAL I 214 -1.69 27.56 -7.80
C VAL I 214 -2.22 26.85 -9.03
N VAL I 215 -3.54 26.71 -9.11
CA VAL I 215 -4.22 26.06 -10.21
C VAL I 215 -5.11 27.10 -10.88
N SER I 216 -4.81 27.41 -12.14
CA SER I 216 -5.62 28.35 -12.90
C SER I 216 -5.31 28.19 -14.38
N THR I 217 -6.19 28.73 -15.21
CA THR I 217 -6.07 28.67 -16.66
C THR I 217 -6.35 30.04 -17.27
N GLN I 218 -5.69 30.30 -18.39
CA GLN I 218 -5.70 31.56 -19.15
C GLN I 218 -4.88 32.66 -18.49
N LEU I 219 -4.43 32.45 -17.25
CA LEU I 219 -3.63 33.41 -16.51
C LEU I 219 -3.26 32.74 -15.18
N LEU I 220 -2.10 33.10 -14.65
CA LEU I 220 -1.61 32.57 -13.38
C LEU I 220 -1.52 33.70 -12.37
N LEU I 221 -2.05 33.42 -11.17
CA LEU I 221 -2.29 34.43 -10.15
C LEU I 221 -1.58 34.04 -8.87
N ASN I 222 -1.46 35.03 -7.98
CA ASN I 222 -0.67 34.91 -6.74
C ASN I 222 0.77 34.53 -7.05
N GLY I 223 1.31 35.02 -8.17
CA GLY I 223 2.66 34.73 -8.57
C GLY I 223 3.64 35.82 -8.17
N SER I 224 4.88 35.64 -8.62
CA SER I 224 5.92 36.65 -8.44
C SER I 224 5.83 37.68 -9.57
N LEU I 225 6.64 38.73 -9.44
CA LEU I 225 6.70 39.81 -10.42
C LEU I 225 8.15 40.04 -10.83
N ALA I 226 8.34 40.30 -12.12
CA ALA I 226 9.68 40.45 -12.66
C ALA I 226 10.35 41.70 -12.12
N GLU I 227 11.66 41.81 -12.40
CA GLU I 227 12.43 42.96 -11.92
C GLU I 227 12.24 44.17 -12.82
N GLY I 228 12.59 44.04 -14.10
CA GLY I 228 12.40 45.11 -15.05
C GLY I 228 10.96 45.20 -15.52
N GLU I 229 10.76 45.45 -16.81
CA GLU I 229 9.42 45.50 -17.38
C GLU I 229 8.92 44.07 -17.62
N ILE I 230 7.77 43.95 -18.28
CA ILE I 230 7.12 42.66 -18.47
C ILE I 230 8.01 41.78 -19.33
N ILE I 231 8.19 40.53 -18.90
CA ILE I 231 9.06 39.56 -19.57
C ILE I 231 8.18 38.59 -20.35
N ILE I 232 8.64 38.22 -21.55
CA ILE I 232 7.91 37.35 -22.46
C ILE I 232 8.80 36.13 -22.71
N ARG I 233 8.55 35.04 -22.00
CA ARG I 233 9.33 33.81 -22.11
C ARG I 233 8.63 32.85 -23.06
N SER I 234 9.40 32.29 -24.00
CA SER I 234 8.86 31.37 -24.98
C SER I 234 9.96 30.44 -25.47
N GLU I 235 9.56 29.28 -25.97
CA GLU I 235 10.49 28.39 -26.62
C GLU I 235 10.91 28.99 -27.97
N ASN I 236 12.16 28.70 -28.37
CA ASN I 236 12.77 29.31 -29.54
C ASN I 236 13.39 28.26 -30.45
N ILE I 237 12.88 27.02 -30.39
CA ILE I 237 13.28 26.03 -31.38
C ILE I 237 12.69 26.37 -32.74
N THR I 238 11.40 26.72 -32.77
CA THR I 238 10.70 27.07 -33.98
C THR I 238 9.80 28.26 -33.69
N LYS I 239 9.46 29.02 -34.74
CA LYS I 239 8.44 30.06 -34.58
C LYS I 239 7.10 29.46 -34.18
N ASN I 240 6.82 28.23 -34.63
CA ASN I 240 5.68 27.49 -34.11
C ASN I 240 5.93 27.12 -32.66
N VAL I 241 5.02 27.53 -31.77
CA VAL I 241 5.17 27.34 -30.34
C VAL I 241 3.85 26.85 -29.75
N LYS I 242 3.96 26.18 -28.60
CA LYS I 242 2.78 25.67 -27.91
C LYS I 242 2.18 26.73 -27.00
N THR I 243 3.00 27.36 -26.18
CA THR I 243 2.55 28.36 -25.22
C THR I 243 3.63 29.41 -25.02
N ILE I 244 3.21 30.67 -25.00
CA ILE I 244 4.07 31.81 -24.74
C ILE I 244 3.71 32.35 -23.36
N ILE I 245 4.67 32.34 -22.45
CA ILE I 245 4.47 32.80 -21.08
C ILE I 245 4.87 34.26 -21.00
N VAL I 246 3.99 35.07 -20.42
CA VAL I 246 4.24 36.49 -20.19
C VAL I 246 4.16 36.74 -18.69
N HIS I 247 5.19 37.39 -18.15
CA HIS I 247 5.35 37.58 -16.71
C HIS I 247 5.29 39.07 -16.41
N LEU I 248 4.29 39.47 -15.63
CA LEU I 248 4.05 40.88 -15.34
C LEU I 248 5.05 41.40 -14.31
N ASN I 249 5.40 42.69 -14.47
CA ASN I 249 6.17 43.42 -13.48
C ASN I 249 5.31 44.29 -12.57
N GLU I 250 3.99 44.21 -12.68
CA GLU I 250 3.09 45.07 -11.91
C GLU I 250 1.78 44.33 -11.77
N SER I 251 1.46 43.93 -10.54
CA SER I 251 0.25 43.16 -10.29
C SER I 251 -1.00 43.99 -10.59
N VAL I 252 -2.00 43.31 -11.16
CA VAL I 252 -3.33 43.87 -11.34
C VAL I 252 -4.27 43.08 -10.44
N LYS I 253 -5.07 43.78 -9.66
CA LYS I 253 -5.91 43.13 -8.66
C LYS I 253 -7.21 42.66 -9.28
N ILE I 254 -7.54 41.38 -9.06
CA ILE I 254 -8.79 40.78 -9.51
C ILE I 254 -9.59 40.38 -8.28
N GLU I 255 -10.89 40.70 -8.28
CA GLU I 255 -11.79 40.42 -7.18
C GLU I 255 -12.96 39.62 -7.71
N CYS I 256 -13.46 38.69 -6.89
CA CYS I 256 -14.54 37.80 -7.29
C CYS I 256 -15.43 37.53 -6.08
N THR I 257 -16.67 37.13 -6.36
CA THR I 257 -17.64 36.91 -5.30
C THR I 257 -18.75 35.99 -5.78
N ARG I 258 -19.42 35.35 -4.81
CA ARG I 258 -20.57 34.49 -5.05
C ARG I 258 -21.67 34.90 -4.08
N PRO I 259 -22.50 35.91 -4.40
CA PRO I 259 -23.33 36.55 -3.38
C PRO I 259 -24.35 35.67 -2.70
N ASN I 260 -24.89 34.64 -3.36
CA ASN I 260 -25.99 33.87 -2.79
C ASN I 260 -25.56 33.11 -1.55
N ASN I 261 -26.52 32.86 -0.66
CA ASN I 261 -26.28 32.13 0.58
C ASN I 261 -26.73 30.69 0.39
N LYS I 262 -25.76 29.79 0.20
CA LYS I 262 -26.08 28.39 -0.03
C LYS I 262 -26.25 27.66 1.29
N THR I 263 -27.13 26.65 1.29
CA THR I 263 -27.46 25.87 2.48
C THR I 263 -27.00 24.44 2.29
N ARG I 264 -25.92 24.06 2.97
CA ARG I 264 -25.43 22.69 2.92
C ARG I 264 -26.43 21.75 3.55
N THR I 265 -26.46 20.51 3.06
CA THR I 265 -27.25 19.44 3.65
C THR I 265 -26.45 18.15 3.56
N SER I 266 -26.71 17.25 4.51
CA SER I 266 -26.00 15.98 4.62
C SER I 266 -26.95 14.85 4.25
N ILE I 267 -26.45 13.88 3.49
CA ILE I 267 -27.20 12.71 3.06
C ILE I 267 -26.41 11.48 3.43
N ARG I 268 -27.07 10.53 4.10
CA ARG I 268 -26.43 9.27 4.47
C ARG I 268 -26.55 8.31 3.30
N ILE I 269 -25.44 8.01 2.64
CA ILE I 269 -25.48 7.12 1.48
C ILE I 269 -25.66 5.70 1.98
N GLY I 272 -20.54 5.34 8.49
CA GLY I 272 -20.57 6.67 9.09
C GLY I 272 -20.26 7.80 8.13
N GLN I 273 -19.82 7.43 6.92
CA GLN I 273 -19.73 8.34 5.79
C GLN I 273 -21.02 9.13 5.57
N TRP I 274 -20.85 10.32 4.99
CA TRP I 274 -21.97 11.20 4.66
C TRP I 274 -21.66 11.93 3.37
N PHE I 275 -22.72 12.31 2.65
CA PHE I 275 -22.62 13.01 1.39
C PHE I 275 -23.20 14.41 1.55
N TYR I 276 -22.40 15.43 1.18
CA TYR I 276 -22.73 16.83 1.41
C TYR I 276 -23.24 17.43 0.10
N ALA I 277 -24.55 17.45 -0.06
CA ALA I 277 -25.19 18.09 -1.19
C ALA I 277 -25.54 19.54 -0.85
N THR I 278 -25.98 20.27 -1.87
CA THR I 278 -26.52 21.61 -1.68
C THR I 278 -28.00 21.51 -1.33
N GLY I 279 -28.35 21.97 -0.13
CA GLY I 279 -29.71 21.83 0.34
C GLY I 279 -30.66 22.89 -0.20
N GLN I 280 -30.23 24.16 -0.18
CA GLN I 280 -31.07 25.25 -0.63
C GLN I 280 -30.20 26.47 -0.88
N VAL I 281 -30.69 27.35 -1.76
CA VAL I 281 -30.04 28.62 -2.06
C VAL I 281 -30.89 29.73 -1.46
N ILE I 282 -30.27 30.53 -0.59
CA ILE I 282 -30.94 31.60 0.13
C ILE I 282 -30.48 32.93 -0.43
N GLY I 283 -31.41 33.87 -0.52
CA GLY I 283 -31.15 35.16 -1.13
C GLY I 283 -31.53 35.14 -2.60
N ASP I 284 -31.81 36.31 -3.17
CA ASP I 284 -32.22 36.37 -4.56
C ASP I 284 -31.06 35.95 -5.46
N ILE I 285 -31.40 35.41 -6.63
CA ILE I 285 -30.40 34.74 -7.46
C ILE I 285 -29.60 35.80 -8.23
N ARG I 286 -28.28 35.78 -8.06
CA ARG I 286 -27.36 36.63 -8.79
C ARG I 286 -26.18 35.78 -9.26
N GLU I 287 -25.90 35.83 -10.56
CA GLU I 287 -24.78 35.08 -11.11
C GLU I 287 -23.47 35.62 -10.56
N ALA I 288 -22.51 34.72 -10.36
CA ALA I 288 -21.20 35.13 -9.88
C ALA I 288 -20.53 36.05 -10.90
N TYR I 289 -19.59 36.86 -10.42
CA TYR I 289 -18.94 37.85 -11.27
C TYR I 289 -17.62 38.23 -10.64
N CYS I 290 -16.82 38.99 -11.40
CA CYS I 290 -15.51 39.44 -10.98
C CYS I 290 -15.27 40.84 -11.52
N ASN I 291 -14.29 41.53 -10.93
CA ASN I 291 -14.00 42.92 -11.23
C ASN I 291 -12.52 43.08 -11.58
N ILE I 292 -12.25 43.99 -12.53
CA ILE I 292 -10.89 44.33 -12.95
C ILE I 292 -10.83 45.84 -13.15
N ASN I 293 -9.72 46.45 -12.72
CA ASN I 293 -9.49 47.87 -12.97
C ASN I 293 -9.27 48.09 -14.45
N GLU I 294 -10.18 48.84 -15.09
CA GLU I 294 -10.15 48.96 -16.54
C GLU I 294 -8.89 49.66 -17.04
N SER I 295 -8.51 50.77 -16.39
CA SER I 295 -7.34 51.51 -16.83
C SER I 295 -6.07 50.68 -16.67
N LYS I 296 -5.96 49.95 -15.56
CA LYS I 296 -4.80 49.09 -15.36
C LYS I 296 -4.73 48.02 -16.43
N TRP I 297 -5.86 47.40 -16.77
CA TRP I 297 -5.87 46.36 -17.79
C TRP I 297 -5.48 46.93 -19.15
N ASN I 298 -6.00 48.12 -19.48
CA ASN I 298 -5.63 48.78 -20.73
C ASN I 298 -4.13 49.04 -20.79
N GLU I 299 -3.57 49.60 -19.71
CA GLU I 299 -2.16 49.92 -19.70
C GLU I 299 -1.30 48.65 -19.77
N THR I 300 -1.71 47.60 -19.06
CA THR I 300 -0.96 46.36 -19.08
C THR I 300 -0.97 45.72 -20.47
N LEU I 301 -2.14 45.70 -21.11
CA LEU I 301 -2.19 45.15 -22.46
C LEU I 301 -1.40 45.99 -23.45
N GLN I 302 -1.41 47.32 -23.29
CA GLN I 302 -0.62 48.17 -24.18
C GLN I 302 0.86 47.87 -24.02
N ARG I 303 1.33 47.76 -22.78
CA ARG I 303 2.75 47.45 -22.55
C ARG I 303 3.09 46.07 -23.07
N VAL I 304 2.19 45.10 -22.89
CA VAL I 304 2.43 43.75 -23.38
C VAL I 304 2.55 43.75 -24.90
N SER I 305 1.67 44.49 -25.57
CA SER I 305 1.74 44.58 -27.02
C SER I 305 3.05 45.23 -27.47
N LYS I 306 3.46 46.30 -26.80
CA LYS I 306 4.69 46.98 -27.18
C LYS I 306 5.90 46.07 -26.99
N LYS I 307 5.94 45.32 -25.88
CA LYS I 307 7.03 44.37 -25.68
C LYS I 307 6.97 43.24 -26.71
N LEU I 308 5.77 42.74 -26.99
CA LEU I 308 5.64 41.54 -27.80
C LEU I 308 5.95 41.80 -29.26
N LYS I 309 5.64 43.01 -29.74
CA LYS I 309 5.91 43.28 -31.16
C LYS I 309 7.38 43.56 -31.46
N GLU I 310 8.28 43.40 -30.48
CA GLU I 310 9.70 43.34 -30.78
C GLU I 310 10.06 42.02 -31.45
N TYR I 311 9.53 40.91 -30.92
CA TYR I 311 9.80 39.60 -31.50
C TYR I 311 9.22 39.47 -32.91
N PHE I 312 8.04 40.06 -33.14
CA PHE I 312 7.32 39.98 -34.41
C PHE I 312 7.23 41.42 -34.94
N PRO I 313 8.25 41.89 -35.69
CA PRO I 313 8.41 43.33 -35.86
C PRO I 313 7.54 43.96 -36.94
N HIS I 314 7.19 43.19 -37.98
CA HIS I 314 6.53 43.74 -39.16
C HIS I 314 5.10 43.20 -39.33
N LYS I 315 4.36 43.07 -38.23
CA LYS I 315 2.99 42.59 -38.27
C LYS I 315 2.16 43.27 -37.19
N ASN I 316 0.87 43.40 -37.46
CA ASN I 316 -0.06 43.85 -36.43
C ASN I 316 -0.26 42.75 -35.40
N ILE I 317 -0.58 43.17 -34.18
CA ILE I 317 -0.89 42.25 -33.08
C ILE I 317 -2.34 42.47 -32.67
N THR I 318 -3.10 41.39 -32.59
CA THR I 318 -4.49 41.41 -32.19
C THR I 318 -4.72 40.34 -31.14
N PHE I 319 -5.45 40.72 -30.08
CA PHE I 319 -5.86 39.80 -29.04
C PHE I 319 -7.33 39.45 -29.23
N GLN I 320 -7.64 38.17 -29.10
CA GLN I 320 -9.00 37.67 -29.29
C GLN I 320 -9.23 36.51 -28.34
N PRO I 321 -10.49 36.21 -28.00
CA PRO I 321 -10.74 35.14 -27.04
C PRO I 321 -10.47 33.76 -27.63
N SER I 322 -10.28 32.80 -26.75
CA SER I 322 -10.01 31.43 -27.16
C SER I 322 -11.21 30.84 -27.91
N SER I 323 -10.96 29.72 -28.58
CA SER I 323 -11.97 29.01 -29.38
C SER I 323 -11.91 27.54 -29.03
N GLY I 324 -13.08 26.93 -28.86
CA GLY I 324 -13.16 25.50 -28.65
C GLY I 324 -12.45 25.02 -27.39
N GLY I 325 -12.60 23.72 -27.16
CA GLY I 325 -12.04 23.09 -25.98
C GLY I 325 -13.03 23.01 -24.84
N ASP I 326 -12.56 22.47 -23.72
CA ASP I 326 -13.40 22.33 -22.55
C ASP I 326 -13.58 23.69 -21.86
N LEU I 327 -14.34 23.67 -20.77
CA LEU I 327 -14.52 24.88 -19.97
C LEU I 327 -13.21 25.31 -19.31
N GLU I 328 -12.28 24.38 -19.13
CA GLU I 328 -11.02 24.72 -18.47
C GLU I 328 -10.16 25.67 -19.30
N ILE I 329 -10.42 25.80 -20.60
CA ILE I 329 -9.56 26.58 -21.49
C ILE I 329 -10.36 27.66 -22.23
N THR I 330 -11.66 27.43 -22.45
CA THR I 330 -12.48 28.46 -23.06
C THR I 330 -12.72 29.63 -22.13
N THR I 331 -12.69 29.41 -20.81
CA THR I 331 -12.93 30.44 -19.81
C THR I 331 -11.84 30.36 -18.76
N HIS I 332 -11.54 31.50 -18.16
CA HIS I 332 -10.55 31.57 -17.10
C HIS I 332 -11.05 30.79 -15.88
N SER I 333 -10.29 29.78 -15.48
CA SER I 333 -10.65 28.90 -14.37
C SER I 333 -9.72 29.15 -13.20
N PHE I 334 -10.26 28.99 -11.99
CA PHE I 334 -9.48 29.12 -10.76
C PHE I 334 -10.36 28.64 -9.62
N ASN I 335 -9.84 28.74 -8.40
CA ASN I 335 -10.56 28.37 -7.20
C ASN I 335 -10.35 29.42 -6.12
N CYS I 336 -11.44 29.70 -5.40
CA CYS I 336 -11.41 30.57 -4.22
C CYS I 336 -12.26 29.90 -3.15
N GLY I 337 -11.66 29.62 -2.00
CA GLY I 337 -12.35 28.81 -1.01
C GLY I 337 -12.60 27.42 -1.54
N GLY I 338 -13.74 26.85 -1.16
CA GLY I 338 -14.10 25.51 -1.58
C GLY I 338 -15.02 25.49 -2.79
N GLU I 339 -14.80 26.40 -3.73
CA GLU I 339 -15.57 26.46 -4.96
C GLU I 339 -14.65 26.76 -6.13
N PHE I 340 -15.12 26.42 -7.33
CA PHE I 340 -14.36 26.52 -8.57
C PHE I 340 -15.10 27.40 -9.55
N PHE I 341 -14.36 28.29 -10.21
CA PHE I 341 -14.93 29.31 -11.07
C PHE I 341 -14.56 29.04 -12.53
N TYR I 342 -15.40 29.55 -13.43
CA TYR I 342 -15.17 29.48 -14.87
C TYR I 342 -15.75 30.76 -15.46
N CYS I 343 -14.88 31.76 -15.67
CA CYS I 343 -15.30 33.13 -15.92
C CYS I 343 -15.04 33.50 -17.38
N ASN I 344 -16.09 33.95 -18.06
CA ASN I 344 -16.02 34.34 -19.47
C ASN I 344 -15.10 35.55 -19.59
N THR I 345 -14.01 35.38 -20.33
CA THR I 345 -12.98 36.41 -20.49
C THR I 345 -13.02 37.07 -21.87
N SER I 346 -14.14 36.98 -22.59
CA SER I 346 -14.20 37.54 -23.93
C SER I 346 -14.03 39.06 -23.92
N SER I 347 -14.66 39.72 -22.95
CA SER I 347 -14.61 41.18 -22.92
C SER I 347 -13.21 41.72 -22.61
N LEU I 348 -12.33 40.89 -22.03
CA LEU I 348 -11.01 41.40 -21.64
C LEU I 348 -10.05 41.43 -22.83
N PHE I 349 -9.95 40.33 -23.56
CA PHE I 349 -8.92 40.17 -24.58
C PHE I 349 -9.29 40.75 -25.94
N ASN I 350 -10.51 41.23 -26.11
CA ASN I 350 -10.93 41.71 -27.43
C ASN I 350 -10.29 43.06 -27.74
N ARG I 351 -9.03 43.02 -28.20
CA ARG I 351 -8.26 44.23 -28.46
C ARG I 351 -7.47 44.06 -29.76
N THR I 352 -7.02 45.19 -30.29
CA THR I 352 -6.10 45.20 -31.43
C THR I 352 -5.17 46.40 -31.30
N TYR I 353 -3.99 46.29 -31.91
CA TYR I 353 -2.98 47.33 -31.83
C TYR I 353 -2.34 47.52 -33.20
N MET I 354 -1.94 48.76 -33.48
CA MET I 354 -1.38 49.11 -34.77
C MET I 354 0.11 48.79 -34.82
N ALA I 355 0.61 48.61 -36.04
CA ALA I 355 2.02 48.32 -36.26
C ALA I 355 2.88 49.58 -36.42
N ASN I 356 2.27 50.73 -36.68
CA ASN I 356 3.00 51.98 -36.87
C ASN I 356 3.98 51.87 -38.04
N ASN I 367 -6.20 56.21 -11.93
CA ASN I 367 -5.50 54.92 -11.83
C ASN I 367 -6.49 53.77 -11.71
N SER I 368 -7.61 54.02 -11.01
CA SER I 368 -8.68 53.05 -10.85
C SER I 368 -10.04 53.71 -11.04
N THR I 369 -10.18 54.56 -12.07
CA THR I 369 -11.42 55.30 -12.26
C THR I 369 -12.57 54.43 -12.74
N ARG I 370 -12.29 53.37 -13.49
CA ARG I 370 -13.33 52.55 -14.11
C ARG I 370 -13.00 51.07 -13.89
N THR I 371 -14.05 50.25 -13.92
CA THR I 371 -13.96 48.84 -13.59
C THR I 371 -14.67 48.01 -14.66
N ILE I 372 -14.04 46.91 -15.06
CA ILE I 372 -14.66 45.93 -15.95
C ILE I 372 -15.37 44.89 -15.08
N THR I 373 -16.47 44.34 -15.58
CA THR I 373 -17.19 43.26 -14.93
C THR I 373 -17.40 42.13 -15.92
N ILE I 374 -17.20 40.90 -15.44
CA ILE I 374 -17.31 39.69 -16.27
C ILE I 374 -18.21 38.70 -15.55
N HIS I 375 -19.19 38.15 -16.26
CA HIS I 375 -20.02 37.11 -15.71
C HIS I 375 -19.22 35.83 -15.60
N CYS I 376 -19.66 34.93 -14.70
CA CYS I 376 -18.85 33.77 -14.39
C CYS I 376 -19.73 32.69 -13.80
N ARG I 377 -19.33 31.42 -14.01
CA ARG I 377 -20.11 30.26 -13.65
C ARG I 377 -19.27 29.33 -12.78
N ILE I 378 -19.96 28.58 -11.92
CA ILE I 378 -19.33 27.64 -11.00
C ILE I 378 -19.96 26.26 -11.16
N LYS I 379 -19.16 25.23 -10.90
CA LYS I 379 -19.63 23.85 -10.98
C LYS I 379 -18.90 23.03 -9.93
N GLN I 380 -19.49 21.88 -9.60
CA GLN I 380 -19.02 21.06 -8.49
C GLN I 380 -18.19 19.86 -8.93
N ILE I 381 -18.66 19.09 -9.91
CA ILE I 381 -18.00 17.86 -10.32
C ILE I 381 -16.82 18.28 -11.19
N ILE I 382 -15.64 18.37 -10.57
CA ILE I 382 -14.42 18.76 -11.27
C ILE I 382 -13.74 17.49 -11.77
N ASN I 383 -13.59 17.37 -13.09
CA ASN I 383 -12.67 16.40 -13.65
C ASN I 383 -11.27 16.76 -13.20
N MET I 384 -10.44 15.75 -12.94
CA MET I 384 -9.08 16.00 -12.50
C MET I 384 -8.36 16.81 -13.57
N TRP I 385 -7.69 17.88 -13.12
CA TRP I 385 -7.33 18.97 -14.02
C TRP I 385 -6.42 18.51 -15.15
N GLN I 386 -5.58 17.50 -14.89
CA GLN I 386 -4.61 17.07 -15.89
C GLN I 386 -5.28 16.24 -16.97
N GLU I 387 -6.22 15.37 -16.59
CA GLU I 387 -6.80 14.41 -17.52
C GLU I 387 -8.07 13.83 -16.93
N VAL I 388 -8.86 13.19 -17.79
CA VAL I 388 -10.16 12.63 -17.42
C VAL I 388 -10.00 11.15 -17.17
N GLY I 389 -10.76 10.63 -16.21
CA GLY I 389 -10.62 9.25 -15.75
C GLY I 389 -10.81 9.16 -14.25
N ARG I 390 -10.52 10.24 -13.55
CA ARG I 390 -10.77 10.36 -12.12
C ARG I 390 -11.40 11.72 -11.86
N ALA I 391 -12.54 11.71 -11.16
CA ALA I 391 -13.36 12.91 -10.99
C ALA I 391 -13.42 13.30 -9.53
N MET I 392 -13.46 14.61 -9.29
CA MET I 392 -13.62 15.19 -7.96
C MET I 392 -15.01 15.78 -7.86
N TYR I 393 -15.60 15.70 -6.66
CA TYR I 393 -16.84 16.39 -6.35
C TYR I 393 -16.58 17.38 -5.23
N ALA I 394 -16.90 18.64 -5.48
CA ALA I 394 -16.68 19.69 -4.50
C ALA I 394 -17.89 19.81 -3.58
N PRO I 395 -17.74 19.71 -2.26
CA PRO I 395 -18.89 19.96 -1.39
C PRO I 395 -19.27 21.43 -1.41
N PRO I 396 -20.54 21.78 -1.29
CA PRO I 396 -20.93 23.19 -1.43
C PRO I 396 -20.47 24.02 -0.24
N ILE I 397 -19.99 25.22 -0.51
CA ILE I 397 -19.59 26.16 0.52
C ILE I 397 -20.83 26.99 0.89
N ALA I 398 -21.21 26.93 2.16
CA ALA I 398 -22.40 27.64 2.61
C ALA I 398 -22.15 29.13 2.67
N GLY I 399 -23.23 29.90 2.74
CA GLY I 399 -23.13 31.33 2.83
C GLY I 399 -22.67 31.94 1.50
N ASN I 400 -22.13 33.15 1.60
CA ASN I 400 -21.66 33.91 0.45
C ASN I 400 -20.14 34.01 0.51
N ILE I 401 -19.52 34.11 -0.66
CA ILE I 401 -18.07 34.05 -0.82
C ILE I 401 -17.59 35.33 -1.48
N THR I 402 -16.45 35.83 -1.01
CA THR I 402 -15.72 36.91 -1.66
C THR I 402 -14.25 36.51 -1.73
N CYS I 403 -13.55 37.03 -2.73
CA CYS I 403 -12.16 36.63 -2.95
C CYS I 403 -11.42 37.75 -3.66
N ILE I 404 -10.13 37.85 -3.35
CA ILE I 404 -9.23 38.83 -3.96
C ILE I 404 -7.91 38.12 -4.25
N SER I 405 -7.31 38.43 -5.40
CA SER I 405 -6.06 37.81 -5.78
C SER I 405 -5.31 38.73 -6.74
N ASN I 406 -4.02 38.42 -6.91
CA ASN I 406 -3.12 39.24 -7.71
C ASN I 406 -2.71 38.45 -8.95
N ILE I 407 -3.23 38.84 -10.12
CA ILE I 407 -2.75 38.24 -11.36
C ILE I 407 -1.37 38.80 -11.70
N THR I 408 -0.48 37.91 -12.14
CA THR I 408 0.93 38.25 -12.35
C THR I 408 1.48 37.80 -13.68
N GLY I 409 0.74 37.06 -14.49
CA GLY I 409 1.26 36.60 -15.77
C GLY I 409 0.13 36.11 -16.65
N LEU I 410 0.46 35.98 -17.94
CA LEU I 410 -0.48 35.53 -18.95
C LEU I 410 0.09 34.31 -19.67
N LEU I 411 -0.76 33.32 -19.93
CA LEU I 411 -0.41 32.14 -20.69
C LEU I 411 -1.06 32.27 -22.06
N LEU I 412 -0.36 32.94 -22.97
CA LEU I 412 -0.87 33.13 -24.32
C LEU I 412 -0.42 31.99 -25.22
N THR I 413 -1.09 31.88 -26.36
CA THR I 413 -0.71 30.96 -27.42
C THR I 413 -1.22 31.51 -28.74
N ARG I 414 -0.35 31.55 -29.74
CA ARG I 414 -0.59 32.28 -30.97
C ARG I 414 -1.20 31.35 -32.02
N ASP I 415 -1.85 31.96 -33.00
CA ASP I 415 -2.42 31.23 -34.13
C ASP I 415 -1.51 31.34 -35.33
N GLY I 416 -1.05 30.20 -35.84
CA GLY I 416 -0.26 30.19 -37.04
C GLY I 416 -1.12 30.25 -38.29
N GLY I 417 -0.46 30.28 -39.44
CA GLY I 417 -1.15 30.25 -40.71
C GLY I 417 -1.95 31.50 -41.04
N LYS I 418 -1.71 32.60 -40.35
CA LYS I 418 -2.38 33.87 -40.60
C LYS I 418 -1.37 34.86 -41.17
N ASN I 419 -1.69 35.44 -42.32
CA ASN I 419 -0.75 36.24 -43.09
C ASN I 419 -0.88 37.72 -42.75
N ASN I 420 0.25 38.34 -42.42
CA ASN I 420 0.32 39.79 -42.16
C ASN I 420 -0.56 40.20 -40.99
N THR I 421 -0.83 39.28 -40.06
CA THR I 421 -1.56 39.63 -38.86
C THR I 421 -1.36 38.53 -37.84
N GLU I 422 -0.71 38.84 -36.73
CA GLU I 422 -0.62 37.91 -35.63
C GLU I 422 -1.93 37.89 -34.85
N THR I 423 -2.13 36.83 -34.07
CA THR I 423 -3.36 36.67 -33.29
C THR I 423 -3.03 35.82 -32.09
N PHE I 424 -2.84 36.45 -30.94
CA PHE I 424 -2.56 35.78 -29.68
C PHE I 424 -3.84 35.67 -28.88
N ARG I 425 -4.12 34.47 -28.36
CA ARG I 425 -5.36 34.17 -27.69
C ARG I 425 -5.06 33.31 -26.46
N PRO I 426 -5.83 33.45 -25.38
CA PRO I 426 -5.47 32.75 -24.14
C PRO I 426 -5.61 31.25 -24.27
N GLY I 427 -4.83 30.54 -23.47
CA GLY I 427 -4.89 29.08 -23.41
C GLY I 427 -4.37 28.57 -22.10
N GLY I 428 -3.58 27.51 -22.15
CA GLY I 428 -2.91 27.02 -20.96
C GLY I 428 -3.64 25.96 -20.19
N GLY I 429 -4.34 25.04 -20.88
CA GLY I 429 -4.98 23.94 -20.19
C GLY I 429 -3.99 23.00 -19.52
N ASN I 430 -2.83 22.78 -20.13
CA ASN I 430 -1.79 21.95 -19.54
C ASN I 430 -1.28 22.62 -18.28
N MET I 431 -1.49 21.97 -17.14
CA MET I 431 -1.19 22.61 -15.85
C MET I 431 0.30 22.80 -15.64
N LYS I 432 1.13 22.06 -16.38
CA LYS I 432 2.57 22.14 -16.16
C LYS I 432 3.13 23.52 -16.48
N ASP I 433 2.51 24.25 -17.41
CA ASP I 433 3.01 25.56 -17.78
C ASP I 433 2.90 26.55 -16.63
N ASN I 434 1.96 26.35 -15.71
CA ASN I 434 1.83 27.25 -14.57
C ASN I 434 3.07 27.23 -13.71
N TRP I 435 3.62 26.03 -13.47
CA TRP I 435 4.79 25.88 -12.61
C TRP I 435 6.10 26.00 -13.37
N ARG I 436 6.11 25.72 -14.67
CA ARG I 436 7.30 26.00 -15.46
C ARG I 436 7.55 27.50 -15.58
N SER I 437 6.51 28.31 -15.38
CA SER I 437 6.66 29.76 -15.40
C SER I 437 7.34 30.30 -14.13
N GLU I 438 7.56 29.46 -13.13
CA GLU I 438 8.11 29.90 -11.84
C GLU I 438 9.52 29.35 -11.64
N LEU I 439 9.75 28.10 -12.04
CA LEU I 439 11.04 27.46 -11.81
C LEU I 439 12.04 27.72 -12.94
N TYR I 440 11.82 28.79 -13.71
CA TYR I 440 12.83 29.26 -14.65
C TYR I 440 14.10 29.72 -13.95
N LYS I 441 13.98 30.18 -12.69
CA LYS I 441 15.15 30.65 -11.95
C LYS I 441 16.16 29.53 -11.70
N TYR I 442 15.68 28.35 -11.32
CA TYR I 442 16.49 27.36 -10.62
C TYR I 442 17.11 26.36 -11.57
N LYS I 443 18.10 25.64 -11.04
CA LYS I 443 18.74 24.52 -11.72
C LYS I 443 19.52 23.73 -10.69
N VAL I 444 19.63 22.42 -10.91
CA VAL I 444 20.26 21.49 -9.97
C VAL I 444 21.51 20.92 -10.64
N VAL I 445 22.62 20.90 -9.89
CA VAL I 445 23.89 20.37 -10.37
C VAL I 445 24.42 19.39 -9.34
N LYS I 446 25.24 18.45 -9.82
CA LYS I 446 25.91 17.48 -8.98
C LYS I 446 27.35 17.93 -8.75
N ILE I 447 27.74 18.07 -7.47
CA ILE I 447 29.10 18.47 -7.17
C ILE I 447 30.04 17.33 -7.51
N GLU I 448 31.22 17.68 -8.04
CA GLU I 448 32.23 16.73 -8.49
C GLU I 448 33.52 17.07 -7.74
N PRO I 449 33.56 16.82 -6.43
CA PRO I 449 34.58 17.45 -5.58
C PRO I 449 36.01 17.02 -5.87
N LEU I 450 36.24 15.92 -6.57
CA LEU I 450 37.57 15.35 -6.75
C LEU I 450 38.14 15.79 -8.07
N GLY I 451 39.38 16.30 -8.05
CA GLY I 451 40.06 16.69 -9.27
C GLY I 451 41.56 16.58 -9.09
N VAL I 452 42.26 16.50 -10.23
CA VAL I 452 43.71 16.30 -10.26
C VAL I 452 44.37 17.54 -10.85
N ALA I 453 45.69 17.57 -10.75
CA ALA I 453 46.48 18.70 -11.25
C ALA I 453 47.96 18.32 -11.15
N PRO I 454 48.85 19.08 -11.80
CA PRO I 454 50.29 18.84 -11.64
C PRO I 454 50.92 19.73 -10.59
N THR I 455 51.91 19.19 -9.88
CA THR I 455 52.65 19.99 -8.90
C THR I 455 53.94 19.26 -8.54
N ARG I 456 54.78 19.95 -7.78
CA ARG I 456 56.00 19.35 -7.25
C ARG I 456 55.64 18.38 -6.13
N CYS I 457 56.35 17.26 -6.05
CA CYS I 457 55.95 16.21 -5.13
C CYS I 457 57.12 15.35 -4.69
N LYS I 458 56.88 14.63 -3.60
CA LYS I 458 57.63 13.45 -3.20
C LYS I 458 56.78 12.71 -2.17
N ARG I 459 56.86 11.39 -2.21
CA ARG I 459 56.31 10.54 -1.16
C ARG I 459 57.39 9.56 -0.73
N ARG I 460 57.78 9.65 0.54
CA ARG I 460 58.92 8.89 1.03
C ARG I 460 58.64 7.39 0.97
N VAL I 461 59.64 6.65 0.53
CA VAL I 461 59.58 5.19 0.44
C VAL I 461 60.84 4.61 1.06
N VAL J 14 27.71 23.45 9.34
CA VAL J 14 27.15 24.80 9.02
C VAL J 14 27.38 25.09 7.54
N PHE J 15 26.29 25.34 6.82
CA PHE J 15 26.34 25.62 5.39
C PHE J 15 26.52 27.11 5.20
N LEU J 16 27.68 27.53 4.68
CA LEU J 16 27.97 28.93 4.45
C LEU J 16 29.21 29.03 3.58
N GLY J 17 29.14 29.88 2.55
CA GLY J 17 30.25 30.00 1.64
C GLY J 17 30.60 28.71 0.93
N PHE J 18 29.60 27.91 0.58
CA PHE J 18 29.82 26.56 0.09
C PHE J 18 30.60 26.54 -1.22
N LEU J 19 30.03 27.14 -2.28
CA LEU J 19 30.71 27.32 -3.55
C LEU J 19 31.12 28.77 -3.78
N GLY J 20 31.31 29.55 -2.72
CA GLY J 20 31.73 30.93 -2.89
C GLY J 20 33.07 31.05 -3.60
N ALA J 21 33.97 30.11 -3.36
CA ALA J 21 35.27 30.11 -4.04
C ALA J 21 35.19 29.64 -5.48
N ALA J 22 34.06 29.07 -5.91
CA ALA J 22 33.93 28.61 -7.28
C ALA J 22 34.08 29.77 -8.25
N GLY J 23 34.74 29.49 -9.37
CA GLY J 23 35.02 30.51 -10.36
C GLY J 23 36.33 31.23 -10.14
N SER J 24 36.85 31.16 -8.91
CA SER J 24 38.14 31.77 -8.61
C SER J 24 39.27 30.89 -9.12
N THR J 25 40.50 31.32 -8.86
CA THR J 25 41.67 30.62 -9.36
C THR J 25 41.91 29.34 -8.57
N MET J 26 42.63 28.41 -9.21
CA MET J 26 42.91 27.11 -8.58
C MET J 26 43.83 27.23 -7.37
N GLY J 27 44.50 28.37 -7.19
CA GLY J 27 45.32 28.59 -6.02
C GLY J 27 44.48 29.01 -4.82
N ALA J 28 43.66 30.04 -5.01
CA ALA J 28 42.85 30.56 -3.91
C ALA J 28 41.81 29.53 -3.49
N ALA J 29 41.23 28.79 -4.44
CA ALA J 29 40.15 27.87 -4.12
C ALA J 29 40.58 26.74 -3.21
N SER J 30 41.89 26.44 -3.15
CA SER J 30 42.37 25.37 -2.28
C SER J 30 42.21 25.68 -0.81
N MET J 31 42.01 26.95 -0.44
CA MET J 31 41.85 27.30 0.97
C MET J 31 40.51 26.81 1.51
N THR J 32 39.43 27.03 0.77
CA THR J 32 38.08 26.77 1.25
C THR J 32 37.60 25.35 0.96
N LEU J 33 38.51 24.40 0.79
CA LEU J 33 38.09 23.03 0.49
C LEU J 33 37.33 22.41 1.66
N THR J 34 37.76 22.73 2.89
CA THR J 34 37.08 22.16 4.06
C THR J 34 35.63 22.58 4.13
N VAL J 35 35.31 23.80 3.65
CA VAL J 35 33.92 24.25 3.67
C VAL J 35 33.07 23.38 2.76
N GLN J 36 33.63 22.95 1.63
CA GLN J 36 32.91 22.04 0.75
C GLN J 36 32.86 20.62 1.30
N ALA J 37 33.91 20.22 2.01
CA ALA J 37 34.03 18.81 2.41
C ALA J 37 32.95 18.40 3.41
N ARG J 38 32.38 19.35 4.15
CA ARG J 38 31.50 19.02 5.25
C ARG J 38 30.05 18.76 4.84
N ASN J 39 29.73 18.77 3.55
CA ASN J 39 28.35 18.61 3.11
C ASN J 39 27.98 17.13 3.13
N LEU J 40 27.63 16.65 4.33
CA LEU J 40 26.97 15.36 4.52
C LEU J 40 25.84 15.59 5.52
N LEU J 41 25.07 16.65 5.27
CA LEU J 41 24.15 17.20 6.25
C LEU J 41 22.96 16.26 6.47
N SER J 42 22.35 16.40 7.64
CA SER J 42 21.16 15.64 8.01
C SER J 42 21.42 14.13 7.96
N GLY J 68 5.85 12.83 -2.33
CA GLY J 68 5.44 11.94 -1.26
C GLY J 68 6.23 12.16 0.01
N ILE J 69 6.50 11.05 0.72
CA ILE J 69 7.23 11.08 1.99
C ILE J 69 8.47 10.19 1.96
N LYS J 70 8.71 9.47 0.86
CA LYS J 70 9.66 8.36 0.85
C LYS J 70 11.01 8.78 0.27
N GLN J 71 11.47 9.99 0.61
CA GLN J 71 12.73 10.51 0.08
C GLN J 71 13.95 10.05 0.87
N LEU J 72 13.82 8.94 1.62
CA LEU J 72 14.97 8.35 2.30
C LEU J 72 16.05 7.94 1.30
N GLN J 73 15.65 7.54 0.09
CA GLN J 73 16.61 7.16 -0.94
C GLN J 73 17.54 8.33 -1.26
N ALA J 74 17.03 9.56 -1.19
CA ALA J 74 17.89 10.73 -1.34
C ALA J 74 18.95 10.79 -0.26
N ARG J 75 18.59 10.44 0.98
CA ARG J 75 19.58 10.37 2.05
C ARG J 75 20.63 9.31 1.74
N VAL J 76 20.19 8.16 1.20
CA VAL J 76 21.12 7.07 0.95
C VAL J 76 22.10 7.44 -0.17
N LEU J 77 21.63 8.20 -1.16
CA LEU J 77 22.49 8.55 -2.31
C LEU J 77 23.72 9.32 -1.88
N ALA J 78 23.55 10.30 -0.99
CA ALA J 78 24.69 11.11 -0.55
C ALA J 78 25.71 10.27 0.17
N VAL J 79 25.26 9.35 1.03
CA VAL J 79 26.17 8.46 1.74
C VAL J 79 26.93 7.59 0.75
N GLU J 80 26.23 7.07 -0.25
CA GLU J 80 26.89 6.21 -1.25
C GLU J 80 27.98 6.97 -1.98
N ARG J 81 27.67 8.18 -2.46
CA ARG J 81 28.68 8.96 -3.20
C ARG J 81 29.85 9.35 -2.31
N TYR J 82 29.58 9.77 -1.08
CA TYR J 82 30.66 10.18 -0.18
C TYR J 82 31.56 8.99 0.13
N LEU J 83 30.98 7.82 0.36
CA LEU J 83 31.79 6.65 0.65
C LEU J 83 32.59 6.23 -0.58
N ARG J 84 32.01 6.37 -1.77
CA ARG J 84 32.76 6.08 -2.99
C ARG J 84 34.00 6.97 -3.08
N ASP J 85 33.82 8.28 -2.88
CA ASP J 85 34.95 9.19 -2.96
C ASP J 85 35.97 8.90 -1.87
N GLN J 86 35.51 8.61 -0.65
CA GLN J 86 36.43 8.36 0.45
C GLN J 86 37.26 7.10 0.20
N GLN J 87 36.62 6.04 -0.28
CA GLN J 87 37.35 4.82 -0.60
C GLN J 87 38.34 5.07 -1.73
N LEU J 88 37.90 5.78 -2.77
CA LEU J 88 38.77 5.99 -3.93
C LEU J 88 39.99 6.81 -3.56
N LEU J 89 39.84 7.76 -2.62
CA LEU J 89 41.01 8.45 -2.09
C LEU J 89 41.90 7.51 -1.29
N GLY J 90 41.29 6.58 -0.56
CA GLY J 90 42.09 5.67 0.25
C GLY J 90 42.93 4.72 -0.59
N ILE J 91 42.41 4.29 -1.74
CA ILE J 91 43.12 3.31 -2.56
C ILE J 91 44.43 3.88 -3.11
N TRP J 92 44.49 5.19 -3.35
CA TRP J 92 45.69 5.80 -3.93
C TRP J 92 46.74 6.16 -2.89
N GLY J 93 46.47 5.93 -1.61
CA GLY J 93 47.37 6.40 -0.57
C GLY J 93 47.14 7.82 -0.13
N CYS J 94 46.23 8.54 -0.79
CA CYS J 94 45.78 9.85 -0.32
C CYS J 94 44.71 9.74 0.75
N SER J 95 45.03 9.12 1.88
CA SER J 95 44.04 8.83 2.90
C SER J 95 43.70 10.10 3.68
N GLY J 96 42.41 10.42 3.76
CA GLY J 96 41.93 11.45 4.66
C GLY J 96 42.21 12.88 4.22
N LYS J 97 43.49 13.25 4.15
CA LYS J 97 43.85 14.65 3.94
C LYS J 97 43.30 15.17 2.61
N LEU J 98 42.74 16.38 2.66
CA LEU J 98 42.09 16.97 1.50
C LEU J 98 43.05 17.27 0.36
N ILE J 99 44.34 17.48 0.63
CA ILE J 99 45.34 17.74 -0.38
C ILE J 99 46.48 16.75 -0.19
N CYS J 100 46.94 16.19 -1.30
CA CYS J 100 48.17 15.41 -1.29
C CYS J 100 48.73 15.42 -2.70
N CYS J 101 49.98 15.03 -2.82
CA CYS J 101 50.52 14.59 -4.09
C CYS J 101 50.79 13.09 -4.03
N THR J 102 51.14 12.52 -5.18
CA THR J 102 51.43 11.09 -5.27
C THR J 102 52.67 10.88 -6.12
N ASN J 103 53.11 9.62 -6.18
CA ASN J 103 54.42 9.30 -6.73
C ASN J 103 54.44 9.34 -8.26
N VAL J 104 53.32 9.06 -8.92
CA VAL J 104 53.30 8.94 -10.38
C VAL J 104 53.60 10.30 -11.00
N PRO J 105 54.62 10.45 -11.83
CA PRO J 105 54.91 11.77 -12.41
C PRO J 105 53.84 12.19 -13.41
N TRP J 106 53.96 13.43 -13.88
CA TRP J 106 53.10 13.92 -14.95
C TRP J 106 53.51 13.21 -16.25
N ASN J 107 52.70 12.25 -16.67
CA ASN J 107 53.07 11.34 -17.74
C ASN J 107 53.00 12.02 -19.09
N SER J 108 53.67 11.42 -20.08
CA SER J 108 53.56 11.86 -21.45
C SER J 108 52.11 11.75 -21.92
N SER J 109 51.82 12.38 -23.05
CA SER J 109 50.43 12.52 -23.53
C SER J 109 49.69 13.32 -22.45
N TRP J 110 48.40 13.04 -22.26
CA TRP J 110 47.58 13.74 -21.28
C TRP J 110 47.57 15.23 -21.60
N SER J 111 47.23 16.08 -20.64
CA SER J 111 47.11 17.52 -20.90
C SER J 111 48.48 18.16 -20.90
N ASN J 112 48.98 18.50 -22.08
CA ASN J 112 50.16 19.35 -22.21
C ASN J 112 49.87 20.81 -21.95
N ARG J 113 48.59 21.19 -21.79
CA ARG J 113 48.21 22.57 -21.51
C ARG J 113 48.89 23.08 -20.25
N ASN J 114 49.61 24.19 -20.38
CA ASN J 114 50.35 24.73 -19.26
C ASN J 114 49.40 25.29 -18.21
N LEU J 115 49.64 24.94 -16.94
CA LEU J 115 48.83 25.41 -15.83
C LEU J 115 49.63 26.04 -14.70
N SER J 116 50.94 25.80 -14.63
CA SER J 116 51.75 26.46 -13.59
C SER J 116 51.73 27.97 -13.75
N GLU J 117 51.72 28.46 -14.98
CA GLU J 117 51.54 29.88 -15.26
C GLU J 117 50.11 30.36 -15.05
N ILE J 118 49.16 29.43 -14.87
CA ILE J 118 47.74 29.73 -14.86
C ILE J 118 47.06 29.26 -13.58
N TRP J 119 47.79 28.56 -12.69
CA TRP J 119 47.23 28.17 -11.39
C TRP J 119 46.72 29.38 -10.61
N ASP J 120 47.37 30.53 -10.77
CA ASP J 120 46.90 31.79 -10.21
C ASP J 120 45.93 32.52 -11.14
N ASN J 121 45.33 31.82 -12.09
CA ASN J 121 44.31 32.38 -12.98
C ASN J 121 43.31 31.27 -13.28
N MET J 122 42.40 31.52 -14.22
CA MET J 122 41.49 30.50 -14.73
C MET J 122 40.61 30.02 -13.57
N THR J 123 39.83 28.96 -13.75
CA THR J 123 39.10 28.36 -12.63
C THR J 123 39.07 26.85 -12.79
N TRP J 124 38.62 26.19 -11.72
CA TRP J 124 38.60 24.73 -11.69
C TRP J 124 37.68 24.16 -12.77
N LEU J 125 36.52 24.79 -12.97
CA LEU J 125 35.56 24.29 -13.95
C LEU J 125 36.17 24.28 -15.35
N GLN J 126 36.95 25.30 -15.70
CA GLN J 126 37.64 25.31 -16.98
C GLN J 126 38.72 24.24 -17.03
N TRP J 127 39.45 24.04 -15.93
CA TRP J 127 40.49 23.02 -15.92
C TRP J 127 39.91 21.61 -15.94
N ASP J 128 38.76 21.43 -15.27
CA ASP J 128 38.14 20.10 -15.23
C ASP J 128 37.76 19.64 -16.63
N LYS J 129 37.27 20.56 -17.47
CA LYS J 129 36.88 20.20 -18.82
C LYS J 129 38.07 19.68 -19.62
N GLU J 130 39.23 20.32 -19.48
CA GLU J 130 40.43 19.85 -20.18
C GLU J 130 40.87 18.50 -19.62
N ILE J 131 40.99 18.39 -18.29
CA ILE J 131 41.64 17.23 -17.71
C ILE J 131 40.70 16.02 -17.60
N SER J 132 39.41 16.18 -17.90
CA SER J 132 38.49 15.06 -17.83
C SER J 132 38.79 13.97 -18.84
N ASN J 133 39.60 14.25 -19.87
CA ASN J 133 39.86 13.27 -20.92
C ASN J 133 40.73 12.11 -20.44
N TYR J 134 41.37 12.22 -19.27
CA TYR J 134 42.41 11.28 -18.86
C TYR J 134 42.32 10.77 -17.42
N THR J 135 41.35 11.22 -16.62
CA THR J 135 41.28 10.79 -15.23
C THR J 135 41.09 9.28 -15.12
N GLN J 136 40.20 8.72 -15.95
CA GLN J 136 39.97 7.28 -15.97
C GLN J 136 41.25 6.50 -16.26
N ILE J 137 42.21 7.11 -16.95
CA ILE J 137 43.51 6.48 -17.19
C ILE J 137 44.43 6.69 -16.01
N ILE J 138 44.38 7.88 -15.40
CA ILE J 138 45.30 8.23 -14.32
C ILE J 138 45.06 7.37 -13.09
N TYR J 139 43.80 7.04 -12.82
CA TYR J 139 43.46 6.36 -11.57
C TYR J 139 44.15 5.00 -11.46
N GLY J 140 44.21 4.23 -12.55
CA GLY J 140 44.88 2.95 -12.49
C GLY J 140 46.37 3.09 -12.18
N LEU J 141 47.02 4.10 -12.78
CA LEU J 141 48.42 4.34 -12.47
C LEU J 141 48.62 4.66 -11.00
N LEU J 142 47.77 5.53 -10.44
CA LEU J 142 47.90 5.86 -9.02
C LEU J 142 47.69 4.62 -8.16
N GLU J 143 46.71 3.80 -8.50
CA GLU J 143 46.43 2.59 -7.74
C GLU J 143 47.62 1.64 -7.74
N GLU J 144 48.22 1.44 -8.92
CA GLU J 144 49.35 0.53 -9.00
C GLU J 144 50.56 1.09 -8.27
N SER J 145 50.76 2.41 -8.34
CA SER J 145 51.86 3.02 -7.59
C SER J 145 51.70 2.82 -6.10
N GLN J 146 50.47 2.98 -5.60
CA GLN J 146 50.23 2.77 -4.17
C GLN J 146 50.44 1.30 -3.80
N ASN J 147 50.03 0.38 -4.68
CA ASN J 147 50.31 -1.04 -4.44
C ASN J 147 51.80 -1.30 -4.31
N GLN J 148 52.58 -0.73 -5.23
CA GLN J 148 54.03 -0.93 -5.18
C GLN J 148 54.62 -0.35 -3.90
N GLN J 149 54.15 0.83 -3.50
CA GLN J 149 54.65 1.43 -2.26
C GLN J 149 54.33 0.55 -1.06
N GLU J 150 53.10 0.06 -0.98
CA GLU J 150 52.71 -0.78 0.15
C GLU J 150 53.54 -2.05 0.21
N LYS J 151 53.72 -2.72 -0.93
CA LYS J 151 54.47 -3.97 -0.92
C LYS J 151 55.95 -3.72 -0.61
N ASN J 152 56.52 -2.62 -1.12
CA ASN J 152 57.91 -2.31 -0.80
C ASN J 152 58.09 -2.04 0.69
N GLU J 153 57.15 -1.31 1.30
CA GLU J 153 57.24 -1.05 2.73
C GLU J 153 57.09 -2.34 3.53
N GLN J 154 56.18 -3.22 3.11
CA GLN J 154 56.02 -4.50 3.80
C GLN J 154 57.28 -5.34 3.68
N ASP J 155 57.90 -5.34 2.51
CA ASP J 155 59.17 -6.06 2.34
C ASP J 155 60.26 -5.48 3.22
N LEU J 156 60.31 -4.15 3.32
CA LEU J 156 61.30 -3.52 4.18
C LEU J 156 61.12 -3.92 5.64
N LEU J 157 59.87 -3.92 6.11
CA LEU J 157 59.61 -4.33 7.49
C LEU J 157 59.78 -5.84 7.67
N ALA J 158 59.73 -6.61 6.58
CA ALA J 158 59.89 -8.06 6.67
C ALA J 158 61.31 -8.47 7.03
N LEU J 159 62.28 -7.56 7.00
CA LEU J 159 63.65 -7.88 7.39
C LEU J 159 63.79 -8.18 8.88
N ASP J 160 62.77 -7.91 9.68
CA ASP J 160 62.77 -8.25 11.11
C ASP J 160 63.05 -9.73 11.33
N GLN K 1 3.24 -0.20 -33.69
CA GLN K 1 2.27 -0.30 -32.57
C GLN K 1 1.10 0.67 -32.78
N VAL K 2 1.42 1.96 -32.83
CA VAL K 2 0.39 2.97 -32.99
C VAL K 2 -0.30 2.81 -34.34
N ARG K 3 -1.63 2.95 -34.33
CA ARG K 3 -2.43 2.92 -35.54
C ARG K 3 -3.53 3.96 -35.42
N LEU K 4 -3.72 4.73 -36.48
CA LEU K 4 -4.73 5.78 -36.55
C LEU K 4 -5.75 5.37 -37.63
N ALA K 5 -6.74 4.61 -37.22
CA ALA K 5 -7.81 4.22 -38.13
C ALA K 5 -8.68 5.42 -38.46
N GLN K 6 -9.35 5.36 -39.60
CA GLN K 6 -10.28 6.40 -40.05
C GLN K 6 -11.57 5.77 -40.55
N TYR K 7 -12.64 6.54 -40.50
CA TYR K 7 -13.93 6.13 -41.01
C TYR K 7 -14.58 7.31 -41.72
N GLY K 8 -15.72 7.04 -42.35
CA GLY K 8 -16.38 8.06 -43.15
C GLY K 8 -15.67 8.27 -44.47
N GLY K 9 -16.40 8.72 -45.47
CA GLY K 9 -15.83 8.92 -46.79
C GLY K 9 -16.89 8.71 -47.85
N GLY K 10 -16.46 8.07 -48.95
CA GLY K 10 -17.39 7.84 -50.04
C GLY K 10 -17.79 9.14 -50.71
N VAL K 11 -19.06 9.23 -51.10
CA VAL K 11 -19.60 10.39 -51.79
C VAL K 11 -20.42 11.21 -50.82
N LYS K 12 -20.16 12.52 -50.80
CA LYS K 12 -20.96 13.48 -50.06
C LYS K 12 -21.56 14.47 -51.05
N ARG K 13 -22.86 14.70 -50.95
CA ARG K 13 -23.55 15.53 -51.94
C ARG K 13 -23.12 16.99 -51.81
N LEU K 14 -23.18 17.70 -52.94
CA LEU K 14 -22.78 19.09 -52.99
C LEU K 14 -23.63 19.92 -52.04
N GLY K 15 -22.97 20.78 -51.27
CA GLY K 15 -23.65 21.64 -50.32
C GLY K 15 -23.99 20.99 -48.99
N ALA K 16 -23.78 19.69 -48.85
CA ALA K 16 -24.11 19.01 -47.61
C ALA K 16 -22.92 19.00 -46.67
N THR K 17 -23.20 18.74 -45.40
CA THR K 17 -22.17 18.64 -44.37
C THR K 17 -21.66 17.21 -44.29
N MET K 18 -20.40 17.06 -43.91
CA MET K 18 -19.75 15.75 -43.76
C MET K 18 -18.99 15.73 -42.46
N THR K 19 -18.71 14.52 -41.97
CA THR K 19 -18.05 14.33 -40.69
C THR K 19 -17.18 13.09 -40.76
N LEU K 20 -15.88 13.29 -40.91
CA LEU K 20 -14.90 12.20 -40.83
C LEU K 20 -14.66 11.85 -39.38
N SER K 21 -13.72 10.93 -39.15
CA SER K 21 -13.41 10.51 -37.79
C SER K 21 -12.06 9.83 -37.75
N CYS K 22 -11.55 9.68 -36.53
CA CYS K 22 -10.30 9.00 -36.25
C CYS K 22 -10.41 8.23 -34.95
N VAL K 23 -9.58 7.20 -34.79
CA VAL K 23 -9.51 6.41 -33.57
C VAL K 23 -8.04 6.17 -33.26
N ALA K 24 -7.58 6.74 -32.14
CA ALA K 24 -6.23 6.45 -31.66
C ALA K 24 -6.18 5.03 -31.12
N SER K 25 -4.97 4.59 -30.75
CA SER K 25 -4.78 3.23 -30.28
C SER K 25 -3.60 3.10 -29.33
N GLY K 26 -2.44 2.67 -29.85
CA GLY K 26 -1.35 2.24 -28.99
C GLY K 26 -0.40 3.33 -28.54
N TYR K 27 -0.91 4.37 -27.89
CA TYR K 27 -0.05 5.41 -27.33
C TYR K 27 -0.87 6.25 -26.37
N THR K 28 -0.16 7.05 -25.56
CA THR K 28 -0.82 7.94 -24.61
C THR K 28 -1.54 9.04 -25.37
N PHE K 29 -2.87 9.11 -25.17
CA PHE K 29 -3.69 9.97 -26.01
C PHE K 29 -3.36 11.44 -25.83
N ASN K 30 -3.04 11.86 -24.61
CA ASN K 30 -2.89 13.27 -24.31
C ASN K 30 -1.60 13.88 -24.82
N ASP K 31 -0.59 13.06 -25.16
CA ASP K 31 0.76 13.57 -25.32
C ASP K 31 1.09 14.04 -26.74
N TYR K 32 0.20 13.84 -27.72
CA TYR K 32 0.52 14.12 -29.12
C TYR K 32 -0.63 14.85 -29.77
N TYR K 33 -0.32 15.96 -30.43
CA TYR K 33 -1.34 16.70 -31.18
C TYR K 33 -1.72 15.92 -32.43
N ILE K 34 -2.95 16.15 -32.91
CA ILE K 34 -3.46 15.54 -34.12
C ILE K 34 -3.73 16.63 -35.14
N HIS K 35 -3.36 16.37 -36.39
CA HIS K 35 -3.53 17.29 -37.49
C HIS K 35 -4.32 16.61 -38.60
N TRP K 36 -4.99 17.42 -39.42
CA TRP K 36 -5.82 16.92 -40.52
C TRP K 36 -5.36 17.58 -41.82
N VAL K 37 -4.68 16.80 -42.67
CA VAL K 37 -4.17 17.27 -43.94
C VAL K 37 -4.99 16.65 -45.06
N ARG K 38 -5.01 17.33 -46.21
CA ARG K 38 -5.78 16.86 -47.36
C ARG K 38 -4.96 17.06 -48.63
N GLN K 39 -5.29 16.26 -49.65
CA GLN K 39 -4.66 16.33 -50.96
C GLN K 39 -5.76 16.30 -52.02
N ALA K 40 -6.01 17.44 -52.65
CA ALA K 40 -6.85 17.44 -53.83
C ALA K 40 -6.09 16.79 -54.99
N PRO K 41 -6.80 16.22 -55.97
CA PRO K 41 -6.08 15.59 -57.09
C PRO K 41 -5.38 16.64 -57.94
N GLY K 42 -4.14 16.34 -58.32
CA GLY K 42 -3.35 17.29 -59.07
C GLY K 42 -2.84 18.47 -58.26
N GLN K 43 -2.67 18.30 -56.95
CA GLN K 43 -2.18 19.35 -56.08
C GLN K 43 -1.25 18.74 -55.04
N GLY K 44 -0.39 19.59 -54.49
CA GLY K 44 0.43 19.19 -53.36
C GLY K 44 -0.37 19.20 -52.08
N PHE K 45 0.22 18.59 -51.05
CA PHE K 45 -0.46 18.50 -49.77
C PHE K 45 -0.62 19.89 -49.16
N GLU K 46 -1.65 20.03 -48.32
CA GLU K 46 -1.88 21.25 -47.57
C GLU K 46 -2.52 20.90 -46.24
N LEU K 47 -2.34 21.78 -45.26
CA LEU K 47 -2.81 21.55 -43.90
C LEU K 47 -4.09 22.34 -43.68
N LEU K 48 -5.05 21.71 -42.99
CA LEU K 48 -6.28 22.37 -42.58
C LEU K 48 -6.16 22.97 -41.19
N GLY K 49 -5.84 22.13 -40.21
CA GLY K 49 -5.70 22.59 -38.84
C GLY K 49 -5.23 21.46 -37.96
N TYR K 50 -5.22 21.72 -36.66
CA TYR K 50 -4.80 20.71 -35.69
C TYR K 50 -5.61 20.88 -34.41
N ILE K 51 -5.79 19.77 -33.71
CA ILE K 51 -6.59 19.68 -32.50
C ILE K 51 -5.74 19.05 -31.41
N ASP K 52 -5.57 19.76 -30.31
CA ASP K 52 -4.93 19.17 -29.14
C ASP K 52 -5.91 18.15 -28.55
N PRO K 53 -5.50 16.89 -28.31
CA PRO K 53 -6.48 15.94 -27.78
C PRO K 53 -6.79 16.13 -26.31
N ALA K 54 -5.81 16.56 -25.51
CA ALA K 54 -6.02 16.67 -24.07
C ALA K 54 -7.10 17.70 -23.75
N ASN K 55 -6.84 18.96 -24.05
CA ASN K 55 -7.78 20.05 -23.73
C ASN K 55 -8.73 20.38 -24.87
N GLY K 56 -8.55 19.79 -26.06
CA GLY K 56 -9.46 20.00 -27.16
C GLY K 56 -9.27 21.28 -27.93
N ARG K 57 -8.19 22.03 -27.68
CA ARG K 57 -7.98 23.30 -28.35
C ARG K 57 -7.74 23.07 -29.84
N PRO K 58 -8.55 23.62 -30.75
CA PRO K 58 -8.26 23.52 -32.18
C PRO K 58 -7.50 24.75 -32.68
N ASP K 59 -7.12 24.66 -33.95
CA ASP K 59 -6.55 25.80 -34.66
C ASP K 59 -6.59 25.48 -36.14
N TYR K 60 -7.18 26.38 -36.92
CA TYR K 60 -7.53 26.12 -38.31
C TYR K 60 -6.67 26.97 -39.23
N ALA K 61 -6.61 26.57 -40.49
CA ALA K 61 -5.95 27.37 -41.51
C ALA K 61 -6.75 28.65 -41.74
N GLY K 62 -6.09 29.66 -42.31
CA GLY K 62 -6.73 30.95 -42.47
C GLY K 62 -7.92 30.92 -43.41
N ALA K 63 -7.79 30.23 -44.55
CA ALA K 63 -8.83 30.29 -45.57
C ALA K 63 -10.07 29.48 -45.22
N LEU K 64 -10.00 28.59 -44.23
CA LEU K 64 -11.08 27.67 -43.91
C LEU K 64 -11.53 27.75 -42.46
N ARG K 65 -11.40 28.91 -41.82
CA ARG K 65 -11.77 29.00 -40.40
C ARG K 65 -13.27 28.89 -40.19
N GLU K 66 -14.07 29.43 -41.10
CA GLU K 66 -15.52 29.39 -40.90
C GLU K 66 -16.08 27.99 -41.08
N ARG K 67 -15.63 27.28 -42.12
CA ARG K 67 -16.23 26.00 -42.46
C ARG K 67 -15.81 24.88 -41.52
N LEU K 68 -14.55 24.83 -41.11
CA LEU K 68 -14.06 23.69 -40.34
C LEU K 68 -14.60 23.72 -38.91
N SER K 69 -14.47 22.57 -38.25
CA SER K 69 -14.75 22.47 -36.82
C SER K 69 -14.19 21.12 -36.33
N PHE K 70 -13.32 21.17 -35.33
CA PHE K 70 -12.69 19.98 -34.77
C PHE K 70 -13.15 19.76 -33.33
N TYR K 71 -13.32 18.50 -32.97
CA TYR K 71 -13.66 18.12 -31.60
C TYR K 71 -13.31 16.65 -31.42
N ARG K 72 -13.19 16.22 -30.17
CA ARG K 72 -12.75 14.88 -29.85
C ARG K 72 -13.66 14.28 -28.78
N ASP K 73 -13.27 13.09 -28.30
CA ASP K 73 -13.96 12.41 -27.22
C ASP K 73 -12.90 11.59 -26.50
N LYS K 74 -12.50 12.06 -25.31
CA LYS K 74 -11.34 11.48 -24.63
C LYS K 74 -11.57 10.03 -24.23
N SER K 75 -12.78 9.70 -23.75
CA SER K 75 -13.04 8.36 -23.24
C SER K 75 -12.87 7.29 -24.29
N MET K 76 -13.36 7.51 -25.51
CA MET K 76 -13.22 6.57 -26.60
C MET K 76 -11.92 6.77 -27.39
N GLU K 77 -11.15 7.83 -27.10
CA GLU K 77 -9.96 8.16 -27.89
C GLU K 77 -10.32 8.32 -29.36
N THR K 78 -11.30 9.19 -29.62
CA THR K 78 -11.86 9.41 -30.94
C THR K 78 -11.74 10.90 -31.26
N LEU K 79 -11.55 11.21 -32.55
CA LEU K 79 -11.49 12.58 -33.02
C LEU K 79 -12.41 12.72 -34.22
N TYR K 80 -12.76 13.96 -34.55
CA TYR K 80 -13.70 14.25 -35.63
C TYR K 80 -13.28 15.54 -36.32
N MET K 81 -13.90 15.80 -37.47
CA MET K 81 -13.85 17.09 -38.12
C MET K 81 -15.07 17.25 -39.01
N ASP K 82 -15.65 18.45 -39.00
CA ASP K 82 -16.80 18.78 -39.83
C ASP K 82 -16.43 19.90 -40.78
N LEU K 83 -16.77 19.71 -42.06
CA LEU K 83 -16.50 20.69 -43.11
C LEU K 83 -17.85 21.08 -43.74
N ARG K 84 -18.46 22.12 -43.20
CA ARG K 84 -19.78 22.55 -43.64
C ARG K 84 -19.73 23.16 -45.03
N SER K 85 -20.82 22.97 -45.76
CA SER K 85 -21.02 23.59 -47.08
C SER K 85 -19.91 23.18 -48.04
N LEU K 86 -19.88 21.89 -48.35
CA LEU K 86 -18.86 21.36 -49.25
C LEU K 86 -19.00 22.01 -50.63
N ARG K 87 -17.87 22.45 -51.17
CA ARG K 87 -17.77 22.96 -52.52
C ARG K 87 -17.15 21.90 -53.42
N TYR K 88 -17.18 22.16 -54.73
CA TYR K 88 -16.70 21.15 -55.68
C TYR K 88 -15.22 20.87 -55.49
N ASP K 89 -14.42 21.91 -55.24
CA ASP K 89 -12.98 21.69 -55.11
C ASP K 89 -12.57 21.11 -53.75
N ASP K 90 -13.51 20.63 -52.94
CA ASP K 90 -13.17 19.85 -51.75
C ASP K 90 -12.91 18.38 -52.08
N THR K 91 -12.91 17.99 -53.36
CA THR K 91 -12.59 16.63 -53.73
C THR K 91 -11.15 16.34 -53.33
N ALA K 92 -10.96 15.54 -52.29
CA ALA K 92 -9.64 15.28 -51.75
C ALA K 92 -9.75 14.14 -50.77
N MET K 93 -8.63 13.48 -50.53
CA MET K 93 -8.56 12.38 -49.58
C MET K 93 -7.79 12.85 -48.34
N TYR K 94 -8.41 12.69 -47.18
CA TYR K 94 -8.04 13.43 -45.97
C TYR K 94 -7.38 12.47 -44.99
N TYR K 95 -6.13 12.75 -44.63
CA TYR K 95 -5.43 12.01 -43.58
C TYR K 95 -5.68 12.65 -42.23
N CYS K 96 -5.67 11.81 -41.19
CA CYS K 96 -5.33 12.25 -39.86
C CYS K 96 -3.90 11.82 -39.54
N VAL K 97 -3.13 12.71 -38.93
CA VAL K 97 -1.71 12.51 -38.74
C VAL K 97 -1.30 12.97 -37.36
N ARG K 98 -0.41 12.21 -36.74
CA ARG K 98 0.20 12.58 -35.47
C ARG K 98 1.43 13.44 -35.71
N ASN K 99 1.89 14.12 -34.67
CA ASN K 99 3.13 14.88 -34.70
C ASN K 99 3.87 14.68 -33.38
N VAL K 100 5.19 14.90 -33.42
CA VAL K 100 6.03 14.77 -32.25
C VAL K 100 6.17 16.13 -31.59
N GLY K 101 5.37 16.37 -30.55
CA GLY K 101 5.40 17.66 -29.87
C GLY K 101 6.38 17.63 -28.71
N THR K 102 7.30 18.59 -28.68
CA THR K 102 8.23 18.71 -27.58
C THR K 102 7.56 19.40 -26.39
N ALA K 103 8.37 19.71 -25.37
CA ALA K 103 7.83 20.36 -24.18
C ALA K 103 7.31 21.76 -24.46
N GLY K 104 7.81 22.43 -25.50
CA GLY K 104 7.44 23.79 -25.79
C GLY K 104 7.33 24.14 -27.26
N SER K 105 7.28 23.13 -28.13
CA SER K 105 7.15 23.39 -29.56
C SER K 105 6.66 22.14 -30.26
N LEU K 106 6.02 22.33 -31.41
CA LEU K 106 5.57 21.26 -32.26
C LEU K 106 6.53 21.06 -33.43
N LEU K 107 6.51 19.86 -34.00
CA LEU K 107 7.51 19.46 -34.99
C LEU K 107 6.84 18.52 -36.00
N HIS K 108 7.67 17.84 -36.79
CA HIS K 108 7.28 16.97 -37.89
C HIS K 108 6.21 15.94 -37.57
N TYR K 109 5.53 15.44 -38.60
CA TYR K 109 4.68 14.27 -38.50
C TYR K 109 5.52 13.00 -38.50
N ASP K 110 5.02 11.96 -37.80
CA ASP K 110 5.65 10.64 -37.84
C ASP K 110 4.70 9.57 -38.39
N HIS K 111 3.50 9.46 -37.83
CA HIS K 111 2.58 8.36 -38.14
C HIS K 111 1.34 8.91 -38.83
N TRP K 112 1.12 8.48 -40.07
CA TRP K 112 -0.04 8.93 -40.84
C TRP K 112 -1.15 7.88 -40.76
N GLY K 113 -2.39 8.35 -40.74
CA GLY K 113 -3.53 7.46 -40.75
C GLY K 113 -3.77 6.87 -42.12
N SER K 114 -4.72 5.93 -42.17
CA SER K 114 -5.03 5.23 -43.41
C SER K 114 -5.70 6.13 -44.45
N GLY K 115 -6.28 7.25 -44.04
CA GLY K 115 -6.87 8.18 -44.99
C GLY K 115 -8.28 7.82 -45.37
N SER K 116 -9.08 8.84 -45.72
CA SER K 116 -10.48 8.68 -46.08
C SER K 116 -10.76 9.45 -47.38
N PRO K 117 -10.95 8.81 -48.53
CA PRO K 117 -11.29 9.58 -49.72
C PRO K 117 -12.67 10.22 -49.60
N VAL K 118 -12.80 11.42 -50.16
CA VAL K 118 -14.05 12.16 -50.18
C VAL K 118 -14.25 12.68 -51.60
N ILE K 119 -15.40 12.37 -52.18
CA ILE K 119 -15.77 12.83 -53.52
C ILE K 119 -17.02 13.69 -53.37
N VAL K 120 -16.91 14.96 -53.75
CA VAL K 120 -18.02 15.89 -53.70
C VAL K 120 -18.67 15.92 -55.08
N SER K 121 -19.87 15.36 -55.17
CA SER K 121 -20.61 15.34 -56.42
C SER K 121 -22.04 14.90 -56.14
N SER K 122 -22.99 15.59 -56.74
CA SER K 122 -24.41 15.34 -56.55
C SER K 122 -24.97 14.82 -57.87
N ALA K 123 -24.93 13.50 -58.04
CA ALA K 123 -25.50 12.86 -59.20
C ALA K 123 -25.81 11.41 -58.87
N SER K 124 -26.92 10.92 -59.42
CA SER K 124 -27.31 9.54 -59.20
C SER K 124 -26.41 8.60 -59.97
N THR K 125 -26.53 7.31 -59.67
CA THR K 125 -25.80 6.30 -60.44
C THR K 125 -26.24 6.34 -61.89
N LYS K 126 -25.27 6.30 -62.80
CA LYS K 126 -25.53 6.52 -64.21
C LYS K 126 -24.49 5.76 -65.03
N GLY K 127 -24.96 5.06 -66.07
CA GLY K 127 -24.08 4.36 -66.96
C GLY K 127 -23.40 5.31 -67.93
N PRO K 128 -22.39 4.82 -68.65
CA PRO K 128 -21.63 5.70 -69.53
C PRO K 128 -22.27 5.87 -70.91
N SER K 129 -22.09 7.05 -71.48
CA SER K 129 -22.20 7.22 -72.91
C SER K 129 -20.86 6.84 -73.53
N VAL K 130 -20.91 6.37 -74.78
CA VAL K 130 -19.76 5.81 -75.46
C VAL K 130 -19.65 6.46 -76.83
N PHE K 131 -18.66 7.34 -76.99
CA PHE K 131 -18.43 8.06 -78.23
C PHE K 131 -17.21 7.47 -78.94
N PRO K 132 -17.32 6.89 -80.14
CA PRO K 132 -16.11 6.40 -80.82
C PRO K 132 -15.34 7.55 -81.45
N LEU K 133 -14.03 7.58 -81.22
CA LEU K 133 -13.15 8.57 -81.81
C LEU K 133 -12.67 8.05 -83.16
N ALA K 134 -12.68 8.92 -84.17
CA ALA K 134 -12.34 8.50 -85.52
C ALA K 134 -10.90 8.01 -85.59
N PRO K 135 -10.62 6.85 -86.19
CA PRO K 135 -9.21 6.47 -86.39
C PRO K 135 -8.46 7.49 -87.24
N SER K 136 -7.14 7.56 -87.02
CA SER K 136 -6.31 8.52 -87.72
C SER K 136 -6.30 8.23 -89.22
N SER K 137 -6.99 9.06 -89.99
CA SER K 137 -7.10 8.87 -91.43
C SER K 137 -7.79 10.07 -92.07
N GLY K 143 3.73 4.41 -90.13
CA GLY K 143 3.27 3.06 -90.35
C GLY K 143 2.20 2.62 -89.37
N THR K 144 2.27 3.12 -88.14
CA THR K 144 1.34 2.78 -87.08
C THR K 144 0.30 3.88 -86.95
N ALA K 145 -0.97 3.53 -87.16
CA ALA K 145 -2.09 4.41 -86.90
C ALA K 145 -2.64 4.15 -85.51
N ALA K 146 -3.59 4.98 -85.10
CA ALA K 146 -4.20 4.87 -83.78
C ALA K 146 -5.66 5.29 -83.85
N LEU K 147 -6.42 4.83 -82.87
CA LEU K 147 -7.84 5.13 -82.77
C LEU K 147 -8.21 5.06 -81.29
N GLY K 148 -9.39 5.57 -80.97
CA GLY K 148 -9.80 5.61 -79.58
C GLY K 148 -11.30 5.72 -79.43
N CYS K 149 -11.73 5.74 -78.18
CA CYS K 149 -13.13 5.85 -77.82
C CYS K 149 -13.23 6.57 -76.49
N LEU K 150 -14.28 7.39 -76.34
CA LEU K 150 -14.45 8.27 -75.20
C LEU K 150 -15.62 7.77 -74.36
N VAL K 151 -15.32 7.37 -73.13
CA VAL K 151 -16.35 7.03 -72.14
C VAL K 151 -16.72 8.32 -71.44
N LYS K 152 -18.00 8.69 -71.51
CA LYS K 152 -18.46 10.02 -71.14
C LYS K 152 -19.59 9.96 -70.12
N ASP K 153 -19.43 10.75 -69.05
CA ASP K 153 -20.51 11.07 -68.12
C ASP K 153 -21.13 9.83 -67.49
N TYR K 154 -20.33 9.14 -66.69
CA TYR K 154 -20.79 8.04 -65.86
C TYR K 154 -20.48 8.35 -64.40
N PHE K 155 -21.30 7.80 -63.51
CA PHE K 155 -21.07 7.93 -62.08
C PHE K 155 -21.73 6.74 -61.39
N PRO K 156 -21.10 6.15 -60.36
CA PRO K 156 -19.76 6.32 -59.81
C PRO K 156 -18.75 5.39 -60.48
N GLU K 157 -17.50 5.44 -60.04
CA GLU K 157 -16.55 4.41 -60.40
C GLU K 157 -16.93 3.11 -59.68
N PRO K 158 -16.45 1.95 -60.17
CA PRO K 158 -15.55 1.62 -61.28
C PRO K 158 -16.21 1.54 -62.65
N VAL K 159 -15.37 1.62 -63.69
CA VAL K 159 -15.77 1.32 -65.06
C VAL K 159 -14.68 0.43 -65.65
N THR K 160 -15.06 -0.44 -66.59
CA THR K 160 -14.15 -1.36 -67.26
C THR K 160 -14.26 -1.16 -68.76
N VAL K 161 -13.10 -1.15 -69.43
CA VAL K 161 -13.02 -0.94 -70.87
C VAL K 161 -12.07 -1.96 -71.46
N SER K 162 -12.43 -2.49 -72.63
CA SER K 162 -11.60 -3.43 -73.36
C SER K 162 -11.95 -3.30 -74.85
N TRP K 163 -11.06 -3.84 -75.70
CA TRP K 163 -11.18 -3.69 -77.14
C TRP K 163 -11.32 -5.05 -77.80
N ASN K 164 -12.21 -5.14 -78.79
CA ASN K 164 -12.46 -6.35 -79.55
C ASN K 164 -12.84 -7.51 -78.61
N SER K 165 -13.66 -7.21 -77.62
CA SER K 165 -14.05 -8.18 -76.59
C SER K 165 -12.82 -8.74 -75.88
N GLY K 166 -11.81 -7.89 -75.68
CA GLY K 166 -10.56 -8.29 -75.09
C GLY K 166 -9.59 -8.97 -76.05
N ALA K 167 -9.97 -9.15 -77.31
CA ALA K 167 -9.11 -9.84 -78.26
C ALA K 167 -7.95 -8.97 -78.74
N LEU K 168 -8.13 -7.65 -78.78
CA LEU K 168 -7.13 -6.72 -79.30
C LEU K 168 -6.36 -6.10 -78.14
N THR K 169 -5.03 -6.16 -78.22
CA THR K 169 -4.16 -5.63 -77.18
C THR K 169 -2.95 -4.89 -77.72
N SER K 170 -2.92 -4.55 -79.00
CA SER K 170 -1.76 -3.88 -79.59
C SER K 170 -1.70 -2.43 -79.14
N GLY K 171 -0.90 -2.15 -78.11
CA GLY K 171 -0.81 -0.80 -77.58
C GLY K 171 -2.10 -0.30 -76.96
N VAL K 172 -2.93 -1.20 -76.46
CA VAL K 172 -4.17 -0.78 -75.81
C VAL K 172 -3.83 -0.09 -74.50
N HIS K 173 -4.55 1.00 -74.21
CA HIS K 173 -4.37 1.75 -72.97
C HIS K 173 -5.72 2.27 -72.51
N THR K 174 -5.84 2.46 -71.20
CA THR K 174 -7.04 3.00 -70.57
C THR K 174 -6.60 4.02 -69.54
N PHE K 175 -6.72 5.30 -69.87
CA PHE K 175 -6.26 6.35 -68.98
C PHE K 175 -7.15 6.43 -67.75
N PRO K 176 -6.62 6.91 -66.62
CA PRO K 176 -7.48 7.07 -65.44
C PRO K 176 -8.54 8.15 -65.66
N ALA K 177 -9.66 8.00 -64.96
CA ALA K 177 -10.78 8.90 -65.16
C ALA K 177 -10.53 10.25 -64.52
N VAL K 178 -11.14 11.29 -65.10
CA VAL K 178 -11.02 12.67 -64.63
C VAL K 178 -12.39 13.13 -64.19
N LEU K 179 -12.48 13.62 -62.96
CA LEU K 179 -13.75 14.12 -62.43
C LEU K 179 -14.05 15.49 -63.03
N GLN K 180 -14.95 15.53 -63.99
CA GLN K 180 -15.31 16.77 -64.66
C GLN K 180 -16.06 17.70 -63.70
N SER K 181 -16.27 18.93 -64.16
CA SER K 181 -16.94 19.94 -63.33
C SER K 181 -18.37 19.54 -62.98
N SER K 182 -19.04 18.80 -63.85
CA SER K 182 -20.42 18.40 -63.60
C SER K 182 -20.55 17.34 -62.52
N GLY K 183 -19.44 16.76 -62.05
CA GLY K 183 -19.50 15.70 -61.07
C GLY K 183 -19.60 14.31 -61.65
N LEU K 184 -19.48 14.16 -62.96
CA LEU K 184 -19.55 12.86 -63.63
C LEU K 184 -18.19 12.52 -64.23
N TYR K 185 -17.76 11.28 -64.01
CA TYR K 185 -16.46 10.83 -64.47
C TYR K 185 -16.46 10.64 -65.99
N SER K 186 -15.25 10.60 -66.55
CA SER K 186 -15.04 10.33 -67.95
C SER K 186 -13.61 9.89 -68.17
N LEU K 187 -13.39 9.06 -69.18
CA LEU K 187 -12.05 8.62 -69.55
C LEU K 187 -12.02 8.30 -71.03
N SER K 188 -10.80 8.05 -71.53
CA SER K 188 -10.58 7.67 -72.91
C SER K 188 -9.67 6.45 -72.97
N SER K 189 -9.96 5.57 -73.93
CA SER K 189 -9.15 4.39 -74.20
C SER K 189 -8.76 4.39 -75.67
N VAL K 190 -7.50 4.03 -75.93
CA VAL K 190 -6.93 4.09 -77.27
C VAL K 190 -6.25 2.77 -77.59
N VAL K 191 -6.01 2.55 -78.89
CA VAL K 191 -5.33 1.37 -79.36
C VAL K 191 -4.60 1.73 -80.65
N THR K 192 -3.36 1.24 -80.77
CA THR K 192 -2.52 1.52 -81.92
C THR K 192 -2.50 0.30 -82.82
N VAL K 193 -2.67 0.54 -84.12
CA VAL K 193 -2.73 -0.53 -85.13
C VAL K 193 -1.88 -0.11 -86.32
N PRO K 194 -1.46 -1.03 -87.19
CA PRO K 194 -0.77 -0.62 -88.42
C PRO K 194 -1.68 0.24 -89.29
N SER K 195 -1.06 1.10 -90.09
CA SER K 195 -1.82 2.14 -90.80
C SER K 195 -2.84 1.53 -91.76
N SER K 196 -2.46 0.47 -92.47
CA SER K 196 -3.38 -0.14 -93.43
C SER K 196 -4.55 -0.87 -92.75
N SER K 197 -4.43 -1.18 -91.46
CA SER K 197 -5.45 -1.98 -90.79
C SER K 197 -6.78 -1.24 -90.64
N LEU K 198 -6.79 0.09 -90.76
CA LEU K 198 -8.02 0.84 -90.59
C LEU K 198 -9.08 0.45 -91.61
N GLY K 199 -8.67 0.07 -92.83
CA GLY K 199 -9.61 -0.29 -93.87
C GLY K 199 -10.11 -1.72 -93.84
N THR K 200 -9.49 -2.59 -93.05
CA THR K 200 -9.80 -4.03 -93.08
C THR K 200 -10.13 -4.60 -91.71
N GLN K 201 -9.42 -4.16 -90.68
CA GLN K 201 -9.52 -4.81 -89.37
C GLN K 201 -10.73 -4.30 -88.59
N THR K 202 -11.38 -5.22 -87.89
CA THR K 202 -12.54 -4.87 -87.07
C THR K 202 -12.09 -4.25 -85.75
N TYR K 203 -12.85 -3.27 -85.27
CA TYR K 203 -12.56 -2.56 -84.02
C TYR K 203 -13.86 -2.46 -83.22
N ILE K 204 -13.88 -3.10 -82.06
CA ILE K 204 -14.98 -2.99 -81.10
C ILE K 204 -14.40 -2.43 -79.81
N CYS K 205 -15.08 -1.43 -79.24
CA CYS K 205 -14.76 -0.91 -77.92
C CYS K 205 -15.82 -1.38 -76.94
N ASN K 206 -15.42 -2.19 -75.97
CA ASN K 206 -16.31 -2.74 -74.96
C ASN K 206 -16.29 -1.83 -73.74
N VAL K 207 -17.48 -1.54 -73.21
CA VAL K 207 -17.64 -0.67 -72.04
C VAL K 207 -18.57 -1.38 -71.06
N ASN K 208 -18.11 -1.50 -69.81
CA ASN K 208 -18.89 -2.12 -68.75
C ASN K 208 -18.84 -1.24 -67.51
N HIS K 209 -20.00 -1.04 -66.89
CA HIS K 209 -20.15 -0.18 -65.71
C HIS K 209 -20.92 -0.97 -64.65
N LYS K 210 -20.19 -1.54 -63.71
CA LYS K 210 -20.81 -2.44 -62.72
C LYS K 210 -21.87 -1.79 -61.84
N PRO K 211 -21.67 -0.59 -61.27
CA PRO K 211 -22.69 -0.05 -60.36
C PRO K 211 -24.06 0.10 -61.00
N SER K 212 -24.12 0.51 -62.26
CA SER K 212 -25.35 0.51 -63.03
C SER K 212 -25.56 -0.76 -63.83
N ASN K 213 -24.50 -1.55 -64.05
CA ASN K 213 -24.55 -2.84 -64.72
C ASN K 213 -24.82 -2.75 -66.22
N THR K 214 -24.94 -1.54 -66.77
CA THR K 214 -25.14 -1.39 -68.20
C THR K 214 -23.85 -1.74 -68.94
N LYS K 215 -24.00 -2.14 -70.20
CA LYS K 215 -22.88 -2.57 -71.02
C LYS K 215 -23.12 -2.18 -72.46
N VAL K 216 -22.09 -1.64 -73.10
CA VAL K 216 -22.14 -1.25 -74.51
C VAL K 216 -20.84 -1.68 -75.18
N ASP K 217 -20.95 -2.23 -76.39
CA ASP K 217 -19.81 -2.61 -77.21
C ASP K 217 -19.83 -1.79 -78.49
N LYS K 218 -19.21 -0.62 -78.44
CA LYS K 218 -19.27 0.32 -79.55
C LYS K 218 -18.29 -0.08 -80.65
N ARG K 219 -18.64 0.25 -81.89
CA ARG K 219 -17.79 0.00 -83.04
C ARG K 219 -17.08 1.30 -83.42
N VAL K 220 -15.76 1.34 -83.23
CA VAL K 220 -14.98 2.47 -83.67
C VAL K 220 -14.56 2.32 -85.15
N GLU K 221 -14.57 1.10 -85.67
CA GLU K 221 -14.21 0.88 -87.06
C GLU K 221 -15.05 1.63 -88.10
N PRO K 222 -16.40 1.74 -88.00
CA PRO K 222 -17.17 2.13 -89.19
C PRO K 222 -16.81 3.47 -89.79
N LYS K 223 -16.47 4.47 -88.97
CA LYS K 223 -15.95 5.74 -89.48
C LYS K 223 -14.43 5.73 -89.55
N SER K 224 -13.88 4.85 -90.39
CA SER K 224 -12.44 4.85 -90.63
C SER K 224 -12.11 6.00 -91.57
N CYS K 225 -12.16 7.23 -91.06
CA CYS K 225 -12.00 8.43 -91.87
C CYS K 225 -11.42 9.57 -91.05
N GLU L 1 3.71 32.38 -47.41
CA GLU L 1 4.99 32.72 -46.73
C GLU L 1 6.12 31.80 -47.19
N ILE L 2 6.10 30.56 -46.73
CA ILE L 2 7.15 29.59 -47.01
C ILE L 2 6.64 28.65 -48.10
N VAL L 3 7.35 28.61 -49.22
CA VAL L 3 6.95 27.85 -50.41
C VAL L 3 8.09 26.89 -50.72
N LEU L 4 8.00 25.66 -50.25
CA LEU L 4 9.00 24.65 -50.56
C LEU L 4 8.85 24.23 -52.01
N THR L 5 9.68 24.81 -52.89
CA THR L 5 9.60 24.54 -54.33
C THR L 5 10.46 23.32 -54.65
N GLN L 6 9.90 22.14 -54.37
CA GLN L 6 10.60 20.90 -54.61
C GLN L 6 10.80 20.68 -56.10
N SER L 7 12.03 20.31 -56.47
CA SER L 7 12.44 20.19 -57.86
C SER L 7 13.53 19.14 -57.95
N PRO L 8 13.65 18.44 -59.10
CA PRO L 8 12.84 18.43 -60.33
C PRO L 8 11.57 17.61 -60.18
N ALA L 9 10.67 17.72 -61.16
CA ALA L 9 9.40 17.01 -61.09
C ALA L 9 9.61 15.50 -61.11
N THR L 10 10.49 15.02 -62.00
CA THR L 10 10.72 13.59 -62.20
C THR L 10 12.21 13.33 -62.30
N LEU L 11 12.71 12.39 -61.50
CA LEU L 11 14.09 11.93 -61.57
C LEU L 11 14.14 10.54 -62.20
N SER L 12 15.14 10.35 -63.07
CA SER L 12 15.35 9.08 -63.77
C SER L 12 16.69 8.51 -63.33
N ALA L 13 16.66 7.25 -62.89
CA ALA L 13 17.88 6.56 -62.48
C ALA L 13 17.68 5.07 -62.64
N SER L 14 18.75 4.38 -63.06
CA SER L 14 18.71 2.92 -63.15
C SER L 14 18.74 2.32 -61.75
N PRO L 15 18.21 1.11 -61.57
CA PRO L 15 18.31 0.47 -60.25
C PRO L 15 19.76 0.26 -59.84
N GLY L 16 20.02 0.42 -58.54
CA GLY L 16 21.36 0.32 -58.01
C GLY L 16 22.14 1.62 -58.00
N GLU L 17 21.69 2.64 -58.73
CA GLU L 17 22.42 3.89 -58.80
C GLU L 17 22.23 4.70 -57.53
N ARG L 18 23.02 5.77 -57.42
CA ARG L 18 22.78 6.83 -56.46
C ARG L 18 21.95 7.93 -57.13
N VAL L 19 21.10 8.58 -56.34
CA VAL L 19 20.23 9.63 -56.84
C VAL L 19 20.01 10.65 -55.73
N THR L 20 19.74 11.89 -56.14
CA THR L 20 19.66 13.03 -55.24
C THR L 20 18.39 13.82 -55.53
N LEU L 21 17.83 14.44 -54.48
CA LEU L 21 16.65 15.29 -54.58
C LEU L 21 16.94 16.62 -53.91
N THR L 22 16.16 17.64 -54.28
CA THR L 22 16.31 18.99 -53.76
C THR L 22 14.95 19.52 -53.32
N CYS L 23 14.97 20.38 -52.31
CA CYS L 23 13.76 21.02 -51.78
C CYS L 23 14.11 22.47 -51.45
N ARG L 24 13.88 23.36 -52.41
CA ARG L 24 14.22 24.78 -52.26
C ARG L 24 13.18 25.46 -51.40
N ALA L 25 13.57 25.90 -50.21
CA ALA L 25 12.71 26.76 -49.41
C ALA L 25 12.76 28.18 -49.95
N SER L 26 11.65 28.91 -49.79
CA SER L 26 11.59 30.28 -50.27
C SER L 26 12.42 31.23 -49.42
N ARG L 27 12.57 30.93 -48.13
CA ARG L 27 13.44 31.71 -47.26
C ARG L 27 13.86 30.82 -46.09
N SER L 28 14.44 31.44 -45.07
CA SER L 28 15.03 30.70 -43.96
C SER L 28 14.00 29.84 -43.24
N VAL L 29 14.39 28.60 -42.94
CA VAL L 29 13.58 27.66 -42.17
C VAL L 29 14.40 27.02 -41.04
N ARG L 30 15.55 27.59 -40.71
CA ARG L 30 16.50 27.04 -39.71
C ARG L 30 16.86 25.62 -40.16
N ASN L 31 16.91 24.65 -39.25
CA ASN L 31 17.12 23.25 -39.57
C ASN L 31 15.81 22.46 -39.56
N ASN L 32 14.68 23.14 -39.58
CA ASN L 32 13.37 22.51 -39.43
C ASN L 32 12.82 22.07 -40.79
N VAL L 33 13.22 20.87 -41.18
CA VAL L 33 12.82 20.28 -42.46
C VAL L 33 12.75 18.77 -42.28
N ALA L 34 11.82 18.15 -43.00
CA ALA L 34 11.70 16.70 -43.00
C ALA L 34 11.31 16.23 -44.39
N TRP L 35 11.66 14.98 -44.69
CA TRP L 35 11.37 14.34 -45.96
C TRP L 35 10.52 13.12 -45.70
N TYR L 36 9.66 12.78 -46.66
CA TYR L 36 8.77 11.63 -46.55
C TYR L 36 8.77 10.84 -47.85
N GLN L 37 8.45 9.56 -47.72
CA GLN L 37 8.28 8.67 -48.86
C GLN L 37 6.80 8.39 -49.05
N HIS L 38 6.22 8.92 -50.12
CA HIS L 38 4.87 8.56 -50.49
C HIS L 38 4.89 7.20 -51.18
N LYS L 39 3.72 6.58 -51.25
CA LYS L 39 3.58 5.21 -51.76
C LYS L 39 2.40 5.21 -52.71
N GLY L 40 1.93 4.02 -53.09
CA GLY L 40 0.78 3.91 -53.97
C GLY L 40 -0.52 4.21 -53.27
N GLY L 41 -0.66 5.44 -52.75
CA GLY L 41 -1.84 5.85 -52.02
C GLY L 41 -1.81 5.53 -50.54
N GLN L 42 -0.83 4.75 -50.08
CA GLN L 42 -0.80 4.34 -48.69
C GLN L 42 -0.29 5.50 -47.81
N SER L 43 -0.18 5.23 -46.52
CA SER L 43 0.32 6.21 -45.56
C SER L 43 1.76 6.59 -45.90
N PRO L 44 2.10 7.89 -46.02
CA PRO L 44 3.51 8.25 -46.14
C PRO L 44 4.34 7.79 -44.94
N ARG L 45 5.66 7.77 -45.10
CA ARG L 45 6.58 7.31 -44.07
C ARG L 45 7.62 8.37 -43.80
N LEU L 46 8.08 8.44 -42.55
CA LEU L 46 9.11 9.40 -42.17
C LEU L 46 10.50 8.83 -42.47
N LEU L 47 11.28 9.58 -43.24
CA LEU L 47 12.66 9.23 -43.57
C LEU L 47 13.67 10.02 -42.76
N ILE L 48 13.62 11.35 -42.85
CA ILE L 48 14.52 12.24 -42.15
C ILE L 48 13.67 13.32 -41.52
N TYR L 49 13.86 13.55 -40.21
CA TYR L 49 13.06 14.50 -39.46
C TYR L 49 13.81 15.79 -39.13
N ASP L 50 15.06 15.92 -39.56
CA ASP L 50 15.76 17.18 -39.65
C ASP L 50 16.33 17.27 -41.07
N ALA L 51 17.21 18.23 -41.31
CA ALA L 51 17.89 18.25 -42.60
C ALA L 51 18.77 17.02 -42.80
N SER L 52 19.28 16.42 -41.72
CA SER L 52 20.20 15.30 -41.80
C SER L 52 19.84 14.10 -40.93
N THR L 53 19.19 14.29 -39.78
CA THR L 53 18.97 13.18 -38.85
C THR L 53 18.00 12.15 -39.42
N ARG L 54 18.46 10.92 -39.60
CA ARG L 54 17.61 9.87 -40.12
C ARG L 54 16.62 9.41 -39.05
N ALA L 55 15.42 9.02 -39.49
CA ALA L 55 14.39 8.55 -38.59
C ALA L 55 14.59 7.07 -38.27
N ALA L 56 13.89 6.61 -37.23
CA ALA L 56 14.00 5.23 -36.80
C ALA L 56 13.39 4.29 -37.84
N GLY L 57 13.99 3.10 -37.98
CA GLY L 57 13.50 2.10 -38.89
C GLY L 57 13.78 2.35 -40.36
N VAL L 58 14.47 3.43 -40.69
CA VAL L 58 14.71 3.77 -42.10
C VAL L 58 15.92 2.96 -42.60
N PRO L 59 15.92 2.48 -43.83
CA PRO L 59 17.15 1.86 -44.37
C PRO L 59 18.30 2.86 -44.40
N ALA L 60 19.51 2.35 -44.14
CA ALA L 60 20.67 3.22 -43.99
C ALA L 60 21.02 3.96 -45.29
N ARG L 61 20.58 3.47 -46.44
CA ARG L 61 20.94 4.11 -47.70
C ARG L 61 20.35 5.51 -47.84
N PHE L 62 19.32 5.84 -47.06
CA PHE L 62 18.73 7.16 -47.12
C PHE L 62 19.55 8.14 -46.29
N SER L 63 19.90 9.28 -46.88
CA SER L 63 20.71 10.28 -46.21
C SER L 63 20.30 11.67 -46.69
N GLY L 64 20.53 12.67 -45.85
CA GLY L 64 20.20 14.04 -46.18
C GLY L 64 21.18 15.00 -45.57
N SER L 65 21.20 16.21 -46.12
CA SER L 65 22.17 17.22 -45.71
C SER L 65 21.54 18.61 -45.87
N ALA L 66 22.01 19.55 -45.05
CA ALA L 66 21.56 20.92 -45.11
C ALA L 66 22.45 21.74 -46.05
N SER L 67 21.85 22.73 -46.68
CA SER L 67 22.58 23.69 -47.50
C SER L 67 22.03 25.10 -47.27
N GLY L 68 21.69 25.41 -46.02
CA GLY L 68 21.06 26.67 -45.71
C GLY L 68 19.58 26.65 -46.02
N THR L 69 19.15 27.45 -46.99
CA THR L 69 17.76 27.43 -47.44
C THR L 69 17.44 26.21 -48.29
N GLU L 70 18.41 25.67 -49.01
CA GLU L 70 18.23 24.47 -49.81
C GLU L 70 18.52 23.24 -48.96
N PHE L 71 17.77 22.16 -49.22
CA PHE L 71 17.90 20.92 -48.50
C PHE L 71 17.93 19.77 -49.50
N THR L 72 18.45 18.63 -49.06
CA THR L 72 18.78 17.55 -49.97
C THR L 72 18.54 16.20 -49.31
N LEU L 73 17.96 15.28 -50.08
CA LEU L 73 17.86 13.87 -49.71
C LEU L 73 18.55 13.05 -50.79
N ALA L 74 19.34 12.07 -50.37
CA ALA L 74 20.14 11.26 -51.27
C ALA L 74 19.95 9.79 -50.96
N ILE L 75 19.62 9.01 -51.99
CA ILE L 75 19.52 7.56 -51.92
C ILE L 75 20.78 7.01 -52.58
N SER L 76 21.48 6.12 -51.87
CA SER L 76 22.73 5.58 -52.40
C SER L 76 22.54 4.35 -53.27
N ASN L 77 21.73 3.37 -52.83
CA ASN L 77 21.48 2.12 -53.55
C ASN L 77 20.00 2.09 -53.92
N LEU L 78 19.69 2.62 -55.11
CA LEU L 78 18.30 2.79 -55.53
C LEU L 78 17.73 1.44 -55.95
N GLU L 79 16.92 0.84 -55.08
CA GLU L 79 16.29 -0.43 -55.37
C GLU L 79 15.02 -0.21 -56.19
N SER L 80 14.36 -1.32 -56.52
CA SER L 80 13.12 -1.24 -57.29
C SER L 80 12.00 -0.59 -56.49
N GLU L 81 11.97 -0.84 -55.18
CA GLU L 81 10.89 -0.30 -54.34
C GLU L 81 10.98 1.22 -54.24
N ASP L 82 12.19 1.78 -54.25
CA ASP L 82 12.37 3.21 -54.03
C ASP L 82 11.86 4.07 -55.19
N PHE L 83 11.51 3.48 -56.33
CA PHE L 83 10.95 4.25 -57.43
C PHE L 83 9.52 4.67 -57.10
N THR L 84 9.40 5.74 -56.32
CA THR L 84 8.11 6.22 -55.83
C THR L 84 8.18 7.73 -55.70
N VAL L 85 7.23 8.32 -54.98
CA VAL L 85 7.09 9.76 -54.85
C VAL L 85 7.52 10.19 -53.46
N TYR L 86 8.38 11.21 -53.39
CA TYR L 86 8.86 11.79 -52.14
C TYR L 86 8.52 13.27 -52.11
N PHE L 87 8.07 13.75 -50.95
CA PHE L 87 7.77 15.16 -50.75
C PHE L 87 8.45 15.65 -49.49
N CYS L 88 8.83 16.93 -49.49
CA CYS L 88 9.54 17.54 -48.37
C CYS L 88 8.58 18.39 -47.53
N LEU L 89 8.94 18.56 -46.26
CA LEU L 89 8.12 19.24 -45.27
C LEU L 89 8.99 20.24 -44.52
N GLN L 90 8.36 21.30 -44.02
CA GLN L 90 9.02 22.25 -43.12
C GLN L 90 8.05 22.60 -42.00
N TYR L 91 8.59 22.65 -40.78
CA TYR L 91 7.81 22.93 -39.57
C TYR L 91 8.36 24.11 -38.80
N ASN L 92 8.86 25.13 -39.51
CA ASN L 92 9.39 26.33 -38.85
C ASN L 92 8.35 27.45 -38.73
N ASN L 93 7.17 27.26 -39.32
CA ASN L 93 6.16 28.31 -39.48
C ASN L 93 4.83 27.58 -39.46
N TRP L 94 3.80 28.12 -40.13
CA TRP L 94 2.73 27.26 -40.58
C TRP L 94 3.29 26.26 -41.60
N TRP L 95 2.68 25.09 -41.69
CA TRP L 95 3.35 23.90 -42.19
C TRP L 95 2.93 23.69 -43.65
N THR L 96 3.91 23.62 -44.54
CA THR L 96 3.70 23.51 -45.97
C THR L 96 4.43 22.30 -46.51
N PHE L 97 3.93 21.77 -47.62
CA PHE L 97 4.47 20.58 -48.25
C PHE L 97 4.98 20.92 -49.65
N GLY L 98 5.86 20.07 -50.15
CA GLY L 98 6.31 20.22 -51.52
C GLY L 98 5.35 19.57 -52.51
N GLN L 99 5.58 19.85 -53.79
CA GLN L 99 4.74 19.28 -54.84
C GLN L 99 4.99 17.79 -55.04
N GLY L 100 6.05 17.23 -54.48
CA GLY L 100 6.35 15.82 -54.65
C GLY L 100 7.13 15.54 -55.92
N THR L 101 8.19 14.75 -55.79
CA THR L 101 9.05 14.39 -56.91
C THR L 101 8.96 12.89 -57.15
N ARG L 102 8.74 12.50 -58.40
CA ARG L 102 8.66 11.10 -58.77
C ARG L 102 10.04 10.59 -59.18
N VAL L 103 10.31 9.32 -58.86
CA VAL L 103 11.55 8.65 -59.23
C VAL L 103 11.18 7.45 -60.09
N ASP L 104 11.39 7.58 -61.39
CA ASP L 104 11.00 6.56 -62.37
C ASP L 104 12.22 5.84 -62.91
N ILE L 105 11.97 4.79 -63.68
CA ILE L 105 13.04 3.97 -64.26
C ILE L 105 13.66 4.74 -65.43
N LYS L 106 14.99 4.82 -65.44
CA LYS L 106 15.67 5.47 -66.55
C LYS L 106 15.70 4.55 -67.77
N ARG L 107 15.76 5.17 -68.95
CA ARG L 107 15.89 4.43 -70.20
C ARG L 107 16.29 5.40 -71.30
N THR L 108 16.27 4.91 -72.55
CA THR L 108 16.62 5.75 -73.69
C THR L 108 15.48 6.69 -74.04
N VAL L 109 15.83 7.83 -74.63
CA VAL L 109 14.83 8.80 -75.05
C VAL L 109 13.98 8.22 -76.17
N ALA L 110 12.66 8.32 -76.03
CA ALA L 110 11.71 7.83 -77.02
C ALA L 110 10.74 8.95 -77.36
N ALA L 111 10.55 9.21 -78.64
CA ALA L 111 9.65 10.27 -79.06
C ALA L 111 8.20 9.81 -78.99
N PRO L 112 7.25 10.73 -78.84
CA PRO L 112 5.84 10.32 -78.80
C PRO L 112 5.26 10.16 -80.20
N SER L 113 4.51 9.07 -80.39
CA SER L 113 3.65 8.97 -81.56
C SER L 113 2.41 9.81 -81.33
N VAL L 114 2.17 10.77 -82.22
CA VAL L 114 1.20 11.84 -81.98
C VAL L 114 0.00 11.63 -82.90
N PHE L 115 -1.20 11.73 -82.33
CA PHE L 115 -2.44 11.62 -83.09
C PHE L 115 -3.44 12.65 -82.57
N ILE L 116 -4.37 13.03 -83.44
CA ILE L 116 -5.51 13.86 -83.07
C ILE L 116 -6.76 13.23 -83.69
N PHE L 117 -7.81 13.10 -82.87
CA PHE L 117 -9.10 12.58 -83.32
C PHE L 117 -10.10 13.73 -83.38
N PRO L 118 -10.88 13.89 -84.45
CA PRO L 118 -11.96 14.87 -84.40
C PRO L 118 -13.02 14.42 -83.40
N PRO L 119 -13.84 15.34 -82.91
CA PRO L 119 -14.93 14.94 -82.02
C PRO L 119 -15.90 13.98 -82.71
N SER L 120 -16.41 13.01 -81.96
CA SER L 120 -17.30 12.01 -82.53
C SER L 120 -18.61 12.64 -82.96
N ASP L 121 -19.18 12.13 -84.05
CA ASP L 121 -20.44 12.66 -84.57
C ASP L 121 -21.57 12.49 -83.57
N GLU L 122 -21.59 11.37 -82.85
CA GLU L 122 -22.55 11.21 -81.78
C GLU L 122 -22.38 12.28 -80.71
N GLN L 123 -21.12 12.64 -80.41
CA GLN L 123 -20.87 13.72 -79.48
C GLN L 123 -21.26 15.08 -80.06
N LEU L 124 -21.15 15.24 -81.38
CA LEU L 124 -21.68 16.45 -82.01
C LEU L 124 -23.19 16.54 -81.83
N LYS L 125 -23.87 15.42 -82.01
CA LYS L 125 -25.33 15.41 -81.87
C LYS L 125 -25.74 15.74 -80.44
N SER L 126 -24.95 15.30 -79.46
CA SER L 126 -25.20 15.65 -78.06
C SER L 126 -24.91 17.11 -77.75
N GLY L 127 -24.24 17.83 -78.66
CA GLY L 127 -23.96 19.24 -78.44
C GLY L 127 -22.74 19.53 -77.59
N THR L 128 -21.82 18.59 -77.46
CA THR L 128 -20.63 18.72 -76.63
C THR L 128 -19.39 18.20 -77.35
N ALA L 129 -19.23 18.60 -78.61
CA ALA L 129 -18.09 18.17 -79.42
C ALA L 129 -16.77 18.55 -78.77
N SER L 130 -15.97 17.56 -78.40
CA SER L 130 -14.72 17.76 -77.66
C SER L 130 -13.58 17.04 -78.39
N VAL L 131 -12.50 17.76 -78.65
CA VAL L 131 -11.37 17.21 -79.40
C VAL L 131 -10.51 16.39 -78.46
N VAL L 132 -9.75 15.44 -79.04
CA VAL L 132 -8.89 14.54 -78.29
C VAL L 132 -7.54 14.46 -78.97
N CYS L 133 -6.48 14.38 -78.16
CA CYS L 133 -5.11 14.17 -78.63
C CYS L 133 -4.50 12.98 -77.89
N LEU L 134 -3.50 12.37 -78.50
CA LEU L 134 -2.86 11.17 -77.95
C LEU L 134 -1.36 11.24 -78.16
N LEU L 135 -0.61 11.17 -77.05
CA LEU L 135 0.82 10.92 -77.04
C LEU L 135 1.04 9.54 -76.47
N ASN L 136 1.80 8.71 -77.18
CA ASN L 136 1.94 7.29 -76.83
C ASN L 136 3.39 6.86 -76.90
N ASN L 137 3.85 6.17 -75.86
CA ASN L 137 5.14 5.50 -75.80
C ASN L 137 6.30 6.48 -76.04
N PHE L 138 6.45 7.40 -75.09
CA PHE L 138 7.54 8.35 -75.06
C PHE L 138 8.25 8.30 -73.73
N TYR L 139 9.47 8.85 -73.71
CA TYR L 139 10.24 9.02 -72.48
C TYR L 139 11.24 10.12 -72.74
N PRO L 140 11.52 11.03 -71.78
CA PRO L 140 11.02 11.20 -70.42
C PRO L 140 9.61 11.79 -70.31
N ARG L 141 9.19 12.06 -69.07
CA ARG L 141 7.87 12.58 -68.75
C ARG L 141 7.65 14.02 -69.23
N GLU L 142 8.70 14.71 -69.69
CA GLU L 142 8.66 16.15 -69.91
C GLU L 142 7.71 16.59 -71.02
N ALA L 143 7.16 15.65 -71.81
CA ALA L 143 6.34 16.01 -72.97
C ALA L 143 5.19 16.94 -72.58
N LYS L 144 4.79 17.78 -73.54
CA LYS L 144 3.85 18.86 -73.30
C LYS L 144 2.93 19.00 -74.51
N VAL L 145 1.72 19.50 -74.26
CA VAL L 145 0.71 19.71 -75.29
C VAL L 145 0.09 21.09 -75.10
N GLN L 146 -0.18 21.77 -76.21
CA GLN L 146 -0.93 23.02 -76.23
C GLN L 146 -2.03 22.93 -77.26
N TRP L 147 -3.26 23.25 -76.86
CA TRP L 147 -4.40 23.20 -77.76
C TRP L 147 -4.51 24.49 -78.56
N LYS L 148 -4.74 24.35 -79.85
CA LYS L 148 -4.84 25.47 -80.78
C LYS L 148 -5.99 25.25 -81.74
N VAL L 149 -6.75 26.31 -82.00
CA VAL L 149 -7.90 26.27 -82.90
C VAL L 149 -7.73 27.39 -83.92
N ASP L 150 -7.60 27.02 -85.20
CA ASP L 150 -7.22 27.97 -86.26
C ASP L 150 -5.94 28.72 -85.89
N ASN L 151 -5.01 28.00 -85.25
CA ASN L 151 -3.79 28.54 -84.68
C ASN L 151 -4.04 29.58 -83.60
N ALA L 152 -5.24 29.60 -83.01
CA ALA L 152 -5.53 30.44 -81.86
C ALA L 152 -5.48 29.59 -80.58
N LEU L 153 -4.71 30.07 -79.61
CA LEU L 153 -4.46 29.30 -78.40
C LEU L 153 -5.75 29.08 -77.62
N GLN L 154 -5.86 27.89 -77.02
CA GLN L 154 -6.93 27.55 -76.09
C GLN L 154 -6.31 27.03 -74.81
N SER L 155 -6.86 27.47 -73.68
CA SER L 155 -6.32 27.13 -72.37
C SER L 155 -7.45 27.06 -71.35
N GLY L 156 -7.19 26.37 -70.26
CA GLY L 156 -8.19 26.22 -69.20
C GLY L 156 -9.22 25.14 -69.47
N ASN L 157 -9.91 25.22 -70.60
CA ASN L 157 -10.96 24.25 -70.94
C ASN L 157 -10.39 22.97 -71.56
N SER L 158 -9.45 22.32 -70.88
CA SER L 158 -8.87 21.08 -71.37
C SER L 158 -8.39 20.26 -70.19
N GLN L 159 -8.17 18.97 -70.44
CA GLN L 159 -7.73 18.03 -69.43
C GLN L 159 -6.68 17.11 -70.02
N GLU L 160 -5.97 16.41 -69.14
CA GLU L 160 -4.91 15.48 -69.56
C GLU L 160 -4.85 14.33 -68.58
N SER L 161 -4.29 13.21 -69.07
CA SER L 161 -4.06 12.03 -68.25
C SER L 161 -2.79 11.35 -68.76
N VAL L 162 -2.11 10.66 -67.85
CA VAL L 162 -0.85 9.98 -68.16
C VAL L 162 -0.94 8.56 -67.62
N THR L 163 -0.57 7.60 -68.45
CA THR L 163 -0.51 6.22 -68.01
C THR L 163 0.64 6.03 -67.03
N GLU L 164 0.65 4.87 -66.38
CA GLU L 164 1.79 4.46 -65.57
C GLU L 164 2.99 4.29 -66.51
N GLN L 165 4.21 4.39 -65.98
CA GLN L 165 5.38 4.16 -66.81
C GLN L 165 5.35 2.70 -67.26
N ASP L 166 5.00 2.48 -68.52
CA ASP L 166 4.73 1.14 -69.03
C ASP L 166 5.96 0.26 -68.92
N SER L 167 5.91 -0.76 -68.06
CA SER L 167 7.04 -1.63 -67.84
C SER L 167 7.44 -2.42 -69.09
N LYS L 168 6.56 -2.49 -70.10
CA LYS L 168 6.92 -3.17 -71.34
C LYS L 168 8.13 -2.52 -72.00
N ASP L 169 8.18 -1.18 -72.01
CA ASP L 169 9.37 -0.48 -72.49
C ASP L 169 9.72 0.75 -71.65
N SER L 170 9.17 0.92 -70.45
CA SER L 170 9.46 2.05 -69.57
C SER L 170 9.16 3.40 -70.21
N THR L 171 8.10 3.48 -71.02
CA THR L 171 7.68 4.71 -71.67
C THR L 171 6.31 5.13 -71.15
N TYR L 172 5.99 6.40 -71.37
CA TYR L 172 4.73 6.99 -70.97
C TYR L 172 3.78 7.12 -72.15
N SER L 173 2.48 7.09 -71.84
CA SER L 173 1.43 7.41 -72.79
C SER L 173 0.51 8.45 -72.17
N LEU L 174 0.29 9.53 -72.91
CA LEU L 174 -0.45 10.69 -72.44
C LEU L 174 -1.52 11.05 -73.45
N SER L 175 -2.70 11.41 -72.96
CA SER L 175 -3.80 11.88 -73.79
C SER L 175 -4.30 13.22 -73.28
N SER L 176 -4.82 14.04 -74.18
CA SER L 176 -5.38 15.34 -73.86
C SER L 176 -6.74 15.48 -74.53
N THR L 177 -7.65 16.18 -73.83
CA THR L 177 -9.00 16.41 -74.30
C THR L 177 -9.34 17.89 -74.20
N LEU L 178 -9.93 18.42 -75.27
CA LEU L 178 -10.40 19.80 -75.33
C LEU L 178 -11.91 19.79 -75.31
N THR L 179 -12.51 20.24 -74.21
CA THR L 179 -13.95 20.22 -74.03
C THR L 179 -14.54 21.50 -74.62
N LEU L 180 -15.51 21.34 -75.51
CA LEU L 180 -16.18 22.47 -76.15
C LEU L 180 -17.61 22.06 -76.50
N SER L 181 -18.47 23.06 -76.64
CA SER L 181 -19.83 22.83 -77.11
C SER L 181 -19.85 22.82 -78.64
N LYS L 182 -20.99 22.41 -79.20
CA LYS L 182 -21.13 22.40 -80.65
C LYS L 182 -21.05 23.82 -81.21
N ALA L 183 -21.71 24.78 -80.53
CA ALA L 183 -21.61 26.17 -80.97
C ALA L 183 -20.18 26.67 -80.90
N ASP L 184 -19.48 26.38 -79.80
CA ASP L 184 -18.07 26.73 -79.71
C ASP L 184 -17.24 25.95 -80.72
N TYR L 185 -17.59 24.67 -80.93
CA TYR L 185 -16.87 23.87 -81.91
C TYR L 185 -17.12 24.38 -83.33
N GLU L 186 -18.22 25.08 -83.55
CA GLU L 186 -18.52 25.64 -84.87
C GLU L 186 -17.81 26.96 -85.14
N LYS L 187 -17.17 27.56 -84.12
CA LYS L 187 -16.53 28.85 -84.32
C LYS L 187 -15.30 28.78 -85.20
N HIS L 188 -14.72 27.60 -85.40
CA HIS L 188 -13.44 27.45 -86.08
C HIS L 188 -13.51 26.28 -87.04
N LYS L 189 -12.60 26.31 -88.03
CA LYS L 189 -12.54 25.30 -89.09
C LYS L 189 -11.42 24.29 -88.88
N VAL L 190 -10.29 24.72 -88.31
CA VAL L 190 -9.12 23.86 -88.14
C VAL L 190 -8.78 23.82 -86.66
N TYR L 191 -8.55 22.62 -86.14
CA TYR L 191 -8.25 22.38 -84.74
C TYR L 191 -6.93 21.63 -84.66
N ALA L 192 -6.02 22.10 -83.81
CA ALA L 192 -4.66 21.60 -83.76
C ALA L 192 -4.24 21.38 -82.32
N CYS L 193 -3.28 20.47 -82.15
CA CYS L 193 -2.66 20.20 -80.85
C CYS L 193 -1.15 20.29 -81.02
N GLU L 194 -0.55 21.30 -80.39
CA GLU L 194 0.89 21.55 -80.50
C GLU L 194 1.59 20.72 -79.43
N VAL L 195 2.28 19.67 -79.86
CA VAL L 195 2.91 18.70 -78.98
C VAL L 195 4.42 18.94 -79.00
N THR L 196 5.01 19.11 -77.82
CA THR L 196 6.43 19.40 -77.67
C THR L 196 7.04 18.44 -76.65
N HIS L 197 8.24 17.95 -76.96
CA HIS L 197 8.97 17.08 -76.06
C HIS L 197 10.43 17.08 -76.49
N GLN L 198 11.33 16.92 -75.52
CA GLN L 198 12.75 16.86 -75.84
C GLN L 198 13.07 15.72 -76.80
N GLY L 199 12.30 14.63 -76.73
CA GLY L 199 12.41 13.58 -77.72
C GLY L 199 12.03 14.00 -79.12
N LEU L 200 11.26 15.07 -79.26
CA LEU L 200 10.93 15.65 -80.55
C LEU L 200 11.92 16.76 -80.89
N SER L 201 12.21 16.89 -82.18
CA SER L 201 13.08 17.97 -82.66
C SER L 201 12.31 19.26 -82.92
N SER L 202 10.99 19.26 -82.82
CA SER L 202 10.18 20.43 -83.10
C SER L 202 8.83 20.26 -82.42
N PRO L 203 8.06 21.36 -82.24
CA PRO L 203 6.69 21.19 -81.74
C PRO L 203 5.77 20.59 -82.80
N VAL L 204 5.76 19.26 -82.89
CA VAL L 204 4.90 18.55 -83.84
C VAL L 204 3.45 18.90 -83.55
N THR L 205 2.77 19.50 -84.52
CA THR L 205 1.43 20.04 -84.37
C THR L 205 0.47 19.29 -85.30
N LYS L 206 -0.08 18.20 -84.79
CA LYS L 206 -1.14 17.51 -85.51
C LYS L 206 -2.41 18.34 -85.49
N SER L 207 -3.18 18.25 -86.58
CA SER L 207 -4.40 19.03 -86.71
C SER L 207 -5.32 18.36 -87.72
N PHE L 208 -6.58 18.81 -87.71
CA PHE L 208 -7.57 18.34 -88.66
C PHE L 208 -8.46 19.51 -89.06
N ASN L 209 -9.14 19.34 -90.19
CA ASN L 209 -10.14 20.29 -90.67
C ASN L 209 -11.53 19.72 -90.40
N ARG L 210 -12.43 20.58 -89.93
CA ARG L 210 -13.77 20.13 -89.59
C ARG L 210 -14.48 19.57 -90.82
N GLY L 211 -15.17 18.45 -90.61
CA GLY L 211 -15.89 17.78 -91.68
C GLY L 211 -15.03 16.78 -92.43
C1 NAG M . -3.98 34.06 -3.03
C2 NAG M . -4.14 35.45 -2.50
C3 NAG M . -4.91 35.42 -1.19
C4 NAG M . -6.14 34.52 -1.26
C5 NAG M . -5.99 33.28 -2.15
C6 NAG M . -7.32 32.72 -2.62
C7 NAG M . -2.70 37.40 -2.05
C8 NAG M . -1.29 37.88 -1.89
N2 NAG M . -2.84 36.09 -2.32
O3 NAG M . -5.29 36.74 -0.83
O4 NAG M . -6.36 34.04 0.07
O5 NAG M . -5.23 33.55 -3.34
O6 NAG M . -7.17 32.02 -3.85
O7 NAG M . -3.66 38.15 -1.93
C1 NAG M . -7.71 33.90 0.52
C2 NAG M . -7.74 32.68 1.42
C3 NAG M . -9.14 32.49 2.02
C4 NAG M . -9.61 33.77 2.69
C5 NAG M . -9.50 34.94 1.73
C6 NAG M . -9.81 36.28 2.38
C7 NAG M . -6.23 30.78 1.02
C8 NAG M . -5.97 29.58 0.17
N2 NAG M . -7.32 31.49 0.71
O3 NAG M . -9.11 31.42 2.96
O4 NAG M . -10.97 33.62 3.08
O5 NAG M . -8.15 35.05 1.24
O6 NAG M . -9.33 37.36 1.61
O7 NAG M . -5.49 31.08 1.95
C1 BMA M . -11.11 33.22 4.46
C2 BMA M . -12.61 32.85 4.63
C3 BMA M . -12.85 32.26 6.01
C4 BMA M . -11.87 31.14 6.33
C5 BMA M . -10.44 31.65 6.16
C6 BMA M . -9.40 30.58 6.41
O2 BMA M . -12.99 31.87 3.69
O3 BMA M . -14.19 31.80 6.14
O4 BMA M . -12.10 30.70 7.68
O5 BMA M . -10.28 32.11 4.79
O6 BMA M . -9.55 30.10 7.74
C1 NAG M . -12.44 29.30 7.85
C2 NAG M . -13.83 28.99 7.24
C3 NAG M . -14.15 27.51 7.41
C4 NAG M . -13.03 26.66 6.84
C5 NAG M . -11.70 27.06 7.46
C6 NAG M . -10.53 26.30 6.87
C7 NAG M . -15.20 29.83 9.12
C8 NAG M . -16.30 30.76 9.52
N2 NAG M . -14.87 29.82 7.82
O3 NAG M . -15.38 27.22 6.74
O4 NAG M . -13.29 25.28 7.11
O5 NAG M . -11.46 28.45 7.22
O6 NAG M . -9.32 26.58 7.57
O7 NAG M . -14.62 29.12 9.94
C1 NAG N . -38.24 5.23 -6.29
C2 NAG N . -38.59 5.88 -7.63
C3 NAG N . -40.11 5.89 -7.83
C4 NAG N . -40.66 4.49 -7.68
C5 NAG N . -40.25 3.92 -6.33
C6 NAG N . -40.68 2.49 -6.13
C7 NAG N . -36.88 7.53 -8.25
C8 NAG N . -36.49 8.98 -8.25
N2 NAG N . -38.06 7.24 -7.71
O3 NAG N . -40.40 6.41 -9.12
O4 NAG N . -42.08 4.50 -7.74
O5 NAG N . -38.81 3.93 -6.22
O6 NAG N . -40.27 1.66 -7.21
O7 NAG N . -36.14 6.68 -8.73
C1 NAG N . -42.82 4.61 -8.99
C2 NAG N . -42.18 4.03 -10.27
C3 NAG N . -43.20 3.98 -11.42
C4 NAG N . -44.48 3.29 -10.99
C5 NAG N . -45.03 3.97 -9.75
C6 NAG N . -46.27 3.30 -9.21
C7 NAG N . -39.93 4.25 -11.24
C8 NAG N . -38.82 5.19 -11.60
N2 NAG N . -41.02 4.80 -10.68
O3 NAG N . -42.62 3.31 -12.53
O4 NAG N . -45.44 3.34 -12.03
O5 NAG N . -44.05 3.92 -8.70
O6 NAG N . -47.14 2.89 -10.26
O7 NAG N . -39.84 3.04 -11.44
C1 NAG O . -14.89 42.61 -30.27
C2 NAG O . -16.35 42.20 -30.22
C3 NAG O . -17.03 42.50 -31.55
C4 NAG O . -16.82 43.96 -31.94
C5 NAG O . -15.33 44.29 -31.91
C6 NAG O . -15.04 45.75 -32.17
C7 NAG O . -16.65 40.35 -28.63
C8 NAG O . -16.77 38.86 -28.48
N2 NAG O . -16.48 40.79 -29.88
O3 NAG O . -18.42 42.21 -31.44
O4 NAG O . -17.31 44.20 -33.26
O5 NAG O . -14.78 43.99 -30.62
O6 NAG O . -15.80 46.59 -31.32
O7 NAG O . -16.68 41.11 -27.67
C1 NAG O . -18.74 44.40 -33.34
C2 NAG O . -18.99 45.65 -34.18
C3 NAG O . -20.49 45.89 -34.32
C4 NAG O . -21.20 44.64 -34.82
C5 NAG O . -20.80 43.42 -34.00
C6 NAG O . -21.33 42.13 -34.56
C7 NAG O . -17.69 47.73 -34.32
C8 NAG O . -17.07 48.86 -33.55
N2 NAG O . -18.33 46.81 -33.59
O3 NAG O . -20.67 46.97 -35.24
O4 NAG O . -22.62 44.75 -34.70
O5 NAG O . -19.37 43.29 -33.95
O6 NAG O . -20.98 41.02 -33.74
O7 NAG O . -17.63 47.67 -35.54
C1 BMA O . -23.34 45.76 -35.46
C2 BMA O . -23.02 45.69 -36.98
C3 BMA O . -23.96 46.60 -37.77
C4 BMA O . -25.43 46.37 -37.37
C5 BMA O . -25.58 46.52 -35.86
C6 BMA O . -27.00 46.25 -35.37
O2 BMA O . -23.22 44.37 -37.48
O3 BMA O . -23.81 46.44 -39.17
O4 BMA O . -26.26 47.32 -38.03
O5 BMA O . -24.72 45.56 -35.24
O6 BMA O . -27.27 44.86 -35.51
C1 NAG P . -20.11 8.83 -21.35
C2 NAG P . -19.98 7.89 -22.56
C3 NAG P . -19.47 8.66 -23.78
C4 NAG P . -20.37 9.86 -24.05
C5 NAG P . -20.44 10.74 -22.81
C6 NAG P . -21.38 11.91 -22.96
C7 NAG P . -17.84 6.83 -21.96
C8 NAG P . -17.13 5.54 -21.71
N2 NAG P . -19.14 6.75 -22.28
O3 NAG P . -19.45 7.80 -24.91
O4 NAG P . -19.83 10.63 -25.12
O5 NAG P . -20.91 9.97 -21.69
O6 NAG P . -22.65 11.49 -23.43
O7 NAG P . -17.27 7.92 -21.86
C1 NAG P . -20.57 10.56 -26.36
C2 NAG P . -20.35 11.87 -27.11
C3 NAG P . -21.10 11.84 -28.43
C4 NAG P . -20.72 10.61 -29.25
C5 NAG P . -20.85 9.35 -28.40
C6 NAG P . -20.29 8.13 -29.10
C7 NAG P . -20.21 14.20 -26.37
C8 NAG P . -20.77 15.25 -25.46
N2 NAG P . -20.78 13.00 -26.30
O3 NAG P . -20.79 13.02 -29.17
O4 NAG P . -21.62 10.49 -30.35
O5 NAG P . -20.12 9.49 -27.17
O6 NAG P . -18.90 7.99 -28.89
O7 NAG P . -19.27 14.44 -27.12
C1 BMA P . -21.06 10.68 -31.67
C2 BMA P . -21.86 9.75 -32.61
C3 BMA P . -21.46 9.98 -34.07
C4 BMA P . -21.51 11.46 -34.40
C5 BMA P . -20.64 12.25 -33.41
C6 BMA P . -20.65 13.76 -33.74
O2 BMA P . -23.25 10.02 -32.51
O3 BMA P . -22.27 9.27 -35.04
O4 BMA P . -21.04 11.68 -35.72
O5 BMA P . -21.15 12.03 -32.09
O6 BMA P . -20.69 14.58 -32.54
C1 MAN P . -21.92 14.84 -31.80
C2 MAN P . -23.20 15.00 -32.68
C3 MAN P . -23.08 16.22 -33.57
C4 MAN P . -22.77 17.47 -32.74
C5 MAN P . -21.53 17.23 -31.83
C6 MAN P . -21.28 18.38 -30.87
O2 MAN P . -24.35 15.25 -31.87
O3 MAN P . -24.25 16.43 -34.34
O4 MAN P . -22.51 18.54 -33.62
O5 MAN P . -21.73 16.03 -31.05
O6 MAN P . -20.30 19.26 -31.45
C1 MAN P . -20.60 20.65 -31.16
C2 MAN P . -21.56 21.18 -32.25
C3 MAN P . -20.86 21.14 -33.59
C4 MAN P . -19.57 21.97 -33.53
C5 MAN P . -18.66 21.51 -32.38
C6 MAN P . -17.50 22.46 -32.15
O2 MAN P . -21.89 22.54 -32.02
O3 MAN P . -21.70 21.58 -34.64
O4 MAN P . -18.86 21.86 -34.76
O5 MAN P . -19.40 21.43 -31.14
O6 MAN P . -16.86 22.09 -30.93
C1 MAN P . -22.62 7.88 -34.79
C2 MAN P . -21.36 6.96 -34.77
C3 MAN P . -20.76 6.83 -36.18
C4 MAN P . -21.85 6.41 -37.17
C5 MAN P . -23.00 7.42 -37.13
C6 MAN P . -24.14 7.06 -38.07
O2 MAN P . -21.70 5.63 -34.38
O3 MAN P . -19.68 5.91 -36.21
O4 MAN P . -21.30 6.36 -38.49
O5 MAN P . -23.53 7.45 -35.80
O6 MAN P . -25.00 8.19 -38.16
C1 NAG Q . -23.49 -4.34 39.09
C2 NAG Q . -24.35 -3.41 38.23
C3 NAG Q . -25.14 -2.45 39.11
C4 NAG Q . -25.92 -3.22 40.17
C5 NAG Q . -25.00 -4.15 40.94
C6 NAG Q . -25.73 -5.03 41.92
C7 NAG Q . -23.32 -3.10 36.03
C8 NAG Q . -22.46 -2.21 35.18
N2 NAG Q . -23.54 -2.68 37.27
O3 NAG Q . -26.03 -1.70 38.30
O4 NAG Q . -26.52 -2.29 41.08
O5 NAG Q . -24.31 -5.02 40.04
O6 NAG Q . -24.84 -5.90 42.61
O7 NAG Q . -23.78 -4.15 35.60
C1 NAG Q . -27.97 -2.29 40.98
C2 NAG Q . -28.50 -1.37 42.08
C3 NAG Q . -30.03 -1.29 42.00
C4 NAG Q . -30.46 -0.89 40.60
C5 NAG Q . -29.82 -1.80 39.55
C6 NAG Q . -30.10 -1.36 38.13
C7 NAG Q . -26.95 -1.51 43.98
C8 NAG Q . -26.70 -2.09 45.33
N2 NAG Q . -28.11 -1.85 43.40
O3 NAG Q . -30.50 -0.34 42.94
O4 NAG Q . -31.88 -1.00 40.48
O5 NAG Q . -28.39 -1.80 39.71
O6 NAG Q . -31.43 -1.64 37.75
O7 NAG Q . -26.14 -0.76 43.43
C1 BMA Q . -32.50 0.19 39.98
C2 BMA Q . -33.94 -0.19 39.59
C3 BMA Q . -34.73 1.05 39.17
C4 BMA Q . -34.59 2.17 40.20
C5 BMA Q . -33.11 2.46 40.46
C6 BMA Q . -32.89 3.54 41.51
O2 BMA Q . -34.62 -0.74 40.71
O3 BMA Q . -36.11 0.75 38.96
O4 BMA Q . -35.24 3.34 39.73
O5 BMA Q . -32.48 1.25 40.92
O6 BMA Q . -31.51 3.86 41.54
C1 NAG R . -13.60 -9.56 53.98
C2 NAG R . -14.19 -10.60 54.93
C3 NAG R . -15.70 -10.40 55.05
C4 NAG R . -16.01 -8.97 55.46
C5 NAG R . -15.35 -7.99 54.51
C6 NAG R . -15.50 -6.55 54.93
C7 NAG R . -12.86 -12.67 54.91
C8 NAG R . -12.71 -14.04 54.34
N2 NAG R . -13.89 -11.95 54.47
O3 NAG R . -16.23 -11.31 56.00
O4 NAG R . -17.42 -8.75 55.44
O5 NAG R . -13.93 -8.25 54.45
O6 NAG R . -15.01 -6.35 56.25
O7 NAG R . -12.07 -12.23 55.74
C1 NAG R . -17.96 -8.52 56.76
C2 NAG R . -19.40 -8.06 56.61
C3 NAG R . -20.04 -7.84 57.98
C4 NAG R . -19.90 -9.10 58.82
C5 NAG R . -18.44 -9.54 58.88
C6 NAG R . -18.25 -10.86 59.59
C7 NAG R . -18.92 -5.68 56.11
C8 NAG R . -19.14 -4.56 55.14
N2 NAG R . -19.50 -6.85 55.79
O3 NAG R . -21.41 -7.50 57.82
O4 NAG R . -20.36 -8.85 60.14
O5 NAG R . -17.93 -9.71 57.55
O6 NAG R . -16.96 -11.39 59.37
O7 NAG R . -18.27 -5.53 57.13
C1 NAG S . -1.96 -14.98 31.06
C2 NAG S . -1.77 -16.07 32.09
C3 NAG S . -1.95 -17.43 31.42
C4 NAG S . -3.19 -17.48 30.53
C5 NAG S . -3.48 -16.18 29.78
C6 NAG S . -4.91 -16.07 29.28
C7 NAG S . -0.11 -16.72 33.78
C8 NAG S . 1.28 -16.50 34.30
N2 NAG S . -0.47 -15.98 32.73
O3 NAG S . -2.04 -18.45 32.41
O4 NAG S . -2.92 -18.50 29.56
O5 NAG S . -3.25 -15.01 30.59
O6 NAG S . -5.38 -14.73 29.37
O7 NAG S . -0.86 -17.53 34.29
C1 NAG S . -4.01 -19.29 29.04
C2 NAG S . -3.72 -19.44 27.56
C3 NAG S . -4.79 -20.29 26.90
C4 NAG S . -4.94 -21.62 27.62
C5 NAG S . -5.16 -21.38 29.11
C6 NAG S . -5.15 -22.67 29.92
C7 NAG S . -2.45 -17.54 26.68
C8 NAG S . -2.53 -16.19 26.01
N2 NAG S . -3.62 -18.15 26.90
O3 NAG S . -4.45 -20.51 25.54
O4 NAG S . -6.07 -22.32 27.10
O5 NAG S . -4.10 -20.57 29.65
O6 NAG S . -4.96 -22.41 31.30
O7 NAG S . -1.38 -18.03 27.01
C1 BMA S . -5.68 -23.26 26.07
C2 BMA S . -7.00 -23.79 25.45
C3 BMA S . -6.70 -24.69 24.26
C4 BMA S . -5.74 -24.03 23.27
C5 BMA S . -4.47 -23.59 24.00
C6 BMA S . -3.48 -22.87 23.10
O2 BMA S . -7.77 -22.70 24.97
O3 BMA S . -7.90 -25.06 23.60
O4 BMA S . -5.42 -24.98 22.25
O5 BMA S . -4.84 -22.68 25.07
O6 BMA S . -3.12 -23.76 22.05
C1 NAG S . -5.76 -24.58 20.88
C2 NAG S . -7.28 -24.49 20.68
C3 NAG S . -7.59 -24.05 19.25
C4 NAG S . -6.85 -22.76 18.91
C5 NAG S . -5.36 -22.93 19.19
C6 NAG S . -4.56 -21.67 18.96
C7 NAG S . -7.72 -26.90 20.37
C8 NAG S . -8.53 -28.07 20.85
N2 NAG S . -7.96 -25.74 21.00
O3 NAG S . -8.99 -23.84 19.12
O4 NAG S . -7.04 -22.43 17.55
O5 NAG S . -5.15 -23.31 20.56
O6 NAG S . -3.17 -21.91 19.07
O7 NAG S . -6.91 -26.99 19.46
C1 NAG T . -36.95 -12.26 3.10
C2 NAG T . -37.75 -11.62 4.24
C3 NAG T . -39.21 -12.05 4.17
C4 NAG T . -39.78 -11.75 2.80
C5 NAG T . -38.92 -12.42 1.74
C6 NAG T . -39.37 -12.11 0.32
C7 NAG T . -36.24 -11.22 6.13
C8 NAG T . -35.77 -11.73 7.47
N2 NAG T . -37.17 -11.96 5.54
O3 NAG T . -39.96 -11.36 5.17
O4 NAG T . -41.11 -12.25 2.68
O5 NAG T . -37.57 -11.95 1.85
O6 NAG T . -39.50 -10.72 0.11
O7 NAG T . -35.80 -10.20 5.64
C1 NAG T . -42.27 -11.58 3.25
C2 NAG T . -42.23 -10.03 3.37
C3 NAG T . -43.61 -9.47 3.71
C4 NAG T . -44.66 -9.99 2.75
C5 NAG T . -44.65 -11.51 2.74
C6 NAG T . -45.63 -12.11 1.77
C7 NAG T . -40.51 -8.50 4.25
C8 NAG T . -39.57 -8.22 5.38
N2 NAG T . -41.26 -9.60 4.37
O3 NAG T . -43.56 -8.05 3.68
O4 NAG T . -45.95 -9.53 3.15
O5 NAG T . -43.34 -11.96 2.36
O6 NAG T . -46.87 -11.43 1.80
O7 NAG T . -40.61 -7.75 3.28
C1 NAG U . -21.67 -1.36 49.20
C2 NAG U . -22.98 -1.92 48.68
C3 NAG U . -24.16 -1.24 49.37
C4 NAG U . -24.01 -1.32 50.89
C5 NAG U . -22.63 -0.81 51.31
C6 NAG U . -22.36 -1.00 52.79
C7 NAG U . -22.76 -2.74 46.37
C8 NAG U . -22.92 -2.40 44.92
N2 NAG U . -23.09 -1.78 47.24
O3 NAG U . -25.36 -1.86 48.96
O4 NAG U . -24.98 -0.51 51.53
O5 NAG U . -21.60 -1.52 50.61
O6 NAG U . -22.48 -2.37 53.17
O7 NAG U . -22.34 -3.83 46.75
C1 NAG U . -26.31 -1.10 51.61
C2 NAG U . -26.75 -1.10 53.07
C3 NAG U . -28.16 -1.66 53.19
C4 NAG U . -29.12 -0.94 52.25
C5 NAG U . -28.55 -0.91 50.83
C6 NAG U . -29.37 -0.06 49.89
C7 NAG U . -25.16 -1.36 54.94
C8 NAG U . -24.26 -2.31 55.66
N2 NAG U . -25.82 -1.87 53.89
O3 NAG U . -28.57 -1.48 54.55
O4 NAG U . -30.37 -1.62 52.16
O5 NAG U . -27.22 -0.35 50.84
O6 NAG U . -29.08 -0.39 48.53
O7 NAG U . -25.29 -0.19 55.30
C1 BMA U . -31.24 -1.71 53.33
C2 BMA U . -31.51 -0.31 53.96
C3 BMA U . -32.61 -0.41 55.02
C4 BMA U . -33.83 -1.18 54.51
C5 BMA U . -33.39 -2.54 53.97
C6 BMA U . -34.54 -3.37 53.41
O2 BMA U . -31.97 0.61 52.99
O3 BMA U . -33.00 0.87 55.49
O4 BMA U . -34.77 -1.37 55.55
O5 BMA U . -32.45 -2.31 52.90
O6 BMA U . -34.98 -2.75 52.21
C1 NAG V . -26.09 5.18 15.17
C2 NAG V . -26.54 6.63 14.91
C3 NAG V . -26.50 7.44 16.21
C4 NAG V . -27.31 6.74 17.30
C5 NAG V . -26.80 5.32 17.48
C6 NAG V . -27.61 4.53 18.47
C7 NAG V . -24.44 7.49 13.96
C8 NAG V . -23.82 8.19 12.78
N2 NAG V . -25.76 7.28 13.88
O3 NAG V . -27.02 8.75 15.99
O4 NAG V . -27.19 7.44 18.53
O5 NAG V . -26.87 4.61 16.24
O6 NAG V . -29.01 4.62 18.20
O7 NAG V . -23.79 7.15 14.93
C1 NAG V . -28.37 8.18 18.95
C2 NAG V . -28.36 8.24 20.46
C3 NAG V . -29.58 9.01 20.95
C4 NAG V . -29.66 10.39 20.28
C5 NAG V . -29.53 10.25 18.76
C6 NAG V . -29.41 11.59 18.08
C7 NAG V . -27.77 6.63 22.21
C8 NAG V . -27.85 5.20 22.65
N2 NAG V . -28.34 6.91 21.04
O3 NAG V . -29.49 9.18 22.37
O4 NAG V . -30.92 10.98 20.57
O5 NAG V . -28.37 9.49 18.41
O6 NAG V . -28.06 12.05 18.07
O7 NAG V . -27.23 7.49 22.90
C1 BMA V . -30.91 12.17 21.38
C2 BMA V . -32.09 13.02 20.90
C3 BMA V . -32.29 14.25 21.81
C4 BMA V . -32.32 13.81 23.27
C5 BMA V . -31.08 12.99 23.62
C6 BMA V . -31.07 12.58 25.09
O2 BMA V . -33.31 12.29 20.96
O3 BMA V . -33.47 15.04 21.53
O4 BMA V . -32.39 14.96 24.10
O5 BMA V . -31.04 11.85 22.76
O6 BMA V . -30.60 11.20 25.28
C1 MAN V . -31.47 10.05 25.01
C2 MAN V . -32.99 10.24 25.33
C3 MAN V . -33.18 10.44 26.83
C4 MAN V . -32.54 9.30 27.62
C5 MAN V . -31.07 9.10 27.22
C6 MAN V . -30.43 7.87 27.86
O2 MAN V . -33.73 9.07 25.03
O3 MAN V . -34.56 10.55 27.16
O4 MAN V . -32.63 9.61 29.00
O5 MAN V . -30.97 8.95 25.79
O6 MAN V . -29.60 8.31 28.95
C1 MAN V . -29.69 7.42 30.09
C2 MAN V . -30.90 7.83 30.95
C3 MAN V . -30.67 9.25 31.44
C4 MAN V . -29.36 9.34 32.23
C5 MAN V . -28.18 8.77 31.40
C6 MAN V . -26.92 8.59 32.25
O2 MAN V . -30.99 7.03 32.13
O3 MAN V . -31.76 9.71 32.23
O4 MAN V . -29.08 10.69 32.54
O5 MAN V . -28.51 7.47 30.86
O6 MAN V . -25.97 7.86 31.48
C1 MAN V . -33.82 15.32 20.13
C2 MAN V . -32.72 16.17 19.42
C3 MAN V . -32.71 17.59 19.97
C4 MAN V . -34.12 18.20 19.92
C5 MAN V . -35.08 17.31 20.71
C6 MAN V . -36.51 17.80 20.70
O2 MAN V . -33.01 16.30 18.03
O3 MAN V . -31.80 18.43 19.25
O4 MAN V . -34.11 19.51 20.48
O5 MAN V . -35.07 15.99 20.11
O6 MAN V . -37.24 17.06 21.67
C1 NAG W . -6.35 -38.34 -24.29
C2 NAG W . -7.39 -38.39 -23.17
C3 NAG W . -7.69 -39.83 -22.79
C4 NAG W . -8.09 -40.63 -24.03
C5 NAG W . -7.02 -40.50 -25.10
C6 NAG W . -7.40 -41.16 -26.41
C7 NAG W . -7.29 -36.38 -21.77
C8 NAG W . -6.73 -35.77 -20.51
N2 NAG W . -6.94 -37.64 -22.01
O3 NAG W . -8.76 -39.86 -21.85
O4 NAG W . -8.21 -42.02 -23.69
O5 NAG W . -6.81 -39.10 -25.40
O6 NAG W . -6.41 -40.96 -27.40
O7 NAG W . -8.03 -35.74 -22.52
C1 NAG W . -9.57 -42.49 -23.80
C2 NAG W . -9.58 -44.00 -23.58
C3 NAG W . -11.00 -44.54 -23.64
C4 NAG W . -11.91 -43.77 -22.70
C5 NAG W . -11.80 -42.27 -22.95
C6 NAG W . -12.57 -41.44 -21.96
C7 NAG W . -7.43 -44.90 -24.37
C8 NAG W . -6.72 -45.60 -25.49
N2 NAG W . -8.73 -44.67 -24.56
O3 NAG W . -10.99 -45.92 -23.30
O4 NAG W . -13.26 -44.16 -22.93
O5 NAG W . -10.42 -41.86 -22.85
O6 NAG W . -13.97 -41.53 -22.18
O7 NAG W . -6.85 -44.54 -23.35
C1 BMA W . -13.93 -44.57 -21.71
C2 BMA W . -15.43 -44.72 -22.06
C3 BMA W . -16.19 -45.29 -20.87
C4 BMA W . -15.50 -46.55 -20.32
C5 BMA W . -14.03 -46.23 -19.99
C6 BMA W . -13.28 -47.45 -19.48
O2 BMA W . -15.60 -45.63 -23.13
O3 BMA W . -17.54 -45.59 -21.21
O4 BMA W . -16.17 -46.99 -19.14
O5 BMA W . -13.40 -45.78 -21.20
O6 BMA W . -12.01 -47.02 -19.02
C1 NAG X . 8.18 -43.95 -34.55
C2 NAG X . 7.96 -44.46 -35.97
C3 NAG X . 6.62 -45.22 -36.05
C4 NAG X . 6.58 -46.32 -35.00
C5 NAG X . 6.88 -45.74 -33.61
C6 NAG X . 6.97 -46.80 -32.54
C7 NAG X . 9.10 -42.97 -37.53
C8 NAG X . 8.95 -41.84 -38.51
N2 NAG X . 7.98 -43.38 -36.93
O3 NAG X . 6.48 -45.77 -37.34
O4 NAG X . 5.29 -46.91 -34.97
O5 NAG X . 8.14 -45.05 -33.63
O6 NAG X . 7.94 -47.79 -32.89
O7 NAG X . 10.19 -43.49 -37.32
C1 NAG X . 5.33 -48.30 -35.38
C2 NAG X . 3.95 -48.92 -35.11
C3 NAG X . 3.93 -50.37 -35.57
C4 NAG X . 4.36 -50.47 -37.02
C5 NAG X . 5.71 -49.78 -37.23
C6 NAG X . 6.13 -49.73 -38.68
C7 NAG X . 4.25 -49.35 -32.69
C8 NAG X . 3.70 -49.12 -31.32
N2 NAG X . 3.57 -48.80 -33.71
O3 NAG X . 2.62 -50.90 -35.41
O4 NAG X . 4.47 -51.84 -37.40
O5 NAG X . 5.64 -48.43 -36.77
O6 NAG X . 7.15 -48.77 -38.88
O7 NAG X . 5.27 -50.01 -32.88
C1 NAG Y . 9.27 -18.72 -27.53
C2 NAG Y . 9.78 -18.93 -28.93
C3 NAG Y . 9.26 -17.83 -29.85
C4 NAG Y . 7.77 -17.56 -29.65
C5 NAG Y . 7.28 -17.71 -28.19
C6 NAG Y . 5.79 -17.94 -28.07
C7 NAG Y . 11.94 -19.32 -30.04
C8 NAG Y . 13.43 -19.30 -29.89
N2 NAG Y . 11.24 -18.97 -28.96
O3 NAG Y . 9.50 -18.18 -31.20
O4 NAG Y . 7.57 -16.20 -30.03
O5 NAG Y . 7.90 -18.81 -27.53
O6 NAG Y . 5.50 -18.89 -27.06
O7 NAG Y . 11.40 -19.64 -31.09
C1 NAG Y . 6.30 -15.82 -30.60
C2 NAG Y . 5.95 -14.46 -30.00
C3 NAG Y . 4.63 -13.94 -30.57
C4 NAG Y . 4.68 -13.94 -32.09
C5 NAG Y . 5.09 -15.31 -32.61
C6 NAG Y . 5.30 -15.34 -34.11
C7 NAG Y . 6.80 -13.98 -27.74
C8 NAG Y . 6.55 -14.17 -26.27
N2 NAG Y . 5.89 -14.54 -28.55
O3 NAG Y . 4.40 -12.63 -30.09
O4 NAG Y . 3.39 -13.63 -32.60
O5 NAG Y . 6.34 -15.71 -32.02
O6 NAG Y . 5.96 -16.53 -34.51
O7 NAG Y . 7.76 -13.36 -28.17
C1 BMA Y . 3.26 -12.24 -32.93
C2 BMA Y . 1.78 -12.02 -33.31
C3 BMA Y . 1.48 -10.55 -33.55
C4 BMA Y . 1.98 -9.69 -32.39
C5 BMA Y . 3.47 -9.96 -32.15
C6 BMA Y . 4.03 -9.17 -30.98
O2 BMA Y . 0.93 -12.45 -32.26
O3 BMA Y . 0.10 -10.32 -33.76
O4 BMA Y . 1.77 -8.30 -32.73
O5 BMA Y . 3.63 -11.37 -31.86
O6 BMA Y . 3.86 -7.79 -31.25
C1 NAG Y . 0.93 -7.55 -31.81
C2 NAG Y . -0.54 -8.04 -31.86
C3 NAG Y . -1.39 -7.25 -30.87
C4 NAG Y . -0.77 -7.29 -29.49
C5 NAG Y . 0.68 -6.83 -29.54
C6 NAG Y . 1.38 -6.92 -28.20
C7 NAG Y . -1.22 -6.86 -33.91
C8 NAG Y . -1.81 -7.01 -35.28
N2 NAG Y . -1.09 -7.99 -33.21
O3 NAG Y . -2.71 -7.81 -30.84
O4 NAG Y . -1.51 -6.45 -28.61
O5 NAG Y . 1.42 -7.64 -30.46
O6 NAG Y . 2.66 -6.30 -28.25
O7 NAG Y . -0.87 -5.77 -33.48
C1 NAG Z . -33.14 -11.28 -16.59
C2 NAG Z . -33.50 -12.76 -16.72
C3 NAG Z . -34.95 -12.93 -17.14
C4 NAG Z . -35.87 -12.18 -16.19
C5 NAG Z . -35.44 -10.71 -16.12
C6 NAG Z . -36.24 -9.90 -15.14
C7 NAG Z . -31.49 -14.05 -17.31
C8 NAG Z . -30.71 -14.69 -18.42
N2 NAG Z . -32.62 -13.43 -17.66
O3 NAG Z . -35.29 -14.31 -17.15
O4 NAG Z . -37.22 -12.22 -16.62
O5 NAG Z . -34.07 -10.64 -15.71
O6 NAG Z . -36.18 -10.46 -13.83
O7 NAG Z . -31.11 -14.10 -16.15
C1 NAG Z . -38.04 -13.43 -16.54
C2 NAG Z . -37.88 -14.32 -15.27
C3 NAG Z . -38.99 -15.36 -15.21
C4 NAG Z . -40.35 -14.72 -15.35
C5 NAG Z . -40.41 -13.93 -16.65
C6 NAG Z . -41.72 -13.20 -16.84
C7 NAG Z . -35.91 -15.22 -14.12
C8 NAG Z . -34.58 -15.91 -14.28
N2 NAG Z . -36.58 -14.97 -15.25
O3 NAG Z . -38.91 -16.05 -13.97
O4 NAG Z . -41.37 -15.73 -15.38
O5 NAG Z . -39.39 -12.92 -16.62
O6 NAG Z . -42.82 -14.00 -16.44
O7 NAG Z . -36.34 -14.90 -13.01
C1 NAG AA . -0.54 -47.60 -26.21
C2 NAG AA . -2.04 -47.52 -26.47
C3 NAG AA . -2.67 -48.91 -26.39
C4 NAG AA . -1.94 -49.86 -27.32
C5 NAG AA . -0.44 -49.85 -27.02
C6 NAG AA . 0.37 -50.70 -27.97
C7 NAG AA . -2.86 -45.31 -25.76
C8 NAG AA . -3.53 -44.54 -24.66
N2 NAG AA . -2.68 -46.62 -25.53
O3 NAG AA . -4.04 -48.80 -26.75
O4 NAG AA . -2.41 -51.20 -27.16
O5 NAG AA . 0.06 -48.50 -27.13
O6 NAG AA . 0.02 -50.47 -29.32
O7 NAG AA . -2.50 -44.79 -26.80
C1 NAG AA . -3.68 -51.48 -27.79
C2 NAG AA . -3.60 -52.81 -28.53
C3 NAG AA . -4.93 -53.15 -29.17
C4 NAG AA . -6.07 -53.06 -28.16
C5 NAG AA . -6.02 -51.73 -27.40
C6 NAG AA . -7.01 -51.68 -26.26
C7 NAG AA . -1.33 -53.35 -29.34
C8 NAG AA . -0.37 -53.23 -30.48
N2 NAG AA . -2.53 -52.80 -29.52
O3 NAG AA . -4.84 -54.47 -29.71
O4 NAG AA . -7.34 -53.09 -28.80
O5 NAG AA . -4.71 -51.54 -26.82
O6 NAG AA . -6.94 -50.43 -25.57
O7 NAG AA . -1.03 -53.93 -28.29
C1 BMA AA . -7.76 -54.27 -29.55
C2 BMA AA . -7.65 -55.57 -28.72
C3 BMA AA . -8.29 -56.74 -29.47
C4 BMA AA . -9.68 -56.38 -30.00
C5 BMA AA . -9.61 -55.09 -30.82
C6 BMA AA . -10.97 -54.65 -31.35
O2 BMA AA . -8.36 -55.44 -27.49
O3 BMA AA . -8.36 -57.91 -28.66
O4 BMA AA . -10.19 -57.44 -30.80
O5 BMA AA . -9.10 -54.06 -29.98
O6 BMA AA . -11.72 -54.16 -30.25
C1 NAG BA . -17.40 -24.67 -5.39
C2 NAG BA . -17.81 -25.29 -4.03
C3 NAG BA . -17.20 -26.67 -3.87
C4 NAG BA . -17.58 -27.56 -5.06
C5 NAG BA . -17.14 -26.88 -6.36
C6 NAG BA . -17.56 -27.64 -7.59
C7 NAG BA . -16.20 -24.09 -2.60
C8 NAG BA . -16.04 -23.20 -1.40
N2 NAG BA . -17.46 -24.44 -2.91
O3 NAG BA . -17.67 -27.27 -2.66
O4 NAG BA . -16.91 -28.81 -4.96
O5 NAG BA . -17.74 -25.58 -6.45
O6 NAG BA . -18.94 -27.98 -7.54
O7 NAG BA . -15.24 -24.46 -3.26
C1 NAG BA . -17.76 -29.94 -4.64
C2 NAG BA . -17.15 -31.18 -5.28
C3 NAG BA . -17.98 -32.41 -4.96
C4 NAG BA . -18.18 -32.54 -3.46
C5 NAG BA . -18.70 -31.24 -2.86
C6 NAG BA . -18.73 -31.26 -1.35
C7 NAG BA . -16.06 -31.53 -7.46
C8 NAG BA . -16.11 -31.25 -8.92
N2 NAG BA . -17.04 -31.00 -6.73
O3 NAG BA . -17.33 -33.56 -5.47
O4 NAG BA . -19.14 -33.56 -3.19
O5 NAG BA . -17.85 -30.15 -3.23
O6 NAG BA . -17.48 -30.86 -0.79
O7 NAG BA . -15.17 -32.22 -6.96
C1 BMA BA . -18.66 -34.79 -2.58
C2 BMA BA . -19.77 -35.27 -1.62
C3 BMA BA . -19.36 -36.61 -1.01
C4 BMA BA . -18.99 -37.60 -2.10
C5 BMA BA . -17.88 -37.01 -2.99
C6 BMA BA . -17.47 -38.00 -4.06
O2 BMA BA . -20.98 -35.50 -2.33
O3 BMA BA . -20.41 -37.19 -0.21
O4 BMA BA . -18.54 -38.80 -1.52
O5 BMA BA . -18.37 -35.79 -3.57
O6 BMA BA . -17.02 -37.35 -5.29
C1 MAN BA . -17.97 -36.84 -6.29
C2 MAN BA . -19.26 -37.69 -6.48
C3 MAN BA . -18.90 -39.07 -7.01
C4 MAN BA . -18.07 -38.96 -8.29
C5 MAN BA . -16.84 -38.04 -8.08
C6 MAN BA . -16.09 -37.74 -9.37
O2 MAN BA . -20.08 -37.12 -7.49
O3 MAN BA . -20.05 -39.86 -7.25
O4 MAN BA . -17.62 -40.25 -8.65
O5 MAN BA . -17.27 -36.77 -7.53
O6 MAN BA . -14.83 -38.45 -9.34
C1 MAN BA . -14.51 -39.04 -10.63
C2 MAN BA . -15.20 -40.41 -10.73
C3 MAN BA . -14.69 -41.30 -9.62
C4 MAN BA . -13.15 -41.43 -9.71
C5 MAN BA . -12.47 -40.04 -9.78
C6 MAN BA . -11.01 -40.15 -10.18
O2 MAN BA . -14.84 -41.07 -11.94
O3 MAN BA . -15.29 -42.58 -9.64
O4 MAN BA . -12.67 -42.11 -8.57
O5 MAN BA . -13.11 -39.19 -10.77
O6 MAN BA . -10.50 -38.84 -10.41
C1 MAN BA . -20.24 -37.04 1.22
C2 MAN BA . -21.21 -38.05 1.89
C3 MAN BA . -22.64 -37.64 1.67
C4 MAN BA . -22.86 -36.18 2.10
C5 MAN BA . -21.86 -35.26 1.37
C6 MAN BA . -21.96 -33.82 1.82
O2 MAN BA . -21.04 -38.06 3.32
O3 MAN BA . -23.56 -38.49 2.34
O4 MAN BA . -24.18 -35.78 1.78
O5 MAN BA . -20.52 -35.71 1.62
O6 MAN BA . -20.82 -33.13 1.33
C1 NAG CA . -18.60 34.48 -23.60
C2 NAG CA . -19.14 33.21 -24.27
C3 NAG CA . -19.40 33.47 -25.75
C4 NAG CA . -20.29 34.69 -25.93
C5 NAG CA . -19.71 35.88 -25.19
C6 NAG CA . -20.61 37.10 -25.23
C7 NAG CA . -18.32 31.20 -23.11
C8 NAG CA . -17.29 30.11 -23.10
N2 NAG CA . -18.23 32.10 -24.09
O3 NAG CA . -20.01 32.32 -26.31
O4 NAG CA . -20.39 35.01 -27.32
O5 NAG CA . -19.51 35.56 -23.81
O6 NAG CA . -20.08 38.16 -24.46
O7 NAG CA . -19.22 31.25 -22.28
C1 NAG CA . -21.71 34.80 -27.85
C2 NAG CA . -21.75 35.35 -29.27
C3 NAG CA . -23.12 35.10 -29.90
C4 NAG CA . -23.50 33.63 -29.79
C5 NAG CA . -23.39 33.16 -28.35
C6 NAG CA . -23.62 31.67 -28.20
C7 NAG CA . -20.20 37.24 -29.45
C8 NAG CA . -20.07 38.74 -29.45
N2 NAG CA . -21.44 36.77 -29.29
O3 NAG CA . -23.10 35.50 -31.27
O4 NAG CA . -24.86 33.47 -30.21
O5 NAG CA . -22.06 33.41 -27.86
O6 NAG CA . -25.00 31.35 -28.33
O7 NAG CA . -19.24 36.51 -29.61
C1 BMA CA . -25.01 32.44 -31.20
C2 BMA CA . -26.51 32.18 -31.34
C3 BMA CA . -26.78 31.20 -32.48
C4 BMA CA . -26.07 31.63 -33.77
C5 BMA CA . -24.57 31.82 -33.49
C6 BMA CA . -23.80 32.30 -34.71
O2 BMA CA . -27.20 33.37 -31.68
O3 BMA CA . -28.17 31.04 -32.73
O4 BMA CA . -26.24 30.63 -34.77
O5 BMA CA . -24.43 32.82 -32.45
O6 BMA CA . -22.42 32.27 -34.40
C1 NAG DA . -9.78 50.96 -22.28
C2 NAG DA . -10.59 52.25 -22.10
C3 NAG DA . -11.91 52.15 -22.86
C4 NAG DA . -11.65 51.80 -24.32
C5 NAG DA . -10.81 50.54 -24.42
C6 NAG DA . -10.40 50.20 -25.84
C7 NAG DA . -9.98 53.21 -19.93
C8 NAG DA . -10.39 53.41 -18.51
N2 NAG DA . -10.83 52.53 -20.70
O3 NAG DA . -12.61 53.38 -22.77
O4 NAG DA . -12.89 51.57 -25.00
O5 NAG DA . -9.59 50.71 -23.68
O6 NAG DA . -9.74 51.30 -26.45
O7 NAG DA . -8.92 53.65 -20.37
C1 NAG DA . -13.16 52.58 -26.00
C2 NAG DA . -14.36 52.12 -26.82
C3 NAG DA . -14.71 53.17 -27.87
C4 NAG DA . -14.90 54.52 -27.22
C5 NAG DA . -13.68 54.89 -26.37
C6 NAG DA . -13.86 56.16 -25.58
C7 NAG DA . -13.16 50.55 -28.32
C8 NAG DA . -13.12 49.15 -28.83
N2 NAG DA . -14.14 50.82 -27.44
O3 NAG DA . -15.89 52.78 -28.55
O4 NAG DA . -15.08 55.52 -28.21
O5 NAG DA . -13.43 53.85 -25.41
O6 NAG DA . -12.80 56.38 -24.67
O7 NAG DA . -12.38 51.42 -28.69
C1 NAG EA . 16.11 4.67 46.09
C2 NAG EA . 17.23 4.40 47.08
C3 NAG EA . 16.97 5.13 48.40
C4 NAG EA . 16.75 6.61 48.13
C5 NAG EA . 15.65 6.81 47.10
C6 NAG EA . 15.45 8.25 46.71
C7 NAG EA . 18.24 2.18 46.71
C8 NAG EA . 18.24 0.74 47.09
N2 NAG EA . 17.36 2.96 47.33
O3 NAG EA . 18.08 4.96 49.27
O4 NAG EA . 16.38 7.27 49.33
O5 NAG EA . 15.98 6.08 45.90
O6 NAG EA . 15.48 9.10 47.83
O7 NAG EA . 19.02 2.62 45.86
C1 NAG FA . 20.63 -2.06 42.25
C2 NAG FA . 21.32 -2.63 41.02
C3 NAG FA . 21.58 -4.11 41.23
C4 NAG FA . 22.40 -4.31 42.50
C5 NAG FA . 21.75 -3.61 43.69
C6 NAG FA . 22.62 -3.63 44.92
C7 NAG FA . 20.70 -1.35 39.03
C8 NAG FA . 19.81 -1.26 37.82
N2 NAG FA . 20.53 -2.41 39.82
O3 NAG FA . 22.26 -4.66 40.11
O4 NAG FA . 22.54 -5.69 42.77
O5 NAG FA . 21.48 -2.24 43.39
O6 NAG FA . 23.31 -2.40 45.08
O7 NAG FA . 21.53 -0.48 39.27
C1 NAG GA . 33.42 -32.76 -14.89
C2 NAG GA . 34.83 -32.96 -15.45
C3 NAG GA . 35.18 -34.45 -15.42
C4 NAG GA . 34.99 -35.02 -14.03
C5 NAG GA . 33.58 -34.73 -13.53
C6 NAG GA . 33.36 -35.15 -12.10
C7 NAG GA . 35.39 -31.22 -17.09
C8 NAG GA . 35.43 -30.86 -18.54
N2 NAG GA . 34.93 -32.45 -16.80
O3 NAG GA . 36.53 -34.62 -15.83
O4 NAG GA . 35.19 -36.43 -14.03
O5 NAG GA . 33.34 -33.31 -13.58
O6 NAG GA . 33.86 -36.46 -11.86
O7 NAG GA . 35.76 -30.44 -16.21
C1 NAG HA . 35.46 -24.81 -18.49
C2 NAG HA . 35.56 -23.30 -18.39
C3 NAG HA . 35.77 -22.71 -19.77
C4 NAG HA . 37.02 -23.32 -20.40
C5 NAG HA . 36.93 -24.85 -20.39
C6 NAG HA . 38.21 -25.52 -20.83
C7 NAG HA . 34.31 -22.47 -16.45
C8 NAG HA . 33.03 -21.88 -15.96
N2 NAG HA . 34.38 -22.73 -17.76
O3 NAG HA . 35.91 -21.30 -19.68
O4 NAG HA . 37.16 -22.88 -21.74
O5 NAG HA . 36.67 -25.33 -19.06
O6 NAG HA . 39.02 -25.89 -19.72
O7 NAG HA . 35.24 -22.71 -15.68
C1 NAG IA . 21.80 39.73 -18.40
C2 NAG IA . 22.84 40.82 -18.16
C3 NAG IA . 23.11 41.59 -19.45
C4 NAG IA . 23.48 40.62 -20.57
C5 NAG IA . 22.42 39.53 -20.70
C6 NAG IA . 22.79 38.47 -21.71
C7 NAG IA . 22.74 41.61 -15.83
C8 NAG IA . 22.19 42.65 -14.90
N2 NAG IA . 22.39 41.74 -17.12
O3 NAG IA . 24.15 42.52 -19.24
O4 NAG IA . 23.59 41.32 -21.80
O5 NAG IA . 22.24 38.87 -19.44
O6 NAG IA . 23.33 39.04 -22.89
O7 NAG IA . 23.46 40.70 -15.44
C1 NAG JA . 23.05 40.01 -9.56
C2 NAG JA . 23.33 39.30 -8.25
C3 NAG JA . 23.00 40.22 -7.10
C4 NAG JA . 23.82 41.51 -7.23
C5 NAG JA . 23.62 42.14 -8.61
C6 NAG JA . 24.55 43.30 -8.85
C7 NAG JA . 23.06 36.87 -8.53
C8 NAG JA . 22.14 35.70 -8.35
N2 NAG JA . 22.57 38.06 -8.15
O3 NAG JA . 23.29 39.59 -5.85
O4 NAG JA . 23.43 42.44 -6.23
O5 NAG JA . 23.87 41.18 -9.64
O6 NAG JA . 25.74 42.88 -9.51
O7 NAG JA . 24.19 36.75 -8.99
#